data_6P6P
#
_entry.id   6P6P
#
_cell.length_a   211.940
_cell.length_b   149.940
_cell.length_c   150.090
_cell.angle_alpha   90.000
_cell.angle_beta   135.010
_cell.angle_gamma   90.000
#
_symmetry.space_group_name_H-M   'C 1 2 1'
#
loop_
_entity.id
_entity.type
_entity.pdbx_description
1 polymer Hemagglutinin
2 branched beta-D-mannopyranose-(1-4)-2-acetamido-2-deoxy-beta-D-glucopyranose-(1-4)-2-acetamido-2-deoxy-beta-D-glucopyranose
3 non-polymer 2-acetamido-2-deoxy-beta-D-glucopyranose
4 water water
#
_entity_poly.entity_id   1
_entity_poly.type   'polypeptide(L)'
_entity_poly.pdbx_seq_one_letter_code
;NSTATLCLGHHAVPNGTLVKTITNDQIEVTNATELVQSSSTGRICDSPHRILDGKNCTLIDALLGDPHCDGFQNEKWDLF
VERSKAYSNCYPYDVPDYASLRSLVASSGTLEFINEDFNWIGVTQSGGSCACKRGSVNSFFSRLNWLHESEQKYPALNVT
MPNNGKFDKLYIWGVHHPSTDREQTNLYVRASGRVTVSTKRSQQTVIPNIGSRPWVRGLSSRISIYWTIVKPGDILLINS
IGNLIAPRGYFKIRTGKSSIMRSDAPIGTCSSECITPNGSIPNDKPFQNVNKITYGACPRYVKQNTLKLATGMRNVPEKQ
TRGIFGAIAGFIENGWEGMVDGWYGFRHQNSEGTGQAADLKSTQAAIDQINGKLNRLIEKTNEKFHQIEKEFSEVEGRIQ
DLEKYVEDTKIDLWSYNAELLVALENQHTIDLTDSEMNKLFEKTRKQLRENAEDMGNGCFKIYHKCDNACIGSIRNGTYD
HDVYRDEALNNRFQIKG
;
_entity_poly.pdbx_strand_id   A,B,C,D,E,F
#
loop_
_chem_comp.id
_chem_comp.type
_chem_comp.name
_chem_comp.formula
BMA D-saccharide, beta linking beta-D-mannopyranose 'C6 H12 O6'
NAG D-saccharide, beta linking 2-acetamido-2-deoxy-beta-D-glucopyranose 'C8 H15 N O6'
#
# COMPACT_ATOMS: atom_id res chain seq x y z
N ASN A 1 -3.12 47.69 47.95
CA ASN A 1 -4.27 48.47 48.39
C ASN A 1 -4.43 49.72 47.53
N SER A 2 -3.40 50.57 47.55
CA SER A 2 -3.40 51.80 46.78
C SER A 2 -2.91 51.61 45.35
N THR A 3 -2.68 50.38 44.93
CA THR A 3 -2.16 50.08 43.60
C THR A 3 -3.03 49.03 42.93
N ALA A 4 -2.75 48.79 41.65
CA ALA A 4 -3.46 47.81 40.87
C ALA A 4 -2.49 47.13 39.90
N THR A 5 -2.79 45.88 39.57
CA THR A 5 -1.98 45.09 38.66
C THR A 5 -2.78 44.82 37.39
N LEU A 6 -2.17 45.06 36.24
CA LEU A 6 -2.80 44.80 34.95
C LEU A 6 -1.87 43.93 34.12
N CYS A 7 -2.33 42.73 33.79
CA CYS A 7 -1.52 41.72 33.11
C CYS A 7 -1.98 41.53 31.68
N LEU A 8 -1.02 41.37 30.77
CA LEU A 8 -1.28 41.06 29.38
C LEU A 8 -0.97 39.60 29.12
N GLY A 9 -1.86 38.92 28.38
CA GLY A 9 -1.68 37.51 28.13
C GLY A 9 -2.32 37.06 26.84
N HIS A 10 -2.06 35.80 26.51
CA HIS A 10 -2.62 35.16 25.32
C HIS A 10 -3.23 33.82 25.71
N HIS A 11 -4.08 33.29 24.83
CA HIS A 11 -4.82 32.08 25.16
C HIS A 11 -3.93 30.85 25.02
N ALA A 12 -4.43 29.73 25.56
CA ALA A 12 -3.77 28.45 25.44
C ALA A 12 -4.84 27.37 25.46
N VAL A 13 -4.51 26.22 24.87
CA VAL A 13 -5.48 25.14 24.72
C VAL A 13 -4.90 23.87 25.35
N PRO A 14 -5.75 22.95 25.81
CA PRO A 14 -5.25 21.67 26.34
C PRO A 14 -5.01 20.60 25.29
N ASN A 15 -5.21 20.88 24.00
CA ASN A 15 -5.02 19.91 22.93
C ASN A 15 -4.27 20.55 21.76
N GLY A 16 -3.02 20.90 21.99
CA GLY A 16 -2.22 21.50 20.95
C GLY A 16 -1.74 20.48 19.94
N THR A 17 -1.17 20.98 18.85
CA THR A 17 -0.62 20.15 17.80
C THR A 17 0.81 20.59 17.52
N LEU A 18 1.61 19.65 17.02
CA LEU A 18 3.02 19.88 16.73
C LEU A 18 3.20 20.21 15.25
N VAL A 19 3.85 21.33 14.96
CA VAL A 19 4.19 21.71 13.61
C VAL A 19 5.70 21.91 13.53
N LYS A 20 6.19 22.16 12.31
CA LYS A 20 7.61 22.26 12.06
C LYS A 20 7.95 23.62 11.46
N THR A 21 9.15 24.11 11.80
CA THR A 21 9.72 25.27 11.16
C THR A 21 11.11 24.86 10.67
N ILE A 22 11.96 25.84 10.41
CA ILE A 22 13.33 25.53 9.99
C ILE A 22 14.19 25.17 11.20
N THR A 23 14.01 25.90 12.31
CA THR A 23 14.76 25.60 13.52
C THR A 23 14.19 24.36 14.21
N ASN A 24 12.93 24.43 14.62
CA ASN A 24 12.27 23.35 15.34
C ASN A 24 11.44 22.51 14.38
N ASP A 25 11.67 21.20 14.39
CA ASP A 25 10.81 20.27 13.68
C ASP A 25 9.60 19.85 14.52
N GLN A 26 9.53 20.31 15.78
CA GLN A 26 8.45 19.95 16.69
C GLN A 26 8.20 21.11 17.64
N ILE A 27 7.42 22.09 17.18
CA ILE A 27 6.96 23.20 18.01
C ILE A 27 5.44 23.08 18.13
N GLU A 28 4.93 23.21 19.35
CA GLU A 28 3.52 23.02 19.62
C GLU A 28 2.76 24.33 19.43
N VAL A 29 1.67 24.25 18.67
CA VAL A 29 0.80 25.40 18.42
C VAL A 29 -0.60 25.06 18.92
N THR A 30 -1.44 26.08 18.97
CA THR A 30 -2.81 25.90 19.47
C THR A 30 -3.73 25.25 18.47
N ASN A 31 -3.38 25.28 17.18
CA ASN A 31 -4.25 24.82 16.11
C ASN A 31 -3.43 24.69 14.84
N ALA A 32 -3.82 23.75 13.99
CA ALA A 32 -3.11 23.49 12.75
C ALA A 32 -4.08 22.87 11.75
N THR A 33 -3.73 22.99 10.47
CA THR A 33 -4.55 22.44 9.40
C THR A 33 -3.67 21.58 8.50
N GLU A 34 -4.30 20.60 7.86
CA GLU A 34 -3.60 19.65 7.00
C GLU A 34 -3.56 20.19 5.58
N LEU A 35 -2.37 20.20 4.98
CA LEU A 35 -2.17 20.73 3.64
C LEU A 35 -2.02 19.63 2.59
N VAL A 36 -2.02 18.36 2.98
CA VAL A 36 -1.86 17.25 2.06
C VAL A 36 -3.14 16.44 2.06
N GLN A 37 -3.78 16.35 0.89
CA GLN A 37 -4.93 15.49 0.70
C GLN A 37 -4.44 14.05 0.54
N SER A 38 -4.85 13.17 1.44
CA SER A 38 -4.40 11.78 1.43
C SER A 38 -5.51 10.78 1.21
N SER A 39 -6.77 11.20 1.31
CA SER A 39 -7.91 10.29 1.22
C SER A 39 -8.69 10.54 -0.06
N SER A 40 -9.49 9.55 -0.43
CA SER A 40 -10.33 9.65 -1.62
C SER A 40 -11.62 8.88 -1.36
N THR A 41 -12.72 9.41 -1.90
CA THR A 41 -14.00 8.69 -1.81
C THR A 41 -13.90 7.31 -2.43
N GLY A 42 -13.02 7.13 -3.42
CA GLY A 42 -12.84 5.87 -4.10
C GLY A 42 -13.56 5.77 -5.42
N ARG A 43 -14.45 6.72 -5.72
CA ARG A 43 -15.21 6.70 -6.96
C ARG A 43 -14.90 7.95 -7.78
N ILE A 44 -15.09 7.83 -9.09
CA ILE A 44 -14.83 8.91 -10.03
C ILE A 44 -16.13 9.65 -10.28
N CYS A 45 -16.18 10.93 -9.91
CA CYS A 45 -17.37 11.72 -10.11
C CYS A 45 -17.54 12.05 -11.59
N ASP A 46 -18.77 11.91 -12.08
CA ASP A 46 -19.04 12.09 -13.51
C ASP A 46 -19.20 13.55 -13.91
N SER A 47 -19.01 14.49 -12.98
CA SER A 47 -19.00 15.91 -13.26
C SER A 47 -17.77 16.53 -12.63
N PRO A 48 -17.22 17.60 -13.23
CA PRO A 48 -17.69 18.32 -14.42
C PRO A 48 -17.16 17.75 -15.74
N HIS A 49 -16.32 16.73 -15.68
CA HIS A 49 -15.73 16.16 -16.88
C HIS A 49 -16.60 15.04 -17.43
N ARG A 50 -16.65 14.93 -18.76
CA ARG A 50 -17.37 13.84 -19.41
C ARG A 50 -16.54 12.57 -19.32
N ILE A 51 -17.00 11.63 -18.49
CA ILE A 51 -16.30 10.37 -18.27
C ILE A 51 -16.87 9.31 -19.19
N LEU A 52 -16.00 8.57 -19.86
CA LEU A 52 -16.38 7.45 -20.70
C LEU A 52 -15.78 6.17 -20.12
N ASP A 53 -16.62 5.31 -19.58
CA ASP A 53 -16.15 4.05 -19.03
C ASP A 53 -15.91 3.06 -20.17
N GLY A 54 -14.70 2.52 -20.24
CA GLY A 54 -14.37 1.55 -21.26
C GLY A 54 -14.85 0.14 -20.98
N LYS A 55 -15.13 -0.17 -19.70
CA LYS A 55 -15.63 -1.47 -19.29
C LYS A 55 -14.70 -2.59 -19.73
N ASN A 56 -15.10 -3.36 -20.75
CA ASN A 56 -14.23 -4.40 -21.26
C ASN A 56 -13.41 -3.97 -22.46
N CYS A 57 -13.39 -2.68 -22.77
CA CYS A 57 -12.78 -2.23 -24.00
C CYS A 57 -11.67 -1.25 -23.71
N THR A 58 -10.49 -1.53 -24.27
CA THR A 58 -9.47 -0.51 -24.36
C THR A 58 -9.85 0.49 -25.44
N LEU A 59 -9.22 1.66 -25.39
CA LEU A 59 -9.47 2.69 -26.39
C LEU A 59 -9.11 2.22 -27.79
N ILE A 60 -8.02 1.46 -27.91
CA ILE A 60 -7.59 0.99 -29.23
C ILE A 60 -8.58 -0.02 -29.80
N ASP A 61 -9.12 -0.91 -28.95
CA ASP A 61 -10.09 -1.88 -29.41
C ASP A 61 -11.38 -1.20 -29.87
N ALA A 62 -11.79 -0.14 -29.15
CA ALA A 62 -12.96 0.63 -29.58
C ALA A 62 -12.66 1.41 -30.85
N LEU A 63 -11.42 1.86 -31.03
CA LEU A 63 -11.04 2.56 -32.25
C LEU A 63 -11.14 1.65 -33.46
N LEU A 64 -10.52 0.47 -33.38
CA LEU A 64 -10.48 -0.43 -34.53
C LEU A 64 -11.86 -1.01 -34.83
N GLY A 65 -12.66 -1.29 -33.79
CA GLY A 65 -13.98 -1.83 -33.98
C GLY A 65 -14.11 -3.29 -33.58
N ASP A 66 -13.59 -3.61 -32.40
CA ASP A 66 -13.82 -4.93 -31.82
C ASP A 66 -15.32 -5.14 -31.61
N PRO A 67 -15.89 -6.25 -32.07
CA PRO A 67 -17.36 -6.43 -31.99
C PRO A 67 -17.97 -6.18 -30.63
N HIS A 68 -17.35 -6.65 -29.55
CA HIS A 68 -17.92 -6.38 -28.23
C HIS A 68 -17.73 -4.93 -27.80
N CYS A 69 -17.08 -4.11 -28.63
CA CYS A 69 -16.90 -2.69 -28.37
C CYS A 69 -17.72 -1.83 -29.33
N ASP A 70 -18.75 -2.40 -29.96
CA ASP A 70 -19.55 -1.66 -30.92
C ASP A 70 -20.26 -0.48 -30.29
N GLY A 71 -20.56 -0.56 -28.99
CA GLY A 71 -21.24 0.54 -28.30
C GLY A 71 -20.43 1.80 -28.16
N PHE A 72 -19.17 1.80 -28.58
CA PHE A 72 -18.30 2.96 -28.49
C PHE A 72 -18.14 3.69 -29.82
N GLN A 73 -18.89 3.30 -30.85
CA GLN A 73 -18.79 3.97 -32.13
C GLN A 73 -19.15 5.43 -31.98
N ASN A 74 -18.25 6.31 -32.43
CA ASN A 74 -18.46 7.75 -32.43
C ASN A 74 -18.61 8.27 -30.99
N LYS A 76 -17.28 10.33 -27.75
CA LYS A 76 -16.54 11.47 -27.23
C LYS A 76 -16.32 11.32 -25.73
N TRP A 77 -15.29 11.99 -25.21
CA TRP A 77 -14.96 11.88 -23.79
C TRP A 77 -14.03 13.03 -23.40
N ASP A 78 -14.10 13.40 -22.13
CA ASP A 78 -13.02 14.18 -21.53
C ASP A 78 -11.96 13.26 -20.93
N LEU A 79 -12.38 12.13 -20.35
CA LEU A 79 -11.45 11.17 -19.76
C LEU A 79 -11.95 9.77 -20.06
N PHE A 80 -11.14 8.99 -20.78
CA PHE A 80 -11.42 7.58 -21.02
C PHE A 80 -10.84 6.76 -19.88
N VAL A 81 -11.68 5.94 -19.25
CA VAL A 81 -11.29 5.15 -18.08
C VAL A 81 -11.13 3.70 -18.52
N GLU A 82 -9.89 3.23 -18.59
CA GLU A 82 -9.60 1.86 -19.00
C GLU A 82 -9.59 0.95 -17.78
N ARG A 83 -10.34 -0.14 -17.85
CA ARG A 83 -10.41 -1.12 -16.77
C ARG A 83 -9.38 -2.22 -16.98
N SER A 84 -8.92 -2.78 -15.87
CA SER A 84 -7.98 -3.89 -15.94
C SER A 84 -8.61 -5.17 -16.46
N LYS A 85 -9.94 -5.27 -16.43
CA LYS A 85 -10.65 -6.45 -16.94
C LYS A 85 -10.83 -6.40 -18.46
N ALA A 86 -10.31 -5.39 -19.14
CA ALA A 86 -10.48 -5.27 -20.57
C ALA A 86 -9.77 -6.40 -21.31
N TYR A 87 -10.28 -6.74 -22.49
CA TYR A 87 -9.74 -7.84 -23.26
C TYR A 87 -10.04 -7.62 -24.74
N SER A 88 -9.23 -8.26 -25.58
CA SER A 88 -9.46 -8.29 -27.02
C SER A 88 -10.12 -9.61 -27.39
N ASN A 89 -11.05 -9.55 -28.34
CA ASN A 89 -11.80 -10.72 -28.77
C ASN A 89 -12.04 -10.68 -30.27
N CYS A 90 -11.06 -10.15 -31.02
CA CYS A 90 -11.16 -10.08 -32.47
C CYS A 90 -9.92 -10.71 -33.10
N TYR A 91 -9.52 -10.22 -34.26
CA TYR A 91 -8.32 -10.74 -34.91
C TYR A 91 -7.09 -10.34 -34.09
N PRO A 92 -6.19 -11.29 -33.79
CA PRO A 92 -5.01 -10.92 -33.00
C PRO A 92 -4.14 -9.93 -33.75
N TYR A 93 -3.65 -8.94 -33.02
CA TYR A 93 -2.99 -7.80 -33.65
C TYR A 93 -1.93 -7.23 -32.72
N ASP A 94 -1.08 -6.37 -33.28
CA ASP A 94 -0.18 -5.54 -32.51
C ASP A 94 -0.10 -4.18 -33.17
N VAL A 95 0.29 -3.17 -32.39
CA VAL A 95 0.43 -1.82 -32.92
C VAL A 95 1.86 -1.34 -32.69
N PRO A 96 2.68 -1.24 -33.74
CA PRO A 96 3.96 -0.56 -33.61
C PRO A 96 3.75 0.84 -33.08
N ASP A 97 4.44 1.16 -31.98
CA ASP A 97 4.19 2.38 -31.21
C ASP A 97 2.74 2.42 -30.73
N TYR A 98 2.34 1.36 -30.04
CA TYR A 98 0.99 1.29 -29.46
C TYR A 98 0.72 2.47 -28.53
N ALA A 99 1.74 2.91 -27.80
CA ALA A 99 1.56 3.98 -26.82
C ALA A 99 1.24 5.31 -27.48
N SER A 100 1.85 5.59 -28.63
CA SER A 100 1.64 6.88 -29.29
C SER A 100 0.24 6.97 -29.91
N LEU A 101 -0.21 5.90 -30.55
CA LEU A 101 -1.56 5.92 -31.12
C LEU A 101 -2.61 6.03 -30.03
N ARG A 102 -2.46 5.23 -28.97
CA ARG A 102 -3.35 5.34 -27.81
C ARG A 102 -3.33 6.76 -27.26
N SER A 103 -2.18 7.41 -27.28
CA SER A 103 -2.06 8.75 -26.70
C SER A 103 -2.75 9.79 -27.58
N LEU A 104 -2.52 9.75 -28.89
CA LEU A 104 -3.07 10.79 -29.76
C LEU A 104 -4.58 10.67 -29.91
N VAL A 105 -5.11 9.45 -29.89
CA VAL A 105 -6.56 9.28 -29.91
C VAL A 105 -7.17 9.73 -28.60
N ALA A 106 -6.52 9.39 -27.48
CA ALA A 106 -7.00 9.83 -26.18
C ALA A 106 -6.98 11.35 -26.06
N SER A 107 -5.93 11.99 -26.59
CA SER A 107 -5.85 13.44 -26.53
C SER A 107 -6.88 14.08 -27.44
N SER A 108 -7.16 13.47 -28.60
CA SER A 108 -8.16 14.01 -29.50
C SER A 108 -9.55 13.96 -28.86
N GLY A 109 -9.84 12.90 -28.14
CA GLY A 109 -11.06 12.83 -27.36
C GLY A 109 -12.33 12.56 -28.14
N THR A 110 -12.22 11.86 -29.27
CA THR A 110 -13.40 11.52 -30.03
C THR A 110 -13.10 10.31 -30.91
N LEU A 111 -14.15 9.51 -31.17
CA LEU A 111 -14.09 8.40 -32.10
C LEU A 111 -15.01 8.62 -33.28
N GLU A 112 -15.35 9.87 -33.57
CA GLU A 112 -16.23 10.22 -34.68
C GLU A 112 -15.65 9.71 -35.99
N PHE A 113 -16.32 8.72 -36.60
CA PHE A 113 -15.83 8.06 -37.80
C PHE A 113 -16.75 8.41 -38.97
N ILE A 114 -16.14 8.74 -40.10
CA ILE A 114 -16.86 9.14 -41.32
C ILE A 114 -16.48 8.17 -42.43
N ASN A 115 -17.45 7.41 -42.91
CA ASN A 115 -17.19 6.44 -43.98
C ASN A 115 -16.88 7.17 -45.28
N GLU A 116 -15.84 6.70 -45.97
CA GLU A 116 -15.47 7.20 -47.28
C GLU A 116 -15.52 6.06 -48.29
N ASP A 117 -15.92 6.39 -49.52
CA ASP A 117 -16.17 5.37 -50.54
C ASP A 117 -14.87 5.06 -51.28
N PHE A 118 -14.05 4.23 -50.64
CA PHE A 118 -12.91 3.64 -51.34
C PHE A 118 -13.45 2.58 -52.31
N ASN A 119 -13.00 2.66 -53.56
CA ASN A 119 -13.43 1.71 -54.59
C ASN A 119 -12.25 0.78 -54.86
N TRP A 120 -12.32 -0.42 -54.31
CA TRP A 120 -11.28 -1.43 -54.48
C TRP A 120 -11.65 -2.31 -55.66
N ILE A 121 -10.88 -2.20 -56.74
CA ILE A 121 -11.21 -2.86 -58.00
C ILE A 121 -10.54 -4.24 -58.04
N GLY A 122 -11.36 -5.28 -58.22
CA GLY A 122 -10.88 -6.61 -58.47
C GLY A 122 -10.55 -7.44 -57.25
N VAL A 123 -10.92 -7.00 -56.05
CA VAL A 123 -10.66 -7.74 -54.83
C VAL A 123 -11.95 -7.88 -54.05
N THR A 124 -11.98 -8.91 -53.19
CA THR A 124 -13.11 -9.14 -52.29
C THR A 124 -12.90 -8.32 -51.01
N GLN A 125 -13.97 -7.69 -50.55
CA GLN A 125 -13.91 -6.81 -49.39
C GLN A 125 -14.56 -7.48 -48.18
N SER A 126 -14.34 -6.85 -47.03
CA SER A 126 -14.93 -7.25 -45.75
C SER A 126 -14.68 -8.73 -45.46
N GLY A 127 -13.40 -9.08 -45.42
CA GLY A 127 -13.03 -10.43 -45.03
C GLY A 127 -13.31 -10.69 -43.56
N GLY A 128 -13.74 -11.92 -43.27
CA GLY A 128 -14.12 -12.29 -41.93
C GLY A 128 -13.21 -13.37 -41.35
N SER A 129 -13.42 -13.67 -40.07
CA SER A 129 -12.61 -14.65 -39.37
C SER A 129 -13.41 -15.22 -38.21
N CYS A 130 -13.12 -16.49 -37.88
CA CYS A 130 -13.78 -17.13 -36.76
C CYS A 130 -13.32 -16.57 -35.42
N ALA A 131 -12.15 -15.94 -35.37
CA ALA A 131 -11.64 -15.35 -34.14
C ALA A 131 -12.17 -13.95 -33.92
N CYS A 132 -13.14 -13.49 -34.72
CA CYS A 132 -13.74 -12.18 -34.55
C CYS A 132 -15.21 -12.28 -34.97
N LYS A 133 -15.98 -12.99 -34.15
CA LYS A 133 -17.40 -13.18 -34.40
C LYS A 133 -18.20 -11.95 -34.02
N ARG A 134 -19.15 -11.56 -34.87
CA ARG A 134 -20.10 -10.50 -34.59
C ARG A 134 -21.49 -11.06 -34.87
N GLY A 135 -22.22 -11.37 -33.80
CA GLY A 135 -23.51 -12.03 -33.96
C GLY A 135 -23.37 -13.48 -34.40
N SER A 136 -22.34 -14.17 -33.91
CA SER A 136 -22.11 -15.58 -34.22
C SER A 136 -21.81 -15.83 -35.69
N VAL A 137 -21.29 -14.83 -36.38
CA VAL A 137 -20.89 -14.96 -37.78
C VAL A 137 -19.47 -14.41 -37.93
N ASN A 138 -18.71 -15.01 -38.84
CA ASN A 138 -17.37 -14.52 -39.12
C ASN A 138 -17.43 -13.04 -39.47
N SER A 139 -16.54 -12.25 -38.87
CA SER A 139 -16.57 -10.81 -39.06
C SER A 139 -15.16 -10.28 -38.83
N PHE A 140 -15.06 -8.97 -38.62
CA PHE A 140 -13.76 -8.31 -38.57
C PHE A 140 -13.93 -7.00 -37.81
N PHE A 141 -12.82 -6.29 -37.64
CA PHE A 141 -12.86 -4.94 -37.06
C PHE A 141 -13.80 -4.07 -37.89
N SER A 142 -14.69 -3.35 -37.20
CA SER A 142 -15.73 -2.60 -37.90
C SER A 142 -15.14 -1.52 -38.79
N ARG A 143 -14.04 -0.90 -38.36
CA ARG A 143 -13.47 0.24 -39.06
C ARG A 143 -12.40 -0.14 -40.08
N LEU A 144 -12.09 -1.44 -40.21
CA LEU A 144 -11.09 -1.90 -41.16
C LEU A 144 -11.75 -2.78 -42.20
N ASN A 145 -11.05 -2.93 -43.34
CA ASN A 145 -11.59 -3.62 -44.51
C ASN A 145 -10.56 -4.65 -44.98
N TRP A 146 -10.76 -5.90 -44.59
CA TRP A 146 -9.84 -6.98 -44.94
C TRP A 146 -10.05 -7.37 -46.40
N LEU A 147 -9.07 -7.07 -47.24
CA LEU A 147 -9.13 -7.35 -48.67
C LEU A 147 -8.35 -8.62 -49.00
N HIS A 148 -8.89 -9.41 -49.92
CA HIS A 148 -8.21 -10.61 -50.41
C HIS A 148 -8.58 -10.81 -51.87
N GLU A 149 -8.06 -11.89 -52.45
CA GLU A 149 -8.18 -12.12 -53.88
C GLU A 149 -9.64 -12.36 -54.27
N SER A 150 -9.93 -12.11 -55.55
CA SER A 150 -11.22 -12.43 -56.15
C SER A 150 -10.97 -13.09 -57.49
N GLU A 151 -11.62 -14.24 -57.71
CA GLU A 151 -11.40 -15.03 -58.92
C GLU A 151 -9.92 -15.37 -59.11
N GLN A 152 -9.25 -15.66 -57.98
CA GLN A 152 -7.83 -16.01 -57.96
C GLN A 152 -6.97 -14.91 -58.58
N LYS A 153 -7.38 -13.66 -58.38
CA LYS A 153 -6.62 -12.51 -58.86
C LYS A 153 -6.62 -11.44 -57.77
N TYR A 154 -5.50 -10.71 -57.70
CA TYR A 154 -5.35 -9.59 -56.78
C TYR A 154 -4.62 -8.49 -57.55
N PRO A 155 -5.34 -7.72 -58.37
CA PRO A 155 -4.68 -6.64 -59.12
C PRO A 155 -4.13 -5.58 -58.18
N ALA A 156 -3.05 -4.94 -58.62
CA ALA A 156 -2.40 -3.93 -57.80
C ALA A 156 -3.37 -2.83 -57.44
N LEU A 157 -3.55 -2.60 -56.15
CA LEU A 157 -4.48 -1.58 -55.67
C LEU A 157 -3.78 -0.23 -55.66
N ASN A 158 -4.45 0.78 -56.24
CA ASN A 158 -3.92 2.14 -56.34
C ASN A 158 -5.12 3.07 -56.23
N VAL A 159 -5.36 3.60 -55.04
CA VAL A 159 -6.57 4.35 -54.74
C VAL A 159 -6.19 5.65 -54.04
N THR A 160 -6.76 6.76 -54.51
CA THR A 160 -6.52 8.07 -53.94
C THR A 160 -7.73 8.54 -53.15
N MET A 161 -7.48 9.31 -52.10
CA MET A 161 -8.54 9.90 -51.28
C MET A 161 -8.10 11.29 -50.86
N PRO A 162 -8.49 12.32 -51.62
CA PRO A 162 -8.07 13.67 -51.29
C PRO A 162 -8.84 14.25 -50.12
N ASN A 163 -8.14 15.10 -49.36
CA ASN A 163 -8.76 15.84 -48.25
C ASN A 163 -9.16 17.21 -48.79
N ASN A 164 -10.40 17.30 -49.26
CA ASN A 164 -10.93 18.56 -49.80
C ASN A 164 -11.60 19.41 -48.74
N GLY A 165 -11.49 19.07 -47.47
CA GLY A 165 -12.15 19.77 -46.40
C GLY A 165 -11.23 20.72 -45.65
N LYS A 166 -11.67 21.13 -44.47
CA LYS A 166 -10.94 22.10 -43.66
C LYS A 166 -10.45 21.53 -42.33
N PHE A 167 -10.64 20.24 -42.10
CA PHE A 167 -10.19 19.59 -40.88
C PHE A 167 -9.26 18.43 -41.22
N ASP A 168 -8.46 18.03 -40.23
CA ASP A 168 -7.54 16.92 -40.41
C ASP A 168 -8.30 15.60 -40.34
N LYS A 169 -7.78 14.61 -41.08
CA LYS A 169 -8.33 13.27 -41.10
C LYS A 169 -7.33 12.29 -40.51
N LEU A 170 -7.81 11.39 -39.65
CA LEU A 170 -7.00 10.33 -39.10
C LEU A 170 -7.40 9.01 -39.75
N TYR A 171 -6.48 8.40 -40.49
CA TYR A 171 -6.71 7.13 -41.16
C TYR A 171 -6.02 6.01 -40.39
N ILE A 172 -6.77 4.96 -40.07
CA ILE A 172 -6.23 3.77 -39.42
C ILE A 172 -6.28 2.62 -40.42
N TRP A 173 -5.13 2.00 -40.65
CA TRP A 173 -5.02 0.90 -41.61
C TRP A 173 -4.11 -0.16 -41.01
N GLY A 174 -3.97 -1.28 -41.72
CA GLY A 174 -3.20 -2.39 -41.21
C GLY A 174 -2.56 -3.21 -42.31
N VAL A 175 -1.74 -4.17 -41.88
CA VAL A 175 -1.08 -5.12 -42.77
C VAL A 175 -1.25 -6.50 -42.18
N HIS A 176 -1.65 -7.47 -43.00
CA HIS A 176 -1.90 -8.83 -42.53
C HIS A 176 -0.65 -9.68 -42.71
N HIS A 177 -0.25 -10.38 -41.65
CA HIS A 177 0.90 -11.26 -41.65
C HIS A 177 0.43 -12.72 -41.63
N PRO A 178 0.45 -13.41 -42.77
CA PRO A 178 0.00 -14.81 -42.78
C PRO A 178 0.93 -15.71 -41.99
N SER A 179 0.45 -16.94 -41.75
CA SER A 179 1.21 -17.92 -40.99
C SER A 179 2.09 -18.78 -41.89
N THR A 180 1.54 -19.26 -43.01
CA THR A 180 2.26 -20.11 -43.95
C THR A 180 2.23 -19.48 -45.33
N ASP A 181 3.03 -20.04 -46.23
CA ASP A 181 3.08 -19.56 -47.61
C ASP A 181 1.79 -19.88 -48.35
N ARG A 182 1.17 -21.02 -48.03
CA ARG A 182 -0.09 -21.40 -48.65
C ARG A 182 -1.17 -20.36 -48.33
N GLU A 183 -1.20 -19.89 -47.09
CA GLU A 183 -2.13 -18.82 -46.71
C GLU A 183 -1.86 -17.53 -47.48
N GLN A 184 -0.58 -17.15 -47.61
CA GLN A 184 -0.23 -15.92 -48.30
C GLN A 184 -0.71 -15.92 -49.74
N THR A 185 -0.61 -17.06 -50.42
CA THR A 185 -0.99 -17.12 -51.84
C THR A 185 -2.48 -17.38 -52.03
N ASN A 186 -3.11 -18.12 -51.11
CA ASN A 186 -4.55 -18.34 -51.23
C ASN A 186 -5.34 -17.06 -51.02
N LEU A 187 -4.76 -16.09 -50.30
CA LEU A 187 -5.43 -14.82 -50.02
C LEU A 187 -4.99 -13.70 -50.95
N TYR A 188 -3.71 -13.66 -51.33
CA TYR A 188 -3.16 -12.51 -52.05
C TYR A 188 -2.41 -12.89 -53.31
N VAL A 189 -2.57 -14.14 -53.78
CA VAL A 189 -2.00 -14.61 -55.05
C VAL A 189 -0.48 -14.56 -55.03
N ARG A 190 0.09 -13.36 -54.89
CA ARG A 190 1.53 -13.21 -54.91
C ARG A 190 2.15 -13.76 -53.62
N ALA A 191 3.41 -14.20 -53.72
CA ALA A 191 4.07 -14.82 -52.57
C ALA A 191 4.60 -13.79 -51.59
N SER A 192 4.75 -12.55 -52.01
CA SER A 192 5.10 -11.47 -51.11
C SER A 192 4.19 -10.31 -51.44
N GLY A 193 4.15 -9.33 -50.54
CA GLY A 193 3.23 -8.22 -50.69
C GLY A 193 3.85 -6.96 -50.14
N ARG A 194 3.21 -5.85 -50.48
CA ARG A 194 3.64 -4.56 -49.96
C ARG A 194 2.42 -3.67 -49.79
N VAL A 195 2.47 -2.82 -48.77
CA VAL A 195 1.46 -1.81 -48.53
C VAL A 195 2.18 -0.49 -48.36
N THR A 196 1.82 0.49 -49.20
CA THR A 196 2.44 1.81 -49.16
C THR A 196 1.33 2.84 -49.05
N VAL A 197 1.31 3.55 -47.93
CA VAL A 197 0.37 4.64 -47.69
C VAL A 197 1.19 5.91 -47.55
N SER A 198 0.91 6.89 -48.40
CA SER A 198 1.72 8.09 -48.47
C SER A 198 0.83 9.30 -48.69
N THR A 199 1.38 10.46 -48.31
CA THR A 199 0.77 11.75 -48.64
C THR A 199 1.77 12.57 -49.44
N LYS A 200 1.59 13.89 -49.49
CA LYS A 200 2.57 14.73 -50.14
C LYS A 200 3.81 14.97 -49.28
N ARG A 201 3.71 14.72 -47.98
CA ARG A 201 4.78 15.01 -47.04
C ARG A 201 5.32 13.79 -46.31
N SER A 202 4.70 12.62 -46.46
CA SER A 202 5.14 11.44 -45.74
C SER A 202 4.86 10.20 -46.56
N GLN A 203 5.52 9.11 -46.20
CA GLN A 203 5.33 7.82 -46.84
C GLN A 203 5.60 6.72 -45.82
N GLN A 204 4.79 5.67 -45.87
CA GLN A 204 4.94 4.52 -44.97
C GLN A 204 4.79 3.26 -45.79
N THR A 205 5.84 2.43 -45.81
CA THR A 205 5.82 1.16 -46.52
C THR A 205 6.09 0.03 -45.54
N VAL A 206 5.22 -0.97 -45.55
CA VAL A 206 5.32 -2.12 -44.66
C VAL A 206 5.38 -3.39 -45.51
N ILE A 207 6.27 -4.30 -45.15
CA ILE A 207 6.42 -5.59 -45.79
C ILE A 207 5.85 -6.65 -44.85
N PRO A 208 4.87 -7.44 -45.27
CA PRO A 208 4.36 -8.51 -44.40
C PRO A 208 5.45 -9.53 -44.11
N ASN A 209 5.33 -10.18 -42.96
CA ASN A 209 6.25 -11.21 -42.52
C ASN A 209 5.46 -12.50 -42.31
N ILE A 210 5.78 -13.51 -43.09
CA ILE A 210 5.10 -14.79 -43.02
C ILE A 210 5.84 -15.70 -42.04
N GLY A 211 5.08 -16.37 -41.18
CA GLY A 211 5.67 -17.26 -40.21
C GLY A 211 4.74 -17.68 -39.09
N SER A 212 5.04 -18.82 -38.47
CA SER A 212 4.21 -19.31 -37.39
C SER A 212 4.43 -18.48 -36.13
N ARG A 213 3.35 -17.94 -35.59
CA ARG A 213 3.34 -17.24 -34.31
C ARG A 213 2.43 -17.99 -33.36
N PRO A 214 2.63 -17.85 -32.05
CA PRO A 214 1.83 -18.62 -31.09
C PRO A 214 0.34 -18.42 -31.31
N TRP A 215 -0.42 -19.49 -31.10
CA TRP A 215 -1.87 -19.43 -31.28
C TRP A 215 -2.49 -18.43 -30.32
N VAL A 216 -3.29 -17.53 -30.86
CA VAL A 216 -4.08 -16.58 -30.07
C VAL A 216 -5.51 -16.66 -30.58
N ARG A 217 -6.41 -17.16 -29.74
CA ARG A 217 -7.82 -17.36 -30.10
C ARG A 217 -7.95 -18.17 -31.39
N GLY A 218 -7.10 -19.20 -31.51
CA GLY A 218 -7.17 -20.13 -32.62
C GLY A 218 -6.40 -19.76 -33.86
N LEU A 219 -5.75 -18.60 -33.90
CA LEU A 219 -5.07 -18.12 -35.10
C LEU A 219 -3.60 -17.88 -34.82
N SER A 220 -2.76 -18.27 -35.79
CA SER A 220 -1.33 -17.99 -35.75
C SER A 220 -0.94 -16.74 -36.54
N SER A 221 -1.85 -16.17 -37.31
CA SER A 221 -1.59 -14.97 -38.07
C SER A 221 -1.84 -13.73 -37.22
N ARG A 222 -1.33 -12.59 -37.68
CA ARG A 222 -1.43 -11.34 -36.96
C ARG A 222 -1.75 -10.22 -37.93
N ILE A 223 -1.99 -9.04 -37.38
CA ILE A 223 -2.22 -7.82 -38.15
C ILE A 223 -1.51 -6.67 -37.43
N SER A 224 -0.69 -5.93 -38.15
CA SER A 224 0.00 -4.76 -37.60
C SER A 224 -0.76 -3.51 -38.01
N ILE A 225 -1.06 -2.66 -37.02
CA ILE A 225 -1.88 -1.48 -37.21
C ILE A 225 -0.98 -0.26 -37.39
N TYR A 226 -1.32 0.58 -38.34
CA TYR A 226 -0.58 1.81 -38.62
C TYR A 226 -1.58 2.94 -38.81
N TRP A 227 -1.08 4.19 -38.74
CA TRP A 227 -1.95 5.34 -38.86
C TRP A 227 -1.28 6.43 -39.69
N THR A 228 -2.11 7.30 -40.25
CA THR A 228 -1.66 8.40 -41.09
C THR A 228 -2.65 9.56 -40.98
N ILE A 229 -2.12 10.76 -40.77
CA ILE A 229 -2.93 11.97 -40.69
C ILE A 229 -2.79 12.73 -42.01
N VAL A 230 -3.93 13.12 -42.59
CA VAL A 230 -3.95 13.85 -43.86
C VAL A 230 -4.48 15.26 -43.59
N LYS A 231 -3.66 16.26 -43.91
CA LYS A 231 -4.04 17.65 -43.70
C LYS A 231 -4.96 18.13 -44.81
N PRO A 232 -5.71 19.21 -44.58
CA PRO A 232 -6.50 19.81 -45.66
C PRO A 232 -5.61 20.22 -46.82
N GLY A 233 -6.09 19.94 -48.05
CA GLY A 233 -5.30 20.15 -49.24
C GLY A 233 -4.36 19.02 -49.58
N ASP A 234 -4.00 18.17 -48.62
CA ASP A 234 -3.17 17.01 -48.87
C ASP A 234 -4.02 15.86 -49.40
N ILE A 235 -3.35 14.82 -49.88
CA ILE A 235 -4.01 13.70 -50.55
C ILE A 235 -3.51 12.41 -49.92
N LEU A 236 -4.44 11.50 -49.63
CA LEU A 236 -4.10 10.16 -49.17
C LEU A 236 -4.03 9.23 -50.38
N LEU A 237 -2.92 8.51 -50.51
CA LEU A 237 -2.71 7.57 -51.60
C LEU A 237 -2.34 6.21 -51.02
N ILE A 238 -3.14 5.19 -51.33
CA ILE A 238 -2.93 3.85 -50.82
C ILE A 238 -2.57 2.96 -52.00
N ASN A 239 -1.38 2.37 -51.93
CA ASN A 239 -0.86 1.49 -52.97
C ASN A 239 -0.50 0.16 -52.32
N SER A 240 -1.01 -0.94 -52.88
CA SER A 240 -0.83 -2.23 -52.24
C SER A 240 -0.70 -3.34 -53.29
N ILE A 241 0.25 -4.23 -53.04
CA ILE A 241 0.39 -5.47 -53.81
C ILE A 241 -0.31 -6.64 -53.12
N GLY A 242 -0.54 -6.55 -51.81
CA GLY A 242 -1.25 -7.59 -51.09
C GLY A 242 -1.14 -7.34 -49.60
N ASN A 243 -1.97 -8.07 -48.86
CA ASN A 243 -2.00 -8.07 -47.40
C ASN A 243 -2.46 -6.73 -46.82
N LEU A 244 -3.16 -5.91 -47.60
CA LEU A 244 -3.65 -4.62 -47.12
C LEU A 244 -4.91 -4.81 -46.28
N ILE A 245 -4.90 -4.24 -45.08
CA ILE A 245 -6.09 -4.09 -44.26
C ILE A 245 -6.53 -2.64 -44.42
N ALA A 246 -7.53 -2.40 -45.26
CA ALA A 246 -7.85 -1.06 -45.70
C ALA A 246 -8.73 -0.34 -44.68
N PRO A 247 -8.65 0.99 -44.63
CA PRO A 247 -9.61 1.75 -43.84
C PRO A 247 -10.93 1.94 -44.58
N ARG A 248 -12.00 2.04 -43.81
CA ARG A 248 -13.31 2.35 -44.37
C ARG A 248 -13.62 3.84 -44.35
N GLY A 249 -12.70 4.65 -43.85
CA GLY A 249 -12.92 6.07 -43.74
C GLY A 249 -11.87 6.70 -42.85
N TYR A 250 -12.26 7.78 -42.17
CA TYR A 250 -11.33 8.50 -41.31
C TYR A 250 -12.01 8.85 -40.01
N PHE A 251 -11.20 9.05 -38.98
CA PHE A 251 -11.65 9.58 -37.70
C PHE A 251 -11.38 11.08 -37.68
N LYS A 252 -12.37 11.86 -37.26
CA LYS A 252 -12.14 13.28 -37.01
C LYS A 252 -11.19 13.42 -35.83
N ILE A 253 -10.04 14.04 -36.06
CA ILE A 253 -9.03 14.25 -35.03
C ILE A 253 -9.08 15.71 -34.60
N ARG A 254 -9.18 15.93 -33.29
CA ARG A 254 -9.34 17.27 -32.73
C ARG A 254 -8.16 17.60 -31.83
N THR A 255 -8.14 18.85 -31.35
CA THR A 255 -7.18 19.30 -30.35
C THR A 255 -7.99 19.73 -29.13
N GLY A 256 -7.92 18.95 -28.07
CA GLY A 256 -8.71 19.23 -26.89
C GLY A 256 -8.02 18.93 -25.57
N LYS A 257 -8.80 18.97 -24.50
CA LYS A 257 -8.31 18.72 -23.15
C LYS A 257 -8.53 17.28 -22.69
N SER A 258 -8.79 16.37 -23.63
CA SER A 258 -9.13 15.00 -23.29
C SER A 258 -7.89 14.17 -23.01
N SER A 259 -8.09 13.08 -22.29
CA SER A 259 -7.00 12.20 -21.88
C SER A 259 -7.55 10.81 -21.63
N ILE A 260 -6.70 9.91 -21.12
CA ILE A 260 -7.07 8.55 -20.81
C ILE A 260 -6.42 8.17 -19.48
N MET A 261 -7.08 7.30 -18.73
CA MET A 261 -6.59 6.91 -17.42
C MET A 261 -6.94 5.46 -17.15
N ARG A 262 -5.97 4.70 -16.63
CA ARG A 262 -6.19 3.34 -16.19
C ARG A 262 -6.65 3.36 -14.74
N SER A 263 -7.84 2.83 -14.49
CA SER A 263 -8.41 2.83 -13.15
C SER A 263 -9.53 1.82 -13.08
N ASP A 264 -9.67 1.19 -11.90
CA ASP A 264 -10.77 0.29 -11.61
C ASP A 264 -11.79 0.91 -10.67
N ALA A 265 -11.65 2.21 -10.36
CA ALA A 265 -12.58 2.87 -9.47
C ALA A 265 -13.96 2.97 -10.12
N PRO A 266 -15.03 2.79 -9.36
CA PRO A 266 -16.38 2.92 -9.94
C PRO A 266 -16.71 4.38 -10.23
N ILE A 267 -17.59 4.58 -11.19
CA ILE A 267 -18.07 5.91 -11.54
C ILE A 267 -19.22 6.27 -10.62
N GLY A 268 -19.21 7.50 -10.11
CA GLY A 268 -20.24 7.95 -9.19
C GLY A 268 -20.89 9.23 -9.68
N THR A 269 -22.11 9.46 -9.18
CA THR A 269 -22.88 10.66 -9.52
C THR A 269 -22.56 11.74 -8.49
N CYS A 270 -21.44 12.42 -8.73
CA CYS A 270 -21.02 13.55 -7.90
C CYS A 270 -20.26 14.52 -8.80
N SER A 271 -19.75 15.59 -8.19
CA SER A 271 -19.00 16.62 -8.91
C SER A 271 -17.66 16.83 -8.22
N SER A 272 -16.58 16.69 -8.98
CA SER A 272 -15.23 16.89 -8.44
C SER A 272 -14.30 17.24 -9.59
N GLU A 273 -13.53 18.32 -9.41
CA GLU A 273 -12.65 18.79 -10.47
C GLU A 273 -11.43 17.91 -10.67
N CYS A 274 -11.02 17.16 -9.65
CA CYS A 274 -9.78 16.38 -9.69
C CYS A 274 -10.09 14.90 -9.69
N ILE A 275 -9.44 14.16 -10.58
CA ILE A 275 -9.64 12.72 -10.73
C ILE A 275 -8.28 12.03 -10.65
N THR A 276 -8.19 10.97 -9.85
CA THR A 276 -7.04 10.10 -9.76
C THR A 276 -7.46 8.66 -10.02
N PRO A 277 -6.53 7.76 -10.34
CA PRO A 277 -6.90 6.35 -10.49
C PRO A 277 -7.52 5.74 -9.24
N ASN A 278 -7.34 6.35 -8.07
CA ASN A 278 -7.98 5.89 -6.85
C ASN A 278 -9.37 6.49 -6.67
N GLY A 279 -9.76 7.41 -7.53
CA GLY A 279 -11.01 8.11 -7.42
C GLY A 279 -10.78 9.61 -7.32
N SER A 280 -11.88 10.34 -7.41
CA SER A 280 -11.83 11.78 -7.30
C SER A 280 -11.42 12.22 -5.90
N ILE A 281 -10.65 13.30 -5.84
CA ILE A 281 -10.21 13.86 -4.56
C ILE A 281 -10.57 15.34 -4.52
N PRO A 282 -10.80 15.91 -3.34
CA PRO A 282 -11.04 17.35 -3.25
C PRO A 282 -9.78 18.14 -3.60
N ASN A 283 -9.98 19.38 -4.03
CA ASN A 283 -8.88 20.29 -4.32
C ASN A 283 -8.88 21.49 -3.38
N ASP A 284 -9.31 21.28 -2.14
CA ASP A 284 -9.27 22.35 -1.15
C ASP A 284 -7.88 22.51 -0.54
N LYS A 285 -7.01 21.52 -0.67
CA LYS A 285 -5.66 21.59 -0.14
C LYS A 285 -4.66 21.79 -1.27
N PRO A 286 -3.52 22.44 -1.01
CA PRO A 286 -2.57 22.72 -2.09
C PRO A 286 -1.80 21.49 -2.55
N PHE A 287 -1.72 20.44 -1.74
CA PHE A 287 -0.94 19.26 -2.08
C PHE A 287 -1.76 18.01 -1.81
N GLN A 288 -1.38 16.92 -2.48
CA GLN A 288 -2.06 15.64 -2.33
C GLN A 288 -1.05 14.51 -2.39
N ASN A 289 -1.41 13.39 -1.76
CA ASN A 289 -0.55 12.20 -1.71
C ASN A 289 -1.31 10.96 -2.18
N VAL A 290 -2.43 11.15 -2.89
CA VAL A 290 -3.23 10.01 -3.31
C VAL A 290 -2.58 9.31 -4.50
N ASN A 291 -2.30 10.04 -5.57
CA ASN A 291 -1.70 9.44 -6.75
C ASN A 291 -1.06 10.51 -7.61
N LYS A 292 0.12 10.18 -8.16
CA LYS A 292 0.79 11.11 -9.07
C LYS A 292 0.09 11.23 -10.40
N ILE A 293 -0.79 10.28 -10.73
CA ILE A 293 -1.60 10.35 -11.94
C ILE A 293 -2.88 11.12 -11.61
N THR A 294 -3.07 12.26 -12.26
CA THR A 294 -4.21 13.12 -11.99
C THR A 294 -4.76 13.66 -13.30
N TYR A 295 -6.01 14.15 -13.22
CA TYR A 295 -6.65 14.82 -14.35
C TYR A 295 -7.54 15.92 -13.81
N GLY A 296 -7.46 17.09 -14.42
CA GLY A 296 -8.26 18.23 -14.00
C GLY A 296 -7.54 19.14 -13.03
N ALA A 297 -8.32 20.03 -12.42
CA ALA A 297 -7.79 20.97 -11.43
C ALA A 297 -7.51 20.23 -10.13
N CYS A 298 -6.23 20.00 -9.85
CA CYS A 298 -5.80 19.11 -8.79
C CYS A 298 -4.78 19.78 -7.88
N PRO A 299 -4.67 19.33 -6.62
CA PRO A 299 -3.49 19.63 -5.83
C PRO A 299 -2.27 18.94 -6.41
N ARG A 300 -1.09 19.48 -6.08
CA ARG A 300 0.15 18.92 -6.60
C ARG A 300 0.60 17.73 -5.76
N TYR A 301 1.08 16.69 -6.44
CA TYR A 301 1.48 15.46 -5.78
C TYR A 301 2.83 15.63 -5.09
N VAL A 302 2.88 15.23 -3.82
CA VAL A 302 4.11 15.24 -3.04
C VAL A 302 4.26 13.88 -2.39
N LYS A 303 5.46 13.62 -1.85
CA LYS A 303 5.70 12.34 -1.19
C LYS A 303 5.25 12.32 0.26
N GLN A 304 5.20 13.47 0.92
CA GLN A 304 4.79 13.51 2.31
C GLN A 304 3.32 13.16 2.44
N ASN A 305 2.98 12.38 3.47
CA ASN A 305 1.60 12.03 3.74
C ASN A 305 0.90 13.05 4.62
N THR A 306 1.64 13.93 5.29
CA THR A 306 1.03 14.96 6.11
C THR A 306 1.95 16.17 6.19
N LEU A 307 1.35 17.36 6.13
CA LEU A 307 2.06 18.62 6.29
C LEU A 307 1.13 19.58 7.01
N LYS A 308 1.40 19.82 8.30
CA LYS A 308 0.51 20.59 9.15
C LYS A 308 0.89 22.06 9.12
N LEU A 309 -0.07 22.91 8.75
CA LEU A 309 0.11 24.35 8.71
C LEU A 309 -0.45 24.96 9.98
N ALA A 310 0.40 25.67 10.73
CA ALA A 310 -0.04 26.29 11.97
C ALA A 310 -1.11 27.34 11.70
N THR A 311 -2.23 27.23 12.40
CA THR A 311 -3.33 28.18 12.31
C THR A 311 -3.62 28.86 13.64
N GLY A 312 -2.73 28.70 14.62
CA GLY A 312 -2.85 29.37 15.89
C GLY A 312 -1.46 29.69 16.41
N MET A 313 -1.42 30.38 17.54
CA MET A 313 -0.15 30.84 18.08
C MET A 313 0.61 29.68 18.73
N ARG A 314 1.81 30.02 19.21
CA ARG A 314 2.66 29.10 19.92
C ARG A 314 2.00 28.72 21.26
N ASN A 315 1.78 27.43 21.48
CA ASN A 315 1.02 26.97 22.64
C ASN A 315 1.92 26.90 23.88
N VAL A 316 1.65 27.73 24.87
CA VAL A 316 2.41 27.77 26.11
C VAL A 316 1.48 27.34 27.26
N PRO A 317 1.75 26.23 27.93
CA PRO A 317 0.87 25.81 29.04
C PRO A 317 0.97 26.77 30.20
N GLU A 318 -0.13 26.92 30.93
CA GLU A 318 -0.18 27.86 32.04
C GLU A 318 0.65 27.37 33.21
N LYS A 319 1.44 28.27 33.80
CA LYS A 319 2.26 27.94 34.95
C LYS A 319 1.50 28.23 36.24
N ALA A 327 -1.09 34.71 42.65
CA ALA A 327 -1.21 36.00 41.97
C ALA A 327 -1.37 35.81 40.46
N ILE A 328 -1.84 36.86 39.79
CA ILE A 328 -1.99 36.81 38.34
C ILE A 328 -0.65 37.01 37.66
N ALA A 329 -0.54 36.50 36.43
CA ALA A 329 0.70 36.56 35.69
C ALA A 329 0.40 36.90 34.23
N GLY A 330 1.41 37.45 33.56
CA GLY A 330 1.29 37.87 32.18
C GLY A 330 1.70 36.79 31.19
N PHE A 331 2.02 37.24 29.98
CA PHE A 331 2.28 36.32 28.87
C PHE A 331 3.70 35.79 28.84
N ILE A 332 4.59 36.28 29.71
CA ILE A 332 5.98 35.83 29.72
C ILE A 332 6.05 34.38 30.15
N GLU A 333 6.25 33.47 29.20
CA GLU A 333 6.34 32.04 29.45
C GLU A 333 5.09 31.54 30.18
N ASN A 334 3.92 31.99 29.73
CA ASN A 334 2.66 31.64 30.38
C ASN A 334 1.53 31.88 29.40
N GLY A 335 0.74 30.83 29.13
CA GLY A 335 -0.47 30.98 28.35
C GLY A 335 -1.71 30.88 29.22
N TRP A 336 -2.82 31.43 28.75
CA TRP A 336 -4.06 31.47 29.54
C TRP A 336 -5.05 30.46 28.97
N GLU A 337 -5.14 29.30 29.62
CA GLU A 337 -6.11 28.30 29.19
C GLU A 337 -7.54 28.68 29.54
N GLY A 338 -7.74 29.66 30.40
CA GLY A 338 -9.07 30.11 30.75
C GLY A 338 -9.67 31.14 29.81
N MET A 339 -8.88 31.68 28.89
CA MET A 339 -9.37 32.68 27.94
C MET A 339 -9.85 31.96 26.68
N VAL A 340 -11.17 31.87 26.52
CA VAL A 340 -11.76 31.18 25.38
C VAL A 340 -12.46 32.12 24.42
N ASP A 341 -12.68 33.38 24.80
CA ASP A 341 -13.38 34.36 23.98
C ASP A 341 -12.43 35.25 23.20
N GLY A 342 -11.15 34.91 23.12
CA GLY A 342 -10.20 35.74 22.39
C GLY A 342 -8.81 35.16 22.49
N TRP A 343 -7.95 35.61 21.58
CA TRP A 343 -6.57 35.15 21.55
C TRP A 343 -5.67 35.95 22.47
N TYR A 344 -5.98 37.22 22.71
CA TYR A 344 -5.21 38.07 23.60
C TYR A 344 -6.17 38.82 24.52
N GLY A 345 -5.73 39.13 25.73
CA GLY A 345 -6.62 39.78 26.66
C GLY A 345 -5.91 40.38 27.86
N PHE A 346 -6.71 40.88 28.80
CA PHE A 346 -6.24 41.55 30.00
C PHE A 346 -6.73 40.82 31.24
N ARG A 347 -5.83 40.64 32.22
CA ARG A 347 -6.20 40.21 33.55
C ARG A 347 -5.73 41.26 34.54
N HIS A 348 -6.62 41.67 35.45
CA HIS A 348 -6.32 42.74 36.37
C HIS A 348 -6.70 42.35 37.80
N GLN A 349 -6.18 43.13 38.75
CA GLN A 349 -6.56 43.02 40.15
C GLN A 349 -6.51 44.41 40.75
N ASN A 350 -7.64 44.87 41.29
CA ASN A 350 -7.71 46.18 41.92
C ASN A 350 -8.41 46.04 43.27
N SER A 351 -8.93 47.16 43.76
CA SER A 351 -9.63 47.14 45.05
C SER A 351 -10.97 46.44 44.97
N GLU A 352 -11.59 46.38 43.79
CA GLU A 352 -12.89 45.77 43.61
C GLU A 352 -12.84 44.31 43.19
N GLY A 353 -11.64 43.71 43.15
CA GLY A 353 -11.49 42.31 42.80
C GLY A 353 -10.64 42.12 41.56
N THR A 354 -10.88 41.00 40.87
CA THR A 354 -10.15 40.65 39.66
C THR A 354 -11.12 40.45 38.50
N GLY A 355 -10.59 40.51 37.29
CA GLY A 355 -11.39 40.32 36.08
C GLY A 355 -10.52 39.96 34.90
N GLN A 356 -11.18 39.50 33.84
CA GLN A 356 -10.51 39.10 32.62
C GLN A 356 -11.36 39.51 31.42
N ALA A 357 -10.72 40.08 30.41
CA ALA A 357 -11.40 40.49 29.19
C ALA A 357 -10.46 40.30 28.02
N ALA A 358 -11.00 39.87 26.88
CA ALA A 358 -10.21 39.67 25.68
C ALA A 358 -10.12 40.96 24.88
N ASP A 359 -9.09 41.04 24.03
CA ASP A 359 -8.89 42.18 23.15
C ASP A 359 -9.25 41.73 21.74
N LEU A 360 -10.34 42.30 21.21
CA LEU A 360 -10.87 41.81 19.93
C LEU A 360 -10.00 42.25 18.76
N LYS A 361 -9.43 43.46 18.83
CA LYS A 361 -8.67 43.99 17.69
C LYS A 361 -7.43 43.15 17.42
N SER A 362 -6.63 42.89 18.45
CA SER A 362 -5.44 42.08 18.26
C SER A 362 -5.80 40.64 17.90
N THR A 363 -6.92 40.15 18.41
CA THR A 363 -7.37 38.81 18.05
C THR A 363 -7.73 38.72 16.57
N GLN A 364 -8.47 39.71 16.07
CA GLN A 364 -8.81 39.73 14.65
C GLN A 364 -7.58 40.02 13.79
N ALA A 365 -6.65 40.83 14.30
CA ALA A 365 -5.46 41.14 13.52
C ALA A 365 -4.61 39.90 13.26
N ALA A 366 -4.62 38.94 14.20
CA ALA A 366 -3.87 37.71 13.99
C ALA A 366 -4.65 36.71 13.15
N ILE A 367 -5.97 36.64 13.34
CA ILE A 367 -6.79 35.73 12.55
C ILE A 367 -6.81 36.14 11.09
N ASP A 368 -6.87 37.45 10.82
CA ASP A 368 -6.90 37.92 9.44
C ASP A 368 -5.62 37.57 8.71
N GLN A 369 -4.47 37.69 9.39
CA GLN A 369 -3.20 37.35 8.76
C GLN A 369 -3.11 35.85 8.49
N ILE A 370 -3.70 35.02 9.36
CA ILE A 370 -3.69 33.58 9.12
C ILE A 370 -4.68 33.21 8.03
N ASN A 371 -5.86 33.82 8.03
CA ASN A 371 -6.79 33.63 6.91
C ASN A 371 -6.20 34.16 5.62
N GLY A 372 -5.32 35.16 5.71
CA GLY A 372 -4.65 35.67 4.52
C GLY A 372 -3.66 34.67 3.94
N LYS A 373 -2.87 34.03 4.82
CA LYS A 373 -1.95 32.99 4.35
C LYS A 373 -2.70 31.81 3.76
N LEU A 374 -3.84 31.46 4.36
CA LEU A 374 -4.63 30.34 3.85
C LEU A 374 -5.07 30.61 2.42
N ASN A 375 -5.81 31.70 2.21
CA ASN A 375 -6.27 32.08 0.88
C ASN A 375 -5.20 31.89 -0.18
N ARG A 376 -3.99 32.40 0.08
CA ARG A 376 -2.94 32.36 -0.92
C ARG A 376 -2.43 30.96 -1.20
N LEU A 377 -2.76 30.00 -0.34
CA LEU A 377 -2.30 28.64 -0.51
C LEU A 377 -3.25 27.78 -1.35
N ILE A 378 -4.46 28.29 -1.63
CA ILE A 378 -5.46 27.60 -2.42
C ILE A 378 -5.79 28.38 -3.70
N GLU A 379 -4.82 29.14 -4.23
CA GLU A 379 -5.08 30.00 -5.39
C GLU A 379 -4.53 29.50 -6.72
N LYS A 380 -3.21 29.41 -6.86
CA LYS A 380 -2.61 29.13 -8.17
C LYS A 380 -2.92 27.71 -8.60
N THR A 381 -3.85 27.59 -9.55
CA THR A 381 -4.41 26.31 -9.99
C THR A 381 -3.40 25.46 -10.75
N ASN A 382 -3.57 24.14 -10.60
CA ASN A 382 -2.81 23.07 -11.25
C ASN A 382 -3.86 22.28 -12.00
N GLU A 383 -4.17 22.71 -13.22
CA GLU A 383 -5.15 22.02 -14.05
C GLU A 383 -4.46 21.47 -15.29
N LYS A 384 -4.16 20.18 -15.24
CA LYS A 384 -3.49 19.47 -16.31
C LYS A 384 -4.45 18.47 -16.93
N PHE A 385 -4.20 18.12 -18.19
CA PHE A 385 -5.07 17.18 -18.89
C PHE A 385 -4.25 16.00 -19.39
N HIS A 386 -4.03 15.89 -20.69
CA HIS A 386 -3.20 14.80 -21.18
C HIS A 386 -1.73 15.09 -20.88
N GLN A 387 -1.06 14.13 -20.25
CA GLN A 387 0.32 14.31 -19.83
C GLN A 387 1.17 13.17 -20.37
N ILE A 388 2.07 12.65 -19.54
CA ILE A 388 2.83 11.45 -19.87
C ILE A 388 2.31 10.30 -19.01
N GLU A 389 2.62 9.09 -19.43
CA GLU A 389 2.30 7.92 -18.61
C GLU A 389 3.27 7.81 -17.44
N LYS A 390 2.76 7.31 -16.32
CA LYS A 390 3.52 7.26 -15.08
C LYS A 390 3.60 5.86 -14.47
N GLU A 391 2.83 4.89 -14.98
CA GLU A 391 3.00 3.49 -14.63
C GLU A 391 3.16 2.67 -15.91
N PHE A 392 3.90 1.57 -15.82
CA PHE A 392 4.25 0.78 -16.99
C PHE A 392 4.19 -0.70 -16.65
N SER A 393 3.64 -1.49 -17.58
CA SER A 393 3.45 -2.92 -17.38
C SER A 393 4.48 -3.77 -18.12
N GLU A 394 5.33 -3.17 -18.95
CA GLU A 394 6.39 -3.88 -19.64
C GLU A 394 7.69 -3.12 -19.50
N VAL A 395 8.80 -3.83 -19.66
CA VAL A 395 10.12 -3.24 -19.64
C VAL A 395 10.44 -2.72 -21.03
N GLU A 396 10.86 -1.46 -21.12
CA GLU A 396 11.12 -0.80 -22.40
C GLU A 396 12.51 -0.24 -22.51
N GLY A 397 13.06 0.31 -21.44
CA GLY A 397 14.41 0.83 -21.47
C GLY A 397 14.51 2.34 -21.54
N ARG A 398 15.17 2.84 -22.58
CA ARG A 398 15.64 4.23 -22.59
C ARG A 398 14.49 5.23 -22.44
N ILE A 399 13.46 5.09 -23.27
CA ILE A 399 12.36 6.04 -23.24
C ILE A 399 11.60 5.94 -21.92
N GLN A 400 11.38 4.72 -21.42
CA GLN A 400 10.69 4.56 -20.16
C GLN A 400 11.54 5.06 -19.00
N ASP A 401 12.86 4.85 -19.07
CA ASP A 401 13.75 5.41 -18.05
C ASP A 401 13.61 6.92 -17.96
N LEU A 402 13.53 7.59 -19.11
CA LEU A 402 13.41 9.04 -19.11
C LEU A 402 12.06 9.49 -18.58
N GLU A 403 11.00 8.76 -18.92
CA GLU A 403 9.66 9.12 -18.43
C GLU A 403 9.58 9.02 -16.91
N LYS A 404 10.14 7.94 -16.35
CA LYS A 404 10.15 7.80 -14.89
C LYS A 404 11.03 8.86 -14.24
N TYR A 405 12.19 9.14 -14.83
CA TYR A 405 13.11 10.12 -14.26
C TYR A 405 12.50 11.52 -14.26
N VAL A 406 11.82 11.89 -15.34
CA VAL A 406 11.17 13.20 -15.40
C VAL A 406 10.14 13.33 -14.30
N GLU A 407 9.29 12.31 -14.13
CA GLU A 407 8.25 12.38 -13.11
C GLU A 407 8.83 12.35 -11.71
N ASP A 408 9.88 11.54 -11.49
CA ASP A 408 10.51 11.48 -10.18
C ASP A 408 11.22 12.79 -9.84
N THR A 409 11.85 13.41 -10.84
CA THR A 409 12.46 14.72 -10.62
C THR A 409 11.40 15.76 -10.24
N LYS A 410 10.25 15.73 -10.92
CA LYS A 410 9.20 16.70 -10.65
C LYS A 410 8.65 16.55 -9.24
N ILE A 411 8.39 15.31 -8.81
CA ILE A 411 7.80 15.07 -7.51
C ILE A 411 8.76 15.50 -6.39
N ASP A 412 10.05 15.23 -6.55
CA ASP A 412 11.03 15.64 -5.56
C ASP A 412 11.15 17.15 -5.45
N LEU A 413 10.95 17.86 -6.56
CA LEU A 413 11.06 19.31 -6.53
C LEU A 413 9.84 19.94 -5.86
N TRP A 414 8.66 19.40 -6.10
CA TRP A 414 7.45 19.91 -5.45
C TRP A 414 7.36 19.45 -4.00
N SER A 415 7.91 18.28 -3.69
CA SER A 415 7.99 17.86 -2.29
C SER A 415 8.87 18.80 -1.49
N TYR A 416 9.96 19.27 -2.08
CA TYR A 416 10.81 20.25 -1.40
C TYR A 416 10.09 21.59 -1.27
N ASN A 417 9.40 22.03 -2.33
CA ASN A 417 8.65 23.27 -2.25
C ASN A 417 7.62 23.21 -1.13
N ALA A 418 6.86 22.10 -1.06
CA ALA A 418 5.87 21.96 -0.01
C ALA A 418 6.51 21.97 1.38
N GLU A 419 7.64 21.27 1.53
CA GLU A 419 8.31 21.22 2.82
C GLU A 419 8.82 22.60 3.23
N LEU A 420 9.46 23.32 2.31
CA LEU A 420 10.00 24.63 2.64
C LEU A 420 8.87 25.64 2.87
N LEU A 421 7.81 25.56 2.07
CA LEU A 421 6.71 26.53 2.17
C LEU A 421 6.06 26.47 3.55
N VAL A 422 5.74 25.27 4.02
CA VAL A 422 5.04 25.15 5.31
C VAL A 422 5.94 25.60 6.45
N ALA A 423 7.24 25.25 6.39
CA ALA A 423 8.16 25.68 7.43
C ALA A 423 8.30 27.19 7.47
N LEU A 424 8.32 27.83 6.30
CA LEU A 424 8.39 29.29 6.26
C LEU A 424 7.07 29.92 6.71
N GLU A 425 5.94 29.35 6.29
CA GLU A 425 4.64 29.88 6.70
C GLU A 425 4.45 29.76 8.20
N ASN A 426 4.87 28.63 8.79
CA ASN A 426 4.68 28.43 10.22
C ASN A 426 5.54 29.39 11.03
N GLN A 427 6.79 29.61 10.61
CA GLN A 427 7.65 30.55 11.33
C GLN A 427 7.08 31.97 11.29
N HIS A 428 6.54 32.37 10.15
CA HIS A 428 5.92 33.70 10.06
C HIS A 428 4.65 33.77 10.91
N THR A 429 3.87 32.69 10.94
CA THR A 429 2.69 32.65 11.79
C THR A 429 3.07 32.76 13.26
N ILE A 430 4.15 32.09 13.66
CA ILE A 430 4.62 32.19 15.04
C ILE A 430 5.09 33.62 15.33
N ASP A 431 5.77 34.23 14.36
CA ASP A 431 6.30 35.58 14.57
C ASP A 431 5.18 36.62 14.60
N LEU A 432 4.18 36.49 13.72
CA LEU A 432 3.11 37.48 13.69
C LEU A 432 2.24 37.39 14.94
N THR A 433 2.02 36.17 15.45
CA THR A 433 1.23 36.03 16.67
C THR A 433 2.00 36.50 17.89
N ASP A 434 3.34 36.35 17.87
CA ASP A 434 4.15 36.90 18.95
C ASP A 434 4.20 38.42 18.88
N SER A 435 4.17 38.99 17.67
CA SER A 435 4.20 40.45 17.53
C SER A 435 2.88 41.08 17.97
N GLU A 436 1.75 40.41 17.73
CA GLU A 436 0.48 40.92 18.20
C GLU A 436 0.43 40.98 19.72
N MET A 437 1.09 40.03 20.39
CA MET A 437 1.17 40.08 21.84
C MET A 437 2.06 41.22 22.31
N ASN A 438 3.17 41.45 21.61
CA ASN A 438 4.08 42.53 21.99
C ASN A 438 3.47 43.89 21.68
N LYS A 439 2.76 44.01 20.56
CA LYS A 439 2.14 45.30 20.20
C LYS A 439 1.06 45.69 21.20
N LEU A 440 0.28 44.72 21.68
CA LEU A 440 -0.73 45.02 22.69
C LEU A 440 -0.08 45.42 24.01
N PHE A 441 1.05 44.81 24.35
CA PHE A 441 1.77 45.17 25.56
C PHE A 441 2.38 46.57 25.44
N GLU A 442 2.97 46.88 24.28
CA GLU A 442 3.54 48.22 24.08
C GLU A 442 2.45 49.27 23.96
N LYS A 443 1.30 48.91 23.40
CA LYS A 443 0.16 49.83 23.37
C LYS A 443 -0.28 50.20 24.78
N THR A 444 -0.29 49.23 25.69
CA THR A 444 -0.69 49.50 27.06
C THR A 444 0.36 50.36 27.78
N ARG A 445 1.64 50.15 27.49
CA ARG A 445 2.68 50.97 28.12
C ARG A 445 2.53 52.44 27.75
N LYS A 446 2.23 52.72 26.48
CA LYS A 446 2.16 54.11 26.04
C LYS A 446 0.98 54.84 26.67
N GLN A 447 -0.10 54.13 26.97
CA GLN A 447 -1.23 54.75 27.67
C GLN A 447 -0.87 55.12 29.11
N LEU A 448 -0.16 54.22 29.80
CA LEU A 448 0.10 54.42 31.22
C LEU A 448 1.16 55.48 31.51
N ARG A 449 2.03 55.76 30.54
CA ARG A 449 3.07 56.79 30.69
C ARG A 449 3.90 56.57 31.95
N GLU A 450 3.84 57.52 32.88
CA GLU A 450 4.57 57.43 34.14
C GLU A 450 3.69 56.97 35.29
N ASN A 451 2.51 56.42 35.01
CA ASN A 451 1.59 55.96 36.04
C ASN A 451 1.74 54.49 36.37
N ALA A 452 2.64 53.78 35.70
CA ALA A 452 2.81 52.35 35.95
C ALA A 452 4.27 51.98 35.73
N GLU A 453 4.60 50.73 36.08
CA GLU A 453 5.94 50.21 35.90
C GLU A 453 5.85 48.78 35.37
N ASP A 454 6.76 48.43 34.47
CA ASP A 454 6.82 47.08 33.92
C ASP A 454 7.34 46.12 34.97
N MET A 455 6.52 45.16 35.37
CA MET A 455 6.92 44.19 36.40
C MET A 455 7.79 43.07 35.86
N GLY A 456 7.95 42.97 34.53
CA GLY A 456 8.83 42.00 33.92
C GLY A 456 8.16 40.73 33.46
N ASN A 457 7.05 40.35 34.08
CA ASN A 457 6.33 39.13 33.74
C ASN A 457 5.14 39.40 32.81
N GLY A 458 5.17 40.50 32.07
CA GLY A 458 4.04 40.86 31.23
C GLY A 458 2.93 41.60 31.94
N CYS A 459 3.12 41.99 33.19
CA CYS A 459 2.14 42.74 33.96
C CYS A 459 2.69 44.12 34.28
N PHE A 460 1.77 45.07 34.48
CA PHE A 460 2.11 46.41 34.93
C PHE A 460 1.66 46.60 36.37
N LYS A 461 2.47 47.28 37.16
CA LYS A 461 2.08 47.72 38.49
C LYS A 461 1.58 49.16 38.37
N ILE A 462 0.27 49.33 38.46
CA ILE A 462 -0.36 50.64 38.33
C ILE A 462 -0.35 51.30 39.70
N TYR A 463 0.39 52.40 39.83
CA TYR A 463 0.64 53.06 41.12
C TYR A 463 -0.46 54.05 41.50
N HIS A 464 -1.73 53.72 41.26
CA HIS A 464 -2.82 54.58 41.69
C HIS A 464 -4.09 53.75 41.79
N LYS A 465 -5.06 54.28 42.50
CA LYS A 465 -6.36 53.63 42.60
C LYS A 465 -7.02 53.58 41.22
N CYS A 466 -7.22 52.37 40.70
CA CYS A 466 -7.75 52.17 39.36
C CYS A 466 -8.91 51.19 39.48
N ASP A 467 -10.14 51.71 39.53
CA ASP A 467 -11.32 50.89 39.74
C ASP A 467 -11.72 50.22 38.42
N ASN A 468 -12.93 49.65 38.38
CA ASN A 468 -13.36 48.92 37.18
C ASN A 468 -13.51 49.85 35.99
N ALA A 469 -14.01 51.07 36.21
CA ALA A 469 -14.12 52.03 35.12
C ALA A 469 -12.75 52.50 34.65
N CYS A 470 -11.76 52.50 35.54
CA CYS A 470 -10.41 52.89 35.17
C CYS A 470 -9.72 51.79 34.37
N ILE A 471 -9.89 50.53 34.77
CA ILE A 471 -9.35 49.41 33.99
C ILE A 471 -10.00 49.35 32.62
N GLY A 472 -11.31 49.58 32.57
CA GLY A 472 -12.02 49.57 31.29
C GLY A 472 -11.55 50.64 30.34
N SER A 473 -11.08 51.77 30.87
CA SER A 473 -10.55 52.81 29.99
C SER A 473 -9.23 52.38 29.36
N ILE A 474 -8.42 51.62 30.09
CA ILE A 474 -7.19 51.09 29.52
C ILE A 474 -7.49 50.08 28.43
N ARG A 475 -8.48 49.20 28.67
CA ARG A 475 -8.84 48.20 27.67
C ARG A 475 -9.47 48.85 26.44
N ASN A 476 -10.31 49.86 26.64
CA ASN A 476 -10.96 50.54 25.53
C ASN A 476 -10.00 51.46 24.78
N GLY A 477 -8.90 51.88 25.42
CA GLY A 477 -7.97 52.80 24.81
C GLY A 477 -8.24 54.25 25.07
N THR A 478 -9.05 54.58 26.07
CA THR A 478 -9.40 55.96 26.40
C THR A 478 -8.85 56.37 27.77
N TYR A 479 -7.72 55.80 28.17
CA TYR A 479 -7.13 56.08 29.47
C TYR A 479 -6.41 57.43 29.45
N ASP A 480 -6.74 58.29 30.42
CA ASP A 480 -6.14 59.62 30.54
C ASP A 480 -5.13 59.59 31.68
N HIS A 481 -3.85 59.65 31.33
CA HIS A 481 -2.79 59.51 32.33
C HIS A 481 -2.63 60.77 33.18
N ASP A 482 -3.06 61.94 32.68
CA ASP A 482 -2.97 63.16 33.46
C ASP A 482 -3.87 63.13 34.70
N VAL A 483 -4.93 62.33 34.67
CA VAL A 483 -5.86 62.28 35.80
C VAL A 483 -5.19 61.66 37.02
N TYR A 484 -4.37 60.64 36.80
CA TYR A 484 -3.76 59.88 37.89
C TYR A 484 -2.26 60.13 38.03
N ARG A 485 -1.71 61.08 37.25
CA ARG A 485 -0.26 61.26 37.22
C ARG A 485 0.26 61.72 38.58
N ASP A 486 -0.38 62.73 39.18
CA ASP A 486 0.08 63.25 40.46
C ASP A 486 -0.02 62.20 41.56
N GLU A 487 -1.11 61.42 41.57
CA GLU A 487 -1.24 60.35 42.56
C GLU A 487 -0.21 59.25 42.31
N ALA A 488 0.04 58.92 41.03
CA ALA A 488 0.95 57.81 40.73
C ALA A 488 2.40 58.19 41.03
N LEU A 489 2.80 59.41 40.69
CA LEU A 489 4.17 59.84 40.95
C LEU A 489 4.47 59.83 42.45
N ASN A 490 3.45 60.07 43.29
CA ASN A 490 3.67 60.03 44.73
CA ASN A 490 3.67 60.03 44.73
C ASN A 490 3.85 58.60 45.24
N ASN A 491 3.18 57.64 44.61
CA ASN A 491 3.34 56.24 45.02
C ASN A 491 4.63 55.63 44.49
N ARG A 492 5.10 56.07 43.32
CA ARG A 492 6.32 55.51 42.75
C ARG A 492 7.56 56.01 43.49
N PHE A 493 7.71 57.33 43.58
CA PHE A 493 8.94 57.94 44.08
C PHE A 493 8.85 58.32 45.55
N GLN A 494 8.15 57.52 46.34
CA GLN A 494 8.07 57.69 47.79
C GLN A 494 9.12 56.81 48.46
N ILE A 495 9.51 57.21 49.67
CA ILE A 495 10.43 56.41 50.46
C ILE A 495 9.65 55.38 51.26
N ASN B 1 -62.24 3.92 -26.29
CA ASN B 1 -63.29 4.88 -25.96
C ASN B 1 -64.13 4.36 -24.80
N SER B 2 -64.75 3.19 -24.98
CA SER B 2 -65.59 2.58 -23.96
C SER B 2 -64.79 1.73 -22.98
N THR B 3 -63.47 1.75 -23.07
CA THR B 3 -62.61 0.95 -22.20
C THR B 3 -61.55 1.84 -21.56
N ALA B 4 -60.81 1.26 -20.63
CA ALA B 4 -59.73 1.96 -19.94
C ALA B 4 -58.60 0.99 -19.68
N THR B 5 -57.37 1.52 -19.65
CA THR B 5 -56.17 0.74 -19.40
C THR B 5 -55.57 1.15 -18.06
N LEU B 6 -55.24 0.16 -17.22
CA LEU B 6 -54.60 0.39 -15.93
C LEU B 6 -53.33 -0.44 -15.86
N CYS B 7 -52.19 0.23 -15.75
CA CYS B 7 -50.89 -0.43 -15.78
C CYS B 7 -50.23 -0.39 -14.41
N LEU B 8 -49.59 -1.50 -14.04
CA LEU B 8 -48.81 -1.60 -12.82
C LEU B 8 -47.33 -1.53 -13.15
N GLY B 9 -46.58 -0.75 -12.38
CA GLY B 9 -45.17 -0.59 -12.66
C GLY B 9 -44.37 -0.28 -11.42
N HIS B 10 -43.05 -0.25 -11.61
CA HIS B 10 -42.10 0.07 -10.55
C HIS B 10 -41.12 1.12 -11.06
N HIS B 11 -40.43 1.78 -10.13
CA HIS B 11 -39.57 2.89 -10.49
C HIS B 11 -38.24 2.38 -11.07
N ALA B 12 -37.50 3.30 -11.68
CA ALA B 12 -36.18 3.02 -12.21
C ALA B 12 -35.36 4.31 -12.14
N VAL B 13 -34.04 4.16 -12.11
CA VAL B 13 -33.15 5.31 -11.95
C VAL B 13 -32.16 5.35 -13.10
N PRO B 14 -31.64 6.52 -13.47
CA PRO B 14 -30.59 6.61 -14.50
C PRO B 14 -29.17 6.40 -14.02
N ASN B 15 -28.96 6.14 -12.71
CA ASN B 15 -27.64 5.90 -12.12
C ASN B 15 -27.72 4.67 -11.20
N GLY B 16 -27.88 3.50 -11.81
CA GLY B 16 -27.92 2.28 -11.03
C GLY B 16 -26.54 1.83 -10.62
N THR B 17 -26.52 0.83 -9.74
CA THR B 17 -25.27 0.22 -9.27
C THR B 17 -25.36 -1.28 -9.45
N LEU B 18 -24.18 -1.91 -9.59
CA LEU B 18 -24.09 -3.34 -9.80
C LEU B 18 -23.78 -4.04 -8.48
N VAL B 19 -24.59 -5.04 -8.13
CA VAL B 19 -24.37 -5.82 -6.92
C VAL B 19 -24.24 -7.29 -7.31
N LYS B 20 -23.94 -8.13 -6.33
CA LYS B 20 -23.66 -9.53 -6.58
C LYS B 20 -24.65 -10.43 -5.85
N THR B 21 -24.99 -11.55 -6.49
CA THR B 21 -25.76 -12.61 -5.87
C THR B 21 -24.94 -13.90 -6.06
N ILE B 22 -25.59 -15.04 -5.90
CA ILE B 22 -24.91 -16.31 -6.12
C ILE B 22 -24.87 -16.66 -7.61
N THR B 23 -25.97 -16.42 -8.33
CA THR B 23 -26.01 -16.65 -9.78
C THR B 23 -25.27 -15.56 -10.53
N ASN B 24 -25.74 -14.33 -10.39
CA ASN B 24 -25.20 -13.18 -11.12
C ASN B 24 -24.20 -12.44 -10.25
N ASP B 25 -23.01 -12.21 -10.79
CA ASP B 25 -22.00 -11.39 -10.14
C ASP B 25 -22.14 -9.90 -10.45
N GLN B 26 -23.06 -9.52 -11.34
CA GLN B 26 -23.27 -8.10 -11.62
C GLN B 26 -24.73 -7.94 -12.07
N ILE B 27 -25.61 -7.74 -11.10
CA ILE B 27 -27.01 -7.43 -11.35
C ILE B 27 -27.23 -5.99 -10.91
N GLU B 28 -27.86 -5.20 -11.78
CA GLU B 28 -28.00 -3.77 -11.55
C GLU B 28 -29.23 -3.48 -10.71
N VAL B 29 -29.04 -2.70 -9.65
CA VAL B 29 -30.12 -2.28 -8.77
C VAL B 29 -30.17 -0.77 -8.77
N THR B 30 -31.25 -0.23 -8.19
CA THR B 30 -31.45 1.21 -8.16
C THR B 30 -30.59 1.89 -7.10
N ASN B 31 -30.11 1.16 -6.12
CA ASN B 31 -29.43 1.76 -4.97
C ASN B 31 -28.69 0.66 -4.21
N ALA B 32 -27.56 1.03 -3.60
CA ALA B 32 -26.73 0.07 -2.89
C ALA B 32 -25.94 0.82 -1.83
N THR B 33 -25.50 0.08 -0.82
CA THR B 33 -24.70 0.63 0.26
C THR B 33 -23.44 -0.19 0.43
N GLU B 34 -22.40 0.47 0.94
CA GLU B 34 -21.10 -0.16 1.12
C GLU B 34 -21.03 -0.81 2.51
N LEU B 35 -20.63 -2.08 2.54
CA LEU B 35 -20.56 -2.83 3.79
C LEU B 35 -19.15 -3.01 4.32
N VAL B 36 -18.14 -2.50 3.62
CA VAL B 36 -16.75 -2.62 4.05
C VAL B 36 -16.22 -1.23 4.35
N GLN B 37 -15.81 -1.01 5.60
CA GLN B 37 -15.14 0.23 5.97
C GLN B 37 -13.71 0.19 5.46
N SER B 38 -13.36 1.13 4.57
CA SER B 38 -12.06 1.13 3.94
C SER B 38 -11.22 2.35 4.23
N SER B 39 -11.81 3.41 4.79
CA SER B 39 -11.11 4.67 5.02
C SER B 39 -10.92 4.91 6.51
N SER B 40 -10.00 5.81 6.82
CA SER B 40 -9.71 6.20 8.20
C SER B 40 -9.33 7.68 8.22
N THR B 41 -9.77 8.37 9.27
CA THR B 41 -9.38 9.76 9.46
C THR B 41 -7.86 9.91 9.52
N GLY B 42 -7.17 8.88 10.01
CA GLY B 42 -5.73 8.90 10.15
C GLY B 42 -5.24 9.18 11.55
N ARG B 43 -6.13 9.60 12.45
CA ARG B 43 -5.76 9.91 13.82
C ARG B 43 -6.51 9.01 14.79
N ILE B 44 -5.91 8.81 15.96
CA ILE B 44 -6.49 7.98 17.01
C ILE B 44 -7.27 8.88 17.97
N CYS B 45 -8.58 8.66 18.05
CA CYS B 45 -9.41 9.46 18.94
C CYS B 45 -9.14 9.09 20.39
N ASP B 46 -9.04 10.11 21.25
CA ASP B 46 -8.69 9.91 22.65
C ASP B 46 -9.88 9.52 23.50
N SER B 47 -11.06 9.35 22.91
CA SER B 47 -12.25 8.86 23.57
C SER B 47 -12.84 7.72 22.74
N PRO B 48 -13.53 6.76 23.37
CA PRO B 48 -13.82 6.66 24.81
C PRO B 48 -12.74 5.95 25.62
N HIS B 49 -11.72 5.43 24.95
CA HIS B 49 -10.66 4.69 25.62
C HIS B 49 -9.55 5.62 26.09
N ARG B 50 -8.97 5.29 27.23
CA ARG B 50 -7.83 6.03 27.76
C ARG B 50 -6.59 5.67 26.96
N ILE B 51 -6.13 6.61 26.13
CA ILE B 51 -4.97 6.39 25.27
C ILE B 51 -3.74 6.96 25.98
N LEU B 52 -2.67 6.17 26.02
CA LEU B 52 -1.39 6.60 26.57
C LEU B 52 -0.35 6.55 25.46
N ASP B 53 0.11 7.72 25.02
CA ASP B 53 1.12 7.80 23.98
C ASP B 53 2.49 7.51 24.59
N GLY B 54 3.20 6.54 24.03
CA GLY B 54 4.53 6.20 24.51
C GLY B 54 5.63 7.12 24.02
N LYS B 55 5.39 7.85 22.94
CA LYS B 55 6.32 8.81 22.35
C LYS B 55 7.65 8.15 22.03
N ASN B 56 8.71 8.44 22.80
CA ASN B 56 10.01 7.80 22.59
C ASN B 56 10.20 6.59 23.48
N CYS B 57 9.14 6.11 24.12
CA CYS B 57 9.28 5.07 25.12
C CYS B 57 8.46 3.86 24.75
N THR B 58 9.12 2.71 24.72
CA THR B 58 8.42 1.44 24.72
C THR B 58 7.83 1.18 26.10
N LEU B 59 6.86 0.27 26.15
CA LEU B 59 6.27 -0.08 27.42
C LEU B 59 7.30 -0.72 28.36
N ILE B 60 8.21 -1.51 27.81
CA ILE B 60 9.23 -2.16 28.63
C ILE B 60 10.18 -1.13 29.22
N ASP B 61 10.56 -0.12 28.44
CA ASP B 61 11.46 0.90 28.96
C ASP B 61 10.79 1.72 30.05
N ALA B 62 9.49 2.01 29.91
CA ALA B 62 8.76 2.70 30.96
C ALA B 62 8.59 1.83 32.19
N LEU B 63 8.45 0.52 32.00
CA LEU B 63 8.35 -0.40 33.12
C LEU B 63 9.65 -0.41 33.93
N LEU B 64 10.78 -0.61 33.25
CA LEU B 64 12.06 -0.72 33.94
C LEU B 64 12.48 0.60 34.57
N GLY B 65 12.19 1.71 33.90
CA GLY B 65 12.55 3.01 34.43
C GLY B 65 13.68 3.68 33.69
N ASP B 66 13.61 3.66 32.36
CA ASP B 66 14.55 4.42 31.54
C ASP B 66 14.44 5.91 31.88
N PRO B 67 15.55 6.59 32.17
CA PRO B 67 15.46 8.00 32.60
C PRO B 67 14.62 8.89 31.71
N HIS B 68 14.72 8.76 30.39
CA HIS B 68 13.87 9.59 29.53
C HIS B 68 12.41 9.13 29.53
N CYS B 69 12.08 8.06 30.25
CA CYS B 69 10.72 7.58 30.40
C CYS B 69 10.19 7.78 31.81
N ASP B 70 10.81 8.69 32.57
CA ASP B 70 10.39 8.94 33.95
C ASP B 70 8.95 9.43 34.03
N GLY B 71 8.47 10.12 32.98
CA GLY B 71 7.12 10.66 32.98
C GLY B 71 6.01 9.62 32.92
N PHE B 72 6.36 8.34 32.82
CA PHE B 72 5.38 7.26 32.73
C PHE B 72 5.24 6.49 34.04
N GLN B 73 5.86 6.95 35.12
CA GLN B 73 5.75 6.26 36.39
C GLN B 73 4.31 6.21 36.87
N ASN B 74 3.84 5.01 37.18
CA ASN B 74 2.51 4.78 37.76
C ASN B 74 1.38 5.15 36.78
N GLU B 75 1.66 5.11 35.49
CA GLU B 75 0.64 5.46 34.50
C GLU B 75 -0.33 4.31 34.30
N LYS B 76 -1.51 4.64 33.76
CA LYS B 76 -2.54 3.68 33.43
C LYS B 76 -2.98 3.93 31.99
N TRP B 77 -3.56 2.89 31.38
CA TRP B 77 -3.99 3.01 29.99
C TRP B 77 -5.01 1.94 29.65
N ASP B 78 -5.88 2.26 28.69
CA ASP B 78 -6.65 1.26 27.98
C ASP B 78 -5.91 0.77 26.75
N LEU B 79 -5.15 1.65 26.10
CA LEU B 79 -4.34 1.30 24.94
C LEU B 79 -3.03 2.05 25.02
N PHE B 80 -1.92 1.32 25.11
CA PHE B 80 -0.59 1.91 25.04
C PHE B 80 -0.17 1.96 23.57
N VAL B 81 0.20 3.15 23.11
CA VAL B 81 0.55 3.37 21.71
C VAL B 81 2.06 3.50 21.61
N GLU B 82 2.72 2.49 21.05
CA GLU B 82 4.16 2.49 20.87
C GLU B 82 4.51 3.11 19.51
N ARG B 83 5.40 4.09 19.53
CA ARG B 83 5.85 4.74 18.31
C ARG B 83 7.10 4.06 17.78
N SER B 84 7.27 4.12 16.45
CA SER B 84 8.47 3.56 15.84
C SER B 84 9.72 4.37 16.16
N LYS B 85 9.55 5.63 16.57
CA LYS B 85 10.67 6.49 16.93
C LYS B 85 11.18 6.23 18.35
N ALA B 86 10.62 5.26 19.06
CA ALA B 86 11.04 4.98 20.42
C ALA B 86 12.46 4.43 20.43
N TYR B 87 13.15 4.65 21.55
CA TYR B 87 14.54 4.23 21.67
C TYR B 87 14.86 3.99 23.14
N SER B 88 15.88 3.17 23.37
CA SER B 88 16.42 2.92 24.70
C SER B 88 17.66 3.75 24.90
N ASN B 89 17.83 4.28 26.11
CA ASN B 89 18.95 5.15 26.42
C ASN B 89 19.46 4.89 27.85
N CYS B 90 19.42 3.62 28.27
CA CYS B 90 19.92 3.26 29.58
C CYS B 90 20.93 2.12 29.44
N TYR B 91 21.01 1.25 30.45
CA TYR B 91 21.93 0.12 30.37
C TYR B 91 21.46 -0.86 29.30
N PRO B 92 22.33 -1.30 28.40
CA PRO B 92 21.90 -2.26 27.37
C PRO B 92 21.43 -3.55 28.00
N TYR B 93 20.31 -4.07 27.48
CA TYR B 93 19.63 -5.18 28.12
C TYR B 93 18.92 -6.03 27.09
N ASP B 94 18.50 -7.21 27.53
CA ASP B 94 17.59 -8.06 26.77
C ASP B 94 16.62 -8.70 27.73
N VAL B 95 15.46 -9.09 27.21
CA VAL B 95 14.45 -9.78 28.02
C VAL B 95 14.17 -11.13 27.38
N PRO B 96 14.63 -12.23 27.98
CA PRO B 96 14.17 -13.55 27.53
C PRO B 96 12.65 -13.62 27.60
N ASP B 97 12.03 -14.00 26.47
CA ASP B 97 10.58 -13.92 26.30
C ASP B 97 10.10 -12.48 26.47
N TYR B 98 10.71 -11.58 25.70
CA TYR B 98 10.34 -10.17 25.70
C TYR B 98 8.87 -9.99 25.35
N ALA B 99 8.35 -10.79 24.43
CA ALA B 99 6.98 -10.63 23.97
C ALA B 99 5.97 -10.95 25.07
N SER B 100 6.28 -11.94 25.91
CA SER B 100 5.33 -12.33 26.96
C SER B 100 5.28 -11.29 28.07
N LEU B 101 6.43 -10.73 28.46
CA LEU B 101 6.43 -9.69 29.47
C LEU B 101 5.73 -8.44 28.96
N ARG B 102 6.05 -8.02 27.73
CA ARG B 102 5.36 -6.90 27.11
C ARG B 102 3.85 -7.12 27.06
N SER B 103 3.42 -8.36 26.82
CA SER B 103 2.00 -8.64 26.70
C SER B 103 1.29 -8.59 28.06
N LEU B 104 1.89 -9.21 29.08
CA LEU B 104 1.20 -9.28 30.37
C LEU B 104 1.15 -7.93 31.05
N VAL B 105 2.16 -7.08 30.85
CA VAL B 105 2.11 -5.72 31.39
C VAL B 105 1.09 -4.90 30.60
N ALA B 106 1.07 -5.05 29.28
CA ALA B 106 0.10 -4.32 28.46
C ALA B 106 -1.33 -4.73 28.81
N SER B 107 -1.56 -6.03 29.03
CA SER B 107 -2.90 -6.49 29.38
C SER B 107 -3.31 -6.02 30.76
N SER B 108 -2.36 -5.97 31.71
CA SER B 108 -2.68 -5.47 33.04
C SER B 108 -3.09 -4.00 33.00
N GLY B 109 -2.42 -3.21 32.17
CA GLY B 109 -2.84 -1.84 31.94
C GLY B 109 -2.50 -0.86 33.02
N THR B 110 -1.42 -1.09 33.76
CA THR B 110 -1.00 -0.14 34.78
C THR B 110 0.47 -0.34 35.08
N LEU B 111 1.13 0.76 35.46
CA LEU B 111 2.52 0.74 35.90
C LEU B 111 2.65 1.16 37.37
N GLU B 112 1.57 1.03 38.14
CA GLU B 112 1.56 1.39 39.55
C GLU B 112 2.63 0.61 40.31
N PHE B 113 3.64 1.31 40.80
CA PHE B 113 4.79 0.69 41.46
C PHE B 113 4.77 1.04 42.94
N ILE B 114 5.02 0.03 43.78
CA ILE B 114 4.99 0.20 45.22
C ILE B 114 6.37 -0.21 45.76
N ASN B 115 7.08 0.75 46.34
CA ASN B 115 8.40 0.47 46.88
C ASN B 115 8.32 -0.41 48.12
N GLU B 116 9.18 -1.41 48.19
CA GLU B 116 9.30 -2.29 49.34
C GLU B 116 10.72 -2.22 49.90
N ASP B 117 10.81 -2.34 51.23
CA ASP B 117 12.08 -2.15 51.94
C ASP B 117 12.83 -3.48 51.98
N PHE B 118 13.52 -3.79 50.88
CA PHE B 118 14.47 -4.87 50.87
C PHE B 118 15.73 -4.47 51.65
N ASN B 119 16.19 -5.35 52.53
CA ASN B 119 17.37 -5.09 53.35
C ASN B 119 18.52 -5.90 52.78
N TRP B 120 19.38 -5.24 51.99
CA TRP B 120 20.56 -5.88 51.41
C TRP B 120 21.74 -5.60 52.34
N ILE B 121 22.22 -6.64 53.01
CA ILE B 121 23.24 -6.52 54.03
C ILE B 121 24.62 -6.72 53.40
N GLY B 122 25.48 -5.73 53.53
CA GLY B 122 26.87 -5.86 53.15
C GLY B 122 27.19 -5.56 51.70
N VAL B 123 26.26 -4.99 50.95
CA VAL B 123 26.49 -4.67 49.54
C VAL B 123 26.13 -3.21 49.30
N THR B 124 26.72 -2.64 48.24
CA THR B 124 26.40 -1.29 47.80
C THR B 124 25.20 -1.33 46.86
N GLN B 125 24.29 -0.39 47.04
CA GLN B 125 23.06 -0.33 46.27
C GLN B 125 23.11 0.81 45.26
N SER B 126 22.13 0.79 44.36
CA SER B 126 21.93 1.83 43.35
C SER B 126 23.22 2.09 42.56
N GLY B 127 23.72 1.04 41.92
CA GLY B 127 24.86 1.20 41.04
C GLY B 127 24.47 1.99 39.79
N GLY B 128 25.40 2.83 39.32
CA GLY B 128 25.16 3.69 38.20
C GLY B 128 26.06 3.36 37.01
N SER B 129 25.79 4.02 35.89
CA SER B 129 26.52 3.79 34.66
C SER B 129 26.47 5.04 33.78
N CYS B 130 27.53 5.24 32.99
CA CYS B 130 27.58 6.36 32.09
C CYS B 130 26.60 6.22 30.92
N ALA B 131 26.17 5.01 30.60
CA ALA B 131 25.23 4.77 29.53
C ALA B 131 23.77 4.92 29.99
N CYS B 132 23.54 5.41 31.21
CA CYS B 132 22.19 5.61 31.72
C CYS B 132 22.21 6.86 32.60
N LYS B 133 22.38 8.01 31.95
CA LYS B 133 22.42 9.29 32.65
C LYS B 133 21.01 9.74 33.00
N ARG B 134 20.85 10.24 34.23
CA ARG B 134 19.61 10.86 34.67
C ARG B 134 19.97 12.22 35.27
N GLY B 135 19.66 13.28 34.54
CA GLY B 135 20.09 14.61 34.95
C GLY B 135 21.58 14.82 34.80
N SER B 136 22.18 14.25 33.76
CA SER B 136 23.60 14.40 33.43
C SER B 136 24.52 13.81 34.49
N VAL B 137 24.03 12.85 35.26
CA VAL B 137 24.85 12.11 36.22
C VAL B 137 24.58 10.63 36.06
N ASN B 138 25.59 9.81 36.33
CA ASN B 138 25.46 8.36 36.21
C ASN B 138 24.28 7.86 37.02
N SER B 139 23.49 6.97 36.41
CA SER B 139 22.28 6.48 37.04
C SER B 139 21.97 5.09 36.47
N PHE B 140 20.73 4.64 36.66
CA PHE B 140 20.33 3.29 36.33
C PHE B 140 18.81 3.28 36.14
N PHE B 141 18.27 2.11 35.78
CA PHE B 141 16.83 1.95 35.72
C PHE B 141 16.20 2.30 37.06
N SER B 142 15.14 3.12 37.02
CA SER B 142 14.57 3.64 38.25
C SER B 142 14.00 2.53 39.12
N ARG B 143 13.43 1.50 38.51
CA ARG B 143 12.75 0.44 39.24
C ARG B 143 13.66 -0.72 39.61
N LEU B 144 14.92 -0.71 39.21
CA LEU B 144 15.86 -1.76 39.52
C LEU B 144 16.98 -1.23 40.41
N ASN B 145 17.66 -2.16 41.07
CA ASN B 145 18.67 -1.83 42.07
C ASN B 145 19.94 -2.63 41.79
N TRP B 146 20.92 -1.99 41.14
CA TRP B 146 22.18 -2.63 40.79
C TRP B 146 23.04 -2.75 42.04
N LEU B 147 23.23 -3.98 42.51
CA LEU B 147 24.00 -4.23 43.72
C LEU B 147 25.41 -4.69 43.34
N HIS B 148 26.40 -4.23 44.10
CA HIS B 148 27.77 -4.67 43.91
C HIS B 148 28.48 -4.70 45.26
N GLU B 149 29.76 -5.06 45.22
CA GLU B 149 30.49 -5.31 46.46
C GLU B 149 30.67 -4.03 47.27
N SER B 150 30.89 -4.21 48.57
CA SER B 150 31.24 -3.13 49.47
C SER B 150 32.39 -3.58 50.35
N GLU B 151 33.44 -2.76 50.43
CA GLU B 151 34.66 -3.12 51.16
C GLU B 151 35.25 -4.43 50.65
N GLN B 152 35.19 -4.63 49.33
CA GLN B 152 35.72 -5.82 48.67
C GLN B 152 35.10 -7.10 49.22
N LYS B 153 33.81 -7.04 49.58
CA LYS B 153 33.09 -8.20 50.08
C LYS B 153 31.69 -8.20 49.47
N TYR B 154 31.19 -9.41 49.20
CA TYR B 154 29.83 -9.60 48.70
C TYR B 154 29.25 -10.80 49.40
N PRO B 155 28.76 -10.62 50.63
CA PRO B 155 28.16 -11.75 51.35
C PRO B 155 26.92 -12.26 50.64
N ALA B 156 26.66 -13.56 50.80
CA ALA B 156 25.52 -14.18 50.14
C ALA B 156 24.23 -13.50 50.56
N LEU B 157 23.48 -13.00 49.57
CA LEU B 157 22.21 -12.33 49.82
C LEU B 157 21.10 -13.38 49.92
N ASN B 158 20.29 -13.27 50.97
CA ASN B 158 19.17 -14.18 51.24
C ASN B 158 18.08 -13.32 51.88
N VAL B 159 17.13 -12.86 51.08
CA VAL B 159 16.15 -11.87 51.50
C VAL B 159 14.74 -12.35 51.13
N THR B 160 13.83 -12.30 52.10
CA THR B 160 12.45 -12.71 51.88
C THR B 160 11.53 -11.49 51.85
N MET B 161 10.48 -11.60 51.05
CA MET B 161 9.47 -10.54 50.94
C MET B 161 8.11 -11.21 50.81
N PRO B 162 7.41 -11.40 51.93
CA PRO B 162 6.12 -12.08 51.88
C PRO B 162 5.00 -11.19 51.36
N ASN B 163 4.05 -11.82 50.68
CA ASN B 163 2.84 -11.12 50.22
C ASN B 163 1.75 -11.33 51.26
N ASN B 164 1.64 -10.38 52.19
CA ASN B 164 0.63 -10.42 53.23
C ASN B 164 -0.66 -9.73 52.83
N GLY B 165 -0.80 -9.36 51.56
CA GLY B 165 -1.96 -8.62 51.09
C GLY B 165 -2.96 -9.50 50.38
N LYS B 166 -3.86 -8.85 49.63
CA LYS B 166 -4.95 -9.54 48.94
C LYS B 166 -4.86 -9.40 47.43
N PHE B 167 -3.80 -8.81 46.90
CA PHE B 167 -3.61 -8.68 45.46
C PHE B 167 -2.28 -9.29 45.06
N ASP B 168 -2.17 -9.62 43.77
CA ASP B 168 -0.94 -10.18 43.24
C ASP B 168 0.12 -9.09 43.07
N LYS B 169 1.38 -9.49 43.21
CA LYS B 169 2.51 -8.60 43.03
C LYS B 169 3.31 -9.07 41.83
N LEU B 170 3.70 -8.14 40.98
CA LEU B 170 4.56 -8.42 39.84
C LEU B 170 5.95 -7.85 40.14
N TYR B 171 6.93 -8.75 40.25
CA TYR B 171 8.31 -8.36 40.54
C TYR B 171 9.14 -8.43 39.28
N ILE B 172 9.88 -7.36 38.99
CA ILE B 172 10.80 -7.30 37.87
C ILE B 172 12.21 -7.26 38.45
N TRP B 173 13.05 -8.20 38.02
CA TRP B 173 14.42 -8.30 38.50
C TRP B 173 15.31 -8.64 37.32
N GLY B 174 16.63 -8.68 37.57
CA GLY B 174 17.57 -8.89 36.49
C GLY B 174 18.84 -9.58 36.94
N VAL B 175 19.68 -9.91 35.97
CA VAL B 175 21.00 -10.49 36.19
C VAL B 175 22.00 -9.75 35.31
N HIS B 176 23.14 -9.37 35.89
CA HIS B 176 24.15 -8.60 35.18
C HIS B 176 25.18 -9.53 34.58
N HIS B 177 25.46 -9.35 33.29
CA HIS B 177 26.46 -10.15 32.57
C HIS B 177 27.69 -9.30 32.30
N PRO B 178 28.77 -9.47 33.07
CA PRO B 178 29.97 -8.66 32.84
C PRO B 178 30.65 -9.03 31.53
N SER B 179 31.60 -8.18 31.13
CA SER B 179 32.35 -8.36 29.90
C SER B 179 33.63 -9.16 30.12
N THR B 180 34.38 -8.85 31.17
CA THR B 180 35.64 -9.50 31.48
C THR B 180 35.59 -10.12 32.87
N ASP B 181 36.59 -10.96 33.16
CA ASP B 181 36.67 -11.60 34.45
C ASP B 181 37.07 -10.63 35.55
N ARG B 182 37.93 -9.66 35.23
CA ARG B 182 38.27 -8.64 36.22
C ARG B 182 37.05 -7.80 36.58
N GLU B 183 36.21 -7.50 35.59
CA GLU B 183 34.94 -6.82 35.87
C GLU B 183 34.05 -7.65 36.78
N GLN B 184 33.98 -8.96 36.51
CA GLN B 184 33.15 -9.84 37.33
C GLN B 184 33.58 -9.82 38.79
N THR B 185 34.89 -9.78 39.04
CA THR B 185 35.39 -9.81 40.41
C THR B 185 35.47 -8.44 41.04
N ASN B 186 35.70 -7.38 40.25
CA ASN B 186 35.73 -6.04 40.82
C ASN B 186 34.35 -5.62 41.32
N LEU B 187 33.29 -6.17 40.76
CA LEU B 187 31.92 -5.83 41.13
C LEU B 187 31.30 -6.79 42.13
N TYR B 188 31.58 -8.09 42.02
CA TYR B 188 30.87 -9.09 42.79
C TYR B 188 31.77 -10.06 43.52
N VAL B 189 33.08 -9.76 43.64
CA VAL B 189 34.02 -10.56 44.41
C VAL B 189 34.13 -11.97 43.83
N ARG B 190 33.01 -12.68 43.76
CA ARG B 190 33.02 -14.05 43.25
C ARG B 190 33.29 -14.06 41.74
N ALA B 191 33.85 -15.18 41.28
CA ALA B 191 34.24 -15.36 39.89
C ALA B 191 33.09 -15.75 38.97
N SER B 192 31.94 -16.14 39.52
CA SER B 192 30.81 -16.50 38.68
C SER B 192 29.51 -15.85 39.14
N GLY B 193 28.97 -16.27 40.29
CA GLY B 193 27.72 -15.72 40.77
C GLY B 193 26.48 -16.48 40.36
N ARG B 194 25.57 -16.72 41.30
CA ARG B 194 24.26 -17.30 41.06
C ARG B 194 23.15 -16.35 41.51
N VAL B 195 22.02 -16.37 40.81
CA VAL B 195 20.83 -15.63 41.21
C VAL B 195 19.63 -16.56 41.17
N THR B 196 18.95 -16.73 42.30
CA THR B 196 17.78 -17.60 42.40
C THR B 196 16.63 -16.84 43.03
N VAL B 197 15.54 -16.69 42.29
CA VAL B 197 14.31 -16.07 42.78
C VAL B 197 13.21 -17.12 42.74
N SER B 198 12.61 -17.40 43.88
CA SER B 198 11.66 -18.50 44.01
C SER B 198 10.50 -18.10 44.92
N THR B 199 9.39 -18.80 44.76
CA THR B 199 8.27 -18.72 45.68
C THR B 199 7.98 -20.11 46.25
N LYS B 200 6.78 -20.32 46.78
CA LYS B 200 6.40 -21.65 47.22
C LYS B 200 6.03 -22.57 46.06
N ARG B 201 5.72 -22.01 44.89
CA ARG B 201 5.26 -22.79 43.76
C ARG B 201 6.15 -22.71 42.53
N SER B 202 7.18 -21.86 42.54
CA SER B 202 8.05 -21.72 41.38
C SER B 202 9.45 -21.35 41.83
N GLN B 203 10.40 -21.56 40.94
CA GLN B 203 11.79 -21.20 41.18
C GLN B 203 12.44 -20.84 39.84
N GLN B 204 13.30 -19.83 39.87
CA GLN B 204 14.04 -19.40 38.68
C GLN B 204 15.48 -19.15 39.08
N THR B 205 16.41 -19.87 38.47
CA THR B 205 17.83 -19.69 38.72
C THR B 205 18.52 -19.30 37.42
N VAL B 206 19.29 -18.22 37.46
CA VAL B 206 20.01 -17.72 36.29
C VAL B 206 21.49 -17.66 36.62
N ILE B 207 22.31 -18.11 35.68
CA ILE B 207 23.77 -18.06 35.79
C ILE B 207 24.27 -16.96 34.86
N PRO B 208 24.99 -15.96 35.36
CA PRO B 208 25.56 -14.94 34.47
C PRO B 208 26.55 -15.53 33.50
N ASN B 209 26.68 -14.88 32.35
CA ASN B 209 27.62 -15.26 31.31
C ASN B 209 28.57 -14.10 31.07
N ILE B 210 29.85 -14.32 31.31
CA ILE B 210 30.87 -13.29 31.15
C ILE B 210 31.43 -13.38 29.74
N GLY B 211 31.56 -12.25 29.07
CA GLY B 211 32.10 -12.24 27.73
C GLY B 211 31.85 -10.94 27.01
N SER B 212 32.68 -10.69 26.01
CA SER B 212 32.59 -9.49 25.20
C SER B 212 31.39 -9.58 24.26
N ARG B 213 30.51 -8.60 24.33
CA ARG B 213 29.39 -8.42 23.41
C ARG B 213 29.57 -7.09 22.70
N PRO B 214 28.99 -6.93 21.50
CA PRO B 214 29.21 -5.70 20.73
C PRO B 214 28.85 -4.46 21.54
N TRP B 215 29.62 -3.40 21.35
CA TRP B 215 29.41 -2.16 22.09
C TRP B 215 28.05 -1.58 21.79
N VAL B 216 27.30 -1.27 22.85
CA VAL B 216 26.02 -0.59 22.75
C VAL B 216 26.05 0.58 23.73
N ARG B 217 26.04 1.80 23.21
CA ARG B 217 26.14 3.01 24.01
C ARG B 217 27.35 2.97 24.93
N GLY B 218 28.47 2.47 24.40
CA GLY B 218 29.73 2.48 25.09
C GLY B 218 30.01 1.29 25.98
N LEU B 219 29.08 0.35 26.12
CA LEU B 219 29.21 -0.76 27.04
C LEU B 219 29.15 -2.09 26.30
N SER B 220 29.99 -3.03 26.73
CA SER B 220 29.97 -4.39 26.24
C SER B 220 29.19 -5.34 27.15
N SER B 221 28.81 -4.90 28.34
CA SER B 221 28.05 -5.71 29.27
C SER B 221 26.55 -5.58 29.01
N ARG B 222 25.79 -6.52 29.56
CA ARG B 222 24.35 -6.56 29.37
C ARG B 222 23.66 -6.90 30.68
N ILE B 223 22.32 -6.85 30.64
CA ILE B 223 21.47 -7.23 31.76
C ILE B 223 20.27 -7.97 31.19
N SER B 224 20.00 -9.16 31.74
CA SER B 224 18.86 -9.95 31.33
C SER B 224 17.72 -9.75 32.33
N ILE B 225 16.54 -9.44 31.81
CA ILE B 225 15.38 -9.08 32.63
C ILE B 225 14.49 -10.30 32.80
N TYR B 226 14.02 -10.51 34.03
CA TYR B 226 13.13 -11.61 34.37
C TYR B 226 12.00 -11.07 35.25
N TRP B 227 10.94 -11.87 35.38
CA TRP B 227 9.79 -11.45 36.16
C TRP B 227 9.26 -12.62 36.98
N THR B 228 8.56 -12.29 38.06
CA THR B 228 7.98 -13.27 38.97
C THR B 228 6.73 -12.67 39.60
N ILE B 229 5.63 -13.42 39.58
CA ILE B 229 4.38 -13.01 40.19
C ILE B 229 4.21 -13.75 41.51
N VAL B 230 3.91 -13.02 42.57
CA VAL B 230 3.72 -13.59 43.90
C VAL B 230 2.26 -13.43 44.29
N LYS B 231 1.58 -14.55 44.53
CA LYS B 231 0.18 -14.54 44.90
C LYS B 231 0.01 -14.18 46.36
N PRO B 232 -1.19 -13.74 46.76
CA PRO B 232 -1.45 -13.52 48.19
C PRO B 232 -1.22 -14.78 49.00
N GLY B 233 -0.60 -14.62 50.16
CA GLY B 233 -0.20 -15.74 50.99
C GLY B 233 1.12 -16.38 50.60
N ASP B 234 1.58 -16.18 49.38
CA ASP B 234 2.86 -16.69 48.93
C ASP B 234 3.99 -15.76 49.36
N ILE B 235 5.22 -16.23 49.21
CA ILE B 235 6.40 -15.53 49.70
C ILE B 235 7.42 -15.43 48.57
N LEU B 236 7.99 -14.24 48.39
CA LEU B 236 9.10 -14.04 47.46
C LEU B 236 10.42 -14.19 48.21
N LEU B 237 11.31 -15.02 47.67
CA LEU B 237 12.63 -15.25 48.27
C LEU B 237 13.69 -15.03 47.20
N ILE B 238 14.62 -14.11 47.47
CA ILE B 238 15.68 -13.75 46.55
C ILE B 238 17.00 -14.20 47.16
N ASN B 239 17.70 -15.09 46.45
CA ASN B 239 18.98 -15.62 46.90
C ASN B 239 20.01 -15.38 45.80
N SER B 240 21.14 -14.78 46.16
CA SER B 240 22.11 -14.38 45.14
C SER B 240 23.53 -14.48 45.68
N ILE B 241 24.43 -15.01 44.83
CA ILE B 241 25.86 -14.98 45.09
C ILE B 241 26.52 -13.79 44.38
N GLY B 242 25.88 -13.23 43.37
CA GLY B 242 26.43 -12.08 42.68
C GLY B 242 25.63 -11.80 41.43
N ASN B 243 25.86 -10.61 40.88
CA ASN B 243 25.27 -10.15 39.63
C ASN B 243 23.76 -9.94 39.73
N LEU B 244 23.23 -9.78 40.95
CA LEU B 244 21.80 -9.56 41.11
C LEU B 244 21.45 -8.12 40.82
N ILE B 245 20.47 -7.92 39.94
CA ILE B 245 19.84 -6.62 39.74
C ILE B 245 18.51 -6.70 40.49
N ALA B 246 18.47 -6.12 41.68
CA ALA B 246 17.38 -6.36 42.60
C ALA B 246 16.18 -5.47 42.28
N PRO B 247 14.97 -5.91 42.64
CA PRO B 247 13.81 -5.02 42.54
C PRO B 247 13.72 -4.09 43.75
N ARG B 248 13.15 -2.91 43.51
CA ARG B 248 12.87 -1.97 44.57
C ARG B 248 11.45 -2.09 45.11
N GLY B 249 10.67 -3.03 44.56
CA GLY B 249 9.28 -3.20 44.96
C GLY B 249 8.55 -4.07 43.96
N TYR B 250 7.26 -3.82 43.84
CA TYR B 250 6.42 -4.60 42.93
C TYR B 250 5.48 -3.67 42.18
N PHE B 251 5.01 -4.15 41.03
CA PHE B 251 3.97 -3.50 40.26
C PHE B 251 2.63 -4.16 40.59
N LYS B 252 1.61 -3.35 40.80
CA LYS B 252 0.26 -3.89 40.90
C LYS B 252 -0.16 -4.44 39.55
N ILE B 253 -0.44 -5.73 39.49
CA ILE B 253 -0.85 -6.40 38.27
C ILE B 253 -2.36 -6.63 38.32
N ARG B 254 -3.06 -6.22 37.27
CA ARG B 254 -4.51 -6.27 37.23
C ARG B 254 -4.97 -7.17 36.08
N THR B 255 -6.29 -7.39 36.03
CA THR B 255 -6.94 -8.07 34.94
C THR B 255 -7.94 -7.09 34.33
N GLY B 256 -7.64 -6.59 33.14
CA GLY B 256 -8.49 -5.59 32.53
C GLY B 256 -8.61 -5.73 31.03
N LYS B 257 -9.18 -4.71 30.39
CA LYS B 257 -9.39 -4.69 28.95
C LYS B 257 -8.27 -3.95 28.21
N SER B 258 -7.13 -3.76 28.86
CA SER B 258 -6.06 -2.96 28.26
C SER B 258 -5.24 -3.79 27.30
N SER B 259 -4.55 -3.09 26.39
CA SER B 259 -3.74 -3.73 25.37
C SER B 259 -2.68 -2.73 24.92
N ILE B 260 -1.93 -3.11 23.89
CA ILE B 260 -0.86 -2.28 23.34
C ILE B 260 -0.93 -2.37 21.82
N MET B 261 -0.54 -1.28 21.16
CA MET B 261 -0.61 -1.22 19.70
C MET B 261 0.55 -0.39 19.17
N ARG B 262 1.20 -0.90 18.12
CA ARG B 262 2.25 -0.16 17.42
C ARG B 262 1.59 0.71 16.34
N SER B 263 1.76 2.02 16.43
CA SER B 263 1.16 2.93 15.47
C SER B 263 1.86 4.28 15.54
N ASP B 264 1.96 4.92 14.38
CA ASP B 264 2.47 6.28 14.28
C ASP B 264 1.36 7.30 14.05
N ALA B 265 0.10 6.89 14.12
CA ALA B 265 -1.00 7.81 13.91
C ALA B 265 -1.05 8.84 15.04
N PRO B 266 -1.34 10.10 14.74
CA PRO B 266 -1.42 11.10 15.81
C PRO B 266 -2.69 10.92 16.63
N ILE B 267 -2.62 11.38 17.87
CA ILE B 267 -3.78 11.34 18.77
C ILE B 267 -4.63 12.57 18.53
N GLY B 268 -5.95 12.37 18.46
CA GLY B 268 -6.87 13.46 18.18
C GLY B 268 -7.94 13.55 19.24
N THR B 269 -8.54 14.73 19.32
CA THR B 269 -9.64 14.98 20.27
C THR B 269 -10.95 14.66 19.57
N CYS B 270 -11.29 13.37 19.56
CA CYS B 270 -12.55 12.89 19.01
C CYS B 270 -12.97 11.65 19.79
N SER B 271 -14.10 11.08 19.39
CA SER B 271 -14.64 9.88 20.04
C SER B 271 -14.90 8.83 18.99
N SER B 272 -14.31 7.64 19.17
CA SER B 272 -14.51 6.53 18.25
C SER B 272 -14.23 5.23 19.00
N GLU B 273 -15.15 4.27 18.89
CA GLU B 273 -15.03 3.02 19.63
C GLU B 273 -13.94 2.10 19.08
N CYS B 274 -13.57 2.26 17.81
CA CYS B 274 -12.66 1.35 17.14
C CYS B 274 -11.34 2.05 16.81
N ILE B 275 -10.23 1.38 17.11
CA ILE B 275 -8.89 1.92 16.86
C ILE B 275 -8.09 0.90 16.07
N THR B 276 -7.43 1.36 15.02
CA THR B 276 -6.50 0.56 14.23
C THR B 276 -5.18 1.30 14.17
N PRO B 277 -4.09 0.62 13.80
CA PRO B 277 -2.81 1.32 13.63
C PRO B 277 -2.84 2.43 12.61
N ASN B 278 -3.83 2.46 11.71
CA ASN B 278 -3.95 3.56 10.75
C ASN B 278 -4.79 4.70 11.34
N GLY B 279 -5.36 4.50 12.52
CA GLY B 279 -6.22 5.47 13.15
C GLY B 279 -7.59 4.88 13.45
N SER B 280 -8.39 5.67 14.16
CA SER B 280 -9.75 5.26 14.48
C SER B 280 -10.59 5.18 13.21
N ILE B 281 -11.49 4.20 13.17
CA ILE B 281 -12.39 4.04 12.03
C ILE B 281 -13.82 3.95 12.57
N PRO B 282 -14.81 4.37 11.79
CA PRO B 282 -16.20 4.21 12.23
C PRO B 282 -16.61 2.75 12.29
N ASN B 283 -17.61 2.48 13.12
CA ASN B 283 -18.19 1.15 13.25
C ASN B 283 -19.64 1.13 12.80
N ASP B 284 -19.98 1.94 11.79
CA ASP B 284 -21.31 1.93 11.20
C ASP B 284 -21.50 0.79 10.20
N LYS B 285 -20.40 0.20 9.70
CA LYS B 285 -20.45 -0.90 8.76
C LYS B 285 -20.05 -2.21 9.44
N PRO B 286 -20.56 -3.34 8.98
CA PRO B 286 -20.24 -4.62 9.65
C PRO B 286 -18.83 -5.11 9.39
N PHE B 287 -18.18 -4.67 8.31
CA PHE B 287 -16.86 -5.16 7.94
C PHE B 287 -15.95 -3.99 7.64
N GLN B 288 -14.65 -4.24 7.74
CA GLN B 288 -13.64 -3.21 7.49
C GLN B 288 -12.44 -3.81 6.80
N ASN B 289 -11.71 -2.95 6.06
CA ASN B 289 -10.54 -3.34 5.29
C ASN B 289 -9.34 -2.47 5.63
N VAL B 290 -9.38 -1.76 6.76
CA VAL B 290 -8.30 -0.84 7.11
C VAL B 290 -7.09 -1.60 7.65
N ASN B 291 -7.30 -2.40 8.69
CA ASN B 291 -6.20 -3.13 9.31
C ASN B 291 -6.76 -4.30 10.12
N LYS B 292 -6.05 -5.42 10.07
CA LYS B 292 -6.43 -6.58 10.88
C LYS B 292 -6.16 -6.37 12.36
N ILE B 293 -5.31 -5.41 12.70
CA ILE B 293 -5.04 -5.07 14.10
C ILE B 293 -6.07 -4.03 14.54
N THR B 294 -6.89 -4.40 15.53
CA THR B 294 -7.95 -3.53 16.01
C THR B 294 -8.00 -3.57 17.52
N TYR B 295 -8.67 -2.56 18.09
CA TYR B 295 -8.94 -2.50 19.52
C TYR B 295 -10.28 -1.83 19.72
N GLY B 296 -11.10 -2.42 20.57
CA GLY B 296 -12.42 -1.88 20.85
C GLY B 296 -13.51 -2.48 20.00
N ALA B 297 -14.67 -1.83 20.02
CA ALA B 297 -15.83 -2.25 19.24
C ALA B 297 -15.61 -1.92 17.77
N CYS B 298 -15.33 -2.93 16.96
CA CYS B 298 -14.87 -2.75 15.60
C CYS B 298 -15.68 -3.60 14.63
N PRO B 299 -15.73 -3.18 13.36
CA PRO B 299 -16.16 -4.11 12.31
C PRO B 299 -15.13 -5.22 12.14
N ARG B 300 -15.57 -6.33 11.56
CA ARG B 300 -14.69 -7.47 11.37
C ARG B 300 -13.85 -7.29 10.11
N TYR B 301 -12.57 -7.64 10.22
CA TYR B 301 -11.63 -7.45 9.12
C TYR B 301 -11.87 -8.52 8.04
N VAL B 302 -11.99 -8.07 6.80
CA VAL B 302 -12.12 -8.95 5.65
C VAL B 302 -11.10 -8.53 4.60
N LYS B 303 -10.92 -9.40 3.60
CA LYS B 303 -9.96 -9.15 2.53
C LYS B 303 -10.53 -8.31 1.40
N GLN B 304 -11.83 -8.35 1.18
CA GLN B 304 -12.44 -7.56 0.11
C GLN B 304 -12.37 -6.08 0.45
N ASN B 305 -12.09 -5.26 -0.56
CA ASN B 305 -12.07 -3.81 -0.36
C ASN B 305 -13.45 -3.17 -0.52
N THR B 306 -14.41 -3.89 -1.12
CA THR B 306 -15.75 -3.35 -1.28
C THR B 306 -16.76 -4.50 -1.32
N LEU B 307 -17.92 -4.28 -0.68
CA LEU B 307 -19.02 -5.24 -0.71
C LEU B 307 -20.31 -4.44 -0.72
N LYS B 308 -20.97 -4.39 -1.87
CA LYS B 308 -22.14 -3.52 -2.05
C LYS B 308 -23.41 -4.30 -1.73
N LEU B 309 -24.19 -3.78 -0.78
CA LEU B 309 -25.46 -4.36 -0.39
C LEU B 309 -26.59 -3.63 -1.10
N ALA B 310 -27.37 -4.37 -1.88
CA ALA B 310 -28.49 -3.76 -2.59
C ALA B 310 -29.53 -3.22 -1.62
N THR B 311 -29.90 -1.95 -1.80
CA THR B 311 -30.92 -1.31 -0.97
C THR B 311 -32.13 -0.87 -1.79
N GLY B 312 -32.23 -1.30 -3.05
CA GLY B 312 -33.37 -1.03 -3.88
C GLY B 312 -33.59 -2.20 -4.81
N MET B 313 -34.66 -2.12 -5.60
CA MET B 313 -34.95 -3.22 -6.49
C MET B 313 -33.99 -3.22 -7.67
N ARG B 314 -34.09 -4.26 -8.49
CA ARG B 314 -33.28 -4.37 -9.68
C ARG B 314 -33.69 -3.30 -10.69
N ASN B 315 -32.71 -2.54 -11.19
CA ASN B 315 -32.99 -1.41 -12.08
C ASN B 315 -33.17 -1.90 -13.52
N VAL B 316 -34.38 -1.72 -14.04
CA VAL B 316 -34.73 -2.10 -15.41
C VAL B 316 -34.99 -0.83 -16.19
N PRO B 317 -34.18 -0.51 -17.21
CA PRO B 317 -34.38 0.74 -17.95
C PRO B 317 -35.68 0.73 -18.72
N GLU B 318 -36.28 1.91 -18.84
CA GLU B 318 -37.57 2.01 -19.52
C GLU B 318 -37.41 1.82 -21.01
N LYS B 319 -38.27 0.98 -21.58
CA LYS B 319 -38.31 0.73 -23.00
C LYS B 319 -39.31 1.63 -23.73
N ILE B 328 -49.09 3.38 -22.91
CA ILE B 328 -48.50 3.08 -21.61
C ILE B 328 -48.21 1.59 -21.49
N ALA B 329 -47.25 1.24 -20.64
CA ALA B 329 -46.84 -0.14 -20.45
C ALA B 329 -46.61 -0.40 -18.97
N GLY B 330 -46.71 -1.67 -18.59
CA GLY B 330 -46.56 -2.09 -17.21
C GLY B 330 -45.13 -2.44 -16.86
N PHE B 331 -44.99 -3.23 -15.79
CA PHE B 331 -43.68 -3.54 -15.23
C PHE B 331 -42.98 -4.69 -15.92
N ILE B 332 -43.64 -5.38 -16.85
CA ILE B 332 -43.05 -6.53 -17.52
C ILE B 332 -41.89 -6.03 -18.38
N GLU B 333 -40.67 -6.28 -17.91
CA GLU B 333 -39.45 -5.84 -18.59
C GLU B 333 -39.46 -4.32 -18.83
N ASN B 334 -39.91 -3.57 -17.81
CA ASN B 334 -40.04 -2.11 -17.93
C ASN B 334 -39.99 -1.49 -16.55
N GLY B 335 -39.06 -0.57 -16.35
CA GLY B 335 -39.09 0.24 -15.15
C GLY B 335 -39.57 1.63 -15.52
N TRP B 336 -40.11 2.36 -14.55
CA TRP B 336 -40.66 3.69 -14.78
C TRP B 336 -39.66 4.71 -14.21
N GLU B 337 -38.87 5.31 -15.10
CA GLU B 337 -37.91 6.32 -14.66
C GLU B 337 -38.59 7.64 -14.29
N GLY B 338 -39.86 7.81 -14.66
CA GLY B 338 -40.60 9.02 -14.32
C GLY B 338 -41.28 9.00 -12.97
N MET B 339 -41.31 7.86 -12.29
CA MET B 339 -41.95 7.75 -10.99
C MET B 339 -40.89 7.99 -9.91
N VAL B 340 -40.94 9.18 -9.30
CA VAL B 340 -39.96 9.56 -8.30
C VAL B 340 -40.55 9.64 -6.90
N ASP B 341 -41.86 9.59 -6.75
CA ASP B 341 -42.51 9.68 -5.45
C ASP B 341 -42.87 8.32 -4.88
N GLY B 342 -42.32 7.24 -5.42
CA GLY B 342 -42.63 5.92 -4.91
C GLY B 342 -41.94 4.86 -5.72
N TRP B 343 -41.87 3.66 -5.13
CA TRP B 343 -41.24 2.51 -5.79
C TRP B 343 -42.20 1.77 -6.70
N TYR B 344 -43.50 1.79 -6.39
CA TYR B 344 -44.52 1.13 -7.20
C TYR B 344 -45.69 2.09 -7.39
N GLY B 345 -46.39 1.94 -8.51
CA GLY B 345 -47.47 2.87 -8.79
C GLY B 345 -48.36 2.39 -9.92
N PHE B 346 -49.30 3.25 -10.30
CA PHE B 346 -50.28 2.98 -11.34
C PHE B 346 -50.17 4.01 -12.45
N ARG B 347 -50.24 3.53 -13.69
CA ARG B 347 -50.42 4.38 -14.87
C ARG B 347 -51.70 3.96 -15.57
N HIS B 348 -52.54 4.94 -15.90
CA HIS B 348 -53.84 4.66 -16.48
C HIS B 348 -54.10 5.54 -17.69
N GLN B 349 -55.11 5.14 -18.47
CA GLN B 349 -55.60 5.95 -19.59
C GLN B 349 -57.09 5.71 -19.73
N ASN B 350 -57.87 6.79 -19.63
CA ASN B 350 -59.33 6.71 -19.79
C ASN B 350 -59.77 7.83 -20.73
N SER B 351 -61.05 8.18 -20.66
CA SER B 351 -61.59 9.25 -21.50
C SER B 351 -61.10 10.63 -21.06
N GLU B 352 -60.73 10.79 -19.80
CA GLU B 352 -60.31 12.08 -19.27
C GLU B 352 -58.80 12.29 -19.35
N GLY B 353 -58.07 11.37 -19.99
CA GLY B 353 -56.64 11.51 -20.17
C GLY B 353 -55.88 10.38 -19.49
N THR B 354 -54.63 10.67 -19.15
CA THR B 354 -53.74 9.73 -18.50
C THR B 354 -53.28 10.29 -17.17
N GLY B 355 -52.76 9.40 -16.31
CA GLY B 355 -52.28 9.82 -15.02
C GLY B 355 -51.35 8.80 -14.40
N GLN B 356 -50.66 9.23 -13.35
CA GLN B 356 -49.72 8.38 -12.64
C GLN B 356 -49.79 8.69 -11.15
N ALA B 357 -49.82 7.63 -10.34
CA ALA B 357 -49.84 7.76 -8.90
C ALA B 357 -49.05 6.61 -8.29
N ALA B 358 -48.33 6.90 -7.22
CA ALA B 358 -47.55 5.89 -6.52
C ALA B 358 -48.41 5.18 -5.47
N ASP B 359 -47.98 3.97 -5.10
CA ASP B 359 -48.64 3.18 -4.08
C ASP B 359 -47.79 3.21 -2.81
N LEU B 360 -48.29 3.86 -1.76
CA LEU B 360 -47.49 4.09 -0.57
C LEU B 360 -47.30 2.82 0.24
N LYS B 361 -48.32 1.96 0.30
CA LYS B 361 -48.26 0.78 1.15
C LYS B 361 -47.17 -0.18 0.68
N SER B 362 -47.19 -0.53 -0.61
CA SER B 362 -46.19 -1.45 -1.15
C SER B 362 -44.80 -0.82 -1.14
N THR B 363 -44.71 0.50 -1.33
CA THR B 363 -43.42 1.16 -1.26
C THR B 363 -42.83 1.08 0.15
N GLN B 364 -43.65 1.34 1.16
CA GLN B 364 -43.16 1.22 2.54
C GLN B 364 -42.87 -0.22 2.92
N ALA B 365 -43.63 -1.18 2.37
CA ALA B 365 -43.39 -2.58 2.69
C ALA B 365 -42.03 -3.05 2.20
N ALA B 366 -41.55 -2.50 1.08
CA ALA B 366 -40.25 -2.88 0.57
C ALA B 366 -39.13 -2.14 1.30
N ILE B 367 -39.35 -0.87 1.64
CA ILE B 367 -38.35 -0.10 2.35
C ILE B 367 -38.16 -0.63 3.77
N ASP B 368 -39.25 -1.04 4.42
CA ASP B 368 -39.16 -1.53 5.79
C ASP B 368 -38.37 -2.83 5.86
N GLN B 369 -38.55 -3.72 4.88
CA GLN B 369 -37.78 -4.97 4.87
C GLN B 369 -36.30 -4.72 4.65
N ILE B 370 -35.96 -3.71 3.86
CA ILE B 370 -34.56 -3.39 3.61
C ILE B 370 -33.94 -2.70 4.83
N ASN B 371 -34.69 -1.78 5.44
CA ASN B 371 -34.21 -1.18 6.69
C ASN B 371 -34.10 -2.21 7.80
N GLY B 372 -34.90 -3.27 7.76
CA GLY B 372 -34.80 -4.30 8.79
C GLY B 372 -33.53 -5.10 8.68
N LYS B 373 -33.18 -5.54 7.46
CA LYS B 373 -31.91 -6.25 7.28
C LYS B 373 -30.73 -5.34 7.56
N LEU B 374 -30.83 -4.06 7.18
CA LEU B 374 -29.76 -3.11 7.47
C LEU B 374 -29.53 -3.01 8.97
N ASN B 375 -30.61 -2.90 9.74
CA ASN B 375 -30.48 -2.85 11.20
C ASN B 375 -29.91 -4.16 11.73
N ARG B 376 -30.19 -5.29 11.09
CA ARG B 376 -29.64 -6.56 11.55
C ARG B 376 -28.16 -6.75 11.21
N LEU B 377 -27.61 -5.90 10.34
CA LEU B 377 -26.20 -6.07 9.98
C LEU B 377 -25.27 -5.29 10.89
N ILE B 378 -25.82 -4.44 11.76
CA ILE B 378 -25.05 -3.67 12.72
C ILE B 378 -25.44 -4.14 14.12
N GLU B 379 -25.49 -5.46 14.30
CA GLU B 379 -25.74 -6.01 15.62
C GLU B 379 -24.37 -6.33 16.21
N LYS B 380 -24.17 -5.92 17.46
CA LYS B 380 -22.84 -5.90 18.07
C LYS B 380 -22.25 -7.29 18.04
N THR B 381 -21.30 -7.49 17.14
CA THR B 381 -20.61 -8.76 16.97
C THR B 381 -19.24 -8.84 17.64
N ASN B 382 -18.40 -7.82 17.45
CA ASN B 382 -16.96 -7.90 17.73
C ASN B 382 -16.41 -6.77 18.60
N GLU B 383 -16.32 -6.97 19.92
CA GLU B 383 -15.60 -6.01 20.78
C GLU B 383 -14.44 -6.72 21.46
N LYS B 384 -13.23 -6.52 20.93
CA LYS B 384 -12.02 -7.20 21.37
C LYS B 384 -11.03 -6.21 22.00
N PHE B 385 -10.18 -6.75 22.87
CA PHE B 385 -9.17 -5.93 23.54
C PHE B 385 -7.77 -6.49 23.30
N HIS B 386 -7.15 -7.08 24.33
CA HIS B 386 -5.83 -7.68 24.12
C HIS B 386 -5.97 -8.99 23.35
N GLN B 387 -5.31 -9.06 22.20
CA GLN B 387 -5.36 -10.25 21.36
CA GLN B 387 -5.35 -10.26 21.36
C GLN B 387 -3.95 -10.81 21.18
N ILE B 388 -3.65 -11.33 19.99
CA ILE B 388 -2.31 -11.77 19.66
C ILE B 388 -1.69 -10.72 18.77
N GLU B 389 -0.36 -10.77 18.67
CA GLU B 389 0.33 -9.90 17.72
C GLU B 389 0.14 -10.41 16.31
N LYS B 390 0.07 -9.49 15.35
CA LYS B 390 -0.23 -9.83 13.97
C LYS B 390 0.80 -9.32 12.97
N GLU B 391 1.76 -8.49 13.40
CA GLU B 391 2.91 -8.13 12.60
C GLU B 391 4.17 -8.42 13.39
N PHE B 392 5.26 -8.74 12.69
CA PHE B 392 6.49 -9.18 13.35
C PHE B 392 7.69 -8.60 12.64
N SER B 393 8.67 -8.14 13.43
CA SER B 393 9.87 -7.52 12.90
C SER B 393 11.09 -8.44 12.92
N GLU B 394 10.97 -9.64 13.49
CA GLU B 394 12.06 -10.61 13.49
C GLU B 394 11.53 -11.97 13.09
N VAL B 395 12.43 -12.81 12.60
CA VAL B 395 12.11 -14.18 12.24
C VAL B 395 12.24 -15.06 13.48
N GLU B 396 11.20 -15.83 13.77
CA GLU B 396 11.15 -16.65 14.98
C GLU B 396 10.91 -18.12 14.71
N GLY B 397 10.07 -18.45 13.73
CA GLY B 397 9.80 -19.84 13.40
C GLY B 397 8.47 -20.36 13.89
N ARG B 398 8.51 -21.42 14.70
CA ARG B 398 7.32 -22.23 14.96
C ARG B 398 6.19 -21.42 15.58
N ILE B 399 6.48 -20.70 16.66
CA ILE B 399 5.44 -19.95 17.37
CA ILE B 399 5.44 -19.94 17.37
C ILE B 399 4.86 -18.86 16.46
N GLN B 400 5.73 -18.16 15.74
CA GLN B 400 5.26 -17.09 14.85
C GLN B 400 4.49 -17.66 13.66
N ASP B 401 4.93 -18.80 13.13
CA ASP B 401 4.19 -19.46 12.06
C ASP B 401 2.75 -19.74 12.49
N LEU B 402 2.56 -20.23 13.72
CA LEU B 402 1.23 -20.55 14.20
C LEU B 402 0.40 -19.28 14.40
N GLU B 403 1.03 -18.21 14.90
CA GLU B 403 0.31 -16.95 15.10
C GLU B 403 -0.17 -16.36 13.79
N LYS B 404 0.68 -16.37 12.76
CA LYS B 404 0.27 -15.87 11.45
C LYS B 404 -0.81 -16.77 10.86
N TYR B 405 -0.65 -18.09 11.02
CA TYR B 405 -1.61 -19.04 10.45
C TYR B 405 -2.99 -18.88 11.09
N VAL B 406 -3.04 -18.67 12.40
CA VAL B 406 -4.31 -18.48 13.09
C VAL B 406 -5.04 -17.27 12.52
N GLU B 407 -4.32 -16.15 12.39
CA GLU B 407 -4.96 -14.92 11.91
C GLU B 407 -5.36 -15.04 10.46
N ASP B 408 -4.52 -15.66 9.63
CA ASP B 408 -4.85 -15.82 8.21
C ASP B 408 -6.03 -16.78 8.03
N THR B 409 -6.09 -17.83 8.86
CA THR B 409 -7.26 -18.71 8.84
C THR B 409 -8.52 -17.94 9.24
N LYS B 410 -8.41 -17.09 10.26
CA LYS B 410 -9.58 -16.34 10.74
C LYS B 410 -10.09 -15.37 9.67
N ILE B 411 -9.16 -14.65 9.03
CA ILE B 411 -9.56 -13.63 8.05
C ILE B 411 -10.23 -14.28 6.84
N ASP B 412 -9.72 -15.42 6.40
CA ASP B 412 -10.33 -16.11 5.26
C ASP B 412 -11.73 -16.60 5.57
N LEU B 413 -12.00 -16.96 6.83
CA LEU B 413 -13.33 -17.45 7.19
C LEU B 413 -14.34 -16.31 7.29
N TRP B 414 -13.93 -15.15 7.79
CA TRP B 414 -14.84 -14.01 7.85
C TRP B 414 -15.01 -13.34 6.49
N SER B 415 -13.97 -13.39 5.65
CA SER B 415 -14.14 -12.93 4.28
C SER B 415 -15.16 -13.78 3.52
N TYR B 416 -15.15 -15.09 3.76
CA TYR B 416 -16.15 -15.95 3.15
C TYR B 416 -17.54 -15.65 3.71
N ASN B 417 -17.64 -15.46 5.02
CA ASN B 417 -18.93 -15.11 5.62
C ASN B 417 -19.49 -13.83 5.01
N ALA B 418 -18.64 -12.80 4.91
CA ALA B 418 -19.07 -11.52 4.34
C ALA B 418 -19.50 -11.70 2.88
N GLU B 419 -18.75 -12.47 2.12
CA GLU B 419 -19.08 -12.69 0.71
C GLU B 419 -20.42 -13.39 0.57
N LEU B 420 -20.63 -14.47 1.33
CA LEU B 420 -21.88 -15.22 1.23
C LEU B 420 -23.05 -14.41 1.77
N LEU B 421 -22.82 -13.67 2.87
CA LEU B 421 -23.91 -12.91 3.49
C LEU B 421 -24.47 -11.88 2.54
N VAL B 422 -23.59 -11.11 1.87
CA VAL B 422 -24.06 -10.05 0.98
C VAL B 422 -24.77 -10.65 -0.23
N ALA B 423 -24.24 -11.75 -0.77
CA ALA B 423 -24.90 -12.40 -1.91
C ALA B 423 -26.26 -12.93 -1.53
N LEU B 424 -26.39 -13.49 -0.32
CA LEU B 424 -27.70 -13.97 0.14
C LEU B 424 -28.63 -12.82 0.43
N GLU B 425 -28.12 -11.75 1.05
CA GLU B 425 -28.95 -10.58 1.33
C GLU B 425 -29.42 -9.92 0.05
N ASN B 426 -28.53 -9.82 -0.95
CA ASN B 426 -28.92 -9.17 -2.20
C ASN B 426 -29.98 -9.98 -2.94
N GLN B 427 -29.82 -11.31 -2.99
CA GLN B 427 -30.82 -12.14 -3.65
C GLN B 427 -32.17 -12.02 -2.96
N HIS B 428 -32.18 -11.95 -1.62
CA HIS B 428 -33.43 -11.81 -0.88
C HIS B 428 -34.06 -10.44 -1.10
N THR B 429 -33.24 -9.39 -1.15
CA THR B 429 -33.76 -8.05 -1.44
C THR B 429 -34.37 -8.00 -2.82
N ILE B 430 -33.74 -8.66 -3.79
CA ILE B 430 -34.25 -8.73 -5.14
C ILE B 430 -35.56 -9.50 -5.19
N ASP B 431 -35.67 -10.59 -4.41
CA ASP B 431 -36.89 -11.39 -4.43
C ASP B 431 -38.04 -10.65 -3.75
N LEU B 432 -37.77 -9.96 -2.63
CA LEU B 432 -38.84 -9.26 -1.92
C LEU B 432 -39.35 -8.07 -2.71
N THR B 433 -38.48 -7.39 -3.45
CA THR B 433 -38.94 -6.26 -4.26
C THR B 433 -39.72 -6.73 -5.48
N ASP B 434 -39.38 -7.89 -6.03
CA ASP B 434 -40.18 -8.46 -7.11
C ASP B 434 -41.51 -8.98 -6.60
N SER B 435 -41.54 -9.48 -5.36
CA SER B 435 -42.80 -9.99 -4.80
C SER B 435 -43.76 -8.85 -4.46
N GLU B 436 -43.25 -7.71 -4.01
CA GLU B 436 -44.12 -6.56 -3.76
C GLU B 436 -44.75 -6.07 -5.05
N MET B 437 -44.04 -6.17 -6.18
CA MET B 437 -44.62 -5.80 -7.46
C MET B 437 -45.72 -6.77 -7.87
N ASN B 438 -45.50 -8.06 -7.62
CA ASN B 438 -46.50 -9.07 -7.98
C ASN B 438 -47.72 -8.99 -7.07
N LYS B 439 -47.52 -8.74 -5.77
CA LYS B 439 -48.65 -8.67 -4.86
C LYS B 439 -49.57 -7.50 -5.19
N LEU B 440 -48.99 -6.37 -5.59
CA LEU B 440 -49.82 -5.23 -5.99
C LEU B 440 -50.59 -5.53 -7.28
N PHE B 441 -49.99 -6.30 -8.19
CA PHE B 441 -50.69 -6.69 -9.40
C PHE B 441 -51.83 -7.67 -9.08
N GLU B 442 -51.57 -8.65 -8.21
CA GLU B 442 -52.62 -9.59 -7.83
C GLU B 442 -53.69 -8.94 -6.99
N LYS B 443 -53.32 -7.94 -6.17
CA LYS B 443 -54.31 -7.17 -5.43
C LYS B 443 -55.26 -6.43 -6.37
N THR B 444 -54.71 -5.87 -7.45
CA THR B 444 -55.56 -5.18 -8.42
C THR B 444 -56.40 -6.16 -9.22
N ARG B 445 -55.84 -7.34 -9.53
CA ARG B 445 -56.58 -8.34 -10.29
C ARG B 445 -57.83 -8.78 -9.56
N LYS B 446 -57.73 -9.04 -8.25
CA LYS B 446 -58.87 -9.54 -7.50
C LYS B 446 -59.94 -8.48 -7.31
N GLN B 447 -59.56 -7.20 -7.30
CA GLN B 447 -60.55 -6.14 -7.23
C GLN B 447 -61.40 -6.09 -8.49
N LEU B 448 -60.78 -6.25 -9.66
CA LEU B 448 -61.47 -6.08 -10.92
C LEU B 448 -62.37 -7.26 -11.27
N ARG B 449 -62.13 -8.43 -10.68
CA ARG B 449 -62.96 -9.62 -10.89
C ARG B 449 -63.11 -9.92 -12.37
N GLU B 450 -64.34 -9.85 -12.88
CA GLU B 450 -64.63 -10.11 -14.29
C GLU B 450 -64.79 -8.82 -15.09
N ASN B 451 -64.36 -7.69 -14.55
CA ASN B 451 -64.49 -6.41 -15.23
C ASN B 451 -63.24 -6.01 -16.01
N ALA B 452 -62.19 -6.83 -15.99
CA ALA B 452 -60.96 -6.51 -16.69
C ALA B 452 -60.30 -7.81 -17.15
N GLU B 453 -59.26 -7.66 -17.96
CA GLU B 453 -58.48 -8.80 -18.46
C GLU B 453 -57.00 -8.46 -18.41
N ASP B 454 -56.19 -9.46 -18.06
CA ASP B 454 -54.74 -9.29 -18.03
C ASP B 454 -54.20 -9.19 -19.46
N MET B 455 -53.60 -8.05 -19.78
CA MET B 455 -53.07 -7.84 -21.13
C MET B 455 -51.71 -8.48 -21.34
N GLY B 456 -51.07 -8.99 -20.28
CA GLY B 456 -49.80 -9.68 -20.39
C GLY B 456 -48.58 -8.82 -20.13
N ASN B 457 -48.68 -7.51 -20.36
CA ASN B 457 -47.57 -6.59 -20.14
C ASN B 457 -47.67 -5.88 -18.80
N GLY B 458 -48.37 -6.46 -17.83
CA GLY B 458 -48.57 -5.81 -16.55
C GLY B 458 -49.69 -4.81 -16.50
N CYS B 459 -50.48 -4.70 -17.57
CA CYS B 459 -51.62 -3.79 -17.61
C CYS B 459 -52.92 -4.58 -17.68
N PHE B 460 -54.00 -3.95 -17.22
CA PHE B 460 -55.34 -4.49 -17.33
C PHE B 460 -56.13 -3.70 -18.35
N LYS B 461 -56.93 -4.39 -19.15
CA LYS B 461 -57.89 -3.74 -20.04
C LYS B 461 -59.24 -3.74 -19.32
N ILE B 462 -59.64 -2.56 -18.82
CA ILE B 462 -60.88 -2.42 -18.08
C ILE B 462 -62.00 -2.20 -19.08
N TYR B 463 -62.92 -3.16 -19.16
CA TYR B 463 -63.97 -3.19 -20.18
C TYR B 463 -65.19 -2.37 -19.82
N HIS B 464 -64.99 -1.20 -19.22
CA HIS B 464 -66.07 -0.27 -18.95
C HIS B 464 -65.45 1.12 -18.78
N LYS B 465 -66.27 2.15 -18.98
CA LYS B 465 -65.81 3.51 -18.74
C LYS B 465 -65.51 3.71 -17.27
N CYS B 466 -64.24 4.00 -16.98
CA CYS B 466 -63.71 4.14 -15.62
C CYS B 466 -63.05 5.50 -15.54
N ASP B 467 -63.77 6.48 -15.00
CA ASP B 467 -63.29 7.85 -14.96
C ASP B 467 -62.27 8.01 -13.83
N ASN B 468 -61.93 9.27 -13.51
CA ASN B 468 -60.89 9.51 -12.51
C ASN B 468 -61.30 9.02 -11.14
N ALA B 469 -62.57 9.19 -10.77
CA ALA B 469 -63.06 8.69 -9.49
C ALA B 469 -63.07 7.17 -9.47
N CYS B 470 -63.27 6.54 -10.63
CA CYS B 470 -63.25 5.09 -10.72
C CYS B 470 -61.82 4.54 -10.64
N ILE B 471 -60.87 5.19 -11.32
CA ILE B 471 -59.47 4.81 -11.21
C ILE B 471 -58.99 5.00 -9.78
N GLY B 472 -59.38 6.12 -9.15
CA GLY B 472 -58.97 6.37 -7.78
C GLY B 472 -59.48 5.33 -6.80
N SER B 473 -60.65 4.74 -7.09
CA SER B 473 -61.17 3.68 -6.23
C SER B 473 -60.35 2.41 -6.34
N ILE B 474 -59.81 2.11 -7.52
CA ILE B 474 -58.94 0.95 -7.68
C ILE B 474 -57.64 1.17 -6.92
N ARG B 475 -57.07 2.37 -7.01
CA ARG B 475 -55.83 2.66 -6.31
C ARG B 475 -56.03 2.67 -4.79
N ASN B 476 -57.16 3.23 -4.33
CA ASN B 476 -57.44 3.29 -2.91
C ASN B 476 -57.87 1.93 -2.35
N GLY B 477 -58.33 1.02 -3.21
CA GLY B 477 -58.81 -0.27 -2.75
C GLY B 477 -60.28 -0.33 -2.44
N THR B 478 -61.06 0.64 -2.92
CA THR B 478 -62.49 0.72 -2.67
C THR B 478 -63.30 0.52 -3.94
N TYR B 479 -62.78 -0.25 -4.89
CA TYR B 479 -63.44 -0.49 -6.16
C TYR B 479 -64.54 -1.53 -5.98
N ASP B 480 -65.75 -1.19 -6.42
CA ASP B 480 -66.91 -2.09 -6.33
C ASP B 480 -67.17 -2.66 -7.72
N HIS B 481 -66.88 -3.95 -7.89
CA HIS B 481 -66.99 -4.56 -9.21
C HIS B 481 -68.44 -4.80 -9.62
N ASP B 482 -69.36 -4.90 -8.67
CA ASP B 482 -70.77 -5.11 -9.02
C ASP B 482 -71.36 -3.92 -9.77
N VAL B 483 -70.79 -2.73 -9.58
CA VAL B 483 -71.34 -1.54 -10.23
C VAL B 483 -71.13 -1.60 -11.74
N TYR B 484 -69.99 -2.14 -12.18
CA TYR B 484 -69.62 -2.14 -13.59
C TYR B 484 -69.68 -3.53 -14.21
N ARG B 485 -70.17 -4.53 -13.47
CA ARG B 485 -70.12 -5.91 -13.97
C ARG B 485 -70.98 -6.09 -15.21
N ASP B 486 -72.21 -5.58 -15.19
CA ASP B 486 -73.10 -5.75 -16.33
C ASP B 486 -72.56 -5.05 -17.58
N GLU B 487 -72.02 -3.84 -17.40
CA GLU B 487 -71.42 -3.13 -18.53
C GLU B 487 -70.18 -3.84 -19.04
N ALA B 488 -69.36 -4.37 -18.13
CA ALA B 488 -68.10 -4.99 -18.53
C ALA B 488 -68.33 -6.33 -19.24
N LEU B 489 -69.28 -7.13 -18.75
CA LEU B 489 -69.56 -8.40 -19.39
C LEU B 489 -70.05 -8.22 -20.83
N ASN B 490 -70.75 -7.11 -21.10
CA ASN B 490 -71.20 -6.85 -22.46
CA ASN B 490 -71.20 -6.85 -22.46
C ASN B 490 -70.05 -6.42 -23.37
N ASN B 491 -69.09 -5.66 -22.83
CA ASN B 491 -67.94 -5.27 -23.63
C ASN B 491 -66.97 -6.43 -23.84
N ARG B 492 -66.86 -7.34 -22.87
CA ARG B 492 -65.96 -8.47 -23.01
C ARG B 492 -66.51 -9.50 -23.99
N PHE B 493 -67.73 -9.96 -23.75
CA PHE B 493 -68.30 -11.08 -24.49
C PHE B 493 -69.24 -10.64 -25.60
N GLN B 494 -68.93 -9.55 -26.27
CA GLN B 494 -69.69 -9.15 -27.45
C GLN B 494 -69.01 -9.69 -28.69
N ILE B 495 -69.79 -9.85 -29.75
CA ILE B 495 -69.21 -10.22 -31.03
C ILE B 495 -68.67 -8.94 -31.65
N LYS B 496 -67.58 -9.06 -32.39
CA LYS B 496 -67.04 -7.89 -33.06
C LYS B 496 -67.23 -8.06 -34.55
N ASN C 1 4.66 75.76 26.13
CA ASN C 1 5.52 76.93 26.30
C ASN C 1 6.90 76.51 26.80
N SER C 2 6.93 75.87 27.97
CA SER C 2 8.18 75.42 28.59
C SER C 2 8.64 74.07 28.08
N THR C 3 7.96 73.50 27.08
CA THR C 3 8.28 72.18 26.55
C THR C 3 8.40 72.26 25.04
N ALA C 4 8.82 71.14 24.45
CA ALA C 4 8.97 71.03 23.00
C ALA C 4 8.58 69.61 22.59
N THR C 5 8.06 69.50 21.37
CA THR C 5 7.63 68.23 20.81
C THR C 5 8.54 67.87 19.63
N LEU C 6 9.02 66.63 19.62
CA LEU C 6 9.85 66.12 18.54
C LEU C 6 9.23 64.83 18.03
N CYS C 7 8.80 64.83 16.77
CA CYS C 7 8.10 63.70 16.18
C CYS C 7 8.98 62.99 15.17
N LEU C 8 8.91 61.66 15.18
CA LEU C 8 9.59 60.83 14.20
C LEU C 8 8.58 60.32 13.17
N GLY C 9 8.96 60.38 11.90
CA GLY C 9 8.04 59.97 10.85
C GLY C 9 8.77 59.47 9.62
N HIS C 10 7.97 58.97 8.67
CA HIS C 10 8.46 58.47 7.40
C HIS C 10 7.64 59.07 6.27
N HIS C 11 8.18 58.99 5.06
CA HIS C 11 7.55 59.64 3.92
C HIS C 11 6.37 58.83 3.40
N ALA C 12 5.58 59.48 2.55
CA ALA C 12 4.44 58.84 1.89
C ALA C 12 4.25 59.53 0.55
N VAL C 13 3.62 58.83 -0.38
CA VAL C 13 3.45 59.34 -1.73
C VAL C 13 1.95 59.33 -2.07
N PRO C 14 1.50 60.23 -2.95
CA PRO C 14 0.11 60.19 -3.42
C PRO C 14 -0.14 59.23 -4.58
N ASN C 15 0.90 58.50 -5.07
CA ASN C 15 0.74 57.51 -6.14
C ASN C 15 1.47 56.23 -5.72
N GLY C 16 0.87 55.50 -4.78
CA GLY C 16 1.42 54.22 -4.38
C GLY C 16 1.10 53.10 -5.36
N THR C 17 1.77 51.96 -5.17
CA THR C 17 1.56 50.77 -5.98
C THR C 17 1.31 49.59 -5.05
N LEU C 18 0.58 48.59 -5.56
CA LEU C 18 0.22 47.42 -4.79
C LEU C 18 1.18 46.27 -5.10
N VAL C 19 1.76 45.69 -4.05
CA VAL C 19 2.64 44.54 -4.19
C VAL C 19 2.09 43.39 -3.36
N LYS C 20 2.73 42.24 -3.43
CA LYS C 20 2.24 41.03 -2.78
C LYS C 20 3.25 40.52 -1.77
N THR C 21 2.74 39.96 -0.67
CA THR C 21 3.55 39.25 0.30
C THR C 21 2.93 37.87 0.49
N ILE C 22 3.30 37.21 1.59
CA ILE C 22 2.71 35.91 1.89
C ILE C 22 1.34 36.07 2.55
N THR C 23 1.23 37.02 3.48
CA THR C 23 -0.05 37.28 4.14
C THR C 23 -0.98 38.09 3.22
N ASN C 24 -0.54 39.29 2.84
CA ASN C 24 -1.34 40.20 2.05
C ASN C 24 -1.00 40.08 0.57
N ASP C 25 -2.01 39.87 -0.26
CA ASP C 25 -1.86 39.92 -1.70
C ASP C 25 -2.02 41.33 -2.26
N GLN C 26 -2.33 42.31 -1.41
CA GLN C 26 -2.52 43.69 -1.86
C GLN C 26 -2.12 44.63 -0.71
N ILE C 27 -0.82 44.89 -0.61
CA ILE C 27 -0.29 45.89 0.31
C ILE C 27 0.31 47.01 -0.51
N GLU C 28 -0.02 48.26 -0.15
CA GLU C 28 0.40 49.42 -0.92
C GLU C 28 1.76 49.90 -0.44
N VAL C 29 2.68 50.11 -1.40
CA VAL C 29 4.01 50.62 -1.12
C VAL C 29 4.18 51.92 -1.89
N THR C 30 5.24 52.66 -1.56
CA THR C 30 5.50 53.94 -2.19
C THR C 30 6.10 53.81 -3.58
N ASN C 31 6.71 52.68 -3.90
CA ASN C 31 7.42 52.49 -5.15
C ASN C 31 7.68 51.00 -5.37
N ALA C 32 7.70 50.60 -6.63
CA ALA C 32 7.86 49.19 -6.98
C ALA C 32 8.47 49.10 -8.36
N THR C 33 9.08 47.95 -8.65
CA THR C 33 9.70 47.71 -9.94
C THR C 33 9.18 46.40 -10.52
N GLU C 34 9.19 46.32 -11.84
CA GLU C 34 8.66 45.16 -12.54
C GLU C 34 9.76 44.12 -12.75
N LEU C 35 9.48 42.87 -12.38
CA LEU C 35 10.44 41.78 -12.48
C LEU C 35 10.17 40.85 -13.64
N VAL C 36 9.11 41.08 -14.42
CA VAL C 36 8.76 40.25 -15.57
C VAL C 36 8.89 41.08 -16.83
N GLN C 37 9.79 40.66 -17.73
CA GLN C 37 9.91 41.28 -19.04
C GLN C 37 8.79 40.76 -19.93
N SER C 38 7.94 41.67 -20.41
CA SER C 38 6.78 41.29 -21.22
C SER C 38 6.80 41.84 -22.64
N SER C 39 7.65 42.82 -22.94
CA SER C 39 7.65 43.47 -24.24
C SER C 39 8.91 43.11 -25.03
N SER C 40 8.82 43.33 -26.34
CA SER C 40 9.95 43.12 -27.25
C SER C 40 9.89 44.14 -28.36
N THR C 41 11.06 44.61 -28.80
CA THR C 41 11.11 45.52 -29.94
C THR C 41 10.50 44.90 -31.19
N GLY C 42 10.54 43.57 -31.30
CA GLY C 42 10.02 42.87 -32.45
C GLY C 42 11.06 42.43 -33.46
N ARG C 43 12.32 42.87 -33.30
CA ARG C 43 13.38 42.51 -34.21
C ARG C 43 14.47 41.74 -33.48
N ILE C 44 15.18 40.91 -34.25
CA ILE C 44 16.29 40.12 -33.71
C ILE C 44 17.59 40.88 -33.95
N CYS C 45 18.25 41.25 -32.86
CA CYS C 45 19.50 41.99 -32.97
C CYS C 45 20.62 41.09 -33.47
N ASP C 46 21.43 41.61 -34.41
CA ASP C 46 22.49 40.84 -35.04
C ASP C 46 23.76 40.76 -34.21
N SER C 47 23.77 41.33 -33.01
CA SER C 47 24.88 41.21 -32.07
C SER C 47 24.32 40.80 -30.71
N PRO C 48 25.10 40.06 -29.90
CA PRO C 48 26.48 39.61 -30.16
C PRO C 48 26.58 38.28 -30.90
N HIS C 49 25.45 37.65 -31.17
CA HIS C 49 25.43 36.33 -31.82
C HIS C 49 25.41 36.49 -33.33
N ARG C 50 26.10 35.58 -34.01
CA ARG C 50 26.09 35.54 -35.48
C ARG C 50 24.76 34.95 -35.94
N ILE C 51 23.89 35.79 -36.48
CA ILE C 51 22.57 35.39 -36.94
C ILE C 51 22.64 35.07 -38.42
N LEU C 52 22.07 33.93 -38.81
CA LEU C 52 21.98 33.54 -40.21
C LEU C 52 20.51 33.41 -40.59
N ASP C 53 20.03 34.34 -41.42
CA ASP C 53 18.65 34.30 -41.88
C ASP C 53 18.51 33.26 -42.98
N GLY C 54 17.60 32.30 -42.80
CA GLY C 54 17.35 31.30 -43.81
C GLY C 54 16.47 31.75 -44.95
N LYS C 55 15.67 32.81 -44.74
CA LYS C 55 14.80 33.37 -45.77
C LYS C 55 13.86 32.32 -46.33
N ASN C 56 14.12 31.84 -47.56
CA ASN C 56 13.28 30.82 -48.17
C ASN C 56 13.82 29.40 -47.95
N CYS C 57 14.82 29.24 -47.09
CA CYS C 57 15.50 27.95 -46.97
C CYS C 57 15.44 27.42 -45.55
N THR C 58 14.98 26.18 -45.41
CA THR C 58 15.19 25.44 -44.18
C THR C 58 16.64 25.02 -44.06
N LEU C 59 17.05 24.69 -42.84
CA LEU C 59 18.42 24.26 -42.62
C LEU C 59 18.72 22.96 -43.38
N ILE C 60 17.73 22.07 -43.46
CA ILE C 60 17.93 20.80 -44.17
C ILE C 60 18.08 21.05 -45.67
N ASP C 61 17.27 21.97 -46.22
CA ASP C 61 17.37 22.27 -47.65
C ASP C 61 18.71 22.92 -47.99
N ALA C 62 19.22 23.78 -47.11
CA ALA C 62 20.55 24.34 -47.33
C ALA C 62 21.63 23.27 -47.16
N LEU C 63 21.40 22.30 -46.26
CA LEU C 63 22.33 21.21 -46.08
C LEU C 63 22.43 20.35 -47.34
N LEU C 64 21.28 19.91 -47.86
CA LEU C 64 21.28 19.02 -49.02
C LEU C 64 21.75 19.74 -50.28
N GLY C 65 21.42 21.02 -50.43
CA GLY C 65 21.84 21.76 -51.59
C GLY C 65 20.72 22.06 -52.57
N ASP C 66 19.59 22.51 -52.06
CA ASP C 66 18.51 22.99 -52.91
C ASP C 66 19.02 24.16 -53.75
N PRO C 67 18.84 24.13 -55.07
CA PRO C 67 19.41 25.19 -55.92
C PRO C 67 19.12 26.61 -55.47
N HIS C 68 17.89 26.90 -55.03
CA HIS C 68 17.63 28.24 -54.53
C HIS C 68 18.25 28.50 -53.17
N CYS C 69 18.92 27.52 -52.58
CA CYS C 69 19.64 27.66 -51.32
C CYS C 69 21.15 27.61 -51.51
N ASP C 70 21.63 27.84 -52.73
CA ASP C 70 23.06 27.77 -53.00
C ASP C 70 23.86 28.79 -52.19
N GLY C 71 23.24 29.92 -51.85
CA GLY C 71 23.92 30.96 -51.10
C GLY C 71 24.29 30.59 -49.68
N PHE C 72 23.93 29.40 -49.22
CA PHE C 72 24.22 28.95 -47.87
C PHE C 72 25.37 27.95 -47.80
N GLN C 73 26.05 27.72 -48.91
CA GLN C 73 27.17 26.77 -48.92
C GLN C 73 28.27 27.22 -47.97
N ASN C 74 28.68 26.32 -47.07
CA ASN C 74 29.78 26.53 -46.13
C ASN C 74 29.52 27.63 -45.12
N GLU C 75 28.25 27.96 -44.89
CA GLU C 75 27.92 29.03 -43.94
C GLU C 75 28.10 28.55 -42.50
N LYS C 76 28.23 29.52 -41.60
CA LYS C 76 28.31 29.29 -40.17
C LYS C 76 27.31 30.20 -39.47
N TRP C 77 26.94 29.82 -38.24
CA TRP C 77 25.96 30.59 -37.51
C TRP C 77 26.03 30.25 -36.02
N ASP C 78 25.64 31.22 -35.21
CA ASP C 78 25.27 30.94 -33.82
C ASP C 78 23.80 30.59 -33.70
N LEU C 79 22.95 31.23 -34.51
CA LEU C 79 21.53 30.93 -34.52
C LEU C 79 21.01 31.00 -35.94
N PHE C 80 20.49 29.88 -36.44
CA PHE C 80 19.82 29.82 -37.73
C PHE C 80 18.35 30.16 -37.53
N VAL C 81 17.87 31.15 -38.27
CA VAL C 81 16.49 31.64 -38.14
C VAL C 81 15.70 31.14 -39.33
N GLU C 82 14.80 30.17 -39.08
CA GLU C 82 13.98 29.60 -40.13
C GLU C 82 12.68 30.40 -40.27
N ARG C 83 12.37 30.80 -41.49
CA ARG C 83 11.17 31.57 -41.78
C ARG C 83 10.01 30.64 -42.14
N SER C 84 8.79 31.10 -41.83
CA SER C 84 7.61 30.32 -42.19
C SER C 84 7.36 30.32 -43.69
N LYS C 85 7.93 31.27 -44.42
CA LYS C 85 7.79 31.34 -45.88
C LYS C 85 8.74 30.40 -46.61
N ALA C 86 9.53 29.60 -45.89
CA ALA C 86 10.48 28.71 -46.52
C ALA C 86 9.76 27.62 -47.31
N TYR C 87 10.44 27.11 -48.34
CA TYR C 87 9.84 26.11 -49.22
C TYR C 87 10.94 25.25 -49.84
N SER C 88 10.55 24.07 -50.28
CA SER C 88 11.42 23.17 -51.03
C SER C 88 11.08 23.29 -52.50
N ASN C 89 12.11 23.25 -53.35
CA ASN C 89 11.94 23.38 -54.79
C ASN C 89 12.90 22.47 -55.54
N CYS C 90 13.17 21.30 -54.98
CA CYS C 90 14.04 20.33 -55.63
C CYS C 90 13.34 18.99 -55.72
N TYR C 91 14.09 17.89 -55.67
CA TYR C 91 13.49 16.57 -55.72
C TYR C 91 12.70 16.33 -54.43
N PRO C 92 11.45 15.87 -54.52
CA PRO C 92 10.68 15.62 -53.31
C PRO C 92 11.33 14.54 -52.45
N TYR C 93 11.36 14.78 -51.14
CA TYR C 93 12.15 13.94 -50.25
C TYR C 93 11.50 13.91 -48.87
N ASP C 94 11.97 12.96 -48.05
CA ASP C 94 11.65 12.93 -46.64
C ASP C 94 12.89 12.47 -45.89
N VAL C 95 12.96 12.83 -44.61
CA VAL C 95 14.08 12.44 -43.76
C VAL C 95 13.55 11.65 -42.57
N PRO C 96 13.75 10.33 -42.53
CA PRO C 96 13.47 9.58 -41.31
C PRO C 96 14.24 10.17 -40.13
N ASP C 97 13.51 10.50 -39.07
CA ASP C 97 14.04 11.27 -37.94
C ASP C 97 14.55 12.62 -38.44
N TYR C 98 13.67 13.35 -39.13
CA TYR C 98 13.99 14.69 -39.62
C TYR C 98 14.42 15.61 -38.49
N ALA C 99 13.78 15.49 -37.33
CA ALA C 99 14.04 16.40 -36.22
C ALA C 99 15.45 16.20 -35.66
N SER C 100 15.93 14.96 -35.63
CA SER C 100 17.26 14.70 -35.06
C SER C 100 18.37 15.21 -35.97
N LEU C 101 18.25 15.02 -37.28
CA LEU C 101 19.25 15.55 -38.20
C LEU C 101 19.27 17.07 -38.16
N ARG C 102 18.09 17.70 -38.22
CA ARG C 102 17.98 19.15 -38.10
C ARG C 102 18.62 19.64 -36.80
N SER C 103 18.46 18.87 -35.73
CA SER C 103 18.98 19.28 -34.43
C SER C 103 20.51 19.20 -34.37
N LEU C 104 21.08 18.09 -34.87
CA LEU C 104 22.53 17.92 -34.75
C LEU C 104 23.29 18.87 -35.68
N VAL C 105 22.71 19.19 -36.84
CA VAL C 105 23.33 20.18 -37.71
C VAL C 105 23.20 21.57 -37.11
N ALA C 106 22.04 21.88 -36.53
CA ALA C 106 21.85 23.18 -35.90
C ALA C 106 22.81 23.36 -34.72
N SER C 107 23.01 22.31 -33.93
CA SER C 107 23.93 22.39 -32.81
C SER C 107 25.38 22.49 -33.28
N SER C 108 25.72 21.81 -34.38
CA SER C 108 27.08 21.89 -34.90
C SER C 108 27.41 23.30 -35.38
N GLY C 109 26.44 23.96 -36.01
CA GLY C 109 26.60 25.36 -36.36
C GLY C 109 27.48 25.66 -37.54
N THR C 110 27.56 24.76 -38.51
CA THR C 110 28.34 25.01 -39.71
C THR C 110 27.85 24.12 -40.84
N LEU C 111 27.99 24.63 -42.07
CA LEU C 111 27.70 23.85 -43.26
C LEU C 111 28.96 23.64 -44.11
N GLU C 112 30.13 23.74 -43.47
CA GLU C 112 31.41 23.57 -44.16
C GLU C 112 31.49 22.19 -44.81
N PHE C 113 31.51 22.15 -46.13
CA PHE C 113 31.48 20.90 -46.89
C PHE C 113 32.82 20.71 -47.60
N ILE C 114 33.34 19.49 -47.54
CA ILE C 114 34.62 19.15 -48.14
C ILE C 114 34.38 18.04 -49.15
N ASN C 115 34.61 18.34 -50.42
CA ASN C 115 34.43 17.35 -51.47
C ASN C 115 35.49 16.24 -51.37
N GLU C 116 35.04 15.00 -51.49
CA GLU C 116 35.92 13.85 -51.51
C GLU C 116 35.73 13.10 -52.82
N ASP C 117 36.83 12.52 -53.31
CA ASP C 117 36.84 11.89 -54.62
C ASP C 117 36.36 10.45 -54.51
N PHE C 118 35.04 10.29 -54.42
CA PHE C 118 34.45 8.98 -54.57
C PHE C 118 34.54 8.55 -56.03
N ASN C 119 35.04 7.34 -56.26
CA ASN C 119 35.18 6.80 -57.61
C ASN C 119 34.11 5.74 -57.80
N TRP C 120 33.03 6.11 -58.48
CA TRP C 120 31.93 5.19 -58.78
C TRP C 120 32.20 4.58 -60.14
N ILE C 121 32.49 3.28 -60.15
CA ILE C 121 32.93 2.58 -61.36
C ILE C 121 31.72 2.01 -62.09
N GLY C 122 31.55 2.43 -63.34
CA GLY C 122 30.56 1.84 -64.21
C GLY C 122 29.16 2.42 -64.15
N VAL C 123 28.98 3.55 -63.46
CA VAL C 123 27.67 4.17 -63.34
C VAL C 123 27.76 5.63 -63.76
N THR C 124 26.62 6.18 -64.17
CA THR C 124 26.51 7.59 -64.51
C THR C 124 26.23 8.40 -63.25
N GLN C 125 26.92 9.53 -63.11
CA GLN C 125 26.84 10.35 -61.93
C GLN C 125 26.04 11.62 -62.21
N SER C 126 25.71 12.32 -61.12
CA SER C 126 25.03 13.62 -61.16
C SER C 126 23.77 13.56 -62.02
N GLY C 127 22.86 12.69 -61.63
CA GLY C 127 21.57 12.61 -62.29
C GLY C 127 20.74 13.86 -61.99
N GLY C 128 19.99 14.30 -63.00
CA GLY C 128 19.21 15.52 -62.89
C GLY C 128 17.71 15.24 -62.99
N SER C 129 16.93 16.29 -62.77
CA SER C 129 15.48 16.19 -62.77
C SER C 129 14.87 17.53 -63.12
N CYS C 130 13.71 17.50 -63.76
CA CYS C 130 13.00 18.72 -64.09
C CYS C 130 12.43 19.42 -62.87
N ALA C 131 12.23 18.68 -61.77
CA ALA C 131 11.71 19.25 -60.54
C ALA C 131 12.79 19.87 -59.67
N CYS C 132 14.02 19.97 -60.18
CA CYS C 132 15.11 20.56 -59.43
C CYS C 132 16.03 21.27 -60.44
N LYS C 133 15.52 22.37 -61.00
CA LYS C 133 16.26 23.15 -61.97
C LYS C 133 17.29 24.05 -61.28
N ARG C 134 18.48 24.12 -61.86
CA ARG C 134 19.51 25.05 -61.40
C ARG C 134 19.99 25.84 -62.62
N GLY C 135 19.58 27.11 -62.69
CA GLY C 135 19.87 27.90 -63.88
C GLY C 135 19.05 27.46 -65.08
N SER C 136 17.80 27.07 -64.87
CA SER C 136 16.87 26.65 -65.91
C SER C 136 17.34 25.40 -66.65
N VAL C 137 18.15 24.57 -65.98
CA VAL C 137 18.59 23.29 -66.51
C VAL C 137 18.37 22.24 -65.44
N ASN C 138 18.06 21.01 -65.89
CA ASN C 138 17.84 19.91 -64.96
C ASN C 138 19.05 19.72 -64.07
N SER C 139 18.80 19.55 -62.77
CA SER C 139 19.89 19.44 -61.81
C SER C 139 19.38 18.64 -60.61
N PHE C 140 20.08 18.74 -59.48
CA PHE C 140 19.85 17.91 -58.32
C PHE C 140 20.41 18.63 -57.10
N PHE C 141 20.23 18.03 -55.92
CA PHE C 141 20.84 18.57 -54.72
C PHE C 141 22.35 18.67 -54.91
N SER C 142 22.91 19.83 -54.57
CA SER C 142 24.32 20.08 -54.85
C SER C 142 25.22 19.11 -54.11
N ARG C 143 24.84 18.72 -52.89
CA ARG C 143 25.68 17.89 -52.04
C ARG C 143 25.44 16.40 -52.21
N LEU C 144 24.51 16.00 -53.06
CA LEU C 144 24.21 14.60 -53.29
C LEU C 144 24.54 14.24 -54.74
N ASN C 145 24.72 12.95 -55.00
CA ASN C 145 25.17 12.46 -56.30
C ASN C 145 24.24 11.33 -56.74
N TRP C 146 23.28 11.66 -57.60
CA TRP C 146 22.30 10.70 -58.08
C TRP C 146 22.96 9.79 -59.12
N LEU C 147 23.14 8.52 -58.77
CA LEU C 147 23.78 7.55 -59.64
C LEU C 147 22.72 6.68 -60.31
N HIS C 148 22.96 6.35 -61.58
CA HIS C 148 22.08 5.44 -62.30
C HIS C 148 22.93 4.64 -63.29
N GLU C 149 22.28 3.78 -64.05
CA GLU C 149 22.98 2.84 -64.91
C GLU C 149 23.72 3.57 -66.03
N SER C 150 24.74 2.90 -66.56
CA SER C 150 25.47 3.35 -67.73
C SER C 150 25.66 2.17 -68.67
N GLU C 151 25.33 2.36 -69.94
CA GLU C 151 25.35 1.29 -70.94
C GLU C 151 24.51 0.10 -70.49
N GLN C 152 23.36 0.40 -69.87
CA GLN C 152 22.40 -0.60 -69.40
C GLN C 152 23.06 -1.58 -68.43
N LYS C 153 24.00 -1.08 -67.62
CA LYS C 153 24.66 -1.87 -66.61
C LYS C 153 24.77 -1.06 -65.32
N TYR C 154 24.66 -1.75 -64.19
CA TYR C 154 24.81 -1.13 -62.87
C TYR C 154 25.60 -2.11 -62.00
N PRO C 155 26.92 -2.14 -62.16
CA PRO C 155 27.73 -3.05 -61.34
C PRO C 155 27.64 -2.69 -59.86
N ALA C 156 27.78 -3.71 -59.02
CA ALA C 156 27.67 -3.50 -57.57
C ALA C 156 28.71 -2.49 -57.11
N LEU C 157 28.23 -1.42 -56.48
CA LEU C 157 29.11 -0.37 -55.98
C LEU C 157 29.64 -0.75 -54.61
N ASN C 158 30.96 -0.65 -54.43
CA ASN C 158 31.60 -0.98 -53.16
C ASN C 158 32.81 -0.04 -52.99
N VAL C 159 32.59 1.05 -52.27
CA VAL C 159 33.56 2.16 -52.22
C VAL C 159 33.84 2.50 -50.76
N THR C 160 35.12 2.59 -50.42
CA THR C 160 35.56 2.92 -49.07
C THR C 160 36.10 4.34 -49.02
N MET C 161 35.90 4.99 -47.86
CA MET C 161 36.41 6.35 -47.64
C MET C 161 36.89 6.44 -46.19
N PRO C 162 38.18 6.20 -45.96
CA PRO C 162 38.69 6.23 -44.60
C PRO C 162 38.87 7.64 -44.06
N ASN C 163 38.64 7.78 -42.75
CA ASN C 163 38.86 9.06 -42.06
C ASN C 163 40.26 9.02 -41.46
N ASN C 164 41.23 9.55 -42.21
CA ASN C 164 42.61 9.59 -41.79
C ASN C 164 42.97 10.87 -41.03
N GLY C 165 41.97 11.69 -40.69
CA GLY C 165 42.19 12.96 -40.04
C GLY C 165 41.96 12.91 -38.54
N LYS C 166 41.81 14.10 -37.95
CA LYS C 166 41.66 14.23 -36.51
C LYS C 166 40.31 14.81 -36.11
N PHE C 167 39.40 15.02 -37.06
CA PHE C 167 38.07 15.54 -36.79
C PHE C 167 37.03 14.58 -37.33
N ASP C 168 35.82 14.68 -36.79
CA ASP C 168 34.71 13.84 -37.23
C ASP C 168 34.16 14.35 -38.57
N LYS C 169 33.64 13.41 -39.36
CA LYS C 169 33.02 13.70 -40.64
C LYS C 169 31.54 13.36 -40.60
N LEU C 170 30.72 14.25 -41.13
CA LEU C 170 29.27 14.02 -41.26
C LEU C 170 28.96 13.77 -42.73
N TYR C 171 28.49 12.56 -43.03
CA TYR C 171 28.12 12.17 -44.39
C TYR C 171 26.61 12.15 -44.53
N ILE C 172 26.11 12.83 -45.56
CA ILE C 172 24.68 12.84 -45.87
C ILE C 172 24.49 12.07 -47.17
N TRP C 173 23.64 11.04 -47.14
CA TRP C 173 23.38 10.20 -48.31
C TRP C 173 21.89 9.91 -48.37
N GLY C 174 21.48 9.21 -49.44
CA GLY C 174 20.07 8.97 -49.66
C GLY C 174 19.80 7.68 -50.40
N VAL C 175 18.52 7.36 -50.52
CA VAL C 175 18.02 6.21 -51.27
C VAL C 175 16.85 6.67 -52.13
N HIS C 176 16.84 6.27 -53.40
CA HIS C 176 15.81 6.70 -54.34
C HIS C 176 14.68 5.68 -54.39
N HIS C 177 13.45 6.16 -54.26
CA HIS C 177 12.25 5.32 -54.33
C HIS C 177 11.52 5.57 -55.64
N PRO C 178 11.66 4.70 -56.64
CA PRO C 178 10.97 4.92 -57.92
C PRO C 178 9.47 4.75 -57.78
N SER C 179 8.75 5.17 -58.82
CA SER C 179 7.30 5.09 -58.85
C SER C 179 6.81 3.77 -59.46
N THR C 180 7.39 3.36 -60.59
CA THR C 180 6.97 2.15 -61.29
C THR C 180 8.15 1.20 -61.43
N ASP C 181 7.84 -0.04 -61.85
CA ASP C 181 8.87 -1.05 -62.03
C ASP C 181 9.74 -0.75 -63.25
N ARG C 182 9.15 -0.19 -64.30
CA ARG C 182 9.96 0.22 -65.45
C ARG C 182 10.97 1.29 -65.06
N GLU C 183 10.54 2.25 -64.22
CA GLU C 183 11.46 3.27 -63.73
C GLU C 183 12.59 2.64 -62.90
N GLN C 184 12.24 1.69 -62.03
CA GLN C 184 13.24 1.04 -61.21
C GLN C 184 14.30 0.35 -62.05
N THR C 185 13.89 -0.29 -63.16
CA THR C 185 14.83 -1.01 -64.01
C THR C 185 15.51 -0.13 -65.04
N ASN C 186 14.84 0.93 -65.52
CA ASN C 186 15.49 1.82 -66.48
C ASN C 186 16.64 2.59 -65.84
N LEU C 187 16.60 2.78 -64.52
CA LEU C 187 17.62 3.53 -63.81
C LEU C 187 18.67 2.65 -63.15
N TYR C 188 18.27 1.47 -62.63
CA TYR C 188 19.17 0.67 -61.81
C TYR C 188 19.22 -0.79 -62.28
N VAL C 189 18.73 -1.09 -63.48
CA VAL C 189 18.80 -2.42 -64.07
C VAL C 189 18.06 -3.46 -63.24
N ARG C 190 18.51 -3.68 -62.00
CA ARG C 190 17.89 -4.67 -61.14
C ARG C 190 16.53 -4.20 -60.65
N ALA C 191 15.66 -5.17 -60.35
CA ALA C 191 14.31 -4.86 -59.88
C ALA C 191 14.26 -4.51 -58.41
N SER C 192 15.30 -4.85 -57.65
CA SER C 192 15.39 -4.50 -56.24
C SER C 192 16.79 -4.01 -55.93
N GLY C 193 16.89 -2.86 -55.28
CA GLY C 193 18.16 -2.23 -54.95
C GLY C 193 18.39 -2.28 -53.45
N ARG C 194 19.63 -2.56 -53.05
CA ARG C 194 20.03 -2.44 -51.66
C ARG C 194 21.08 -1.35 -51.52
N VAL C 195 21.03 -0.64 -50.39
CA VAL C 195 22.04 0.37 -50.05
C VAL C 195 22.50 0.11 -48.62
N THR C 196 23.80 -0.10 -48.44
CA THR C 196 24.38 -0.35 -47.12
C THR C 196 25.53 0.60 -46.89
N VAL C 197 25.40 1.45 -45.88
CA VAL C 197 26.46 2.36 -45.44
C VAL C 197 26.85 1.96 -44.03
N SER C 198 28.12 1.63 -43.83
CA SER C 198 28.57 1.08 -42.56
C SER C 198 29.94 1.64 -42.21
N THR C 199 30.24 1.60 -40.91
CA THR C 199 31.58 1.88 -40.41
C THR C 199 32.08 0.67 -39.63
N LYS C 200 33.08 0.86 -38.79
CA LYS C 200 33.54 -0.23 -37.92
C LYS C 200 32.61 -0.45 -36.74
N ARG C 201 31.77 0.53 -36.41
CA ARG C 201 30.92 0.47 -35.23
C ARG C 201 29.44 0.53 -35.54
N SER C 202 29.04 0.76 -36.79
CA SER C 202 27.63 0.88 -37.12
C SER C 202 27.40 0.38 -38.54
N GLN C 203 26.13 0.07 -38.84
CA GLN C 203 25.72 -0.35 -40.17
C GLN C 203 24.28 0.09 -40.39
N GLN C 204 24.00 0.55 -41.60
CA GLN C 204 22.66 0.99 -41.98
C GLN C 204 22.35 0.44 -43.36
N THR C 205 21.30 -0.37 -43.47
CA THR C 205 20.85 -0.93 -44.74
C THR C 205 19.42 -0.49 -45.00
N VAL C 206 19.19 0.08 -46.19
CA VAL C 206 17.88 0.59 -46.57
C VAL C 206 17.44 -0.11 -47.86
N ILE C 207 16.18 -0.51 -47.90
CA ILE C 207 15.57 -1.12 -49.07
C ILE C 207 14.59 -0.11 -49.68
N PRO C 208 14.76 0.29 -50.94
CA PRO C 208 13.79 1.18 -51.58
C PRO C 208 12.42 0.52 -51.68
N ASN C 209 11.40 1.36 -51.71
CA ASN C 209 10.01 0.92 -51.84
C ASN C 209 9.45 1.53 -53.11
N ILE C 210 9.05 0.69 -54.05
CA ILE C 210 8.51 1.14 -55.33
C ILE C 210 7.00 1.26 -55.21
N GLY C 211 6.46 2.36 -55.71
CA GLY C 211 5.03 2.57 -55.65
C GLY C 211 4.66 4.00 -55.93
N SER C 212 3.41 4.19 -56.34
CA SER C 212 2.91 5.53 -56.65
C SER C 212 2.68 6.31 -55.37
N ARG C 213 3.29 7.48 -55.30
CA ARG C 213 3.09 8.45 -54.24
C ARG C 213 2.50 9.73 -54.84
N PRO C 214 1.79 10.53 -54.05
CA PRO C 214 1.14 11.72 -54.60
C PRO C 214 2.13 12.62 -55.33
N TRP C 215 1.66 13.23 -56.41
CA TRP C 215 2.52 14.11 -57.21
C TRP C 215 2.98 15.29 -56.37
N VAL C 216 4.30 15.52 -56.35
CA VAL C 216 4.89 16.69 -55.72
C VAL C 216 5.85 17.30 -56.73
N ARG C 217 5.54 18.51 -57.19
CA ARG C 217 6.33 19.20 -58.21
C ARG C 217 6.53 18.32 -59.45
N GLY C 218 5.47 17.60 -59.82
CA GLY C 218 5.46 16.81 -61.04
C GLY C 218 5.97 15.40 -60.91
N LEU C 219 6.44 15.00 -59.73
CA LEU C 219 7.06 13.70 -59.54
C LEU C 219 6.32 12.87 -58.50
N SER C 220 6.20 11.57 -58.78
CA SER C 220 5.66 10.60 -57.84
C SER C 220 6.74 9.87 -57.07
N SER C 221 8.01 10.02 -57.45
CA SER C 221 9.11 9.37 -56.76
C SER C 221 9.59 10.23 -55.59
N ARG C 222 10.35 9.60 -54.70
CA ARG C 222 10.85 10.27 -53.50
C ARG C 222 12.29 9.86 -53.25
N ILE C 223 12.89 10.49 -52.25
CA ILE C 223 14.23 10.16 -51.80
C ILE C 223 14.25 10.25 -50.28
N SER C 224 14.74 9.19 -49.63
CA SER C 224 14.88 9.16 -48.18
C SER C 224 16.31 9.51 -47.79
N ILE C 225 16.46 10.46 -46.88
CA ILE C 225 17.76 11.00 -46.50
C ILE C 225 18.25 10.33 -45.22
N TYR C 226 19.53 9.98 -45.21
CA TYR C 226 20.16 9.33 -44.06
C TYR C 226 21.51 10.00 -43.80
N TRP C 227 22.05 9.77 -42.60
CA TRP C 227 23.32 10.38 -42.22
C TRP C 227 24.16 9.37 -41.45
N THR C 228 25.47 9.60 -41.49
CA THR C 228 26.44 8.73 -40.80
C THR C 228 27.65 9.56 -40.42
N ILE C 229 28.08 9.43 -39.16
CA ILE C 229 29.26 10.12 -38.65
C ILE C 229 30.41 9.12 -38.57
N VAL C 230 31.56 9.50 -39.11
CA VAL C 230 32.75 8.65 -39.12
C VAL C 230 33.81 9.29 -38.23
N LYS C 231 34.23 8.56 -37.20
CA LYS C 231 35.22 9.06 -36.25
C LYS C 231 36.62 8.95 -36.85
N PRO C 232 37.59 9.69 -36.29
CA PRO C 232 38.98 9.51 -36.73
C PRO C 232 39.45 8.08 -36.52
N GLY C 233 40.16 7.56 -37.52
CA GLY C 233 40.56 6.17 -37.52
C GLY C 233 39.52 5.21 -38.03
N ASP C 234 38.25 5.60 -38.01
CA ASP C 234 37.18 4.76 -38.55
C ASP C 234 37.09 4.94 -40.06
N ILE C 235 36.33 4.04 -40.69
CA ILE C 235 36.27 3.96 -42.15
C ILE C 235 34.82 3.98 -42.59
N LEU C 236 34.51 4.78 -43.61
CA LEU C 236 33.20 4.76 -44.24
C LEU C 236 33.23 3.80 -45.43
N LEU C 237 32.26 2.87 -45.46
CA LEU C 237 32.16 1.90 -46.55
C LEU C 237 30.74 1.94 -47.10
N ILE C 238 30.61 2.21 -48.39
CA ILE C 238 29.32 2.34 -49.06
C ILE C 238 29.17 1.19 -50.05
N ASN C 239 28.13 0.37 -49.85
CA ASN C 239 27.85 -0.77 -50.72
C ASN C 239 26.42 -0.68 -51.24
N SER C 240 26.26 -0.73 -52.56
CA SER C 240 24.94 -0.57 -53.15
C SER C 240 24.83 -1.34 -54.46
N ILE C 241 23.72 -2.06 -54.63
CA ILE C 241 23.35 -2.65 -55.92
C ILE C 241 22.34 -1.80 -56.67
N GLY C 242 21.83 -0.73 -56.06
CA GLY C 242 20.97 0.20 -56.76
C GLY C 242 20.32 1.25 -55.88
N ASN C 243 19.80 2.31 -56.51
CA ASN C 243 19.05 3.38 -55.86
C ASN C 243 19.88 4.20 -54.88
N LEU C 244 21.21 4.18 -55.01
CA LEU C 244 22.05 4.94 -54.11
C LEU C 244 22.10 6.41 -54.52
N ILE C 245 21.83 7.30 -53.58
CA ILE C 245 22.08 8.72 -53.72
C ILE C 245 23.36 9.00 -52.93
N ALA C 246 24.47 9.13 -53.64
CA ALA C 246 25.76 9.12 -52.98
C ALA C 246 26.12 10.51 -52.45
N PRO C 247 26.94 10.58 -51.40
CA PRO C 247 27.48 11.87 -50.98
C PRO C 247 28.67 12.26 -51.84
N ARG C 248 28.84 13.57 -51.99
CA ARG C 248 30.01 14.11 -52.69
C ARG C 248 31.16 14.43 -51.73
N GLY C 249 30.96 14.19 -50.45
CA GLY C 249 31.97 14.52 -49.44
C GLY C 249 31.37 14.45 -48.06
N TYR C 250 31.90 15.27 -47.17
CA TYR C 250 31.44 15.28 -45.79
C TYR C 250 31.32 16.71 -45.30
N PHE C 251 30.48 16.89 -44.28
CA PHE C 251 30.37 18.15 -43.56
C PHE C 251 31.22 18.07 -42.30
N LYS C 252 32.00 19.12 -42.04
CA LYS C 252 32.68 19.23 -40.77
C LYS C 252 31.65 19.41 -39.66
N ILE C 253 31.62 18.48 -38.71
CA ILE C 253 30.70 18.53 -37.60
C ILE C 253 31.46 18.96 -36.36
N ARG C 254 30.93 19.98 -35.67
CA ARG C 254 31.59 20.58 -34.53
C ARG C 254 30.73 20.43 -33.29
N THR C 255 31.28 20.86 -32.16
CA THR C 255 30.56 20.95 -30.90
C THR C 255 30.59 22.41 -30.48
N GLY C 256 29.45 23.09 -30.56
CA GLY C 256 29.42 24.50 -30.25
C GLY C 256 28.17 24.97 -29.54
N LYS C 257 28.00 26.28 -29.45
CA LYS C 257 26.85 26.90 -28.79
C LYS C 257 25.76 27.27 -29.77
N SER C 258 25.78 26.71 -30.97
CA SER C 258 24.85 27.10 -32.02
C SER C 258 23.52 26.37 -31.87
N SER C 259 22.47 26.95 -32.45
CA SER C 259 21.13 26.40 -32.37
C SER C 259 20.32 26.90 -33.57
N ILE C 260 19.02 26.60 -33.57
CA ILE C 260 18.11 27.01 -34.63
C ILE C 260 16.82 27.48 -33.99
N MET C 261 16.16 28.43 -34.65
CA MET C 261 14.94 29.02 -34.12
C MET C 261 13.99 29.35 -35.25
N ARG C 262 12.71 29.00 -35.08
CA ARG C 262 11.67 29.37 -36.03
C ARG C 262 11.12 30.74 -35.61
N SER C 263 11.23 31.71 -36.52
CA SER C 263 10.79 33.07 -36.23
C SER C 263 10.63 33.84 -37.52
N ASP C 264 9.63 34.73 -37.54
CA ASP C 264 9.43 35.66 -38.65
C ASP C 264 9.85 37.08 -38.29
N ALA C 265 10.48 37.26 -37.13
CA ALA C 265 10.91 38.59 -36.72
C ALA C 265 12.02 39.09 -37.65
N PRO C 266 12.03 40.37 -38.00
CA PRO C 266 13.08 40.89 -38.87
C PRO C 266 14.40 41.01 -38.10
N ILE C 267 15.50 40.95 -38.85
CA ILE C 267 16.82 41.11 -38.27
C ILE C 267 17.14 42.60 -38.17
N GLY C 268 17.67 43.02 -37.03
CA GLY C 268 17.97 44.43 -36.81
C GLY C 268 19.42 44.62 -36.41
N THR C 269 19.90 45.85 -36.64
CA THR C 269 21.26 46.23 -36.28
C THR C 269 21.24 46.78 -34.86
N CYS C 270 21.27 45.87 -33.90
CA CYS C 270 21.34 46.23 -32.49
C CYS C 270 22.11 45.13 -31.77
N SER C 271 22.25 45.28 -30.45
CA SER C 271 22.96 44.32 -29.62
C SER C 271 22.07 43.91 -28.46
N SER C 272 21.83 42.60 -28.34
CA SER C 272 21.02 42.07 -27.24
C SER C 272 21.40 40.62 -27.02
N GLU C 273 21.67 40.27 -25.76
CA GLU C 273 22.13 38.92 -25.44
C GLU C 273 21.04 37.87 -25.56
N CYS C 274 19.77 38.26 -25.47
CA CYS C 274 18.66 37.32 -25.43
C CYS C 274 17.81 37.44 -26.68
N ILE C 275 17.48 36.30 -27.30
CA ILE C 275 16.68 36.25 -28.51
C ILE C 275 15.52 35.29 -28.30
N THR C 276 14.31 35.72 -28.66
CA THR C 276 13.11 34.92 -28.69
C THR C 276 12.50 34.97 -30.08
N PRO C 277 11.57 34.06 -30.40
CA PRO C 277 10.88 34.14 -31.71
C PRO C 277 10.13 35.44 -31.93
N ASN C 278 9.87 36.22 -30.87
CA ASN C 278 9.25 37.55 -30.95
C ASN C 278 10.26 38.64 -31.24
N GLY C 279 11.53 38.32 -31.16
CA GLY C 279 12.59 39.29 -31.25
C GLY C 279 13.41 39.30 -29.98
N SER C 280 14.50 40.06 -30.04
CA SER C 280 15.36 40.22 -28.88
C SER C 280 14.64 40.94 -27.75
N ILE C 281 14.93 40.54 -26.51
CA ILE C 281 14.34 41.17 -25.32
C ILE C 281 15.48 41.56 -24.39
N PRO C 282 15.31 42.59 -23.58
CA PRO C 282 16.34 42.93 -22.59
C PRO C 282 16.42 41.86 -21.52
N ASN C 283 17.60 41.78 -20.89
CA ASN C 283 17.84 40.85 -19.79
C ASN C 283 18.13 41.60 -18.49
N ASP C 284 17.52 42.79 -18.32
CA ASP C 284 17.66 43.53 -17.07
C ASP C 284 16.75 43.00 -15.98
N LYS C 285 15.73 42.21 -16.32
CA LYS C 285 14.81 41.63 -15.37
C LYS C 285 15.10 40.14 -15.19
N PRO C 286 14.83 39.58 -14.01
CA PRO C 286 15.16 38.16 -13.77
C PRO C 286 14.23 37.19 -14.49
N PHE C 287 13.02 37.61 -14.86
CA PHE C 287 12.04 36.74 -15.48
C PHE C 287 11.47 37.42 -16.71
N GLN C 288 10.92 36.62 -17.62
CA GLN C 288 10.33 37.13 -18.84
C GLN C 288 9.09 36.33 -19.20
N ASN C 289 8.18 36.99 -19.93
CA ASN C 289 6.91 36.39 -20.32
C ASN C 289 6.70 36.50 -21.83
N VAL C 290 7.75 36.75 -22.59
CA VAL C 290 7.60 36.93 -24.03
C VAL C 290 7.42 35.58 -24.73
N ASN C 291 8.35 34.66 -24.50
CA ASN C 291 8.29 33.35 -25.15
C ASN C 291 9.14 32.38 -24.35
N LYS C 292 8.66 31.14 -24.24
CA LYS C 292 9.45 30.11 -23.56
C LYS C 292 10.63 29.65 -24.39
N ILE C 293 10.64 29.94 -25.69
CA ILE C 293 11.75 29.63 -26.57
C ILE C 293 12.72 30.81 -26.55
N THR C 294 13.95 30.55 -26.09
CA THR C 294 14.96 31.60 -25.96
C THR C 294 16.31 31.07 -26.42
N TYR C 295 17.22 32.00 -26.68
CA TYR C 295 18.60 31.66 -27.01
C TYR C 295 19.52 32.74 -26.43
N GLY C 296 20.59 32.31 -25.79
CA GLY C 296 21.53 33.23 -25.19
C GLY C 296 21.24 33.48 -23.72
N ALA C 297 21.87 34.54 -23.21
CA ALA C 297 21.70 34.95 -21.81
C ALA C 297 20.34 35.61 -21.65
N CYS C 298 19.39 34.91 -21.02
CA CYS C 298 18.01 35.32 -20.99
C CYS C 298 17.45 35.30 -19.57
N PRO C 299 16.41 36.09 -19.31
CA PRO C 299 15.59 35.86 -18.12
C PRO C 299 14.84 34.53 -18.23
N ARG C 300 14.44 34.01 -17.08
CA ARG C 300 13.73 32.74 -17.06
C ARG C 300 12.24 32.94 -17.35
N TYR C 301 11.70 32.07 -18.19
CA TYR C 301 10.30 32.19 -18.60
C TYR C 301 9.37 31.75 -17.50
N VAL C 302 8.37 32.59 -17.20
CA VAL C 302 7.35 32.30 -16.21
C VAL C 302 5.98 32.53 -16.83
N LYS C 303 4.94 32.06 -16.12
CA LYS C 303 3.58 32.21 -16.62
C LYS C 303 2.99 33.58 -16.26
N GLN C 304 3.43 34.19 -15.16
CA GLN C 304 2.91 35.49 -14.77
C GLN C 304 3.33 36.57 -15.75
N ASN C 305 2.41 37.47 -16.05
CA ASN C 305 2.71 38.60 -16.91
C ASN C 305 3.26 39.80 -16.13
N THR C 306 3.12 39.82 -14.81
CA THR C 306 3.64 40.90 -14.00
C THR C 306 3.98 40.39 -12.60
N LEU C 307 5.10 40.86 -12.08
CA LEU C 307 5.52 40.56 -10.71
C LEU C 307 6.20 41.81 -10.17
N LYS C 308 5.50 42.52 -9.28
CA LYS C 308 5.97 43.82 -8.81
C LYS C 308 6.80 43.64 -7.55
N LEU C 309 8.05 44.11 -7.59
CA LEU C 309 8.96 44.06 -6.46
C LEU C 309 8.94 45.39 -5.73
N ALA C 310 8.59 45.36 -4.44
CA ALA C 310 8.55 46.59 -3.65
C ALA C 310 9.94 47.18 -3.53
N THR C 311 10.06 48.47 -3.84
CA THR C 311 11.32 49.19 -3.73
C THR C 311 11.22 50.37 -2.77
N GLY C 312 10.13 50.45 -2.01
CA GLY C 312 9.96 51.44 -0.98
C GLY C 312 9.15 50.84 0.15
N MET C 313 8.95 51.62 1.21
CA MET C 313 8.23 51.14 2.38
C MET C 313 6.73 51.10 2.10
N ARG C 314 5.97 50.62 3.07
CA ARG C 314 4.51 50.66 2.95
C ARG C 314 4.00 52.09 2.98
N ASN C 315 3.17 52.42 2.00
CA ASN C 315 2.64 53.77 1.87
C ASN C 315 1.44 53.92 2.80
N VAL C 316 1.57 54.80 3.80
CA VAL C 316 0.51 55.10 4.76
C VAL C 316 0.08 56.54 4.52
N PRO C 317 -1.16 56.78 4.12
CA PRO C 317 -1.60 58.16 3.85
C PRO C 317 -1.64 58.99 5.12
N GLU C 318 -1.38 60.28 4.95
CA GLU C 318 -1.29 61.18 6.09
C GLU C 318 -2.65 61.39 6.74
N LYS C 319 -2.64 61.50 8.06
CA LYS C 319 -3.84 61.67 8.87
C LYS C 319 -4.30 63.12 8.90
N ALA C 327 -1.87 69.92 15.61
CA ALA C 327 -0.52 69.64 16.09
C ALA C 327 0.18 68.62 15.19
N ILE C 328 1.49 68.48 15.38
CA ILE C 328 2.26 67.54 14.60
C ILE C 328 2.10 66.13 15.18
N ALA C 329 2.32 65.13 14.33
CA ALA C 329 2.16 63.73 14.71
C ALA C 329 3.30 62.92 14.13
N GLY C 330 3.56 61.78 14.76
CA GLY C 330 4.64 60.89 14.36
C GLY C 330 4.22 59.84 13.36
N PHE C 331 5.00 58.77 13.31
CA PHE C 331 4.82 57.74 12.28
C PHE C 331 3.77 56.69 12.65
N ILE C 332 3.20 56.75 13.85
CA ILE C 332 2.21 55.76 14.27
C ILE C 332 0.95 55.95 13.43
N GLU C 333 0.73 55.06 12.47
CA GLU C 333 -0.42 55.10 11.56
C GLU C 333 -0.52 56.45 10.85
N ASN C 334 0.62 56.95 10.40
CA ASN C 334 0.68 58.26 9.75
C ASN C 334 1.95 58.36 8.93
N GLY C 335 1.81 58.61 7.64
CA GLY C 335 2.96 58.90 6.79
C GLY C 335 3.03 60.37 6.45
N TRP C 336 4.21 60.87 6.09
CA TRP C 336 4.41 62.28 5.82
C TRP C 336 4.56 62.48 4.31
N GLU C 337 3.47 62.91 3.66
CA GLU C 337 3.53 63.19 2.24
C GLU C 337 4.29 64.47 1.91
N GLY C 338 4.58 65.31 2.90
CA GLY C 338 5.33 66.52 2.68
C GLY C 338 6.83 66.35 2.72
N MET C 339 7.32 65.18 3.14
CA MET C 339 8.76 64.92 3.21
C MET C 339 9.21 64.30 1.89
N VAL C 340 9.89 65.08 1.07
CA VAL C 340 10.35 64.63 -0.25
C VAL C 340 11.85 64.48 -0.33
N ASP C 341 12.61 64.99 0.65
CA ASP C 341 14.06 64.93 0.63
C ASP C 341 14.61 63.76 1.44
N GLY C 342 13.77 62.81 1.82
CA GLY C 342 14.24 61.68 2.59
C GLY C 342 13.10 60.75 2.94
N TRP C 343 13.46 59.53 3.32
CA TRP C 343 12.48 58.52 3.71
C TRP C 343 12.08 58.62 5.17
N TYR C 344 12.97 59.11 6.02
CA TYR C 344 12.70 59.29 7.44
C TYR C 344 13.17 60.67 7.86
N GLY C 345 12.51 61.24 8.88
CA GLY C 345 12.87 62.57 9.29
C GLY C 345 12.27 62.96 10.63
N PHE C 346 12.48 64.23 10.98
CA PHE C 346 12.04 64.79 12.25
C PHE C 346 11.11 65.97 12.00
N ARG C 347 10.01 66.02 12.76
CA ARG C 347 9.16 67.20 12.84
C ARG C 347 9.14 67.66 14.29
N HIS C 348 9.37 68.95 14.52
CA HIS C 348 9.45 69.48 15.87
C HIS C 348 8.61 70.74 16.00
N GLN C 349 8.36 71.11 17.25
CA GLN C 349 7.70 72.36 17.58
C GLN C 349 8.29 72.86 18.90
N ASN C 350 8.86 74.05 18.88
CA ASN C 350 9.44 74.63 20.08
C ASN C 350 8.94 76.08 20.20
N SER C 351 9.67 76.88 20.98
CA SER C 351 9.27 78.26 21.19
C SER C 351 9.49 79.11 19.95
N GLU C 352 10.40 78.71 19.07
CA GLU C 352 10.74 79.48 17.87
C GLU C 352 9.96 79.02 16.64
N GLY C 353 8.99 78.12 16.80
CA GLY C 353 8.16 77.67 15.71
C GLY C 353 8.32 76.17 15.45
N THR C 354 8.04 75.77 14.22
CA THR C 354 8.12 74.38 13.80
C THR C 354 9.09 74.22 12.65
N GLY C 355 9.52 72.98 12.44
CA GLY C 355 10.45 72.69 11.36
C GLY C 355 10.44 71.21 11.02
N GLN C 356 11.06 70.90 9.88
CA GLN C 356 11.14 69.53 9.39
C GLN C 356 12.50 69.31 8.75
N ALA C 357 13.12 68.18 9.07
CA ALA C 357 14.40 67.80 8.49
C ALA C 357 14.44 66.29 8.33
N ALA C 358 15.05 65.83 7.25
CA ALA C 358 15.18 64.41 6.98
C ALA C 358 16.45 63.85 7.63
N ASP C 359 16.44 62.54 7.84
CA ASP C 359 17.59 61.83 8.41
C ASP C 359 18.26 61.07 7.27
N LEU C 360 19.49 61.49 6.93
CA LEU C 360 20.15 60.93 5.75
C LEU C 360 20.64 59.51 5.97
N LYS C 361 21.13 59.20 7.17
CA LYS C 361 21.72 57.89 7.41
C LYS C 361 20.67 56.79 7.32
N SER C 362 19.55 56.96 8.03
CA SER C 362 18.50 55.94 7.99
C SER C 362 17.87 55.84 6.62
N THR C 363 17.79 56.96 5.88
CA THR C 363 17.30 56.91 4.51
C THR C 363 18.24 56.11 3.62
N GLN C 364 19.54 56.34 3.75
CA GLN C 364 20.51 55.57 2.96
C GLN C 364 20.56 54.12 3.41
N ALA C 365 20.35 53.85 4.69
CA ALA C 365 20.39 52.47 5.18
C ALA C 365 19.27 51.63 4.57
N ALA C 366 18.13 52.25 4.28
CA ALA C 366 17.03 51.50 3.67
C ALA C 366 17.22 51.37 2.16
N ILE C 367 17.74 52.41 1.51
CA ILE C 367 17.97 52.36 0.07
C ILE C 367 19.06 51.34 -0.26
N ASP C 368 20.10 51.28 0.58
CA ASP C 368 21.20 50.36 0.33
C ASP C 368 20.74 48.91 0.39
N GLN C 369 19.87 48.59 1.34
CA GLN C 369 19.35 47.23 1.45
C GLN C 369 18.47 46.86 0.27
N ILE C 370 17.72 47.83 -0.27
CA ILE C 370 16.87 47.57 -1.43
C ILE C 370 17.71 47.46 -2.70
N ASN C 371 18.71 48.33 -2.86
CA ASN C 371 19.64 48.17 -3.97
C ASN C 371 20.41 46.87 -3.85
N GLY C 372 20.56 46.34 -2.62
CA GLY C 372 21.23 45.07 -2.44
C GLY C 372 20.41 43.91 -2.96
N LYS C 373 19.10 43.90 -2.67
CA LYS C 373 18.23 42.86 -3.18
C LYS C 373 18.16 42.89 -4.69
N LEU C 374 18.19 44.10 -5.27
CA LEU C 374 18.15 44.26 -6.71
C LEU C 374 19.37 43.62 -7.39
N ASN C 375 20.58 43.87 -6.83
CA ASN C 375 21.81 43.34 -7.41
C ASN C 375 21.84 41.82 -7.35
N ARG C 376 21.16 41.24 -6.36
CA ARG C 376 21.10 39.79 -6.26
C ARG C 376 19.95 39.24 -7.10
N LEU C 377 18.91 40.03 -7.35
CA LEU C 377 17.81 39.51 -8.15
C LEU C 377 18.14 39.53 -9.63
N ILE C 378 19.14 40.33 -10.00
CA ILE C 378 19.48 40.53 -11.41
C ILE C 378 20.75 39.75 -11.69
N GLU C 379 21.15 38.90 -10.76
CA GLU C 379 22.36 38.13 -10.91
C GLU C 379 22.02 36.68 -11.33
N LYS C 380 23.07 35.83 -11.46
CA LYS C 380 23.04 34.43 -11.89
C LYS C 380 23.00 34.12 -13.38
N THR C 381 23.12 32.82 -13.69
CA THR C 381 23.42 32.29 -15.01
C THR C 381 22.26 31.45 -15.54
N ASN C 382 21.49 32.02 -16.46
CA ASN C 382 20.59 31.28 -17.35
C ASN C 382 20.94 31.62 -18.80
N GLU C 383 22.01 31.05 -19.29
CA GLU C 383 22.42 31.22 -20.68
C GLU C 383 22.46 29.86 -21.36
N LYS C 384 21.42 29.61 -22.14
CA LYS C 384 21.22 28.33 -22.77
C LYS C 384 21.36 28.52 -24.27
N PHE C 385 21.73 27.43 -24.95
CA PHE C 385 21.91 27.50 -26.39
C PHE C 385 20.99 26.50 -27.07
N HIS C 386 21.52 25.40 -27.60
CA HIS C 386 20.64 24.42 -28.21
C HIS C 386 19.90 23.65 -27.12
N GLN C 387 18.57 23.68 -27.17
CA GLN C 387 17.73 23.00 -26.20
CA GLN C 387 17.74 22.99 -26.20
C GLN C 387 16.83 21.98 -26.90
N ILE C 388 15.62 21.81 -26.41
CA ILE C 388 14.65 20.96 -27.06
C ILE C 388 13.66 21.85 -27.80
N GLU C 389 12.92 21.25 -28.73
CA GLU C 389 11.84 21.97 -29.39
C GLU C 389 10.66 22.14 -28.45
N LYS C 390 9.96 23.26 -28.58
CA LYS C 390 8.87 23.59 -27.68
C LYS C 390 7.56 23.90 -28.39
N GLU C 391 7.55 24.02 -29.71
CA GLU C 391 6.33 24.07 -30.50
C GLU C 391 6.41 23.00 -31.59
N PHE C 392 5.25 22.49 -31.98
CA PHE C 392 5.19 21.36 -32.91
C PHE C 392 4.06 21.56 -33.90
N SER C 393 4.32 21.25 -35.17
CA SER C 393 3.36 21.44 -36.23
C SER C 393 2.68 20.14 -36.67
N GLU C 394 3.11 18.99 -36.15
CA GLU C 394 2.45 17.72 -36.43
C GLU C 394 2.25 16.95 -35.12
N VAL C 395 1.27 16.05 -35.14
CA VAL C 395 0.98 15.19 -34.00
C VAL C 395 1.89 13.97 -34.06
N GLU C 396 2.58 13.69 -32.96
CA GLU C 396 3.56 12.61 -32.93
C GLU C 396 3.30 11.57 -31.83
N GLY C 397 2.83 12.00 -30.67
CA GLY C 397 2.54 11.06 -29.60
C GLY C 397 3.57 11.04 -28.50
N ARG C 398 4.16 9.87 -28.25
CA ARG C 398 4.88 9.62 -27.01
C ARG C 398 6.04 10.58 -26.82
N ILE C 399 6.93 10.68 -27.81
CA ILE C 399 8.10 11.54 -27.67
CA ILE C 399 8.11 11.53 -27.68
C ILE C 399 7.69 12.99 -27.51
N GLN C 400 6.72 13.45 -28.32
CA GLN C 400 6.26 14.82 -28.20
C GLN C 400 5.52 15.05 -26.88
N ASP C 401 4.76 14.05 -26.42
CA ASP C 401 4.12 14.16 -25.11
C ASP C 401 5.15 14.40 -24.02
N LEU C 402 6.27 13.68 -24.07
CA LEU C 402 7.30 13.84 -23.04
C LEU C 402 7.99 15.19 -23.15
N GLU C 403 8.24 15.65 -24.39
CA GLU C 403 8.89 16.94 -24.58
C GLU C 403 8.04 18.08 -24.04
N LYS C 404 6.73 18.05 -24.31
CA LYS C 404 5.84 19.09 -23.78
C LYS C 404 5.75 19.02 -22.27
N TYR C 405 5.68 17.80 -21.72
CA TYR C 405 5.55 17.64 -20.28
C TYR C 405 6.77 18.17 -19.54
N VAL C 406 7.97 17.91 -20.08
CA VAL C 406 9.20 18.40 -19.46
C VAL C 406 9.18 19.92 -19.40
N GLU C 407 8.83 20.57 -20.52
CA GLU C 407 8.84 22.03 -20.55
C GLU C 407 7.74 22.61 -19.67
N ASP C 408 6.56 21.97 -19.67
CA ASP C 408 5.48 22.45 -18.82
C ASP C 408 5.81 22.28 -17.34
N THR C 409 6.47 21.17 -17.00
CA THR C 409 6.94 20.98 -15.63
C THR C 409 7.96 22.05 -15.24
N LYS C 410 8.88 22.37 -16.16
CA LYS C 410 9.92 23.37 -15.88
C LYS C 410 9.32 24.75 -15.66
N ILE C 411 8.38 25.15 -16.52
CA ILE C 411 7.82 26.50 -16.43
C ILE C 411 7.04 26.66 -15.13
N ASP C 412 6.28 25.64 -14.73
CA ASP C 412 5.52 25.73 -13.50
C ASP C 412 6.42 25.80 -12.27
N LEU C 413 7.59 25.18 -12.33
CA LEU C 413 8.50 25.21 -11.18
C LEU C 413 9.17 26.57 -11.05
N TRP C 414 9.51 27.20 -12.18
CA TRP C 414 10.09 28.54 -12.12
C TRP C 414 9.04 29.61 -11.87
N SER C 415 7.80 29.38 -12.31
CA SER C 415 6.72 30.28 -11.96
C SER C 415 6.48 30.29 -10.45
N TYR C 416 6.58 29.12 -9.82
CA TYR C 416 6.46 29.07 -8.37
C TYR C 416 7.63 29.76 -7.68
N ASN C 417 8.85 29.54 -8.18
CA ASN C 417 10.02 30.21 -7.62
C ASN C 417 9.87 31.72 -7.69
N ALA C 418 9.47 32.23 -8.86
CA ALA C 418 9.31 33.67 -9.01
C ALA C 418 8.23 34.21 -8.09
N GLU C 419 7.12 33.49 -7.96
CA GLU C 419 6.03 33.95 -7.12
C GLU C 419 6.47 34.00 -5.66
N LEU C 420 7.15 32.95 -5.19
CA LEU C 420 7.59 32.91 -3.79
C LEU C 420 8.70 33.92 -3.54
N LEU C 421 9.60 34.08 -4.51
CA LEU C 421 10.74 34.98 -4.31
C LEU C 421 10.27 36.41 -4.10
N VAL C 422 9.34 36.89 -4.93
CA VAL C 422 8.88 38.26 -4.82
C VAL C 422 8.12 38.48 -3.51
N ALA C 423 7.29 37.50 -3.12
CA ALA C 423 6.57 37.63 -1.87
C ALA C 423 7.50 37.68 -0.66
N LEU C 424 8.57 36.87 -0.70
CA LEU C 424 9.54 36.90 0.40
C LEU C 424 10.36 38.18 0.37
N GLU C 425 10.74 38.64 -0.82
CA GLU C 425 11.50 39.89 -0.92
C GLU C 425 10.67 41.07 -0.45
N ASN C 426 9.38 41.10 -0.80
CA ASN C 426 8.54 42.22 -0.42
C ASN C 426 8.32 42.27 1.09
N GLN C 427 8.08 41.11 1.71
CA GLN C 427 7.91 41.08 3.16
C GLN C 427 9.17 41.54 3.88
N HIS C 428 10.34 41.12 3.38
CA HIS C 428 11.58 41.57 3.99
C HIS C 428 11.81 43.06 3.75
N THR C 429 11.44 43.56 2.56
CA THR C 429 11.55 44.99 2.31
C THR C 429 10.63 45.77 3.24
N ILE C 430 9.43 45.26 3.49
CA ILE C 430 8.52 45.92 4.42
C ILE C 430 9.09 45.89 5.84
N ASP C 431 9.69 44.76 6.23
CA ASP C 431 10.23 44.65 7.58
C ASP C 431 11.48 45.51 7.77
N LEU C 432 12.35 45.57 6.77
CA LEU C 432 13.57 46.36 6.92
C LEU C 432 13.26 47.85 6.95
N THR C 433 12.25 48.29 6.19
CA THR C 433 11.87 49.70 6.21
C THR C 433 11.14 50.06 7.50
N ASP C 434 10.39 49.11 8.06
CA ASP C 434 9.75 49.35 9.36
C ASP C 434 10.78 49.36 10.49
N SER C 435 11.84 48.56 10.36
CA SER C 435 12.88 48.53 11.39
C SER C 435 13.73 49.79 11.37
N GLU C 436 13.97 50.37 10.19
CA GLU C 436 14.71 51.62 10.13
C GLU C 436 13.95 52.75 10.81
N MET C 437 12.62 52.72 10.76
CA MET C 437 11.83 53.71 11.46
C MET C 437 11.90 53.50 12.97
N ASN C 438 11.89 52.24 13.41
CA ASN C 438 11.97 51.95 14.84
C ASN C 438 13.36 52.24 15.40
N LYS C 439 14.41 51.94 14.63
CA LYS C 439 15.77 52.19 15.10
C LYS C 439 16.02 53.69 15.29
N LEU C 440 15.49 54.51 14.38
CA LEU C 440 15.63 55.96 14.53
C LEU C 440 14.84 56.47 15.72
N PHE C 441 13.68 55.87 15.99
CA PHE C 441 12.90 56.27 17.16
C PHE C 441 13.59 55.89 18.46
N GLU C 442 14.15 54.67 18.53
CA GLU C 442 14.82 54.25 19.75
C GLU C 442 16.13 54.98 19.97
N LYS C 443 16.85 55.33 18.89
CA LYS C 443 18.07 56.12 19.04
C LYS C 443 17.76 57.48 19.65
N THR C 444 16.63 58.10 19.25
CA THR C 444 16.24 59.38 19.84
C THR C 444 15.85 59.21 21.30
N ARG C 445 15.21 58.09 21.64
CA ARG C 445 14.83 57.84 23.02
C ARG C 445 16.06 57.76 23.92
N LYS C 446 17.11 57.07 23.46
CA LYS C 446 18.30 56.90 24.29
C LYS C 446 19.07 58.21 24.46
N GLN C 447 18.98 59.10 23.47
CA GLN C 447 19.62 60.41 23.62
C GLN C 447 18.92 61.24 24.69
N LEU C 448 17.59 61.21 24.72
CA LEU C 448 16.82 62.08 25.60
C LEU C 448 16.84 61.61 27.04
N ARG C 449 17.14 60.33 27.29
CA ARG C 449 17.22 59.78 28.64
C ARG C 449 15.97 60.10 29.45
N GLU C 450 16.13 60.88 30.52
CA GLU C 450 15.02 61.27 31.37
C GLU C 450 14.51 62.68 31.07
N ASN C 451 14.89 63.24 29.92
CA ASN C 451 14.47 64.59 29.57
C ASN C 451 13.24 64.63 28.70
N ALA C 452 12.66 63.47 28.34
CA ALA C 452 11.49 63.43 27.50
C ALA C 452 10.65 62.22 27.86
N GLU C 453 9.45 62.14 27.28
CA GLU C 453 8.55 61.02 27.47
C GLU C 453 7.91 60.64 26.14
N ASP C 454 7.73 59.34 25.94
CA ASP C 454 7.10 58.84 24.73
C ASP C 454 5.60 59.15 24.76
N MET C 455 5.13 59.96 23.81
CA MET C 455 3.74 60.35 23.77
C MET C 455 2.83 59.29 23.16
N GLY C 456 3.40 58.23 22.58
CA GLY C 456 2.63 57.12 22.04
C GLY C 456 2.37 57.20 20.55
N ASN C 457 2.34 58.40 19.98
CA ASN C 457 2.08 58.58 18.56
C ASN C 457 3.36 58.76 17.76
N GLY C 458 4.49 58.26 18.26
CA GLY C 458 5.76 58.45 17.59
C GLY C 458 6.44 59.77 17.88
N CYS C 459 5.91 60.56 18.82
CA CYS C 459 6.49 61.83 19.20
C CYS C 459 6.99 61.76 20.64
N PHE C 460 7.97 62.60 20.95
CA PHE C 460 8.46 62.78 22.30
C PHE C 460 8.05 64.15 22.81
N LYS C 461 7.64 64.21 24.08
CA LYS C 461 7.42 65.48 24.75
C LYS C 461 8.69 65.82 25.53
N ILE C 462 9.44 66.79 25.03
CA ILE C 462 10.70 67.19 25.63
C ILE C 462 10.40 68.20 26.73
N TYR C 463 10.68 67.81 27.98
CA TYR C 463 10.29 68.59 29.15
C TYR C 463 11.26 69.71 29.49
N HIS C 464 11.78 70.41 28.50
CA HIS C 464 12.61 71.58 28.74
C HIS C 464 12.56 72.44 27.48
N LYS C 465 12.88 73.72 27.65
CA LYS C 465 12.95 74.64 26.53
C LYS C 465 14.08 74.21 25.60
N CYS C 466 13.73 73.85 24.36
CA CYS C 466 14.66 73.29 23.40
C CYS C 466 14.58 74.10 22.11
N ASP C 467 15.52 75.01 21.92
CA ASP C 467 15.51 75.93 20.79
C ASP C 467 16.00 75.21 19.53
N ASN C 468 16.26 75.99 18.47
CA ASN C 468 16.66 75.40 17.19
C ASN C 468 18.02 74.71 17.28
N ALA C 469 18.95 75.28 18.03
CA ALA C 469 20.25 74.63 18.22
C ALA C 469 20.10 73.36 19.05
N CYS C 470 19.11 73.33 19.94
CA CYS C 470 18.88 72.14 20.75
C CYS C 470 18.23 71.03 19.92
N ILE C 471 17.26 71.39 19.08
CA ILE C 471 16.65 70.41 18.17
C ILE C 471 17.69 69.89 17.18
N GLY C 472 18.54 70.78 16.66
CA GLY C 472 19.55 70.36 15.72
C GLY C 472 20.56 69.39 16.32
N SER C 473 20.81 69.50 17.63
CA SER C 473 21.72 68.56 18.28
C SER C 473 21.10 67.17 18.37
N ILE C 474 19.79 67.08 18.57
CA ILE C 474 19.12 65.78 18.59
C ILE C 474 19.18 65.14 17.22
N ARG C 475 18.96 65.93 16.17
CA ARG C 475 19.03 65.39 14.81
C ARG C 475 20.46 64.99 14.45
N ASN C 476 21.44 65.80 14.87
CA ASN C 476 22.83 65.48 14.57
C ASN C 476 23.38 64.35 15.45
N GLY C 477 22.75 64.08 16.59
CA GLY C 477 23.23 63.05 17.48
C GLY C 477 24.20 63.53 18.54
N THR C 478 24.28 64.83 18.80
CA THR C 478 25.20 65.40 19.77
C THR C 478 24.47 66.01 20.96
N TYR C 479 23.30 65.46 21.29
CA TYR C 479 22.49 65.98 22.38
C TYR C 479 23.07 65.54 23.73
N ASP C 480 23.29 66.51 24.62
CA ASP C 480 23.84 66.23 25.94
C ASP C 480 22.70 66.34 26.96
N HIS C 481 22.29 65.18 27.50
CA HIS C 481 21.13 65.16 28.39
C HIS C 481 21.45 65.74 29.77
N ASP C 482 22.72 65.75 30.17
CA ASP C 482 23.08 66.32 31.46
C ASP C 482 22.83 67.82 31.52
N VAL C 483 22.82 68.50 30.37
CA VAL C 483 22.62 69.95 30.36
C VAL C 483 21.19 70.29 30.78
N TYR C 484 20.22 69.49 30.35
CA TYR C 484 18.81 69.79 30.59
C TYR C 484 18.17 68.86 31.61
N ARG C 485 18.95 67.99 32.25
CA ARG C 485 18.37 66.98 33.14
C ARG C 485 17.68 67.62 34.34
N ASP C 486 18.36 68.57 34.99
CA ASP C 486 17.79 69.21 36.17
C ASP C 486 16.53 69.99 35.81
N GLU C 487 16.55 70.69 34.68
CA GLU C 487 15.36 71.41 34.23
C GLU C 487 14.24 70.45 33.86
N ALA C 488 14.60 69.34 33.20
CA ALA C 488 13.58 68.41 32.70
C ALA C 488 12.92 67.64 33.85
N LEU C 489 13.72 67.21 34.84
CA LEU C 489 13.14 66.49 35.97
C LEU C 489 12.15 67.36 36.74
N ASN C 490 12.36 68.67 36.76
CA ASN C 490 11.41 69.55 37.45
CA ASN C 490 11.42 69.55 37.46
C ASN C 490 10.10 69.67 36.70
N ASN C 491 10.17 69.73 35.36
CA ASN C 491 8.94 69.82 34.58
C ASN C 491 8.17 68.51 34.58
N ARG C 492 8.86 67.37 34.67
CA ARG C 492 8.19 66.09 34.66
C ARG C 492 7.49 65.80 35.98
N PHE C 493 8.23 65.86 37.08
CA PHE C 493 7.74 65.43 38.39
C PHE C 493 7.23 66.59 39.23
N GLN C 494 6.58 67.55 38.59
CA GLN C 494 5.96 68.67 39.27
C GLN C 494 4.50 68.39 39.57
N ILE C 495 3.99 69.07 40.57
CA ILE C 495 2.59 68.95 40.92
C ILE C 495 1.77 69.94 40.09
N LYS C 496 0.61 69.49 39.63
CA LYS C 496 -0.25 70.31 38.78
C LYS C 496 -1.63 70.51 39.39
N ASN D 1 31.62 56.63 41.51
CA ASN D 1 31.91 56.25 42.88
C ASN D 1 30.68 55.61 43.53
N SER D 2 29.58 56.37 43.58
CA SER D 2 28.34 55.91 44.16
C SER D 2 27.46 55.14 43.17
N THR D 3 27.97 54.88 41.97
CA THR D 3 27.21 54.21 40.93
C THR D 3 28.04 53.05 40.37
N ALA D 4 27.41 52.26 39.51
CA ALA D 4 28.06 51.14 38.86
C ALA D 4 27.55 51.01 37.43
N THR D 5 28.41 50.51 36.55
CA THR D 5 28.09 50.32 35.15
C THR D 5 28.03 48.83 34.83
N LEU D 6 26.96 48.41 34.16
CA LEU D 6 26.78 47.02 33.75
C LEU D 6 26.51 47.00 32.26
N CYS D 7 27.41 46.36 31.50
CA CYS D 7 27.34 46.35 30.05
C CYS D 7 26.95 44.96 29.54
N LEU D 8 26.08 44.94 28.53
CA LEU D 8 25.70 43.71 27.85
C LEU D 8 26.42 43.64 26.51
N GLY D 9 26.97 42.47 26.19
CA GLY D 9 27.72 42.32 24.97
C GLY D 9 27.71 40.90 24.44
N HIS D 10 28.28 40.75 23.25
CA HIS D 10 28.41 39.46 22.60
C HIS D 10 29.84 39.27 22.13
N HIS D 11 30.19 38.02 21.84
CA HIS D 11 31.58 37.70 21.50
C HIS D 11 31.89 38.08 20.07
N ALA D 12 33.19 38.11 19.76
CA ALA D 12 33.68 38.38 18.42
C ALA D 12 35.00 37.65 18.24
N VAL D 13 35.33 37.37 16.98
CA VAL D 13 36.52 36.58 16.67
C VAL D 13 37.42 37.36 15.71
N PRO D 14 38.73 37.11 15.71
CA PRO D 14 39.61 37.76 14.74
C PRO D 14 39.71 37.04 13.40
N ASN D 15 38.99 35.93 13.20
CA ASN D 15 38.99 35.20 11.94
C ASN D 15 37.55 34.86 11.54
N GLY D 16 36.81 35.90 11.13
CA GLY D 16 35.46 35.72 10.66
C GLY D 16 35.40 35.18 9.24
N THR D 17 34.21 34.77 8.84
CA THR D 17 33.96 34.27 7.49
C THR D 17 32.79 35.02 6.88
N LEU D 18 32.78 35.08 5.55
CA LEU D 18 31.74 35.80 4.82
C LEU D 18 30.67 34.83 4.34
N VAL D 19 29.41 35.14 4.64
CA VAL D 19 28.28 34.34 4.20
C VAL D 19 27.34 35.26 3.43
N LYS D 20 26.27 34.69 2.87
CA LYS D 20 25.35 35.43 2.01
C LYS D 20 23.95 35.41 2.60
N THR D 21 23.23 36.51 2.40
CA THR D 21 21.81 36.59 2.72
C THR D 21 21.09 37.05 1.46
N ILE D 22 19.86 37.54 1.61
CA ILE D 22 19.13 38.06 0.46
C ILE D 22 19.58 39.48 0.13
N THR D 23 19.76 40.32 1.16
CA THR D 23 20.23 41.68 0.95
C THR D 23 21.74 41.72 0.69
N ASN D 24 22.52 41.24 1.66
CA ASN D 24 23.97 41.29 1.59
C ASN D 24 24.52 39.96 1.08
N ASP D 25 25.33 40.03 0.03
CA ASP D 25 26.09 38.88 -0.46
C ASP D 25 27.43 38.74 0.23
N GLN D 26 27.78 39.66 1.15
CA GLN D 26 29.06 39.63 1.83
C GLN D 26 28.87 40.21 3.24
N ILE D 27 28.37 39.35 4.14
CA ILE D 27 28.25 39.68 5.55
C ILE D 27 29.17 38.76 6.33
N GLU D 28 29.94 39.33 7.26
CA GLU D 28 30.92 38.58 8.03
C GLU D 28 30.28 38.01 9.29
N VAL D 29 30.48 36.72 9.52
CA VAL D 29 29.97 36.04 10.70
C VAL D 29 31.16 35.45 11.44
N THR D 30 30.91 35.01 12.67
CA THR D 30 31.98 34.45 13.49
C THR D 30 32.36 33.03 13.09
N ASN D 31 31.46 32.31 12.41
CA ASN D 31 31.71 30.92 12.09
C ASN D 31 30.70 30.46 11.04
N ALA D 32 31.15 29.52 10.19
CA ALA D 32 30.34 29.06 9.08
C ALA D 32 30.74 27.64 8.73
N THR D 33 29.83 26.94 8.06
CA THR D 33 30.06 25.57 7.62
C THR D 33 29.77 25.47 6.13
N GLU D 34 30.44 24.52 5.49
CA GLU D 34 30.30 24.31 4.06
C GLU D 34 29.18 23.31 3.79
N LEU D 35 28.27 23.67 2.89
CA LEU D 35 27.12 22.83 2.57
C LEU D 35 27.26 22.09 1.25
N VAL D 36 28.35 22.29 0.51
CA VAL D 36 28.57 21.64 -0.77
C VAL D 36 29.76 20.71 -0.63
N GLN D 37 29.52 19.41 -0.84
CA GLN D 37 30.60 18.43 -0.89
C GLN D 37 31.29 18.53 -2.24
N SER D 38 32.59 18.85 -2.23
CA SER D 38 33.35 19.06 -3.45
C SER D 38 34.50 18.08 -3.64
N SER D 39 34.87 17.33 -2.62
CA SER D 39 36.02 16.45 -2.67
C SER D 39 35.59 14.99 -2.67
N SER D 40 36.50 14.13 -3.09
CA SER D 40 36.27 12.69 -3.10
C SER D 40 37.58 11.97 -2.82
N THR D 41 37.51 10.86 -2.10
CA THR D 41 38.69 10.04 -1.87
C THR D 41 39.31 9.58 -3.18
N GLY D 42 38.50 9.44 -4.23
CA GLY D 42 38.95 8.98 -5.52
C GLY D 42 38.69 7.52 -5.77
N ARG D 43 38.29 6.77 -4.75
CA ARG D 43 38.02 5.35 -4.88
C ARG D 43 36.56 5.06 -4.54
N ILE D 44 36.06 3.97 -5.11
CA ILE D 44 34.68 3.53 -4.89
C ILE D 44 34.68 2.52 -3.75
N CYS D 45 34.00 2.85 -2.67
CA CYS D 45 33.91 1.93 -1.54
C CYS D 45 33.02 0.75 -1.88
N ASP D 46 33.48 -0.45 -1.50
CA ASP D 46 32.76 -1.68 -1.84
C ASP D 46 31.62 -1.98 -0.88
N SER D 47 31.35 -1.12 0.08
CA SER D 47 30.22 -1.22 0.99
C SER D 47 29.47 0.10 1.03
N PRO D 48 28.15 0.08 1.26
CA PRO D 48 27.31 -1.09 1.54
C PRO D 48 26.75 -1.78 0.30
N HIS D 49 27.03 -1.23 -0.88
CA HIS D 49 26.52 -1.77 -2.13
C HIS D 49 27.46 -2.83 -2.68
N ARG D 50 26.89 -3.87 -3.29
CA ARG D 50 27.68 -4.91 -3.93
C ARG D 50 28.20 -4.37 -5.26
N ILE D 51 29.49 -4.11 -5.31
CA ILE D 51 30.13 -3.54 -6.50
C ILE D 51 30.70 -4.67 -7.33
N LEU D 52 30.43 -4.64 -8.64
CA LEU D 52 30.97 -5.60 -9.59
C LEU D 52 31.83 -4.84 -10.60
N ASP D 53 33.15 -5.04 -10.54
CA ASP D 53 34.06 -4.39 -11.47
C ASP D 53 34.02 -5.11 -12.80
N GLY D 54 33.73 -4.36 -13.88
CA GLY D 54 33.71 -4.95 -15.20
C GLY D 54 35.07 -5.16 -15.83
N LYS D 55 36.08 -4.43 -15.35
CA LYS D 55 37.47 -4.55 -15.82
C LYS D 55 37.58 -4.36 -17.33
N ASN D 56 37.83 -5.44 -18.10
CA ASN D 56 37.91 -5.36 -19.55
C ASN D 56 36.57 -5.66 -20.22
N CYS D 57 35.48 -5.75 -19.46
CA CYS D 57 34.22 -6.22 -20.02
C CYS D 57 33.12 -5.19 -19.83
N THR D 58 32.46 -4.83 -20.92
CA THR D 58 31.19 -4.12 -20.82
C THR D 58 30.12 -5.10 -20.36
N LEU D 59 29.01 -4.54 -19.85
CA LEU D 59 27.91 -5.38 -19.40
C LEU D 59 27.33 -6.19 -20.54
N ILE D 60 27.27 -5.61 -21.74
CA ILE D 60 26.71 -6.32 -22.89
C ILE D 60 27.62 -7.48 -23.29
N ASP D 61 28.94 -7.27 -23.25
CA ASP D 61 29.86 -8.35 -23.61
C ASP D 61 29.79 -9.49 -22.60
N ALA D 62 29.63 -9.17 -21.31
CA ALA D 62 29.45 -10.21 -20.31
C ALA D 62 28.10 -10.90 -20.47
N LEU D 63 27.08 -10.16 -20.92
CA LEU D 63 25.77 -10.76 -21.17
C LEU D 63 25.84 -11.77 -22.31
N LEU D 64 26.41 -11.37 -23.45
CA LEU D 64 26.45 -12.25 -24.61
C LEU D 64 27.38 -13.44 -24.39
N GLY D 65 28.48 -13.23 -23.68
CA GLY D 65 29.41 -14.33 -23.43
C GLY D 65 30.71 -14.23 -24.20
N ASP D 66 31.31 -13.04 -24.22
CA ASP D 66 32.62 -12.88 -24.79
C ASP D 66 33.62 -13.76 -24.03
N PRO D 67 34.43 -14.56 -24.72
CA PRO D 67 35.33 -15.50 -24.01
C PRO D 67 36.17 -14.86 -22.92
N HIS D 68 36.72 -13.68 -23.13
CA HIS D 68 37.48 -13.05 -22.05
C HIS D 68 36.58 -12.50 -20.94
N CYS D 69 35.27 -12.63 -21.09
CA CYS D 69 34.31 -12.22 -20.06
C CYS D 69 33.63 -13.41 -19.40
N ASP D 70 34.22 -14.61 -19.50
CA ASP D 70 33.60 -15.80 -18.93
C ASP D 70 33.45 -15.70 -17.42
N GLY D 71 34.33 -14.94 -16.76
CA GLY D 71 34.27 -14.80 -15.31
C GLY D 71 33.06 -14.07 -14.78
N PHE D 72 32.18 -13.57 -15.65
CA PHE D 72 30.99 -12.83 -15.23
C PHE D 72 29.71 -13.64 -15.34
N GLN D 73 29.82 -14.93 -15.66
CA GLN D 73 28.63 -15.77 -15.78
C GLN D 73 27.89 -15.85 -14.44
N ASN D 74 26.59 -15.55 -14.49
CA ASN D 74 25.69 -15.65 -13.35
C ASN D 74 26.04 -14.69 -12.23
N GLU D 75 26.76 -13.61 -12.53
CA GLU D 75 27.14 -12.64 -11.52
C GLU D 75 25.94 -11.77 -11.14
N LYS D 76 26.03 -11.16 -9.96
CA LYS D 76 25.03 -10.24 -9.46
C LYS D 76 25.74 -8.97 -9.00
N TRP D 77 24.99 -7.87 -8.95
CA TRP D 77 25.59 -6.59 -8.59
C TRP D 77 24.50 -5.63 -8.15
N ASP D 78 24.89 -4.69 -7.28
CA ASP D 78 24.12 -3.48 -7.07
C ASP D 78 24.54 -2.38 -8.04
N LEU D 79 25.82 -2.32 -8.37
CA LEU D 79 26.34 -1.33 -9.32
C LEU D 79 27.41 -1.98 -10.17
N PHE D 80 27.19 -2.03 -11.48
CA PHE D 80 28.18 -2.50 -12.43
C PHE D 80 29.04 -1.32 -12.87
N VAL D 81 30.36 -1.47 -12.71
CA VAL D 81 31.31 -0.40 -12.99
C VAL D 81 32.02 -0.71 -14.29
N GLU D 82 31.70 0.04 -15.34
CA GLU D 82 32.32 -0.14 -16.65
C GLU D 82 33.57 0.70 -16.77
N ARG D 83 34.68 0.08 -17.15
CA ARG D 83 35.95 0.77 -17.34
C ARG D 83 36.07 1.24 -18.78
N SER D 84 36.81 2.34 -18.97
CA SER D 84 37.05 2.85 -20.31
C SER D 84 37.99 1.95 -21.10
N LYS D 85 38.75 1.09 -20.44
CA LYS D 85 39.66 0.16 -21.11
C LYS D 85 38.96 -1.08 -21.65
N ALA D 86 37.64 -1.19 -21.51
CA ALA D 86 36.92 -2.37 -21.96
C ALA D 86 36.98 -2.49 -23.48
N TYR D 87 36.88 -3.74 -23.96
CA TYR D 87 36.99 -4.03 -25.38
C TYR D 87 36.22 -5.31 -25.70
N SER D 88 35.85 -5.43 -26.97
CA SER D 88 35.22 -6.64 -27.49
C SER D 88 36.27 -7.48 -28.21
N ASN D 89 36.18 -8.79 -28.05
CA ASN D 89 37.13 -9.72 -28.65
C ASN D 89 36.43 -10.98 -29.14
N CYS D 90 35.21 -10.82 -29.63
CA CYS D 90 34.47 -11.95 -30.17
C CYS D 90 33.97 -11.62 -31.57
N TYR D 91 32.84 -12.16 -31.98
CA TYR D 91 32.30 -11.85 -33.30
C TYR D 91 31.84 -10.39 -33.32
N PRO D 92 32.23 -9.61 -34.32
CA PRO D 92 31.79 -8.20 -34.38
C PRO D 92 30.27 -8.12 -34.49
N TYR D 93 29.70 -7.18 -33.73
CA TYR D 93 28.26 -7.14 -33.57
C TYR D 93 27.81 -5.70 -33.36
N ASP D 94 26.50 -5.50 -33.47
CA ASP D 94 25.86 -4.26 -33.06
C ASP D 94 24.54 -4.61 -32.41
N VAL D 95 24.05 -3.71 -31.57
CA VAL D 95 22.77 -3.91 -30.90
C VAL D 95 21.84 -2.75 -31.27
N PRO D 96 20.84 -2.97 -32.11
CA PRO D 96 19.79 -1.95 -32.28
C PRO D 96 19.16 -1.62 -30.93
N ASP D 97 19.16 -0.32 -30.60
CA ASP D 97 18.78 0.15 -29.27
C ASP D 97 19.70 -0.47 -28.22
N TYR D 98 21.01 -0.29 -28.42
CA TYR D 98 22.01 -0.78 -27.47
C TYR D 98 21.79 -0.18 -26.08
N ALA D 99 21.39 1.09 -26.01
CA ALA D 99 21.26 1.76 -24.72
C ALA D 99 20.12 1.18 -23.90
N SER D 100 19.02 0.77 -24.55
CA SER D 100 17.88 0.24 -23.81
C SER D 100 18.18 -1.13 -23.24
N LEU D 101 18.84 -1.99 -24.02
CA LEU D 101 19.21 -3.31 -23.50
C LEU D 101 20.20 -3.19 -22.35
N ARG D 102 21.23 -2.37 -22.53
CA ARG D 102 22.19 -2.12 -21.46
C ARG D 102 21.49 -1.61 -20.20
N SER D 103 20.45 -0.79 -20.37
CA SER D 103 19.76 -0.22 -19.22
C SER D 103 18.92 -1.26 -18.50
N LEU D 104 18.18 -2.09 -19.23
CA LEU D 104 17.29 -3.04 -18.58
C LEU D 104 18.05 -4.17 -17.91
N VAL D 105 19.18 -4.58 -18.48
CA VAL D 105 20.01 -5.59 -17.82
C VAL D 105 20.68 -5.00 -16.58
N ALA D 106 21.15 -3.75 -16.68
CA ALA D 106 21.77 -3.09 -15.54
C ALA D 106 20.78 -2.91 -14.40
N SER D 107 19.53 -2.55 -14.74
CA SER D 107 18.51 -2.36 -13.71
C SER D 107 18.12 -3.68 -13.07
N SER D 108 18.08 -4.76 -13.86
CA SER D 108 17.74 -6.07 -13.31
C SER D 108 18.79 -6.54 -12.31
N GLY D 109 20.07 -6.27 -12.60
CA GLY D 109 21.13 -6.53 -11.63
C GLY D 109 21.54 -7.98 -11.48
N THR D 110 21.41 -8.78 -12.53
CA THR D 110 21.86 -10.16 -12.48
C THR D 110 22.09 -10.68 -13.89
N LEU D 111 23.04 -11.61 -14.02
CA LEU D 111 23.29 -12.32 -15.26
C LEU D 111 22.99 -13.80 -15.14
N GLU D 112 22.14 -14.17 -14.18
CA GLU D 112 21.77 -15.56 -13.94
C GLU D 112 21.16 -16.18 -15.19
N PHE D 113 21.86 -17.13 -15.79
CA PHE D 113 21.46 -17.74 -17.05
C PHE D 113 21.07 -19.20 -16.81
N ILE D 114 19.95 -19.60 -17.40
CA ILE D 114 19.41 -20.95 -17.24
C ILE D 114 19.33 -21.59 -18.63
N ASN D 115 20.11 -22.63 -18.84
CA ASN D 115 20.12 -23.31 -20.13
C ASN D 115 18.80 -24.04 -20.35
N GLU D 116 18.27 -23.92 -21.56
CA GLU D 116 17.06 -24.61 -21.97
C GLU D 116 17.36 -25.47 -23.18
N ASP D 117 16.67 -26.61 -23.26
CA ASP D 117 16.95 -27.63 -24.28
C ASP D 117 16.14 -27.28 -25.53
N PHE D 118 16.66 -26.33 -26.30
CA PHE D 118 16.14 -26.09 -27.64
C PHE D 118 16.57 -27.23 -28.55
N ASN D 119 15.62 -27.79 -29.28
CA ASN D 119 15.90 -28.89 -30.22
C ASN D 119 15.83 -28.33 -31.63
N TRP D 120 16.99 -28.06 -32.21
CA TRP D 120 17.09 -27.55 -33.57
C TRP D 120 17.27 -28.75 -34.50
N ILE D 121 16.26 -29.01 -35.33
CA ILE D 121 16.22 -30.22 -36.14
C ILE D 121 16.87 -29.95 -37.49
N GLY D 122 17.90 -30.71 -37.81
CA GLY D 122 18.49 -30.69 -39.15
C GLY D 122 19.55 -29.65 -39.39
N VAL D 123 20.03 -28.97 -38.36
CA VAL D 123 21.05 -27.94 -38.52
C VAL D 123 22.21 -28.21 -37.58
N THR D 124 23.37 -27.68 -37.93
CA THR D 124 24.56 -27.77 -37.08
C THR D 124 24.55 -26.63 -36.08
N GLN D 125 24.90 -26.94 -34.84
CA GLN D 125 24.85 -25.99 -33.75
C GLN D 125 26.26 -25.56 -33.36
N SER D 126 26.32 -24.50 -32.54
CA SER D 126 27.54 -23.97 -31.96
C SER D 126 28.60 -23.72 -33.03
N GLY D 127 28.25 -22.87 -33.99
CA GLY D 127 29.21 -22.43 -34.98
C GLY D 127 30.27 -21.54 -34.36
N GLY D 128 31.51 -21.68 -34.85
CA GLY D 128 32.63 -20.96 -34.30
C GLY D 128 33.24 -20.01 -35.32
N SER D 129 34.21 -19.21 -34.85
CA SER D 129 34.86 -18.22 -35.68
C SER D 129 36.25 -17.93 -35.14
N CYS D 130 37.16 -17.59 -36.05
CA CYS D 130 38.52 -17.25 -35.66
C CYS D 130 38.59 -15.92 -34.92
N ALA D 131 37.58 -15.06 -35.08
CA ALA D 131 37.53 -13.77 -34.41
C ALA D 131 36.94 -13.86 -33.00
N CYS D 132 36.71 -15.08 -32.49
CA CYS D 132 36.17 -15.28 -31.16
C CYS D 132 36.79 -16.57 -30.59
N LYS D 133 38.08 -16.47 -30.27
CA LYS D 133 38.81 -17.60 -29.72
C LYS D 133 38.51 -17.79 -28.25
N ARG D 134 38.30 -19.04 -27.85
CA ARG D 134 38.13 -19.43 -26.45
C ARG D 134 39.08 -20.58 -26.18
N GLY D 135 40.16 -20.30 -25.45
CA GLY D 135 41.18 -21.31 -25.27
C GLY D 135 41.98 -21.60 -26.53
N SER D 136 42.23 -20.59 -27.34
CA SER D 136 43.03 -20.69 -28.57
C SER D 136 42.39 -21.60 -29.61
N VAL D 137 41.08 -21.80 -29.55
CA VAL D 137 40.34 -22.55 -30.55
C VAL D 137 39.09 -21.75 -30.92
N ASN D 138 38.67 -21.87 -32.18
CA ASN D 138 37.51 -21.15 -32.67
C ASN D 138 36.29 -21.39 -31.78
N SER D 139 35.58 -20.31 -31.47
CA SER D 139 34.43 -20.39 -30.57
C SER D 139 33.49 -19.23 -30.89
N PHE D 140 32.58 -18.94 -29.96
CA PHE D 140 31.50 -18.00 -30.19
C PHE D 140 31.01 -17.49 -28.84
N PHE D 141 30.06 -16.56 -28.86
CA PHE D 141 29.44 -16.08 -27.63
C PHE D 141 28.86 -17.27 -26.86
N SER D 142 29.16 -17.31 -25.56
CA SER D 142 28.78 -18.48 -24.76
C SER D 142 27.27 -18.64 -24.69
N ARG D 143 26.54 -17.54 -24.65
CA ARG D 143 25.10 -17.57 -24.46
C ARG D 143 24.31 -17.62 -25.77
N LEU D 144 24.99 -17.61 -26.91
CA LEU D 144 24.33 -17.66 -28.20
C LEU D 144 24.72 -18.94 -28.94
N ASN D 145 23.90 -19.31 -29.91
CA ASN D 145 24.05 -20.58 -30.62
C ASN D 145 24.00 -20.30 -32.12
N TRP D 146 25.17 -20.23 -32.75
CA TRP D 146 25.28 -19.95 -34.18
C TRP D 146 24.91 -21.21 -34.95
N LEU D 147 23.78 -21.18 -35.65
CA LEU D 147 23.29 -22.32 -36.41
C LEU D 147 23.59 -22.11 -37.89
N HIS D 148 23.95 -23.21 -38.57
CA HIS D 148 24.17 -23.18 -40.01
C HIS D 148 23.77 -24.53 -40.57
N GLU D 149 23.96 -24.69 -41.89
CA GLU D 149 23.45 -25.85 -42.60
C GLU D 149 24.16 -27.13 -42.14
N SER D 150 23.48 -28.25 -42.37
CA SER D 150 24.06 -29.57 -42.17
C SER D 150 23.69 -30.43 -43.37
N GLU D 151 24.69 -31.09 -43.95
CA GLU D 151 24.51 -31.89 -45.16
C GLU D 151 23.90 -31.05 -46.29
N GLN D 152 24.35 -29.78 -46.37
CA GLN D 152 23.89 -28.84 -47.39
C GLN D 152 22.38 -28.66 -47.35
N LYS D 153 21.80 -28.70 -46.14
CA LYS D 153 20.38 -28.49 -45.94
C LYS D 153 20.18 -27.62 -44.71
N TYR D 154 19.15 -26.77 -44.77
CA TYR D 154 18.76 -25.92 -43.65
C TYR D 154 17.23 -25.92 -43.60
N PRO D 155 16.63 -26.97 -43.03
CA PRO D 155 15.16 -27.00 -42.94
C PRO D 155 14.65 -25.88 -42.07
N ALA D 156 13.43 -25.43 -42.39
CA ALA D 156 12.82 -24.32 -41.66
C ALA D 156 12.71 -24.65 -40.18
N LEU D 157 13.29 -23.79 -39.34
CA LEU D 157 13.27 -23.96 -37.90
C LEU D 157 11.98 -23.38 -37.33
N ASN D 158 11.30 -24.17 -36.50
CA ASN D 158 10.04 -23.77 -35.87
C ASN D 158 10.01 -24.43 -34.51
N VAL D 159 10.41 -23.69 -33.48
CA VAL D 159 10.67 -24.23 -32.15
C VAL D 159 9.94 -23.39 -31.11
N THR D 160 9.21 -24.05 -30.22
CA THR D 160 8.47 -23.38 -29.16
C THR D 160 9.16 -23.61 -27.82
N MET D 161 9.05 -22.60 -26.95
CA MET D 161 9.61 -22.68 -25.60
C MET D 161 8.64 -21.99 -24.66
N PRO D 162 7.73 -22.74 -24.04
CA PRO D 162 6.74 -22.12 -23.16
C PRO D 162 7.32 -21.75 -21.81
N ASN D 163 6.79 -20.67 -21.25
CA ASN D 163 7.14 -20.23 -19.90
C ASN D 163 6.11 -20.83 -18.95
N ASN D 164 6.42 -22.00 -18.41
CA ASN D 164 5.54 -22.69 -17.48
C ASN D 164 5.82 -22.32 -16.03
N GLY D 165 6.66 -21.32 -15.77
CA GLY D 165 7.03 -20.92 -14.44
C GLY D 165 6.29 -19.70 -13.96
N LYS D 166 6.82 -19.07 -12.91
CA LYS D 166 6.19 -17.91 -12.28
C LYS D 166 7.02 -16.65 -12.38
N PHE D 167 8.14 -16.68 -13.10
CA PHE D 167 8.98 -15.51 -13.26
C PHE D 167 9.17 -15.21 -14.75
N ASP D 168 9.53 -13.97 -15.04
CA ASP D 168 9.78 -13.56 -16.42
C ASP D 168 11.11 -14.11 -16.92
N LYS D 169 11.17 -14.37 -18.22
CA LYS D 169 12.37 -14.84 -18.88
C LYS D 169 12.85 -13.79 -19.88
N LEU D 170 14.15 -13.52 -19.87
CA LEU D 170 14.78 -12.62 -20.83
C LEU D 170 15.58 -13.46 -21.82
N TYR D 171 15.18 -13.41 -23.08
CA TYR D 171 15.85 -14.15 -24.15
C TYR D 171 16.67 -13.20 -24.99
N ILE D 172 17.94 -13.54 -25.19
CA ILE D 172 18.85 -12.79 -26.05
C ILE D 172 19.12 -13.65 -27.28
N TRP D 173 18.85 -13.10 -28.46
CA TRP D 173 19.05 -13.79 -29.72
C TRP D 173 19.63 -12.82 -30.73
N GLY D 174 19.95 -13.33 -31.92
CA GLY D 174 20.60 -12.50 -32.92
C GLY D 174 20.29 -12.93 -34.34
N VAL D 175 20.78 -12.12 -35.28
CA VAL D 175 20.66 -12.38 -36.72
C VAL D 175 22.03 -12.14 -37.35
N HIS D 176 22.46 -13.06 -38.21
CA HIS D 176 23.77 -12.97 -38.83
C HIS D 176 23.67 -12.30 -40.20
N HIS D 177 24.53 -11.31 -40.42
CA HIS D 177 24.59 -10.59 -41.70
C HIS D 177 25.83 -11.02 -42.46
N PRO D 178 25.72 -11.89 -43.46
CA PRO D 178 26.91 -12.32 -44.21
C PRO D 178 27.48 -11.17 -45.05
N SER D 179 28.69 -11.41 -45.55
CA SER D 179 29.40 -10.43 -46.35
C SER D 179 29.11 -10.60 -47.84
N THR D 180 29.14 -11.83 -48.34
CA THR D 180 28.93 -12.13 -49.75
C THR D 180 27.78 -13.11 -49.90
N ASP D 181 27.33 -13.29 -51.14
CA ASP D 181 26.23 -14.21 -51.41
C ASP D 181 26.67 -15.66 -51.27
N ARG D 182 27.93 -15.97 -51.62
CA ARG D 182 28.41 -17.33 -51.40
C ARG D 182 28.45 -17.67 -49.92
N GLU D 183 28.83 -16.71 -49.09
CA GLU D 183 28.79 -16.92 -47.64
C GLU D 183 27.36 -17.17 -47.17
N GLN D 184 26.41 -16.39 -47.68
CA GLN D 184 25.01 -16.55 -47.29
C GLN D 184 24.51 -17.95 -47.62
N THR D 185 24.92 -18.49 -48.78
CA THR D 185 24.45 -19.80 -49.20
C THR D 185 25.28 -20.95 -48.66
N ASN D 186 26.59 -20.74 -48.43
CA ASN D 186 27.39 -21.82 -47.86
C ASN D 186 26.98 -22.12 -46.43
N LEU D 187 26.41 -21.15 -45.73
CA LEU D 187 26.00 -21.31 -44.34
C LEU D 187 24.51 -21.62 -44.20
N TYR D 188 23.66 -21.03 -45.04
CA TYR D 188 22.22 -21.11 -44.85
C TYR D 188 21.49 -21.56 -46.10
N VAL D 189 22.21 -22.10 -47.09
CA VAL D 189 21.63 -22.68 -48.31
C VAL D 189 20.86 -21.64 -49.11
N ARG D 190 19.80 -21.09 -48.52
CA ARG D 190 18.96 -20.13 -49.23
C ARG D 190 19.67 -18.79 -49.38
N ALA D 191 19.27 -18.05 -50.43
CA ALA D 191 19.93 -16.78 -50.73
C ALA D 191 19.46 -15.66 -49.82
N SER D 192 18.34 -15.84 -49.13
CA SER D 192 17.86 -14.90 -48.14
C SER D 192 17.42 -15.69 -46.92
N GLY D 193 17.18 -14.96 -45.83
CA GLY D 193 16.84 -15.59 -44.57
C GLY D 193 15.91 -14.71 -43.78
N ARG D 194 14.89 -15.29 -43.16
CA ARG D 194 14.05 -14.56 -42.23
C ARG D 194 14.19 -15.13 -40.83
N VAL D 195 14.10 -14.27 -39.83
CA VAL D 195 14.09 -14.68 -38.43
C VAL D 195 12.92 -13.99 -37.76
N THR D 196 12.00 -14.78 -37.20
CA THR D 196 10.82 -14.26 -36.53
C THR D 196 10.74 -14.87 -35.14
N VAL D 197 10.84 -14.03 -34.12
CA VAL D 197 10.68 -14.44 -32.73
C VAL D 197 9.48 -13.71 -32.17
N SER D 198 8.49 -14.48 -31.70
CA SER D 198 7.21 -13.90 -31.31
C SER D 198 6.70 -14.58 -30.06
N THR D 199 5.82 -13.87 -29.37
CA THR D 199 5.06 -14.43 -28.26
C THR D 199 3.58 -14.30 -28.57
N LYS D 200 2.73 -14.38 -27.54
CA LYS D 200 1.30 -14.12 -27.75
C LYS D 200 0.97 -12.64 -27.87
N ARG D 201 1.88 -11.77 -27.43
CA ARG D 201 1.62 -10.34 -27.41
C ARG D 201 2.58 -9.51 -28.25
N SER D 202 3.63 -10.10 -28.82
CA SER D 202 4.58 -9.33 -29.61
C SER D 202 5.16 -10.21 -30.70
N GLN D 203 5.76 -9.56 -31.69
CA GLN D 203 6.43 -10.26 -32.78
C GLN D 203 7.57 -9.39 -33.29
N GLN D 204 8.68 -10.04 -33.62
CA GLN D 204 9.85 -9.35 -34.15
C GLN D 204 10.39 -10.14 -35.33
N THR D 205 10.42 -9.52 -36.50
CA THR D 205 10.95 -10.14 -37.71
C THR D 205 12.11 -9.30 -38.23
N VAL D 206 13.25 -9.95 -38.45
CA VAL D 206 14.46 -9.28 -38.93
C VAL D 206 14.89 -9.93 -40.23
N ILE D 207 15.27 -9.11 -41.20
CA ILE D 207 15.79 -9.55 -42.48
C ILE D 207 17.29 -9.27 -42.50
N PRO D 208 18.14 -10.27 -42.69
CA PRO D 208 19.57 -10.01 -42.82
C PRO D 208 19.86 -9.18 -44.06
N ASN D 209 20.96 -8.43 -43.98
CA ASN D 209 21.42 -7.59 -45.07
C ASN D 209 22.82 -8.06 -45.45
N ILE D 210 22.96 -8.51 -46.70
CA ILE D 210 24.24 -9.01 -47.19
C ILE D 210 25.01 -7.86 -47.81
N GLY D 211 26.29 -7.76 -47.48
CA GLY D 211 27.10 -6.70 -48.03
C GLY D 211 28.40 -6.54 -47.27
N SER D 212 29.37 -5.95 -47.95
CA SER D 212 30.69 -5.74 -47.37
C SER D 212 30.64 -4.59 -46.36
N ARG D 213 31.08 -4.88 -45.13
CA ARG D 213 31.27 -3.90 -44.08
C ARG D 213 32.75 -3.88 -43.71
N PRO D 214 33.24 -2.75 -43.17
CA PRO D 214 34.67 -2.65 -42.87
C PRO D 214 35.17 -3.79 -41.98
N TRP D 215 36.40 -4.22 -42.23
CA TRP D 215 36.97 -5.32 -41.47
C TRP D 215 37.09 -4.95 -39.99
N VAL D 216 36.57 -5.82 -39.14
CA VAL D 216 36.71 -5.70 -37.70
C VAL D 216 37.17 -7.07 -37.19
N ARG D 217 38.40 -7.12 -36.68
CA ARG D 217 39.03 -8.36 -36.23
C ARG D 217 38.98 -9.43 -37.31
N GLY D 218 39.23 -9.03 -38.56
CA GLY D 218 39.35 -9.93 -39.66
C GLY D 218 38.06 -10.29 -40.39
N LEU D 219 36.92 -9.80 -39.93
CA LEU D 219 35.63 -10.18 -40.49
C LEU D 219 34.88 -8.97 -41.02
N SER D 220 34.24 -9.15 -42.16
CA SER D 220 33.35 -8.16 -42.75
C SER D 220 31.89 -8.42 -42.42
N SER D 221 31.57 -9.56 -41.84
CA SER D 221 30.21 -9.89 -41.45
C SER D 221 29.91 -9.36 -40.05
N ARG D 222 28.63 -9.30 -39.72
CA ARG D 222 28.19 -8.76 -38.44
C ARG D 222 27.07 -9.63 -37.88
N ILE D 223 26.68 -9.30 -36.65
CA ILE D 223 25.55 -9.94 -35.97
C ILE D 223 24.78 -8.86 -35.24
N SER D 224 23.47 -8.81 -35.47
CA SER D 224 22.60 -7.86 -34.79
C SER D 224 21.90 -8.56 -33.63
N ILE D 225 21.98 -7.96 -32.45
CA ILE D 225 21.47 -8.57 -31.22
C ILE D 225 20.08 -8.04 -30.93
N TYR D 226 19.18 -8.94 -30.54
CA TYR D 226 17.81 -8.58 -30.20
C TYR D 226 17.42 -9.30 -28.91
N TRP D 227 16.32 -8.83 -28.30
CA TRP D 227 15.88 -9.40 -27.04
C TRP D 227 14.36 -9.50 -27.03
N THR D 228 13.86 -10.41 -26.19
CA THR D 228 12.43 -10.66 -26.04
C THR D 228 12.18 -11.15 -24.62
N ILE D 229 11.19 -10.56 -23.95
CA ILE D 229 10.79 -10.98 -22.61
C ILE D 229 9.51 -11.79 -22.71
N VAL D 230 9.50 -12.96 -22.07
CA VAL D 230 8.35 -13.87 -22.08
C VAL D 230 7.78 -13.94 -20.68
N LYS D 231 6.52 -13.56 -20.54
CA LYS D 231 5.84 -13.55 -19.26
C LYS D 231 5.39 -14.96 -18.88
N PRO D 232 5.12 -15.20 -17.60
CA PRO D 232 4.54 -16.50 -17.19
C PRO D 232 3.22 -16.76 -17.91
N GLY D 233 3.05 -18.00 -18.37
CA GLY D 233 1.92 -18.38 -19.18
C GLY D 233 2.06 -18.09 -20.65
N ASP D 234 2.96 -17.18 -21.02
CA ASP D 234 3.21 -16.87 -22.42
C ASP D 234 4.17 -17.90 -23.01
N ILE D 235 4.31 -17.85 -24.33
CA ILE D 235 5.08 -18.84 -25.08
C ILE D 235 6.05 -18.12 -25.99
N LEU D 236 7.31 -18.58 -26.00
CA LEU D 236 8.30 -18.10 -26.95
C LEU D 236 8.29 -19.02 -28.17
N LEU D 237 8.16 -18.43 -29.35
CA LEU D 237 8.15 -19.19 -30.60
C LEU D 237 9.20 -18.59 -31.52
N ILE D 238 10.15 -19.43 -31.94
CA ILE D 238 11.25 -19.00 -32.79
C ILE D 238 11.08 -19.68 -34.15
N ASN D 239 10.92 -18.86 -35.19
CA ASN D 239 10.75 -19.34 -36.55
C ASN D 239 11.83 -18.71 -37.42
N SER D 240 12.58 -19.54 -38.14
CA SER D 240 13.71 -19.04 -38.89
C SER D 240 13.90 -19.84 -40.17
N ILE D 241 14.17 -19.11 -41.26
CA ILE D 241 14.60 -19.69 -42.52
C ILE D 241 16.12 -19.69 -42.67
N GLY D 242 16.82 -18.86 -41.91
CA GLY D 242 18.27 -18.84 -41.96
C GLY D 242 18.79 -17.64 -41.18
N ASN D 243 20.10 -17.67 -40.92
CA ASN D 243 20.82 -16.60 -40.27
C ASN D 243 20.42 -16.39 -38.81
N LEU D 244 19.80 -17.40 -38.19
CA LEU D 244 19.39 -17.28 -36.80
C LEU D 244 20.57 -17.52 -35.87
N ILE D 245 20.79 -16.58 -34.94
CA ILE D 245 21.70 -16.77 -33.82
C ILE D 245 20.82 -17.07 -32.62
N ALA D 246 20.72 -18.34 -32.26
CA ALA D 246 19.71 -18.78 -31.31
C ALA D 246 20.18 -18.60 -29.87
N PRO D 247 19.25 -18.43 -28.94
CA PRO D 247 19.61 -18.46 -27.53
C PRO D 247 19.73 -19.88 -27.00
N ARG D 248 20.59 -20.05 -26.01
CA ARG D 248 20.74 -21.32 -25.32
C ARG D 248 19.86 -21.40 -24.09
N GLY D 249 19.10 -20.36 -23.80
CA GLY D 249 18.28 -20.30 -22.61
C GLY D 249 17.77 -18.90 -22.38
N TYR D 250 17.57 -18.57 -21.11
CA TYR D 250 17.07 -17.25 -20.74
C TYR D 250 17.84 -16.73 -19.53
N PHE D 251 17.84 -15.42 -19.38
CA PHE D 251 18.35 -14.77 -18.19
C PHE D 251 17.20 -14.47 -17.25
N LYS D 252 17.37 -14.79 -15.98
CA LYS D 252 16.40 -14.34 -14.99
C LYS D 252 16.44 -12.83 -14.88
N ILE D 253 15.32 -12.19 -15.17
CA ILE D 253 15.22 -10.73 -15.13
C ILE D 253 14.46 -10.35 -13.87
N ARG D 254 15.03 -9.43 -13.10
CA ARG D 254 14.49 -9.03 -11.82
C ARG D 254 14.10 -7.56 -11.82
N THR D 255 13.49 -7.13 -10.73
CA THR D 255 13.18 -5.72 -10.47
C THR D 255 13.92 -5.32 -9.21
N GLY D 256 14.97 -4.52 -9.35
CA GLY D 256 15.77 -4.17 -8.20
C GLY D 256 16.30 -2.75 -8.20
N LYS D 257 17.22 -2.47 -7.28
CA LYS D 257 17.84 -1.15 -7.14
C LYS D 257 19.17 -1.07 -7.87
N SER D 258 19.43 -1.99 -8.79
CA SER D 258 20.73 -2.06 -9.44
C SER D 258 20.81 -1.07 -10.60
N SER D 259 22.04 -0.74 -10.98
CA SER D 259 22.30 0.22 -12.05
C SER D 259 23.70 -0.05 -12.60
N ILE D 260 24.16 0.84 -13.49
CA ILE D 260 25.46 0.73 -14.11
C ILE D 260 26.09 2.12 -14.15
N MET D 261 27.42 2.17 -14.07
CA MET D 261 28.13 3.43 -14.04
C MET D 261 29.46 3.31 -14.78
N ARG D 262 29.76 4.30 -15.61
CA ARG D 262 31.05 4.40 -16.27
C ARG D 262 32.01 5.14 -15.36
N SER D 263 33.11 4.49 -14.97
CA SER D 263 34.06 5.10 -14.06
C SER D 263 35.38 4.33 -14.13
N ASP D 264 36.48 5.07 -14.00
CA ASP D 264 37.80 4.48 -13.89
C ASP D 264 38.34 4.54 -12.46
N ALA D 265 37.52 4.94 -11.50
CA ALA D 265 37.98 5.02 -10.12
C ALA D 265 38.28 3.63 -9.58
N PRO D 266 39.32 3.47 -8.79
CA PRO D 266 39.63 2.15 -8.21
C PRO D 266 38.63 1.78 -7.12
N ILE D 267 38.45 0.49 -6.92
CA ILE D 267 37.57 -0.02 -5.88
C ILE D 267 38.36 -0.09 -4.57
N GLY D 268 37.74 0.36 -3.48
CA GLY D 268 38.39 0.38 -2.19
C GLY D 268 37.57 -0.33 -1.14
N THR D 269 38.26 -0.77 -0.09
CA THR D 269 37.62 -1.46 1.03
C THR D 269 37.23 -0.41 2.08
N CYS D 270 36.09 0.22 1.85
CA CYS D 270 35.52 1.19 2.77
C CYS D 270 34.00 1.13 2.66
N SER D 271 33.32 1.99 3.41
CA SER D 271 31.87 2.04 3.43
C SER D 271 31.41 3.47 3.15
N SER D 272 30.58 3.63 2.13
CA SER D 272 30.03 4.94 1.78
C SER D 272 28.74 4.74 1.00
N GLU D 273 27.69 5.44 1.43
CA GLU D 273 26.37 5.26 0.81
C GLU D 273 26.27 5.87 -0.58
N CYS D 274 27.14 6.83 -0.91
CA CYS D 274 27.04 7.57 -2.17
C CYS D 274 28.23 7.24 -3.06
N ILE D 275 27.94 6.97 -4.34
CA ILE D 275 28.96 6.62 -5.33
C ILE D 275 28.82 7.53 -6.53
N THR D 276 29.93 8.10 -6.98
CA THR D 276 30.03 8.89 -8.19
C THR D 276 31.12 8.31 -9.08
N PRO D 277 31.13 8.67 -10.37
CA PRO D 277 32.24 8.23 -11.23
C PRO D 277 33.61 8.71 -10.75
N ASN D 278 33.66 9.74 -9.90
CA ASN D 278 34.89 10.25 -9.31
C ASN D 278 35.28 9.47 -8.06
N GLY D 279 34.40 8.61 -7.59
CA GLY D 279 34.60 7.87 -6.36
C GLY D 279 33.49 8.16 -5.36
N SER D 280 33.51 7.39 -4.28
CA SER D 280 32.54 7.61 -3.21
C SER D 280 32.76 8.96 -2.54
N ILE D 281 31.67 9.60 -2.15
CA ILE D 281 31.73 10.89 -1.45
C ILE D 281 30.90 10.80 -0.18
N PRO D 282 31.23 11.56 0.86
CA PRO D 282 30.39 11.57 2.05
C PRO D 282 29.05 12.23 1.78
N ASN D 283 28.06 11.87 2.58
CA ASN D 283 26.72 12.45 2.50
C ASN D 283 26.38 13.22 3.77
N ASP D 284 27.39 13.84 4.39
CA ASP D 284 27.16 14.68 5.56
C ASP D 284 26.65 16.06 5.20
N LYS D 285 26.80 16.48 3.96
CA LYS D 285 26.34 17.78 3.49
C LYS D 285 25.10 17.62 2.60
N PRO D 286 24.21 18.61 2.55
CA PRO D 286 22.99 18.46 1.76
C PRO D 286 23.21 18.54 0.26
N PHE D 287 24.32 19.13 -0.20
CA PHE D 287 24.57 19.31 -1.61
C PHE D 287 26.00 18.88 -1.94
N GLN D 288 26.22 18.56 -3.21
CA GLN D 288 27.52 18.14 -3.70
C GLN D 288 27.76 18.69 -5.09
N ASN D 289 29.04 18.85 -5.44
CA ASN D 289 29.44 19.40 -6.73
C ASN D 289 30.45 18.48 -7.42
N VAL D 290 30.52 17.22 -7.02
CA VAL D 290 31.51 16.31 -7.58
C VAL D 290 31.10 15.84 -8.96
N ASN D 291 29.90 15.28 -9.09
CA ASN D 291 29.43 14.77 -10.36
C ASN D 291 27.90 14.67 -10.33
N LYS D 292 27.27 15.00 -11.46
CA LYS D 292 25.82 14.85 -11.57
C LYS D 292 25.40 13.39 -11.66
N ILE D 293 26.31 12.49 -11.97
CA ILE D 293 26.04 11.06 -12.00
C ILE D 293 26.30 10.50 -10.61
N THR D 294 25.25 9.97 -9.98
CA THR D 294 25.35 9.46 -8.63
C THR D 294 24.61 8.14 -8.51
N TYR D 295 24.91 7.39 -7.44
CA TYR D 295 24.20 6.17 -7.11
C TYR D 295 24.17 6.03 -5.60
N GLY D 296 22.99 5.71 -5.06
CA GLY D 296 22.84 5.53 -3.62
C GLY D 296 22.35 6.78 -2.93
N ALA D 297 22.48 6.76 -1.60
CA ALA D 297 22.08 7.88 -0.76
C ALA D 297 23.10 9.01 -0.90
N CYS D 298 22.72 10.06 -1.63
CA CYS D 298 23.68 11.07 -2.03
C CYS D 298 23.17 12.48 -1.71
N PRO D 299 24.08 13.44 -1.54
CA PRO D 299 23.69 14.84 -1.60
C PRO D 299 23.24 15.20 -3.02
N ARG D 300 22.45 16.26 -3.12
CA ARG D 300 21.94 16.68 -4.42
C ARG D 300 22.97 17.52 -5.15
N TYR D 301 23.09 17.26 -6.46
CA TYR D 301 24.07 17.95 -7.28
C TYR D 301 23.62 19.37 -7.58
N VAL D 302 24.52 20.34 -7.37
CA VAL D 302 24.27 21.73 -7.66
C VAL D 302 25.44 22.26 -8.50
N LYS D 303 25.26 23.46 -9.05
CA LYS D 303 26.32 24.07 -9.86
C LYS D 303 27.34 24.82 -9.01
N GLN D 304 26.93 25.33 -7.84
CA GLN D 304 27.86 26.06 -6.99
C GLN D 304 28.89 25.11 -6.40
N ASN D 305 30.14 25.58 -6.34
CA ASN D 305 31.21 24.82 -5.71
C ASN D 305 31.32 25.08 -4.21
N THR D 306 30.68 26.13 -3.70
CA THR D 306 30.73 26.41 -2.27
C THR D 306 29.45 27.12 -1.85
N LEU D 307 28.93 26.75 -0.68
CA LEU D 307 27.78 27.41 -0.10
C LEU D 307 27.98 27.39 1.41
N LYS D 308 28.32 28.54 1.98
CA LYS D 308 28.68 28.63 3.39
C LYS D 308 27.46 28.97 4.23
N LEU D 309 27.16 28.12 5.20
CA LEU D 309 26.04 28.31 6.13
C LEU D 309 26.57 28.92 7.42
N ALA D 310 26.05 30.09 7.78
CA ALA D 310 26.48 30.74 9.00
C ALA D 310 26.11 29.90 10.22
N THR D 311 27.10 29.66 11.08
CA THR D 311 26.90 28.91 12.31
C THR D 311 27.21 29.75 13.56
N GLY D 312 27.38 31.05 13.40
CA GLY D 312 27.59 31.97 14.50
C GLY D 312 26.97 33.31 14.16
N MET D 313 27.02 34.23 15.12
CA MET D 313 26.40 35.53 14.93
C MET D 313 27.24 36.40 13.99
N ARG D 314 26.73 37.59 13.71
CA ARG D 314 27.47 38.55 12.89
C ARG D 314 28.69 39.03 13.65
N ASN D 315 29.87 38.93 13.03
CA ASN D 315 31.12 39.29 13.67
C ASN D 315 31.33 40.80 13.57
N VAL D 316 31.31 41.47 14.71
CA VAL D 316 31.52 42.92 14.79
C VAL D 316 32.83 43.16 15.54
N PRO D 317 33.84 43.74 14.90
CA PRO D 317 35.12 43.93 15.59
C PRO D 317 35.01 44.95 16.72
N GLU D 318 35.81 44.72 17.76
CA GLU D 318 35.76 45.57 18.93
C GLU D 318 36.36 46.94 18.62
N LYS D 319 35.68 47.98 19.05
CA LYS D 319 36.15 49.35 18.85
C LYS D 319 36.98 49.83 20.03
N ALA D 327 36.80 53.29 29.14
CA ALA D 327 35.69 52.68 29.87
C ALA D 327 35.13 51.48 29.12
N ILE D 328 34.29 50.70 29.78
CA ILE D 328 33.68 49.54 29.15
C ILE D 328 32.51 50.00 28.27
N ALA D 329 32.20 49.16 27.27
CA ALA D 329 31.14 49.47 26.31
C ALA D 329 30.33 48.21 26.05
N GLY D 330 29.10 48.41 25.61
CA GLY D 330 28.18 47.32 25.35
C GLY D 330 28.25 46.82 23.92
N PHE D 331 27.15 46.17 23.50
CA PHE D 331 27.12 45.49 22.20
C PHE D 331 26.75 46.41 21.05
N ILE D 332 26.40 47.66 21.31
CA ILE D 332 26.00 48.58 20.26
C ILE D 332 27.23 48.89 19.40
N GLU D 333 27.27 48.33 18.20
CA GLU D 333 28.39 48.50 17.28
C GLU D 333 29.72 48.13 17.93
N ASN D 334 29.71 47.03 18.68
CA ASN D 334 30.89 46.59 19.42
C ASN D 334 30.74 45.12 19.77
N GLY D 335 31.69 44.31 19.33
CA GLY D 335 31.75 42.92 19.76
C GLY D 335 32.88 42.72 20.75
N TRP D 336 32.81 41.67 21.56
CA TRP D 336 33.79 41.43 22.62
C TRP D 336 34.68 40.27 22.19
N GLU D 337 35.88 40.59 21.68
CA GLU D 337 36.83 39.56 21.31
C GLU D 337 37.49 38.91 22.52
N GLY D 338 37.36 39.50 23.71
CA GLY D 338 37.92 38.90 24.90
C GLY D 338 37.05 37.87 25.58
N MET D 339 35.80 37.74 25.15
CA MET D 339 34.87 36.76 25.73
C MET D 339 34.96 35.47 24.92
N VAL D 340 35.61 34.46 25.50
CA VAL D 340 35.81 33.18 24.81
C VAL D 340 35.00 32.05 25.43
N ASP D 341 34.42 32.23 26.61
CA ASP D 341 33.66 31.18 27.28
C ASP D 341 32.17 31.29 27.04
N GLY D 342 31.73 32.09 26.08
CA GLY D 342 30.32 32.24 25.81
C GLY D 342 30.08 33.24 24.70
N TRP D 343 28.87 33.16 24.14
CA TRP D 343 28.48 34.04 23.06
C TRP D 343 27.95 35.38 23.53
N TYR D 344 27.35 35.43 24.72
CA TYR D 344 26.85 36.66 25.32
C TYR D 344 27.29 36.71 26.77
N GLY D 345 27.45 37.92 27.30
CA GLY D 345 27.94 38.03 28.65
C GLY D 345 27.77 39.44 29.21
N PHE D 346 28.31 39.62 30.41
CA PHE D 346 28.23 40.86 31.16
C PHE D 346 29.62 41.41 31.44
N ARG D 347 29.78 42.71 31.25
CA ARG D 347 30.95 43.44 31.71
C ARG D 347 30.49 44.53 32.68
N HIS D 348 31.12 44.60 33.84
CA HIS D 348 30.68 45.53 34.88
C HIS D 348 31.87 46.32 35.43
N GLN D 349 31.54 47.39 36.13
CA GLN D 349 32.53 48.18 36.87
C GLN D 349 31.84 48.74 38.10
N ASN D 350 32.37 48.40 39.28
CA ASN D 350 31.84 48.91 40.54
C ASN D 350 33.00 49.41 41.38
N SER D 351 32.79 49.51 42.69
CA SER D 351 33.83 49.99 43.58
C SER D 351 34.95 48.98 43.76
N GLU D 352 34.68 47.70 43.55
CA GLU D 352 35.66 46.64 43.75
C GLU D 352 36.42 46.29 42.48
N GLY D 353 36.21 47.04 41.40
CA GLY D 353 36.93 46.81 40.15
C GLY D 353 35.98 46.46 39.02
N THR D 354 36.51 45.74 38.03
CA THR D 354 35.76 45.34 36.86
C THR D 354 35.78 43.82 36.73
N GLY D 355 34.85 43.30 35.93
CA GLY D 355 34.78 41.86 35.73
C GLY D 355 33.99 41.52 34.49
N GLN D 356 34.10 40.26 34.09
CA GLN D 356 33.42 39.76 32.90
C GLN D 356 32.94 38.34 33.16
N ALA D 357 31.70 38.06 32.78
CA ALA D 357 31.13 36.73 32.92
C ALA D 357 30.19 36.46 31.75
N ALA D 358 30.20 35.23 31.27
CA ALA D 358 29.32 34.84 30.17
C ALA D 358 27.96 34.39 30.69
N ASP D 359 26.96 34.46 29.82
CA ASP D 359 25.60 34.03 30.13
C ASP D 359 25.35 32.70 29.42
N LEU D 360 25.19 31.63 30.21
CA LEU D 360 25.11 30.29 29.64
C LEU D 360 23.77 30.07 28.94
N LYS D 361 22.68 30.60 29.51
CA LYS D 361 21.36 30.33 28.96
C LYS D 361 21.20 30.90 27.55
N SER D 362 21.54 32.19 27.37
CA SER D 362 21.42 32.79 26.05
C SER D 362 22.41 32.19 25.07
N THR D 363 23.58 31.78 25.55
CA THR D 363 24.53 31.11 24.67
C THR D 363 24.00 29.76 24.20
N GLN D 364 23.42 28.98 25.11
CA GLN D 364 22.85 27.70 24.71
C GLN D 364 21.61 27.88 23.85
N ALA D 365 20.83 28.94 24.10
CA ALA D 365 19.62 29.17 23.29
C ALA D 365 19.97 29.44 21.84
N ALA D 366 21.11 30.08 21.58
CA ALA D 366 21.52 30.35 20.20
C ALA D 366 22.17 29.13 19.57
N ILE D 367 22.95 28.37 20.35
CA ILE D 367 23.59 27.17 19.81
C ILE D 367 22.55 26.11 19.50
N ASP D 368 21.52 25.99 20.34
CA ASP D 368 20.49 24.98 20.13
C ASP D 368 19.71 25.26 18.84
N GLN D 369 19.41 26.52 18.56
CA GLN D 369 18.70 26.86 17.34
C GLN D 369 19.53 26.61 16.10
N ILE D 370 20.86 26.82 16.20
CA ILE D 370 21.73 26.58 15.06
C ILE D 370 21.96 25.09 14.84
N ASN D 371 22.14 24.32 15.92
CA ASN D 371 22.22 22.88 15.79
C ASN D 371 20.92 22.29 15.27
N GLY D 372 19.79 22.96 15.53
CA GLY D 372 18.52 22.50 15.00
C GLY D 372 18.44 22.65 13.50
N LYS D 373 18.90 23.80 12.97
CA LYS D 373 18.91 24.00 11.53
C LYS D 373 19.85 23.01 10.85
N LEU D 374 21.00 22.74 11.47
CA LEU D 374 21.96 21.81 10.88
C LEU D 374 21.35 20.42 10.71
N ASN D 375 20.63 19.94 11.73
CA ASN D 375 20.04 18.61 11.64
CA ASN D 375 20.04 18.62 11.64
C ASN D 375 18.93 18.56 10.59
N ARG D 376 18.06 19.59 10.54
CA ARG D 376 16.98 19.62 9.55
C ARG D 376 17.47 19.70 8.11
N LEU D 377 18.76 19.92 7.87
CA LEU D 377 19.28 19.99 6.52
C LEU D 377 19.76 18.64 6.01
N ILE D 378 19.84 17.64 6.90
CA ILE D 378 20.29 16.29 6.57
C ILE D 378 19.14 15.29 6.77
N GLU D 379 17.97 15.60 6.21
CA GLU D 379 16.85 14.67 6.19
C GLU D 379 16.69 14.12 4.77
N LYS D 380 16.54 12.81 4.67
CA LYS D 380 16.87 12.04 3.46
C LYS D 380 15.73 11.91 2.47
N THR D 381 15.84 12.63 1.35
CA THR D 381 14.89 12.50 0.24
C THR D 381 15.53 12.09 -1.08
N ASN D 382 16.85 11.97 -1.15
CA ASN D 382 17.55 11.66 -2.40
C ASN D 382 18.37 10.39 -2.26
N GLU D 383 17.70 9.25 -2.40
CA GLU D 383 18.35 7.95 -2.51
C GLU D 383 17.92 7.39 -3.86
N LYS D 384 18.78 7.53 -4.86
CA LYS D 384 18.46 7.15 -6.23
C LYS D 384 19.31 5.97 -6.67
N PHE D 385 18.77 5.21 -7.61
CA PHE D 385 19.48 4.04 -8.13
C PHE D 385 19.63 4.14 -9.64
N HIS D 386 18.90 3.33 -10.40
CA HIS D 386 18.98 3.43 -11.85
C HIS D 386 18.24 4.67 -12.32
N GLN D 387 18.95 5.54 -13.05
CA GLN D 387 18.39 6.78 -13.56
CA GLN D 387 18.37 6.78 -13.56
C GLN D 387 18.56 6.83 -15.07
N ILE D 388 18.73 8.04 -15.61
CA ILE D 388 19.02 8.20 -17.02
C ILE D 388 20.52 8.39 -17.17
N GLU D 389 21.01 8.20 -18.40
CA GLU D 389 22.39 8.52 -18.69
C GLU D 389 22.56 10.03 -18.80
N LYS D 390 23.73 10.50 -18.37
CA LYS D 390 24.00 11.94 -18.31
C LYS D 390 25.25 12.35 -19.06
N GLU D 391 26.04 11.41 -19.56
CA GLU D 391 27.12 11.68 -20.49
C GLU D 391 26.96 10.81 -21.72
N PHE D 392 27.43 11.30 -22.87
CA PHE D 392 27.20 10.62 -24.14
C PHE D 392 28.45 10.72 -25.00
N SER D 393 28.81 9.61 -25.66
CA SER D 393 29.99 9.55 -26.49
C SER D 393 29.70 9.64 -27.98
N GLU D 394 28.43 9.64 -28.39
CA GLU D 394 28.05 9.80 -29.78
C GLU D 394 26.93 10.81 -29.90
N VAL D 395 26.80 11.39 -31.08
CA VAL D 395 25.72 12.34 -31.37
C VAL D 395 24.49 11.55 -31.82
N GLU D 396 23.36 11.83 -31.19
CA GLU D 396 22.11 11.12 -31.45
C GLU D 396 20.98 12.03 -31.87
N GLY D 397 20.87 13.22 -31.29
CA GLY D 397 19.81 14.13 -31.66
C GLY D 397 18.68 14.23 -30.66
N ARG D 398 17.46 13.93 -31.12
CA ARG D 398 16.25 14.32 -30.39
C ARG D 398 16.20 13.70 -28.99
N ILE D 399 16.37 12.38 -28.89
CA ILE D 399 16.26 11.72 -27.60
CA ILE D 399 16.27 11.71 -27.59
C ILE D 399 17.38 12.19 -26.67
N GLN D 400 18.60 12.34 -27.21
CA GLN D 400 19.71 12.80 -26.38
C GLN D 400 19.52 14.26 -25.97
N ASP D 401 18.98 15.09 -26.87
CA ASP D 401 18.68 16.47 -26.52
C ASP D 401 17.74 16.53 -25.32
N LEU D 402 16.71 15.68 -25.32
CA LEU D 402 15.75 15.69 -24.22
C LEU D 402 16.38 15.20 -22.93
N GLU D 403 17.25 14.19 -23.01
CA GLU D 403 17.92 13.68 -21.81
C GLU D 403 18.82 14.74 -21.19
N LYS D 404 19.59 15.46 -22.02
CA LYS D 404 20.43 16.54 -21.50
C LYS D 404 19.59 17.68 -20.95
N TYR D 405 18.50 18.03 -21.65
CA TYR D 405 17.66 19.13 -21.21
C TYR D 405 16.99 18.83 -19.87
N VAL D 406 16.53 17.59 -19.68
CA VAL D 406 15.92 17.20 -18.41
C VAL D 406 16.91 17.36 -17.26
N GLU D 407 18.13 16.85 -17.45
CA GLU D 407 19.12 16.91 -16.38
C GLU D 407 19.57 18.34 -16.12
N ASP D 408 19.73 19.13 -17.18
CA ASP D 408 20.12 20.52 -17.01
C ASP D 408 19.01 21.32 -16.35
N THR D 409 17.75 21.02 -16.70
CA THR D 409 16.62 21.65 -16.00
C THR D 409 16.62 21.29 -14.53
N LYS D 410 16.90 20.03 -14.20
CA LYS D 410 16.89 19.59 -12.82
C LYS D 410 17.99 20.27 -12.01
N ILE D 411 19.20 20.35 -12.57
CA ILE D 411 20.33 20.92 -11.84
C ILE D 411 20.11 22.40 -11.56
N ASP D 412 19.58 23.14 -12.54
CA ASP D 412 19.34 24.55 -12.34
C ASP D 412 18.26 24.80 -11.29
N LEU D 413 17.29 23.89 -11.15
CA LEU D 413 16.24 24.07 -10.15
C LEU D 413 16.76 23.78 -8.74
N TRP D 414 17.61 22.77 -8.59
CA TRP D 414 18.18 22.48 -7.28
C TRP D 414 19.29 23.45 -6.91
N SER D 415 20.01 23.99 -7.90
CA SER D 415 20.97 25.06 -7.61
C SER D 415 20.27 26.29 -7.07
N TYR D 416 19.10 26.63 -7.62
CA TYR D 416 18.34 27.75 -7.10
C TYR D 416 17.83 27.47 -5.69
N ASN D 417 17.34 26.26 -5.44
CA ASN D 417 16.89 25.91 -4.10
C ASN D 417 18.03 26.06 -3.09
N ALA D 418 19.20 25.53 -3.42
CA ALA D 418 20.34 25.63 -2.53
C ALA D 418 20.74 27.07 -2.28
N GLU D 419 20.74 27.89 -3.34
CA GLU D 419 21.11 29.30 -3.18
C GLU D 419 20.11 30.03 -2.30
N LEU D 420 18.81 29.83 -2.53
CA LEU D 420 17.81 30.51 -1.72
C LEU D 420 17.80 29.98 -0.29
N LEU D 421 17.99 28.67 -0.12
CA LEU D 421 17.94 28.07 1.21
C LEU D 421 19.01 28.66 2.12
N VAL D 422 20.25 28.73 1.64
CA VAL D 422 21.35 29.21 2.47
C VAL D 422 21.17 30.69 2.79
N ALA D 423 20.70 31.48 1.82
CA ALA D 423 20.47 32.90 2.06
C ALA D 423 19.37 33.11 3.10
N LEU D 424 18.32 32.29 3.05
CA LEU D 424 17.26 32.38 4.05
C LEU D 424 17.72 31.87 5.40
N GLU D 425 18.48 30.77 5.41
CA GLU D 425 18.99 30.23 6.66
C GLU D 425 19.95 31.20 7.34
N ASN D 426 20.82 31.85 6.55
CA ASN D 426 21.78 32.76 7.14
C ASN D 426 21.10 34.00 7.71
N GLN D 427 20.12 34.54 6.99
CA GLN D 427 19.39 35.70 7.50
C GLN D 427 18.66 35.36 8.80
N HIS D 428 18.08 34.16 8.88
CA HIS D 428 17.40 33.76 10.11
C HIS D 428 18.40 33.55 11.23
N THR D 429 19.57 32.97 10.93
CA THR D 429 20.60 32.81 11.94
C THR D 429 21.08 34.17 12.46
N ILE D 430 21.22 35.14 11.56
CA ILE D 430 21.60 36.48 11.98
C ILE D 430 20.50 37.09 12.85
N ASP D 431 19.24 36.86 12.48
CA ASP D 431 18.14 37.43 13.23
C ASP D 431 17.99 36.80 14.61
N LEU D 432 18.15 35.46 14.69
CA LEU D 432 17.99 34.80 15.97
C LEU D 432 19.13 35.14 16.93
N THR D 433 20.35 35.31 16.41
CA THR D 433 21.47 35.67 17.27
C THR D 433 21.37 37.13 17.73
N ASP D 434 20.81 38.00 16.89
CA ASP D 434 20.56 39.38 17.32
C ASP D 434 19.42 39.45 18.34
N SER D 435 18.43 38.56 18.23
CA SER D 435 17.33 38.58 19.19
C SER D 435 17.76 38.06 20.56
N GLU D 436 18.68 37.09 20.59
CA GLU D 436 19.20 36.62 21.88
C GLU D 436 19.95 37.72 22.62
N MET D 437 20.63 38.60 21.88
CA MET D 437 21.32 39.72 22.52
C MET D 437 20.32 40.75 23.06
N ASN D 438 19.24 41.00 22.32
CA ASN D 438 18.24 41.95 22.78
C ASN D 438 17.45 41.42 23.97
N LYS D 439 17.13 40.12 23.95
CA LYS D 439 16.35 39.55 25.04
C LYS D 439 17.12 39.58 26.36
N LEU D 440 18.44 39.35 26.31
CA LEU D 440 19.25 39.44 27.52
C LEU D 440 19.32 40.88 28.03
N PHE D 441 19.37 41.84 27.11
CA PHE D 441 19.37 43.25 27.51
C PHE D 441 18.03 43.65 28.12
N GLU D 442 16.93 43.22 27.53
CA GLU D 442 15.61 43.55 28.08
C GLU D 442 15.36 42.79 29.38
N LYS D 443 15.87 41.57 29.51
CA LYS D 443 15.75 40.85 30.77
C LYS D 443 16.46 41.58 31.90
N THR D 444 17.62 42.16 31.61
CA THR D 444 18.34 42.94 32.62
C THR D 444 17.61 44.24 32.92
N ARG D 445 16.99 44.83 31.90
CA ARG D 445 16.22 46.05 32.11
C ARG D 445 15.08 45.83 33.08
N LYS D 446 14.38 44.70 32.95
CA LYS D 446 13.22 44.43 33.80
C LYS D 446 13.63 44.16 35.24
N GLN D 447 14.82 43.61 35.47
CA GLN D 447 15.30 43.39 36.83
C GLN D 447 15.60 44.70 37.53
N LEU D 448 16.23 45.64 36.83
CA LEU D 448 16.71 46.86 37.46
C LEU D 448 15.60 47.86 37.74
N ARG D 449 14.47 47.77 37.03
CA ARG D 449 13.32 48.65 37.25
C ARG D 449 13.71 50.11 37.20
N GLU D 450 13.55 50.82 38.33
CA GLU D 450 13.90 52.22 38.42
C GLU D 450 15.26 52.45 39.07
N ASN D 451 16.08 51.42 39.21
CA ASN D 451 17.39 51.54 39.83
C ASN D 451 18.50 51.77 38.82
N ALA D 452 18.19 51.82 37.53
CA ALA D 452 19.21 52.02 36.51
C ALA D 452 18.61 52.80 35.35
N GLU D 453 19.48 53.20 34.42
CA GLU D 453 19.06 53.91 33.22
C GLU D 453 19.85 53.39 32.03
N ASP D 454 19.17 53.29 30.88
CA ASP D 454 19.81 52.83 29.66
C ASP D 454 20.75 53.91 29.14
N MET D 455 22.05 53.59 29.07
CA MET D 455 23.05 54.55 28.62
C MET D 455 23.11 54.69 27.11
N GLY D 456 22.42 53.83 26.35
CA GLY D 456 22.35 53.92 24.92
C GLY D 456 23.36 53.05 24.18
N ASN D 457 24.49 52.75 24.80
CA ASN D 457 25.53 51.94 24.18
C ASN D 457 25.47 50.48 24.62
N GLY D 458 24.31 50.02 25.07
CA GLY D 458 24.18 48.66 25.57
C GLY D 458 24.59 48.48 27.02
N CYS D 459 24.86 49.55 27.74
CA CYS D 459 25.22 49.49 29.15
C CYS D 459 24.14 50.17 29.98
N PHE D 460 24.05 49.75 31.25
CA PHE D 460 23.17 50.38 32.22
C PHE D 460 24.00 51.14 33.24
N LYS D 461 23.51 52.32 33.62
CA LYS D 461 24.09 53.07 34.73
C LYS D 461 23.28 52.74 35.99
N ILE D 462 23.86 51.94 36.88
CA ILE D 462 23.19 51.52 38.09
C ILE D 462 23.43 52.59 39.15
N TYR D 463 22.36 53.25 39.58
CA TYR D 463 22.43 54.41 40.46
C TYR D 463 22.49 54.04 41.94
N HIS D 464 23.23 52.99 42.30
CA HIS D 464 23.42 52.63 43.71
C HIS D 464 24.68 51.80 43.82
N LYS D 465 25.20 51.72 45.04
CA LYS D 465 26.35 50.87 45.30
C LYS D 465 25.99 49.41 45.07
N CYS D 466 26.63 48.80 44.07
CA CYS D 466 26.34 47.43 43.67
C CYS D 466 27.66 46.67 43.63
N ASP D 467 27.96 45.96 44.71
CA ASP D 467 29.23 45.26 44.84
C ASP D 467 29.19 43.94 44.05
N ASN D 468 30.18 43.08 44.28
CA ASN D 468 30.30 41.86 43.49
C ASN D 468 29.12 40.92 43.73
N ALA D 469 28.64 40.84 44.98
CA ALA D 469 27.47 40.02 45.26
C ALA D 469 26.21 40.61 44.63
N CYS D 470 26.17 41.93 44.48
CA CYS D 470 25.03 42.58 43.85
C CYS D 470 25.05 42.40 42.34
N ILE D 471 26.23 42.51 41.71
CA ILE D 471 26.34 42.24 40.28
C ILE D 471 26.00 40.79 39.98
N GLY D 472 26.46 39.87 40.84
CA GLY D 472 26.16 38.46 40.64
C GLY D 472 24.68 38.15 40.71
N SER D 473 23.92 38.93 41.48
CA SER D 473 22.48 38.73 41.55
C SER D 473 21.81 39.11 40.25
N ILE D 474 22.32 40.16 39.58
CA ILE D 474 21.78 40.53 38.28
C ILE D 474 22.10 39.46 37.24
N ARG D 475 23.32 38.94 37.27
CA ARG D 475 23.70 37.88 36.33
C ARG D 475 22.94 36.59 36.62
N ASN D 476 22.75 36.25 37.89
CA ASN D 476 22.02 35.04 38.24
C ASN D 476 20.52 35.18 38.04
N GLY D 477 20.01 36.41 38.01
CA GLY D 477 18.58 36.64 37.87
C GLY D 477 17.83 36.74 39.18
N THR D 478 18.53 36.95 40.29
CA THR D 478 17.92 37.03 41.61
C THR D 478 18.06 38.44 42.22
N TYR D 479 18.09 39.46 41.36
CA TYR D 479 18.27 40.82 41.82
C TYR D 479 16.95 41.38 42.37
N ASP D 480 17.00 41.91 43.59
CA ASP D 480 15.83 42.47 44.25
C ASP D 480 15.94 43.99 44.20
N HIS D 481 15.10 44.62 43.37
CA HIS D 481 15.19 46.07 43.18
C HIS D 481 14.65 46.84 44.37
N ASP D 482 13.78 46.25 45.17
CA ASP D 482 13.25 46.94 46.34
C ASP D 482 14.32 47.23 47.38
N VAL D 483 15.41 46.45 47.39
CA VAL D 483 16.48 46.67 48.37
C VAL D 483 17.21 47.98 48.08
N TYR D 484 17.40 48.31 46.80
CA TYR D 484 18.18 49.47 46.40
C TYR D 484 17.33 50.59 45.81
N ARG D 485 16.00 50.47 45.85
CA ARG D 485 15.15 51.44 45.16
C ARG D 485 15.27 52.83 45.79
N ASP D 486 15.19 52.91 47.11
CA ASP D 486 15.26 54.21 47.78
C ASP D 486 16.61 54.88 47.57
N GLU D 487 17.70 54.10 47.63
CA GLU D 487 19.03 54.65 47.36
C GLU D 487 19.16 55.08 45.91
N ALA D 488 18.60 54.30 44.98
CA ALA D 488 18.75 54.59 43.56
C ALA D 488 17.95 55.82 43.14
N LEU D 489 16.73 55.96 43.65
CA LEU D 489 15.90 57.11 43.29
C LEU D 489 16.56 58.42 43.71
N ASN D 490 17.22 58.43 44.87
CA ASN D 490 17.89 59.65 45.32
CA ASN D 490 17.89 59.66 45.31
C ASN D 490 19.07 60.00 44.41
N ASN D 491 19.74 58.99 43.86
CA ASN D 491 20.87 59.26 42.97
C ASN D 491 20.40 59.69 41.58
N ARG D 492 19.24 59.19 41.13
CA ARG D 492 18.75 59.55 39.81
C ARG D 492 18.20 60.97 39.78
N PHE D 493 17.26 61.26 40.67
CA PHE D 493 16.50 62.51 40.64
C PHE D 493 17.06 63.54 41.60
N GLN D 494 18.38 63.60 41.72
CA GLN D 494 19.05 64.61 42.52
C GLN D 494 19.44 65.80 41.65
N ILE D 495 19.55 66.96 42.28
CA ILE D 495 19.99 68.18 41.61
C ILE D 495 21.51 68.23 41.64
N LYS D 496 22.11 68.50 40.49
CA LYS D 496 23.56 68.55 40.36
C LYS D 496 24.06 69.97 40.14
N ASN E 1 -78.16 -17.98 -1.77
CA ASN E 1 -79.18 -19.02 -1.88
C ASN E 1 -78.81 -20.01 -2.97
N SER E 2 -78.67 -19.52 -4.21
CA SER E 2 -78.33 -20.36 -5.35
C SER E 2 -76.83 -20.53 -5.52
N THR E 3 -76.03 -20.02 -4.57
CA THR E 3 -74.58 -20.08 -4.65
C THR E 3 -74.03 -20.62 -3.33
N ALA E 4 -72.72 -20.86 -3.31
CA ALA E 4 -72.04 -21.36 -2.13
C ALA E 4 -70.67 -20.73 -2.04
N THR E 5 -70.18 -20.58 -0.80
CA THR E 5 -68.88 -19.99 -0.53
C THR E 5 -67.97 -21.06 0.04
N LEU E 6 -66.75 -21.17 -0.50
CA LEU E 6 -65.75 -22.11 -0.03
C LEU E 6 -64.47 -21.36 0.26
N CYS E 7 -64.04 -21.38 1.52
CA CYS E 7 -62.91 -20.59 1.97
C CYS E 7 -61.73 -21.50 2.29
N LEU E 8 -60.53 -21.05 1.91
CA LEU E 8 -59.28 -21.73 2.24
C LEU E 8 -58.59 -20.99 3.38
N GLY E 9 -58.09 -21.74 4.35
CA GLY E 9 -57.47 -21.11 5.51
C GLY E 9 -56.42 -21.99 6.14
N HIS E 10 -55.74 -21.41 7.12
CA HIS E 10 -54.71 -22.10 7.89
C HIS E 10 -54.97 -21.88 9.37
N HIS E 11 -54.34 -22.71 10.19
CA HIS E 11 -54.59 -22.68 11.63
C HIS E 11 -53.86 -21.52 12.29
N ALA E 12 -54.24 -21.25 13.53
CA ALA E 12 -53.59 -20.22 14.34
C ALA E 12 -53.71 -20.63 15.80
N VAL E 13 -52.78 -20.12 16.61
CA VAL E 13 -52.73 -20.49 18.02
C VAL E 13 -52.82 -19.24 18.88
N PRO E 14 -53.35 -19.32 20.10
CA PRO E 14 -53.34 -18.18 21.02
C PRO E 14 -52.05 -18.06 21.80
N ASN E 15 -51.08 -18.96 21.60
CA ASN E 15 -49.77 -18.92 22.26
C ASN E 15 -48.65 -19.08 21.24
N GLY E 16 -48.44 -18.03 20.44
CA GLY E 16 -47.35 -18.01 19.49
C GLY E 16 -46.02 -17.68 20.15
N THR E 17 -44.95 -17.90 19.38
CA THR E 17 -43.59 -17.61 19.83
C THR E 17 -42.89 -16.75 18.78
N LEU E 18 -41.90 -15.99 19.23
CA LEU E 18 -41.16 -15.09 18.36
C LEU E 18 -39.88 -15.76 17.91
N VAL E 19 -39.66 -15.80 16.59
CA VAL E 19 -38.44 -16.36 16.01
C VAL E 19 -37.78 -15.28 15.15
N LYS E 20 -36.62 -15.60 14.59
CA LYS E 20 -35.82 -14.63 13.85
C LYS E 20 -35.65 -15.06 12.40
N THR E 21 -35.63 -14.10 11.50
CA THR E 21 -35.25 -14.32 10.11
C THR E 21 -34.18 -13.30 9.77
N ILE E 22 -33.96 -13.08 8.47
CA ILE E 22 -33.01 -12.07 8.04
C ILE E 22 -33.63 -10.68 8.06
N THR E 23 -34.87 -10.56 7.59
CA THR E 23 -35.57 -9.27 7.61
C THR E 23 -36.06 -8.93 9.01
N ASN E 24 -36.94 -9.77 9.56
CA ASN E 24 -37.55 -9.54 10.85
C ASN E 24 -36.81 -10.31 11.93
N ASP E 25 -36.40 -9.61 12.98
CA ASP E 25 -35.85 -10.24 14.17
C ASP E 25 -36.94 -10.64 15.16
N GLN E 26 -38.21 -10.35 14.83
CA GLN E 26 -39.34 -10.64 15.71
C GLN E 26 -40.57 -10.93 14.83
N ILE E 27 -40.65 -12.17 14.36
CA ILE E 27 -41.82 -12.68 13.65
C ILE E 27 -42.45 -13.78 14.48
N GLU E 28 -43.76 -13.72 14.65
CA GLU E 28 -44.49 -14.67 15.49
C GLU E 28 -44.90 -15.89 14.69
N VAL E 29 -44.58 -17.07 15.21
CA VAL E 29 -44.94 -18.34 14.59
C VAL E 29 -45.80 -19.14 15.57
N THR E 30 -46.41 -20.21 15.05
CA THR E 30 -47.27 -21.05 15.88
C THR E 30 -46.51 -21.97 16.81
N ASN E 31 -45.25 -22.28 16.52
CA ASN E 31 -44.50 -23.25 17.32
C ASN E 31 -43.01 -23.11 16.99
N ALA E 32 -42.17 -23.37 17.99
CA ALA E 32 -40.74 -23.22 17.85
C ALA E 32 -40.04 -24.17 18.80
N THR E 33 -38.78 -24.48 18.48
CA THR E 33 -37.97 -25.36 19.31
C THR E 33 -36.64 -24.68 19.62
N GLU E 34 -36.06 -25.06 20.76
CA GLU E 34 -34.82 -24.47 21.23
C GLU E 34 -33.63 -25.25 20.66
N LEU E 35 -32.68 -24.53 20.07
CA LEU E 35 -31.51 -25.14 19.45
C LEU E 35 -30.25 -25.03 20.28
N VAL E 36 -30.30 -24.36 21.44
CA VAL E 36 -29.14 -24.20 22.29
C VAL E 36 -29.40 -24.93 23.61
N GLN E 37 -28.56 -25.91 23.90
CA GLN E 37 -28.61 -26.58 25.20
C GLN E 37 -27.94 -25.69 26.24
N SER E 38 -28.71 -25.29 27.25
CA SER E 38 -28.22 -24.36 28.26
C SER E 38 -28.19 -24.94 29.66
N SER E 39 -28.82 -26.08 29.90
CA SER E 39 -28.92 -26.67 31.23
C SER E 39 -28.09 -27.93 31.33
N SER E 40 -27.81 -28.33 32.56
CA SER E 40 -27.06 -29.55 32.83
C SER E 40 -27.60 -30.17 34.11
N THR E 41 -27.63 -31.51 34.14
CA THR E 41 -28.01 -32.21 35.36
C THR E 41 -27.08 -31.84 36.51
N GLY E 42 -25.83 -31.49 36.20
CA GLY E 42 -24.85 -31.13 37.19
C GLY E 42 -23.89 -32.24 37.55
N ARG E 43 -24.15 -33.47 37.13
CA ARG E 43 -23.31 -34.60 37.44
C ARG E 43 -22.73 -35.21 36.17
N ILE E 44 -21.59 -35.86 36.31
CA ILE E 44 -20.89 -36.50 35.20
C ILE E 44 -21.32 -37.96 35.14
N CYS E 45 -21.97 -38.35 34.05
CA CYS E 45 -22.41 -39.72 33.87
C CYS E 45 -21.22 -40.63 33.59
N ASP E 46 -21.22 -41.79 34.23
CA ASP E 46 -20.09 -42.72 34.14
C ASP E 46 -20.13 -43.60 32.88
N SER E 47 -21.11 -43.40 32.00
CA SER E 47 -21.18 -44.07 30.72
C SER E 47 -21.42 -43.04 29.63
N PRO E 48 -20.94 -43.30 28.39
CA PRO E 48 -20.20 -44.48 27.94
C PRO E 48 -18.69 -44.40 28.13
N HIS E 49 -18.18 -43.27 28.62
CA HIS E 49 -16.75 -43.07 28.80
C HIS E 49 -16.32 -43.56 30.17
N ARG E 50 -15.12 -44.13 30.24
CA ARG E 50 -14.56 -44.55 31.52
C ARG E 50 -14.02 -43.33 32.25
N ILE E 51 -14.72 -42.93 33.32
CA ILE E 51 -14.38 -41.75 34.09
C ILE E 51 -13.52 -42.17 35.27
N LEU E 52 -12.42 -41.45 35.49
CA LEU E 52 -11.54 -41.68 36.63
C LEU E 52 -11.54 -40.42 37.51
N ASP E 53 -12.13 -40.53 38.69
CA ASP E 53 -12.16 -39.42 39.63
C ASP E 53 -10.80 -39.33 40.33
N GLY E 54 -10.14 -38.17 40.24
CA GLY E 54 -8.87 -37.98 40.90
C GLY E 54 -8.96 -37.65 42.37
N LYS E 55 -10.10 -37.14 42.82
CA LYS E 55 -10.34 -36.78 44.22
C LYS E 55 -9.28 -35.82 44.75
N ASN E 56 -8.34 -36.28 45.59
CA ASN E 56 -7.31 -35.41 46.12
C ASN E 56 -6.02 -35.44 45.30
N CYS E 57 -6.05 -36.06 44.12
CA CYS E 57 -4.84 -36.28 43.37
C CYS E 57 -4.94 -35.64 41.99
N THR E 58 -3.94 -34.81 41.68
CA THR E 58 -3.73 -34.40 40.31
C THR E 58 -3.16 -35.58 39.53
N LEU E 59 -3.26 -35.48 38.20
CA LEU E 59 -2.72 -36.53 37.35
C LEU E 59 -1.21 -36.66 37.53
N ILE E 60 -0.52 -35.53 37.71
CA ILE E 60 0.93 -35.56 37.88
C ILE E 60 1.30 -36.22 39.21
N ASP E 61 0.54 -35.92 40.28
CA ASP E 61 0.83 -36.54 41.57
C ASP E 61 0.59 -38.05 41.54
N ALA E 62 -0.45 -38.49 40.84
CA ALA E 62 -0.67 -39.92 40.68
C ALA E 62 0.39 -40.56 39.80
N LEU E 63 0.90 -39.81 38.82
CA LEU E 63 1.99 -40.31 37.98
C LEU E 63 3.25 -40.52 38.78
N LEU E 64 3.68 -39.50 39.53
CA LEU E 64 4.94 -39.58 40.25
C LEU E 64 4.88 -40.59 41.40
N GLY E 65 3.74 -40.68 42.07
CA GLY E 65 3.59 -41.62 43.16
C GLY E 65 3.51 -40.97 44.52
N ASP E 66 2.71 -39.91 44.64
CA ASP E 66 2.42 -39.32 45.93
C ASP E 66 1.76 -40.36 46.83
N PRO E 67 2.24 -40.57 48.05
CA PRO E 67 1.70 -41.66 48.89
C PRO E 67 0.18 -41.69 49.01
N HIS E 68 -0.47 -40.55 49.18
CA HIS E 68 -1.92 -40.56 49.25
C HIS E 68 -2.58 -40.79 47.89
N CYS E 69 -1.78 -40.95 46.83
CA CYS E 69 -2.28 -41.27 45.50
C CYS E 69 -1.92 -42.69 45.08
N ASP E 70 -1.58 -43.55 46.05
CA ASP E 70 -1.17 -44.91 45.73
C ASP E 70 -2.30 -45.69 45.05
N GLY E 71 -3.55 -45.35 45.34
CA GLY E 71 -4.68 -46.04 44.75
C GLY E 71 -4.85 -45.84 43.26
N PHE E 72 -4.01 -45.03 42.62
CA PHE E 72 -4.11 -44.77 41.19
C PHE E 72 -3.05 -45.51 40.38
N GLN E 73 -2.26 -46.38 41.02
CA GLN E 73 -1.22 -47.09 40.29
C GLN E 73 -1.81 -47.94 39.18
N ASN E 74 -1.28 -47.76 37.97
CA ASN E 74 -1.63 -48.53 36.78
C ASN E 74 -3.08 -48.31 36.35
N GLU E 75 -3.68 -47.18 36.72
CA GLU E 75 -5.06 -46.91 36.37
C GLU E 75 -5.18 -46.48 34.91
N LYS E 76 -6.36 -46.72 34.35
CA LYS E 76 -6.71 -46.30 33.00
C LYS E 76 -7.96 -45.43 33.05
N TRP E 77 -8.13 -44.62 32.02
CA TRP E 77 -9.26 -43.70 31.97
C TRP E 77 -9.51 -43.24 30.55
N ASP E 78 -10.76 -42.91 30.27
CA ASP E 78 -11.10 -42.11 29.11
C ASP E 78 -11.09 -40.62 29.43
N LEU E 79 -11.48 -40.25 30.65
CA LEU E 79 -11.47 -38.86 31.09
C LEU E 79 -11.04 -38.82 32.54
N PHE E 80 -9.92 -38.16 32.81
CA PHE E 80 -9.46 -37.93 34.18
C PHE E 80 -10.07 -36.63 34.70
N VAL E 81 -10.74 -36.71 35.85
CA VAL E 81 -11.44 -35.58 36.43
C VAL E 81 -10.64 -35.07 37.64
N GLU E 82 -10.00 -33.91 37.48
CA GLU E 82 -9.22 -33.30 38.55
C GLU E 82 -10.11 -32.39 39.39
N ARG E 83 -10.08 -32.59 40.70
CA ARG E 83 -10.85 -31.79 41.63
C ARG E 83 -10.04 -30.59 42.11
N SER E 84 -10.74 -29.52 42.45
CA SER E 84 -10.08 -28.33 42.99
C SER E 84 -9.52 -28.56 44.38
N LYS E 85 -10.01 -29.59 45.08
CA LYS E 85 -9.52 -29.92 46.42
C LYS E 85 -8.24 -30.74 46.41
N ALA E 86 -7.67 -31.01 45.23
CA ALA E 86 -6.46 -31.82 45.15
C ALA E 86 -5.28 -31.08 45.79
N TYR E 87 -4.33 -31.86 46.28
CA TYR E 87 -3.16 -31.30 46.95
C TYR E 87 -1.99 -32.25 46.83
N SER E 88 -0.78 -31.70 46.96
CA SER E 88 0.44 -32.48 47.02
C SER E 88 0.88 -32.62 48.47
N ASN E 89 1.39 -33.79 48.83
CA ASN E 89 1.81 -34.08 50.20
C ASN E 89 3.07 -34.92 50.20
N CYS E 90 3.95 -34.69 49.24
CA CYS E 90 5.22 -35.41 49.18
C CYS E 90 6.37 -34.42 49.11
N TYR E 91 7.45 -34.79 48.44
CA TYR E 91 8.59 -33.87 48.31
C TYR E 91 8.18 -32.69 47.43
N PRO E 92 8.44 -31.46 47.86
CA PRO E 92 8.06 -30.30 47.03
C PRO E 92 8.82 -30.31 45.72
N TYR E 93 8.10 -29.99 44.64
CA TYR E 93 8.64 -30.17 43.30
C TYR E 93 8.05 -29.14 42.35
N ASP E 94 8.66 -29.03 41.18
CA ASP E 94 8.11 -28.29 40.06
C ASP E 94 8.40 -29.07 38.79
N VAL E 95 7.58 -28.84 37.77
CA VAL E 95 7.77 -29.52 36.49
C VAL E 95 7.95 -28.45 35.41
N PRO E 96 9.16 -28.27 34.88
CA PRO E 96 9.33 -27.45 33.68
C PRO E 96 8.45 -27.99 32.55
N ASP E 97 7.63 -27.10 31.99
CA ASP E 97 6.58 -27.47 31.05
C ASP E 97 5.61 -28.47 31.70
N TYR E 98 5.08 -28.07 32.85
CA TYR E 98 4.10 -28.89 33.56
C TYR E 98 2.88 -29.18 32.69
N ALA E 99 2.46 -28.19 31.87
CA ALA E 99 1.25 -28.36 31.07
C ALA E 99 1.43 -29.41 29.99
N SER E 100 2.62 -29.50 29.40
CA SER E 100 2.83 -30.47 28.31
C SER E 100 2.89 -31.90 28.83
N LEU E 101 3.56 -32.11 29.96
CA LEU E 101 3.61 -33.45 30.54
C LEU E 101 2.23 -33.90 30.98
N ARG E 102 1.51 -33.00 31.68
CA ARG E 102 0.12 -33.29 32.05
C ARG E 102 -0.72 -33.61 30.82
N SER E 103 -0.45 -32.94 29.70
CA SER E 103 -1.25 -33.15 28.49
C SER E 103 -0.94 -34.50 27.85
N LEU E 104 0.34 -34.84 27.71
CA LEU E 104 0.69 -36.06 27.02
C LEU E 104 0.33 -37.31 27.83
N VAL E 105 0.42 -37.21 29.17
CA VAL E 105 -0.03 -38.33 29.99
C VAL E 105 -1.54 -38.45 29.95
N ALA E 106 -2.25 -37.31 29.99
CA ALA E 106 -3.70 -37.34 29.90
C ALA E 106 -4.15 -37.89 28.56
N SER E 107 -3.47 -37.51 27.48
CA SER E 107 -3.84 -38.00 26.15
C SER E 107 -3.56 -39.50 26.03
N SER E 108 -2.46 -39.97 26.64
CA SER E 108 -2.14 -41.39 26.60
C SER E 108 -3.21 -42.21 27.32
N GLY E 109 -3.70 -41.71 28.45
CA GLY E 109 -4.83 -42.33 29.11
C GLY E 109 -4.51 -43.58 29.90
N THR E 110 -3.30 -43.71 30.42
CA THR E 110 -2.94 -44.86 31.24
C THR E 110 -1.76 -44.52 32.13
N LEU E 111 -1.72 -45.13 33.31
CA LEU E 111 -0.60 -45.02 34.23
C LEU E 111 0.09 -46.37 34.44
N GLU E 112 -0.06 -47.28 33.47
CA GLU E 112 0.55 -48.60 33.54
C GLU E 112 2.08 -48.49 33.67
N PHE E 113 2.61 -48.89 34.81
CA PHE E 113 4.03 -48.74 35.11
C PHE E 113 4.68 -50.12 35.15
N ILE E 114 5.84 -50.23 34.52
CA ILE E 114 6.58 -51.48 34.43
C ILE E 114 7.94 -51.25 35.07
N ASN E 115 8.21 -51.92 36.17
CA ASN E 115 9.48 -51.78 36.86
C ASN E 115 10.61 -52.39 36.04
N GLU E 116 11.72 -51.68 35.94
CA GLU E 116 12.92 -52.16 35.28
C GLU E 116 14.07 -52.19 36.26
N ASP E 117 14.96 -53.17 36.09
CA ASP E 117 16.04 -53.42 37.03
C ASP E 117 17.24 -52.55 36.65
N PHE E 118 17.17 -51.28 37.04
CA PHE E 118 18.32 -50.41 36.97
C PHE E 118 19.32 -50.82 38.04
N ASN E 119 20.58 -50.97 37.65
CA ASN E 119 21.64 -51.37 38.57
C ASN E 119 22.49 -50.15 38.86
N TRP E 120 22.25 -49.52 40.02
CA TRP E 120 23.01 -48.35 40.45
C TRP E 120 24.15 -48.83 41.33
N ILE E 121 25.37 -48.68 40.85
CA ILE E 121 26.56 -49.23 41.52
C ILE E 121 27.15 -48.17 42.44
N GLY E 122 27.24 -48.50 43.73
CA GLY E 122 27.97 -47.67 44.68
C GLY E 122 27.18 -46.55 45.33
N VAL E 123 25.86 -46.52 45.16
CA VAL E 123 25.04 -45.47 45.76
C VAL E 123 23.90 -46.12 46.54
N THR E 124 23.38 -45.36 47.49
CA THR E 124 22.22 -45.77 48.27
C THR E 124 20.94 -45.38 47.53
N GLN E 125 19.97 -46.28 47.51
CA GLN E 125 18.73 -46.09 46.77
C GLN E 125 17.57 -45.81 47.71
N SER E 126 16.46 -45.39 47.10
CA SER E 126 15.19 -45.16 47.79
C SER E 126 15.37 -44.25 49.01
N GLY E 127 15.88 -43.04 48.75
CA GLY E 127 15.97 -42.05 49.80
C GLY E 127 14.60 -41.56 50.20
N GLY E 128 14.43 -41.31 51.51
CA GLY E 128 13.17 -40.91 52.07
C GLY E 128 13.23 -39.50 52.65
N SER E 129 12.07 -39.01 53.08
CA SER E 129 11.97 -37.66 53.61
C SER E 129 10.78 -37.58 54.56
N CYS E 130 10.89 -36.71 55.56
CA CYS E 130 9.81 -36.49 56.49
C CYS E 130 8.63 -35.76 55.85
N ALA E 131 8.85 -35.07 54.73
CA ALA E 131 7.80 -34.37 54.01
C ALA E 131 7.05 -35.26 53.04
N CYS E 132 7.35 -36.56 52.97
CA CYS E 132 6.66 -37.57 52.18
C CYS E 132 6.54 -38.97 52.90
N LYS E 133 5.71 -39.03 53.94
CA LYS E 133 5.48 -40.22 54.74
C LYS E 133 4.55 -41.11 54.13
N ARG E 134 4.81 -42.39 54.20
CA ARG E 134 4.03 -43.41 53.62
C ARG E 134 3.76 -44.45 54.72
N GLY E 135 2.61 -44.41 55.37
CA GLY E 135 2.41 -45.25 56.53
C GLY E 135 3.14 -44.74 57.75
N SER E 136 3.22 -43.42 57.93
CA SER E 136 3.82 -42.76 59.09
C SER E 136 5.32 -43.03 59.20
N VAL E 137 5.99 -43.36 58.09
CA VAL E 137 7.45 -43.51 58.05
C VAL E 137 7.98 -42.77 56.83
N ASN E 138 9.22 -42.27 56.94
CA ASN E 138 9.84 -41.53 55.85
C ASN E 138 9.77 -42.32 54.54
N SER E 139 9.40 -41.62 53.47
CA SER E 139 9.23 -42.28 52.19
C SER E 139 9.44 -41.26 51.08
N PHE E 140 9.02 -41.60 49.87
CA PHE E 140 9.31 -40.79 48.69
C PHE E 140 8.29 -41.15 47.62
N PHE E 141 8.37 -40.46 46.47
CA PHE E 141 7.52 -40.80 45.34
C PHE E 141 7.74 -42.26 44.95
N SER E 142 6.64 -42.99 44.75
CA SER E 142 6.72 -44.43 44.53
C SER E 142 7.47 -44.75 43.23
N ARG E 143 7.29 -43.92 42.21
CA ARG E 143 7.85 -44.21 40.89
C ARG E 143 9.24 -43.64 40.68
N LEU E 144 9.79 -42.92 41.65
CA LEU E 144 11.12 -42.33 41.54
C LEU E 144 12.05 -42.97 42.58
N ASN E 145 13.35 -42.82 42.35
CA ASN E 145 14.38 -43.47 43.16
C ASN E 145 15.42 -42.42 43.56
N TRP E 146 15.30 -41.90 44.78
CA TRP E 146 16.21 -40.86 45.26
C TRP E 146 17.54 -41.50 45.62
N LEU E 147 18.57 -41.19 44.84
CA LEU E 147 19.91 -41.74 45.04
C LEU E 147 20.79 -40.74 45.76
N HIS E 148 21.63 -41.25 46.67
CA HIS E 148 22.60 -40.42 47.38
C HIS E 148 23.83 -41.27 47.67
N GLU E 149 24.80 -40.66 48.34
CA GLU E 149 26.09 -41.29 48.55
C GLU E 149 25.98 -42.52 49.45
N SER E 150 26.98 -43.40 49.34
CA SER E 150 27.13 -44.55 50.23
C SER E 150 28.59 -44.64 50.64
N GLU E 151 28.83 -44.77 51.94
CA GLU E 151 30.19 -44.77 52.49
C GLU E 151 30.94 -43.51 52.08
N GLN E 152 30.24 -42.38 52.06
CA GLN E 152 30.78 -41.07 51.73
C GLN E 152 31.40 -41.04 50.33
N LYS E 153 30.81 -41.81 49.41
CA LYS E 153 31.26 -41.84 48.02
C LYS E 153 30.05 -41.86 47.10
N TYR E 154 30.18 -41.21 45.95
CA TYR E 154 29.15 -41.18 44.93
C TYR E 154 29.83 -41.35 43.58
N PRO E 155 30.16 -42.58 43.20
CA PRO E 155 30.81 -42.80 41.91
C PRO E 155 29.90 -42.40 40.76
N ALA E 156 30.52 -41.96 39.67
CA ALA E 156 29.77 -41.50 38.50
C ALA E 156 28.85 -42.60 37.99
N LEU E 157 27.56 -42.30 37.92
CA LEU E 157 26.56 -43.26 37.45
C LEU E 157 26.48 -43.22 35.94
N ASN E 158 26.52 -44.40 35.30
CA ASN E 158 26.48 -44.52 33.84
C ASN E 158 25.74 -45.83 33.55
N VAL E 159 24.43 -45.73 33.31
CA VAL E 159 23.55 -46.89 33.24
C VAL E 159 22.72 -46.81 31.96
N THR E 160 22.67 -47.94 31.23
CA THR E 160 21.92 -48.03 29.99
C THR E 160 20.67 -48.87 30.17
N MET E 161 19.63 -48.53 29.42
CA MET E 161 18.37 -49.27 29.45
C MET E 161 17.80 -49.32 28.03
N PRO E 162 18.10 -50.37 27.28
CA PRO E 162 17.62 -50.44 25.89
C PRO E 162 16.15 -50.82 25.80
N ASN E 163 15.50 -50.28 24.77
CA ASN E 163 14.11 -50.62 24.44
C ASN E 163 14.15 -51.72 23.39
N ASN E 164 14.11 -52.96 23.85
CA ASN E 164 14.13 -54.12 22.96
C ASN E 164 12.74 -54.57 22.56
N GLY E 165 11.71 -53.80 22.87
CA GLY E 165 10.34 -54.17 22.61
C GLY E 165 9.78 -53.49 21.38
N LYS E 166 8.45 -53.50 21.27
CA LYS E 166 7.74 -52.96 20.11
C LYS E 166 6.87 -51.76 20.44
N PHE E 167 6.91 -51.27 21.68
CA PHE E 167 6.13 -50.12 22.10
C PHE E 167 7.06 -49.05 22.68
N ASP E 168 6.56 -47.82 22.70
CA ASP E 168 7.33 -46.72 23.28
C ASP E 168 7.30 -46.78 24.79
N LYS E 169 8.38 -46.29 25.40
CA LYS E 169 8.50 -46.21 26.85
C LYS E 169 8.56 -44.75 27.28
N LEU E 170 7.81 -44.42 28.33
CA LEU E 170 7.83 -43.09 28.93
C LEU E 170 8.60 -43.15 30.24
N TYR E 171 9.73 -42.47 30.31
CA TYR E 171 10.55 -42.42 31.51
C TYR E 171 10.38 -41.08 32.20
N ILE E 172 10.07 -41.12 33.49
CA ILE E 172 9.94 -39.92 34.32
C ILE E 172 11.10 -39.94 35.31
N TRP E 173 11.89 -38.87 35.32
CA TRP E 173 13.04 -38.75 36.19
C TRP E 173 13.08 -37.33 36.74
N GLY E 174 14.04 -37.06 37.62
CA GLY E 174 14.11 -35.76 38.28
C GLY E 174 15.53 -35.38 38.63
N VAL E 175 15.65 -34.14 39.13
CA VAL E 175 16.91 -33.60 39.62
C VAL E 175 16.65 -32.93 40.96
N HIS E 176 17.50 -33.21 41.94
CA HIS E 176 17.33 -32.68 43.29
C HIS E 176 18.13 -31.39 43.45
N HIS E 177 17.47 -30.35 43.96
CA HIS E 177 18.10 -29.06 44.21
C HIS E 177 18.27 -28.87 45.71
N PRO E 178 19.45 -29.06 46.27
CA PRO E 178 19.64 -28.89 47.71
C PRO E 178 19.48 -27.43 48.12
N SER E 179 19.37 -27.23 49.44
CA SER E 179 19.20 -25.90 50.00
C SER E 179 20.52 -25.22 50.33
N THR E 180 21.44 -25.95 50.95
CA THR E 180 22.74 -25.44 51.35
C THR E 180 23.85 -26.28 50.74
N ASP E 181 25.07 -25.78 50.84
CA ASP E 181 26.22 -26.49 50.30
C ASP E 181 26.56 -27.73 51.11
N ARG E 182 26.35 -27.68 52.44
CA ARG E 182 26.59 -28.86 53.25
C ARG E 182 25.63 -29.99 52.87
N GLU E 183 24.37 -29.66 52.59
CA GLU E 183 23.43 -30.66 52.12
C GLU E 183 23.87 -31.25 50.78
N GLN E 184 24.33 -30.40 49.86
CA GLN E 184 24.77 -30.87 48.55
C GLN E 184 25.91 -31.87 48.66
N THR E 185 26.84 -31.64 49.58
CA THR E 185 28.00 -32.51 49.70
C THR E 185 27.74 -33.70 50.62
N ASN E 186 26.89 -33.55 51.63
CA ASN E 186 26.56 -34.69 52.49
C ASN E 186 25.79 -35.76 51.74
N LEU E 187 25.10 -35.38 50.67
CA LEU E 187 24.28 -36.30 49.88
C LEU E 187 24.98 -36.80 48.63
N TYR E 188 25.78 -35.96 47.97
CA TYR E 188 26.32 -36.30 46.66
C TYR E 188 27.82 -36.10 46.56
N VAL E 189 28.51 -35.91 47.69
CA VAL E 189 29.97 -35.81 47.75
C VAL E 189 30.48 -34.64 46.91
N ARG E 190 30.27 -34.68 45.60
CA ARG E 190 30.75 -33.61 44.75
C ARG E 190 29.91 -32.35 44.95
N ALA E 191 30.53 -31.19 44.73
CA ALA E 191 29.87 -29.92 44.99
C ALA E 191 28.93 -29.47 43.88
N SER E 192 29.09 -29.98 42.66
CA SER E 192 28.19 -29.63 41.56
C SER E 192 27.85 -30.88 40.76
N GLY E 193 26.66 -31.43 41.00
CA GLY E 193 26.24 -32.64 40.31
C GLY E 193 25.69 -32.33 38.92
N ARG E 194 25.98 -33.22 37.98
CA ARG E 194 25.37 -33.16 36.65
C ARG E 194 24.46 -34.36 36.43
N VAL E 195 23.36 -34.15 35.70
CA VAL E 195 22.45 -35.22 35.30
C VAL E 195 22.18 -35.10 33.81
N THR E 196 22.50 -36.16 33.06
CA THR E 196 22.30 -36.20 31.61
C THR E 196 21.54 -37.47 31.24
N VAL E 197 20.34 -37.29 30.67
CA VAL E 197 19.53 -38.40 30.16
C VAL E 197 19.38 -38.21 28.66
N SER E 198 19.83 -39.21 27.89
CA SER E 198 19.90 -39.09 26.44
C SER E 198 19.52 -40.41 25.79
N THR E 199 19.11 -40.30 24.52
CA THR E 199 18.91 -41.47 23.66
C THR E 199 19.79 -41.34 22.43
N LYS E 200 19.44 -42.06 21.36
CA LYS E 200 20.16 -41.91 20.10
C LYS E 200 19.76 -40.64 19.35
N ARG E 201 18.60 -40.06 19.67
CA ARG E 201 18.08 -38.91 18.95
C ARG E 201 17.90 -37.66 19.80
N SER E 202 18.09 -37.75 21.11
CA SER E 202 17.86 -36.60 21.97
C SER E 202 18.81 -36.66 23.16
N GLN E 203 18.98 -35.52 23.81
CA GLN E 203 19.79 -35.42 25.01
C GLN E 203 19.23 -34.33 25.89
N GLN E 204 19.26 -34.57 27.20
CA GLN E 204 18.78 -33.60 28.19
C GLN E 204 19.78 -33.56 29.33
N THR E 205 20.37 -32.39 29.57
CA THR E 205 21.31 -32.18 30.66
C THR E 205 20.77 -31.11 31.58
N VAL E 206 20.70 -31.42 32.88
CA VAL E 206 20.20 -30.49 33.88
C VAL E 206 21.27 -30.29 34.94
N ILE E 207 21.46 -29.05 35.34
CA ILE E 207 22.39 -28.69 36.41
C ILE E 207 21.56 -28.29 37.63
N PRO E 208 21.73 -28.95 38.77
CA PRO E 208 21.03 -28.52 39.98
C PRO E 208 21.46 -27.12 40.39
N ASN E 209 20.55 -26.43 41.07
CA ASN E 209 20.79 -25.09 41.57
C ASN E 209 20.65 -25.12 43.09
N ILE E 210 21.72 -24.78 43.79
CA ILE E 210 21.73 -24.79 45.25
C ILE E 210 21.31 -23.42 45.74
N GLY E 211 20.43 -23.39 46.72
CA GLY E 211 19.97 -22.13 47.27
C GLY E 211 18.71 -22.29 48.09
N SER E 212 18.51 -21.32 48.98
CA SER E 212 17.34 -21.33 49.85
C SER E 212 16.09 -20.99 49.07
N ARG E 213 15.09 -21.87 49.14
CA ARG E 213 13.77 -21.62 48.61
C ARG E 213 12.75 -21.63 49.73
N PRO E 214 11.61 -20.95 49.57
CA PRO E 214 10.64 -20.86 50.66
C PRO E 214 10.22 -22.24 51.16
N TRP E 215 10.01 -22.33 52.48
CA TRP E 215 9.64 -23.60 53.10
C TRP E 215 8.31 -24.10 52.54
N VAL E 216 8.31 -25.35 52.10
CA VAL E 216 7.09 -26.05 51.68
C VAL E 216 7.08 -27.39 52.39
N ARG E 217 6.11 -27.58 53.28
CA ARG E 217 6.01 -28.80 54.09
C ARG E 217 7.32 -29.11 54.81
N GLY E 218 7.96 -28.06 55.33
CA GLY E 218 9.14 -28.20 56.16
C GLY E 218 10.47 -28.22 55.42
N LEU E 219 10.47 -28.18 54.10
CA LEU E 219 11.68 -28.32 53.31
C LEU E 219 11.90 -27.11 52.44
N SER E 220 13.16 -26.69 52.32
CA SER E 220 13.56 -25.62 51.41
C SER E 220 14.09 -26.15 50.08
N SER E 221 14.32 -27.46 49.97
CA SER E 221 14.81 -28.06 48.74
C SER E 221 13.65 -28.40 47.81
N ARG E 222 13.99 -28.64 46.55
CA ARG E 222 12.99 -28.91 45.52
C ARG E 222 13.48 -30.04 44.63
N ILE E 223 12.60 -30.46 43.71
CA ILE E 223 12.92 -31.46 42.70
C ILE E 223 12.26 -31.03 41.40
N SER E 224 13.05 -30.99 40.32
CA SER E 224 12.53 -30.67 38.99
C SER E 224 12.31 -31.95 38.22
N ILE E 225 11.12 -32.10 37.64
CA ILE E 225 10.69 -33.33 36.98
C ILE E 225 10.91 -33.18 35.48
N TYR E 226 11.45 -34.22 34.85
CA TYR E 226 11.67 -34.25 33.41
C TYR E 226 11.20 -35.59 32.86
N TRP E 227 11.03 -35.65 31.54
CA TRP E 227 10.55 -36.87 30.91
C TRP E 227 11.29 -37.12 29.61
N THR E 228 11.30 -38.38 29.20
CA THR E 228 11.97 -38.83 27.99
C THR E 228 11.24 -40.05 27.44
N ILE E 229 10.94 -40.03 26.14
CA ILE E 229 10.31 -41.16 25.47
C ILE E 229 11.37 -41.90 24.67
N VAL E 230 11.41 -43.22 24.82
CA VAL E 230 12.38 -44.07 24.12
C VAL E 230 11.63 -44.94 23.14
N LYS E 231 11.96 -44.82 21.86
CA LYS E 231 11.30 -45.57 20.81
C LYS E 231 11.84 -47.00 20.77
N PRO E 232 11.07 -47.93 20.17
CA PRO E 232 11.60 -49.28 19.97
C PRO E 232 12.88 -49.26 19.16
N GLY E 233 13.86 -50.05 19.60
CA GLY E 233 15.19 -50.03 19.02
C GLY E 233 16.11 -48.96 19.56
N ASP E 234 15.57 -47.91 20.16
CA ASP E 234 16.39 -46.87 20.76
C ASP E 234 16.81 -47.29 22.18
N ILE E 235 17.75 -46.54 22.74
CA ILE E 235 18.35 -46.89 24.02
C ILE E 235 18.30 -45.68 24.94
N LEU E 236 17.90 -45.92 26.19
CA LEU E 236 17.96 -44.89 27.22
C LEU E 236 19.28 -45.00 27.97
N LEU E 237 19.99 -43.87 28.08
CA LEU E 237 21.27 -43.82 28.77
C LEU E 237 21.20 -42.72 29.82
N ILE E 238 21.47 -43.09 31.07
CA ILE E 238 21.41 -42.18 32.21
C ILE E 238 22.82 -42.02 32.75
N ASN E 239 23.32 -40.78 32.72
CA ASN E 239 24.65 -40.45 33.20
C ASN E 239 24.52 -39.36 34.25
N SER E 240 25.09 -39.60 35.44
CA SER E 240 24.88 -38.67 36.54
C SER E 240 26.12 -38.60 37.42
N ILE E 241 26.48 -37.38 37.80
CA ILE E 241 27.51 -37.14 38.81
C ILE E 241 26.90 -36.92 40.18
N GLY E 242 25.63 -36.53 40.26
CA GLY E 242 24.96 -36.35 41.53
C GLY E 242 23.62 -35.70 41.32
N ASN E 243 22.80 -35.75 42.37
CA ASN E 243 21.48 -35.14 42.43
C ASN E 243 20.48 -35.79 41.49
N LEU E 244 20.73 -37.02 41.06
CA LEU E 244 19.81 -37.72 40.17
C LEU E 244 18.65 -38.32 40.95
N ILE E 245 17.43 -38.03 40.50
CA ILE E 245 16.24 -38.71 40.98
C ILE E 245 15.87 -39.72 39.89
N ALA E 246 16.23 -40.99 40.12
CA ALA E 246 16.20 -41.98 39.07
C ALA E 246 14.80 -42.57 38.89
N PRO E 247 14.48 -43.04 37.69
CA PRO E 247 13.23 -43.80 37.50
C PRO E 247 13.41 -45.25 37.90
N ARG E 248 12.32 -45.85 38.35
CA ARG E 248 12.28 -47.28 38.66
C ARG E 248 11.79 -48.11 37.48
N GLY E 249 11.45 -47.46 36.37
CA GLY E 249 10.92 -48.16 35.21
C GLY E 249 10.33 -47.16 34.23
N TYR E 250 9.33 -47.62 33.48
CA TYR E 250 8.71 -46.78 32.47
C TYR E 250 7.20 -46.94 32.52
N PHE E 251 6.52 -45.91 32.02
CA PHE E 251 5.08 -45.94 31.81
C PHE E 251 4.80 -46.31 30.36
N LYS E 252 3.86 -47.23 30.14
CA LYS E 252 3.39 -47.50 28.79
C LYS E 252 2.63 -46.28 28.29
N ILE E 253 3.11 -45.69 27.20
CA ILE E 253 2.48 -44.51 26.59
C ILE E 253 1.72 -44.96 25.36
N ARG E 254 0.46 -44.56 25.27
CA ARG E 254 -0.43 -45.00 24.19
C ARG E 254 -0.91 -43.80 23.38
N THR E 255 -1.62 -44.12 22.30
CA THR E 255 -2.31 -43.12 21.49
C THR E 255 -3.80 -43.44 21.54
N GLY E 256 -4.56 -42.60 22.25
CA GLY E 256 -5.97 -42.87 22.41
C GLY E 256 -6.84 -41.63 22.41
N LYS E 257 -8.10 -41.81 22.79
CA LYS E 257 -9.08 -40.73 22.83
C LYS E 257 -9.23 -40.13 24.23
N SER E 258 -8.26 -40.37 25.11
CA SER E 258 -8.37 -39.96 26.50
C SER E 258 -8.00 -38.49 26.66
N SER E 259 -8.47 -37.90 27.76
CA SER E 259 -8.24 -36.49 28.04
C SER E 259 -8.35 -36.28 29.55
N ILE E 260 -8.28 -35.02 29.97
CA ILE E 260 -8.37 -34.63 31.37
C ILE E 260 -9.23 -33.38 31.45
N MET E 261 -9.93 -33.24 32.57
CA MET E 261 -10.85 -32.13 32.75
C MET E 261 -10.86 -31.68 34.21
N ARG E 262 -10.81 -30.37 34.43
CA ARG E 262 -10.97 -29.81 35.75
C ARG E 262 -12.45 -29.58 36.02
N SER E 263 -12.98 -30.22 37.06
CA SER E 263 -14.40 -30.13 37.38
C SER E 263 -14.62 -30.59 38.80
N ASP E 264 -15.58 -29.95 39.48
CA ASP E 264 -16.02 -30.37 40.80
C ASP E 264 -17.37 -31.07 40.77
N ALA E 265 -17.91 -31.33 39.58
CA ALA E 265 -19.21 -31.98 39.47
C ALA E 265 -19.11 -33.42 39.98
N PRO E 266 -20.14 -33.90 40.67
CA PRO E 266 -20.11 -35.29 41.15
C PRO E 266 -20.31 -36.27 40.01
N ILE E 267 -19.80 -37.48 40.20
CA ILE E 267 -19.95 -38.56 39.24
C ILE E 267 -21.28 -39.25 39.49
N GLY E 268 -22.02 -39.53 38.42
CA GLY E 268 -23.33 -40.14 38.53
C GLY E 268 -23.43 -41.40 37.69
N THR E 269 -24.37 -42.26 38.08
CA THR E 269 -24.64 -43.51 37.36
C THR E 269 -25.71 -43.24 36.31
N CYS E 270 -25.27 -42.71 35.17
CA CYS E 270 -26.14 -42.46 34.03
C CYS E 270 -25.29 -42.60 32.76
N SER E 271 -25.92 -42.36 31.62
CA SER E 271 -25.25 -42.47 30.33
C SER E 271 -25.46 -41.18 29.55
N SER E 272 -24.36 -40.56 29.12
CA SER E 272 -24.43 -39.33 28.33
C SER E 272 -23.13 -39.20 27.54
N GLU E 273 -23.27 -38.94 26.24
CA GLU E 273 -22.10 -38.89 25.36
C GLU E 273 -21.26 -37.63 25.57
N CYS E 274 -21.84 -36.56 26.11
CA CYS E 274 -21.17 -35.27 26.21
C CYS E 274 -20.92 -34.94 27.68
N ILE E 275 -19.71 -34.48 27.97
CA ILE E 275 -19.30 -34.12 29.32
C ILE E 275 -18.75 -32.69 29.31
N THR E 276 -19.20 -31.87 30.24
CA THR E 276 -18.68 -30.54 30.47
C THR E 276 -18.25 -30.43 31.93
N PRO E 277 -17.42 -29.43 32.27
CA PRO E 277 -17.06 -29.24 33.68
C PRO E 277 -18.26 -28.99 34.58
N ASN E 278 -19.41 -28.59 34.02
CA ASN E 278 -20.64 -28.40 34.79
C ASN E 278 -21.40 -29.73 34.91
N GLY E 279 -20.95 -30.77 34.24
CA GLY E 279 -21.63 -32.05 34.18
C GLY E 279 -21.99 -32.42 32.76
N SER E 280 -22.47 -33.65 32.61
CA SER E 280 -22.91 -34.12 31.29
C SER E 280 -24.13 -33.34 30.81
N ILE E 281 -24.20 -33.10 29.51
CA ILE E 281 -25.32 -32.40 28.89
C ILE E 281 -25.85 -33.27 27.76
N PRO E 282 -27.13 -33.20 27.43
CA PRO E 282 -27.64 -33.94 26.27
C PRO E 282 -27.06 -33.38 24.98
N ASN E 283 -27.04 -34.23 23.95
CA ASN E 283 -26.59 -33.84 22.63
C ASN E 283 -27.71 -33.95 21.60
N ASP E 284 -28.95 -33.69 22.04
CA ASP E 284 -30.08 -33.67 21.12
C ASP E 284 -30.20 -32.36 20.35
N LYS E 285 -29.52 -31.30 20.81
CA LYS E 285 -29.55 -30.02 20.13
C LYS E 285 -28.23 -29.77 19.42
N PRO E 286 -28.24 -28.99 18.33
CA PRO E 286 -26.99 -28.79 17.57
C PRO E 286 -25.99 -27.88 18.26
N PHE E 287 -26.44 -27.04 19.19
CA PHE E 287 -25.57 -26.08 19.85
C PHE E 287 -25.80 -26.13 21.36
N GLN E 288 -24.80 -25.66 22.11
CA GLN E 288 -24.88 -25.65 23.56
C GLN E 288 -24.19 -24.40 24.09
N ASN E 289 -24.62 -23.97 25.28
CA ASN E 289 -24.08 -22.78 25.92
C ASN E 289 -23.63 -23.07 27.34
N VAL E 290 -23.42 -24.34 27.69
CA VAL E 290 -23.06 -24.69 29.06
C VAL E 290 -21.59 -24.38 29.33
N ASN E 291 -20.69 -24.90 28.50
CA ASN E 291 -19.28 -24.65 28.72
C ASN E 291 -18.53 -24.91 27.42
N LYS E 292 -17.53 -24.07 27.14
CA LYS E 292 -16.68 -24.27 25.96
C LYS E 292 -15.77 -25.47 26.11
N ILE E 293 -15.58 -25.96 27.34
CA ILE E 293 -14.81 -27.17 27.60
C ILE E 293 -15.75 -28.36 27.50
N THR E 294 -15.49 -29.24 26.54
CA THR E 294 -16.33 -30.41 26.32
C THR E 294 -15.45 -31.62 26.07
N TYR E 295 -16.04 -32.80 26.22
CA TYR E 295 -15.38 -34.06 25.89
C TYR E 295 -16.43 -35.02 25.35
N GLY E 296 -16.13 -35.68 24.24
CA GLY E 296 -17.07 -36.62 23.67
C GLY E 296 -17.95 -36.00 22.59
N ALA E 297 -19.03 -36.70 22.30
CA ALA E 297 -20.01 -36.27 21.31
C ALA E 297 -20.84 -35.12 21.87
N CYS E 298 -20.57 -33.91 21.41
CA CYS E 298 -21.17 -32.74 22.03
C CYS E 298 -21.78 -31.81 21.00
N PRO E 299 -22.77 -31.01 21.39
CA PRO E 299 -23.14 -29.85 20.58
C PRO E 299 -22.03 -28.82 20.58
N ARG E 300 -22.04 -27.96 19.57
CA ARG E 300 -21.01 -26.95 19.43
C ARG E 300 -21.32 -25.75 20.30
N TYR E 301 -20.30 -25.23 20.98
CA TYR E 301 -20.48 -24.13 21.91
C TYR E 301 -20.69 -22.83 21.15
N VAL E 302 -21.72 -22.08 21.54
CA VAL E 302 -22.01 -20.77 20.96
C VAL E 302 -22.19 -19.78 22.10
N LYS E 303 -22.21 -18.49 21.73
CA LYS E 303 -22.37 -17.45 22.74
C LYS E 303 -23.83 -17.19 23.08
N GLN E 304 -24.74 -17.44 22.13
CA GLN E 304 -26.15 -17.20 22.38
C GLN E 304 -26.67 -18.20 23.41
N ASN E 305 -27.51 -17.71 24.32
CA ASN E 305 -28.15 -18.59 25.29
C ASN E 305 -29.44 -19.21 24.79
N THR E 306 -30.00 -18.69 23.69
CA THR E 306 -31.22 -19.24 23.11
C THR E 306 -31.23 -18.98 21.62
N LEU E 307 -31.67 -19.97 20.86
CA LEU E 307 -31.85 -19.84 19.41
C LEU E 307 -33.08 -20.66 19.03
N LYS E 308 -34.18 -19.97 18.74
CA LYS E 308 -35.46 -20.63 18.53
C LYS E 308 -35.64 -20.94 17.04
N LEU E 309 -35.85 -22.22 16.73
CA LEU E 309 -36.09 -22.67 15.37
C LEU E 309 -37.60 -22.82 15.16
N ALA E 310 -38.13 -22.11 14.18
CA ALA E 310 -39.57 -22.17 13.90
C ALA E 310 -39.96 -23.57 13.44
N THR E 311 -41.00 -24.12 14.08
CA THR E 311 -41.55 -25.42 13.72
C THR E 311 -43.00 -25.32 13.26
N GLY E 312 -43.51 -24.11 13.03
CA GLY E 312 -44.84 -23.92 12.52
C GLY E 312 -44.90 -22.69 11.64
N MET E 313 -46.06 -22.47 11.04
CA MET E 313 -46.27 -21.39 10.09
C MET E 313 -46.38 -20.04 10.82
N ARG E 314 -46.58 -18.99 10.02
CA ARG E 314 -46.80 -17.66 10.57
C ARG E 314 -48.10 -17.63 11.35
N ASN E 315 -48.03 -17.20 12.61
CA ASN E 315 -49.22 -17.13 13.45
C ASN E 315 -49.93 -15.81 13.16
N VAL E 316 -51.10 -15.89 12.55
CA VAL E 316 -51.89 -14.72 12.19
C VAL E 316 -53.20 -14.77 12.97
N PRO E 317 -53.47 -13.80 13.85
CA PRO E 317 -54.70 -13.83 14.63
C PRO E 317 -55.93 -13.65 13.74
N GLU E 318 -57.02 -14.28 14.16
CA GLU E 318 -58.24 -14.26 13.38
C GLU E 318 -58.88 -12.87 13.44
N LYS E 319 -59.37 -12.39 12.30
CA LYS E 319 -60.01 -11.08 12.27
C LYS E 319 -61.50 -11.20 12.54
N ALA E 327 -69.79 -13.43 8.27
CA ALA E 327 -69.55 -14.41 7.22
C ALA E 327 -68.16 -15.05 7.37
N ILE E 328 -67.92 -16.13 6.63
CA ILE E 328 -66.65 -16.84 6.71
C ILE E 328 -65.61 -16.11 5.86
N ALA E 329 -64.34 -16.29 6.22
CA ALA E 329 -63.24 -15.62 5.55
C ALA E 329 -62.09 -16.58 5.37
N GLY E 330 -61.24 -16.29 4.38
CA GLY E 330 -60.12 -17.13 4.03
C GLY E 330 -58.84 -16.76 4.77
N PHE E 331 -57.72 -17.18 4.20
CA PHE E 331 -56.42 -17.05 4.85
C PHE E 331 -55.76 -15.70 4.63
N ILE E 332 -56.34 -14.82 3.80
CA ILE E 332 -55.74 -13.53 3.53
C ILE E 332 -55.81 -12.69 4.81
N GLU E 333 -54.66 -12.54 5.48
CA GLU E 333 -54.55 -11.78 6.72
C GLU E 333 -55.54 -12.30 7.76
N ASN E 334 -55.65 -13.62 7.85
CA ASN E 334 -56.61 -14.24 8.77
C ASN E 334 -56.19 -15.68 9.01
N GLY E 335 -55.96 -16.03 10.27
CA GLY E 335 -55.71 -17.42 10.65
C GLY E 335 -56.90 -18.01 11.38
N TRP E 336 -57.02 -19.33 11.37
CA TRP E 336 -58.17 -20.02 11.96
C TRP E 336 -57.74 -20.66 13.28
N GLU E 337 -58.07 -20.00 14.39
CA GLU E 337 -57.76 -20.56 15.70
C GLU E 337 -58.67 -21.73 16.06
N GLY E 338 -59.76 -21.93 15.35
CA GLY E 338 -60.66 -23.05 15.60
C GLY E 338 -60.28 -24.35 14.93
N MET E 339 -59.32 -24.34 14.02
CA MET E 339 -58.89 -25.54 13.31
C MET E 339 -57.74 -26.17 14.09
N VAL E 340 -58.03 -27.25 14.81
CA VAL E 340 -57.04 -27.92 15.65
C VAL E 340 -56.63 -29.28 15.11
N ASP E 341 -57.35 -29.82 14.14
CA ASP E 341 -57.06 -31.13 13.57
C ASP E 341 -56.24 -31.05 12.29
N GLY E 342 -55.65 -29.90 12.00
CA GLY E 342 -54.85 -29.75 10.79
C GLY E 342 -54.35 -28.33 10.67
N TRP E 343 -53.32 -28.19 9.83
CA TRP E 343 -52.71 -26.89 9.58
C TRP E 343 -53.42 -26.08 8.50
N TYR E 344 -54.04 -26.76 7.53
CA TYR E 344 -54.77 -26.11 6.45
C TYR E 344 -56.12 -26.82 6.29
N GLY E 345 -57.12 -26.08 5.85
CA GLY E 345 -58.43 -26.66 5.73
C GLY E 345 -59.39 -25.81 4.92
N PHE E 346 -60.65 -26.27 4.91
CA PHE E 346 -61.73 -25.63 4.16
C PHE E 346 -62.84 -25.21 5.10
N ARG E 347 -63.36 -24.01 4.89
CA ARG E 347 -64.60 -23.55 5.50
C ARG E 347 -65.58 -23.21 4.40
N HIS E 348 -66.81 -23.72 4.51
CA HIS E 348 -67.79 -23.54 3.45
C HIS E 348 -69.12 -23.08 4.03
N GLN E 349 -69.97 -22.59 3.13
CA GLN E 349 -71.35 -22.24 3.47
C GLN E 349 -72.21 -22.52 2.25
N ASN E 350 -73.21 -23.39 2.41
CA ASN E 350 -74.12 -23.71 1.32
C ASN E 350 -75.55 -23.64 1.88
N SER E 351 -76.47 -24.30 1.17
CA SER E 351 -77.87 -24.32 1.60
C SER E 351 -78.09 -25.16 2.84
N GLU E 352 -77.21 -26.12 3.11
CA GLU E 352 -77.37 -27.02 4.25
C GLU E 352 -76.62 -26.54 5.48
N GLY E 353 -76.04 -25.34 5.45
CA GLY E 353 -75.35 -24.79 6.59
C GLY E 353 -73.87 -24.53 6.29
N THR E 354 -73.07 -24.54 7.34
CA THR E 354 -71.64 -24.31 7.25
C THR E 354 -70.88 -25.50 7.82
N GLY E 355 -69.61 -25.60 7.46
CA GLY E 355 -68.78 -26.68 7.94
C GLY E 355 -67.31 -26.37 7.79
N GLN E 356 -66.49 -27.19 8.45
CA GLN E 356 -65.05 -27.03 8.42
C GLN E 356 -64.39 -28.40 8.42
N ALA E 357 -63.38 -28.57 7.56
CA ALA E 357 -62.63 -29.80 7.48
C ALA E 357 -61.19 -29.47 7.16
N ALA E 358 -60.26 -30.23 7.75
CA ALA E 358 -58.84 -30.03 7.51
C ALA E 358 -58.39 -30.83 6.29
N ASP E 359 -57.27 -30.40 5.71
CA ASP E 359 -56.65 -31.08 4.57
C ASP E 359 -55.42 -31.82 5.08
N LEU E 360 -55.47 -33.14 5.06
CA LEU E 360 -54.40 -33.94 5.65
C LEU E 360 -53.14 -33.91 4.80
N LYS E 361 -53.30 -33.90 3.47
CA LYS E 361 -52.14 -33.98 2.58
C LYS E 361 -51.25 -32.76 2.70
N SER E 362 -51.83 -31.55 2.61
CA SER E 362 -51.02 -30.34 2.73
C SER E 362 -50.48 -30.17 4.14
N THR E 363 -51.22 -30.61 5.15
CA THR E 363 -50.71 -30.56 6.52
C THR E 363 -49.50 -31.46 6.69
N GLN E 364 -49.56 -32.68 6.17
CA GLN E 364 -48.42 -33.59 6.26
C GLN E 364 -47.25 -33.10 5.41
N ALA E 365 -47.53 -32.45 4.28
CA ALA E 365 -46.46 -31.95 3.43
C ALA E 365 -45.63 -30.87 4.13
N ALA E 366 -46.27 -30.09 5.01
CA ALA E 366 -45.53 -29.06 5.74
C ALA E 366 -44.81 -29.66 6.93
N ILE E 367 -45.43 -30.62 7.61
CA ILE E 367 -44.80 -31.25 8.77
C ILE E 367 -43.58 -32.07 8.34
N ASP E 368 -43.68 -32.74 7.18
CA ASP E 368 -42.57 -33.57 6.72
C ASP E 368 -41.34 -32.71 6.42
N GLN E 369 -41.54 -31.53 5.83
CA GLN E 369 -40.41 -30.66 5.53
C GLN E 369 -39.78 -30.11 6.82
N ILE E 370 -40.60 -29.89 7.84
CA ILE E 370 -40.08 -29.38 9.11
C ILE E 370 -39.36 -30.47 9.88
N ASN E 371 -39.93 -31.68 9.93
CA ASN E 371 -39.22 -32.81 10.53
C ASN E 371 -37.95 -33.14 9.76
N GLY E 372 -37.92 -32.83 8.47
CA GLY E 372 -36.71 -33.06 7.69
C GLY E 372 -35.60 -32.11 8.10
N LYS E 373 -35.93 -30.84 8.31
CA LYS E 373 -34.93 -29.87 8.77
C LYS E 373 -34.40 -30.25 10.14
N LEU E 374 -35.28 -30.70 11.03
CA LEU E 374 -34.86 -31.09 12.38
C LEU E 374 -33.83 -32.21 12.33
N ASN E 375 -34.13 -33.28 11.60
CA ASN E 375 -33.18 -34.37 11.46
CA ASN E 375 -33.18 -34.37 11.46
C ASN E 375 -31.90 -33.91 10.78
N ARG E 376 -32.02 -32.98 9.82
CA ARG E 376 -30.90 -32.40 9.10
C ARG E 376 -30.12 -31.37 9.92
N LEU E 377 -30.61 -31.00 11.10
CA LEU E 377 -29.84 -30.10 11.97
C LEU E 377 -28.98 -30.87 12.96
N ILE E 378 -29.14 -32.19 13.04
CA ILE E 378 -28.37 -33.04 13.94
C ILE E 378 -27.52 -34.04 13.13
N GLU E 379 -26.40 -33.56 12.59
CA GLU E 379 -25.37 -34.42 11.98
C GLU E 379 -24.16 -34.42 12.90
N LYS E 380 -23.61 -35.59 13.20
CA LYS E 380 -22.56 -35.64 14.21
C LYS E 380 -21.21 -35.44 13.55
N THR E 381 -20.76 -34.19 13.57
CA THR E 381 -19.47 -33.77 13.05
C THR E 381 -18.53 -33.35 14.16
N ASN E 382 -19.03 -33.21 15.38
CA ASN E 382 -18.25 -32.71 16.51
C ASN E 382 -18.20 -33.75 17.62
N GLU E 383 -17.25 -34.68 17.49
CA GLU E 383 -16.91 -35.62 18.56
C GLU E 383 -15.42 -35.39 18.84
N LYS E 384 -15.12 -34.65 19.90
CA LYS E 384 -13.76 -34.28 20.24
C LYS E 384 -13.31 -34.94 21.52
N PHE E 385 -12.00 -35.11 21.66
CA PHE E 385 -11.42 -35.75 22.83
C PHE E 385 -10.41 -34.82 23.49
N HIS E 386 -9.12 -35.14 23.39
CA HIS E 386 -8.12 -34.25 23.96
C HIS E 386 -7.96 -33.02 23.08
N GLN E 387 -8.14 -31.83 23.67
CA GLN E 387 -8.03 -30.58 22.94
CA GLN E 387 -8.02 -30.59 22.94
C GLN E 387 -6.98 -29.69 23.58
N ILE E 388 -7.21 -28.38 23.56
CA ILE E 388 -6.32 -27.44 24.21
C ILE E 388 -6.97 -27.00 25.53
N GLU E 389 -6.16 -26.43 26.41
CA GLU E 389 -6.72 -25.86 27.63
C GLU E 389 -7.41 -24.53 27.32
N LYS E 390 -8.48 -24.25 28.05
CA LYS E 390 -9.29 -23.08 27.79
C LYS E 390 -9.50 -22.19 29.01
N GLU E 391 -9.10 -22.63 30.20
CA GLU E 391 -9.04 -21.79 31.38
C GLU E 391 -7.65 -21.87 31.98
N PHE E 392 -7.23 -20.78 32.62
CA PHE E 392 -5.85 -20.68 33.11
C PHE E 392 -5.85 -20.00 34.47
N SER E 393 -5.04 -20.52 35.39
CA SER E 393 -4.96 -19.99 36.74
C SER E 393 -3.73 -19.13 36.99
N GLU E 394 -2.81 -19.04 36.02
CA GLU E 394 -1.64 -18.19 36.13
C GLU E 394 -1.47 -17.39 34.85
N VAL E 395 -0.76 -16.28 34.97
CA VAL E 395 -0.44 -15.44 33.82
C VAL E 395 0.83 -15.97 33.15
N GLU E 396 0.76 -16.18 31.84
CA GLU E 396 1.87 -16.77 31.09
C GLU E 396 2.33 -15.91 29.92
N GLY E 397 1.41 -15.24 29.23
CA GLY E 397 1.79 -14.38 28.13
C GLY E 397 1.51 -14.96 26.75
N ARG E 398 2.57 -15.08 25.94
CA ARG E 398 2.40 -15.27 24.51
C ARG E 398 1.64 -16.54 24.17
N ILE E 399 2.07 -17.68 24.71
CA ILE E 399 1.42 -18.95 24.38
CA ILE E 399 1.43 -18.95 24.38
C ILE E 399 -0.02 -18.97 24.86
N GLN E 400 -0.27 -18.45 26.06
CA GLN E 400 -1.63 -18.41 26.58
C GLN E 400 -2.49 -17.43 25.79
N ASP E 401 -1.92 -16.29 25.39
CA ASP E 401 -2.65 -15.36 24.55
C ASP E 401 -3.12 -16.03 23.26
N LEU E 402 -2.26 -16.84 22.65
CA LEU E 402 -2.63 -17.52 21.41
C LEU E 402 -3.70 -18.57 21.67
N GLU E 403 -3.61 -19.29 22.79
CA GLU E 403 -4.60 -20.31 23.11
C GLU E 403 -5.97 -19.68 23.32
N LYS E 404 -6.04 -18.57 24.04
CA LYS E 404 -7.31 -17.88 24.23
C LYS E 404 -7.85 -17.32 22.91
N TYR E 405 -6.95 -16.75 22.10
CA TYR E 405 -7.37 -16.16 20.82
C TYR E 405 -7.92 -17.22 19.87
N VAL E 406 -7.27 -18.40 19.82
CA VAL E 406 -7.73 -19.48 18.96
C VAL E 406 -9.15 -19.90 19.37
N GLU E 407 -9.36 -20.10 20.67
CA GLU E 407 -10.67 -20.55 21.14
C GLU E 407 -11.72 -19.47 20.95
N ASP E 408 -11.36 -18.20 21.20
CA ASP E 408 -12.31 -17.11 21.03
C ASP E 408 -12.65 -16.92 19.55
N THR E 409 -11.66 -17.08 18.67
CA THR E 409 -11.94 -17.01 17.23
C THR E 409 -12.90 -18.11 16.81
N LYS E 410 -12.71 -19.32 17.33
CA LYS E 410 -13.57 -20.44 16.97
C LYS E 410 -15.00 -20.22 17.42
N ILE E 411 -15.19 -19.75 18.66
CA ILE E 411 -16.53 -19.58 19.21
C ILE E 411 -17.31 -18.52 18.45
N ASP E 412 -16.64 -17.41 18.10
CA ASP E 412 -17.31 -16.35 17.35
C ASP E 412 -17.72 -16.81 15.95
N LEU E 413 -16.96 -17.73 15.36
CA LEU E 413 -17.29 -18.21 14.02
C LEU E 413 -18.48 -19.16 14.07
N TRP E 414 -18.57 -20.00 15.10
CA TRP E 414 -19.70 -20.90 15.24
C TRP E 414 -20.95 -20.19 15.75
N SER E 415 -20.78 -19.14 16.55
CA SER E 415 -21.92 -18.32 16.93
C SER E 415 -22.54 -17.65 15.71
N TYR E 416 -21.71 -17.18 14.77
CA TYR E 416 -22.23 -16.62 13.54
C TYR E 416 -22.92 -17.67 12.69
N ASN E 417 -22.33 -18.86 12.59
CA ASN E 417 -22.96 -19.95 11.85
C ASN E 417 -24.33 -20.28 12.45
N ALA E 418 -24.40 -20.41 13.77
CA ALA E 418 -25.66 -20.73 14.42
C ALA E 418 -26.70 -19.63 14.18
N GLU E 419 -26.27 -18.36 14.28
CA GLU E 419 -27.19 -17.25 14.07
C GLU E 419 -27.71 -17.22 12.64
N LEU E 420 -26.82 -17.39 11.66
CA LEU E 420 -27.25 -17.35 10.26
C LEU E 420 -28.10 -18.56 9.91
N LEU E 421 -27.74 -19.73 10.44
CA LEU E 421 -28.44 -20.96 10.09
C LEU E 421 -29.91 -20.89 10.50
N VAL E 422 -30.18 -20.45 11.73
CA VAL E 422 -31.56 -20.42 12.21
C VAL E 422 -32.39 -19.40 11.44
N ALA E 423 -31.80 -18.24 11.14
CA ALA E 423 -32.53 -17.22 10.37
C ALA E 423 -32.83 -17.73 8.96
N LEU E 424 -31.90 -18.45 8.36
CA LEU E 424 -32.16 -19.03 7.04
C LEU E 424 -33.16 -20.15 7.11
N GLU E 425 -33.06 -21.00 8.15
CA GLU E 425 -34.03 -22.08 8.33
C GLU E 425 -35.43 -21.54 8.60
N ASN E 426 -35.53 -20.49 9.42
CA ASN E 426 -36.84 -19.93 9.76
C ASN E 426 -37.49 -19.29 8.54
N GLN E 427 -36.72 -18.55 7.75
CA GLN E 427 -37.27 -17.93 6.54
C GLN E 427 -37.78 -18.98 5.57
N HIS E 428 -37.05 -20.09 5.43
CA HIS E 428 -37.50 -21.17 4.56
C HIS E 428 -38.74 -21.85 5.12
N THR E 429 -38.81 -22.02 6.44
CA THR E 429 -40.00 -22.58 7.06
C THR E 429 -41.22 -21.69 6.84
N ILE E 430 -41.03 -20.38 6.92
CA ILE E 430 -42.14 -19.46 6.66
C ILE E 430 -42.55 -19.55 5.19
N ASP E 431 -41.59 -19.67 4.29
CA ASP E 431 -41.90 -19.71 2.86
C ASP E 431 -42.58 -21.02 2.49
N LEU E 432 -42.12 -22.14 3.04
CA LEU E 432 -42.73 -23.42 2.69
C LEU E 432 -44.13 -23.55 3.25
N THR E 433 -44.39 -23.00 4.44
CA THR E 433 -45.73 -23.04 4.99
C THR E 433 -46.67 -22.09 4.27
N ASP E 434 -46.14 -20.96 3.77
CA ASP E 434 -46.95 -20.08 2.94
C ASP E 434 -47.22 -20.68 1.57
N SER E 435 -46.26 -21.45 1.04
CA SER E 435 -46.46 -22.07 -0.26
C SER E 435 -47.47 -23.20 -0.21
N GLU E 436 -47.52 -23.95 0.90
CA GLU E 436 -48.52 -25.00 1.04
C GLU E 436 -49.92 -24.40 1.07
N MET E 437 -50.08 -23.20 1.62
CA MET E 437 -51.38 -22.54 1.61
C MET E 437 -51.76 -22.11 0.20
N ASN E 438 -50.80 -21.61 -0.57
CA ASN E 438 -51.08 -21.17 -1.94
C ASN E 438 -51.34 -22.36 -2.85
N LYS E 439 -50.60 -23.46 -2.67
CA LYS E 439 -50.78 -24.62 -3.54
C LYS E 439 -52.17 -25.24 -3.35
N LEU E 440 -52.66 -25.26 -2.12
CA LEU E 440 -54.01 -25.78 -1.88
C LEU E 440 -55.06 -24.85 -2.48
N PHE E 441 -54.81 -23.54 -2.45
CA PHE E 441 -55.75 -22.59 -3.06
C PHE E 441 -55.74 -22.72 -4.58
N GLU E 442 -54.57 -22.88 -5.18
CA GLU E 442 -54.50 -23.05 -6.63
C GLU E 442 -55.03 -24.41 -7.05
N LYS E 443 -54.85 -25.43 -6.22
CA LYS E 443 -55.43 -26.74 -6.51
C LYS E 443 -56.95 -26.65 -6.55
N THR E 444 -57.54 -25.88 -5.64
CA THR E 444 -58.99 -25.71 -5.64
C THR E 444 -59.44 -24.86 -6.82
N ARG E 445 -58.64 -23.85 -7.19
CA ARG E 445 -59.01 -22.97 -8.30
C ARG E 445 -59.13 -23.75 -9.61
N LYS E 446 -58.19 -24.65 -9.87
CA LYS E 446 -58.20 -25.40 -11.12
C LYS E 446 -59.33 -26.43 -11.14
N GLN E 447 -59.75 -26.92 -9.98
CA GLN E 447 -60.89 -27.83 -9.93
C GLN E 447 -62.18 -27.13 -10.35
N LEU E 448 -62.37 -25.89 -9.88
CA LEU E 448 -63.63 -25.18 -10.10
C LEU E 448 -63.76 -24.65 -11.52
N ARG E 449 -62.65 -24.48 -12.24
CA ARG E 449 -62.66 -24.01 -13.62
C ARG E 449 -63.44 -22.70 -13.76
N GLU E 450 -64.53 -22.74 -14.53
CA GLU E 450 -65.39 -21.58 -14.74
C GLU E 450 -66.64 -21.61 -13.86
N ASN E 451 -66.66 -22.46 -12.85
CA ASN E 451 -67.82 -22.58 -11.97
C ASN E 451 -67.71 -21.73 -10.71
N ALA E 452 -66.61 -20.99 -10.54
CA ALA E 452 -66.42 -20.18 -9.35
C ALA E 452 -65.61 -18.94 -9.70
N GLU E 453 -65.51 -18.03 -8.74
CA GLU E 453 -64.73 -16.82 -8.89
C GLU E 453 -63.97 -16.53 -7.61
N ASP E 454 -62.73 -16.06 -7.75
CA ASP E 454 -61.91 -15.70 -6.61
C ASP E 454 -62.46 -14.43 -5.97
N MET E 455 -62.88 -14.53 -4.71
CA MET E 455 -63.46 -13.39 -4.02
C MET E 455 -62.40 -12.43 -3.48
N GLY E 456 -61.12 -12.80 -3.52
CA GLY E 456 -60.03 -11.94 -3.12
C GLY E 456 -59.57 -12.16 -1.68
N ASN E 457 -60.45 -12.65 -0.81
CA ASN E 457 -60.13 -12.88 0.59
C ASN E 457 -59.76 -14.34 0.86
N GLY E 458 -59.31 -15.07 -0.16
CA GLY E 458 -59.02 -16.49 0.02
C GLY E 458 -60.21 -17.41 -0.09
N CYS E 459 -61.37 -16.89 -0.48
CA CYS E 459 -62.58 -17.69 -0.66
C CYS E 459 -63.00 -17.69 -2.12
N PHE E 460 -63.72 -18.73 -2.51
CA PHE E 460 -64.31 -18.83 -3.84
C PHE E 460 -65.82 -18.65 -3.74
N LYS E 461 -66.40 -17.93 -4.69
CA LYS E 461 -67.85 -17.85 -4.84
C LYS E 461 -68.27 -18.88 -5.88
N ILE E 462 -68.88 -19.97 -5.41
CA ILE E 462 -69.29 -21.08 -6.28
C ILE E 462 -70.68 -20.74 -6.82
N TYR E 463 -70.77 -20.54 -8.13
CA TYR E 463 -72.00 -20.06 -8.77
C TYR E 463 -72.98 -21.17 -9.10
N HIS E 464 -73.14 -22.16 -8.22
CA HIS E 464 -74.14 -23.20 -8.42
C HIS E 464 -74.45 -23.84 -7.08
N LYS E 465 -75.59 -24.55 -7.03
CA LYS E 465 -75.96 -25.30 -5.84
C LYS E 465 -74.94 -26.39 -5.57
N CYS E 466 -74.26 -26.30 -4.43
CA CYS E 466 -73.19 -27.24 -4.07
C CYS E 466 -73.49 -27.73 -2.66
N ASP E 467 -74.11 -28.90 -2.55
CA ASP E 467 -74.51 -29.45 -1.26
C ASP E 467 -73.31 -30.09 -0.56
N ASN E 468 -73.58 -30.85 0.51
CA ASN E 468 -72.51 -31.43 1.29
C ASN E 468 -71.71 -32.45 0.48
N ALA E 469 -72.39 -33.24 -0.36
CA ALA E 469 -71.69 -34.19 -1.22
C ALA E 469 -70.86 -33.46 -2.28
N CYS E 470 -71.30 -32.28 -2.69
CA CYS E 470 -70.55 -31.49 -3.67
C CYS E 470 -69.34 -30.82 -3.03
N ILE E 471 -69.49 -30.27 -1.82
CA ILE E 471 -68.35 -29.69 -1.11
C ILE E 471 -67.31 -30.78 -0.81
N GLY E 472 -67.78 -31.96 -0.40
CA GLY E 472 -66.85 -33.05 -0.12
C GLY E 472 -66.06 -33.50 -1.33
N SER E 473 -66.65 -33.35 -2.53
CA SER E 473 -65.92 -33.70 -3.75
C SER E 473 -64.80 -32.71 -4.01
N ILE E 474 -65.02 -31.43 -3.69
CA ILE E 474 -63.95 -30.44 -3.84
C ILE E 474 -62.83 -30.73 -2.84
N ARG E 475 -63.19 -31.07 -1.60
CA ARG E 475 -62.18 -31.36 -0.60
C ARG E 475 -61.43 -32.65 -0.93
N ASN E 476 -62.14 -33.67 -1.42
CA ASN E 476 -61.51 -34.93 -1.77
C ASN E 476 -60.74 -34.84 -3.08
N GLY E 477 -61.03 -33.86 -3.93
CA GLY E 477 -60.38 -33.75 -5.22
C GLY E 477 -61.07 -34.46 -6.35
N THR E 478 -62.35 -34.81 -6.18
CA THR E 478 -63.13 -35.53 -7.20
C THR E 478 -64.26 -34.68 -7.76
N TYR E 479 -64.07 -33.35 -7.78
CA TYR E 479 -65.10 -32.44 -8.25
C TYR E 479 -65.12 -32.42 -9.78
N ASP E 480 -66.31 -32.64 -10.35
CA ASP E 480 -66.49 -32.67 -11.80
C ASP E 480 -67.16 -31.36 -12.24
N HIS E 481 -66.38 -30.51 -12.91
CA HIS E 481 -66.87 -29.19 -13.27
C HIS E 481 -67.87 -29.22 -14.42
N ASP E 482 -67.83 -30.25 -15.26
CA ASP E 482 -68.77 -30.35 -16.38
C ASP E 482 -70.21 -30.52 -15.90
N VAL E 483 -70.39 -31.08 -14.69
CA VAL E 483 -71.74 -31.32 -14.18
C VAL E 483 -72.44 -30.00 -13.88
N TYR E 484 -71.71 -29.01 -13.37
CA TYR E 484 -72.30 -27.75 -12.92
C TYR E 484 -71.97 -26.58 -13.85
N ARG E 485 -71.30 -26.83 -14.97
CA ARG E 485 -70.82 -25.73 -15.81
C ARG E 485 -71.98 -24.92 -16.39
N ASP E 486 -72.99 -25.61 -16.93
CA ASP E 486 -74.12 -24.90 -17.54
C ASP E 486 -74.87 -24.07 -16.51
N GLU E 487 -75.08 -24.63 -15.32
CA GLU E 487 -75.74 -23.88 -14.25
C GLU E 487 -74.88 -22.71 -13.78
N ALA E 488 -73.56 -22.92 -13.68
CA ALA E 488 -72.69 -21.89 -13.15
C ALA E 488 -72.53 -20.72 -14.12
N LEU E 489 -72.40 -21.02 -15.43
CA LEU E 489 -72.26 -19.96 -16.41
C LEU E 489 -73.49 -19.07 -16.45
N ASN E 490 -74.67 -19.63 -16.18
CA ASN E 490 -75.89 -18.81 -16.19
CA ASN E 490 -75.89 -18.81 -16.19
C ASN E 490 -75.93 -17.87 -15.00
N ASN E 491 -75.42 -18.31 -13.85
CA ASN E 491 -75.41 -17.45 -12.67
C ASN E 491 -74.32 -16.37 -12.75
N ARG E 492 -73.20 -16.67 -13.41
CA ARG E 492 -72.12 -15.69 -13.51
C ARG E 492 -72.45 -14.59 -14.50
N PHE E 493 -72.84 -14.97 -15.71
CA PHE E 493 -73.01 -14.01 -16.82
C PHE E 493 -74.48 -13.65 -17.01
N GLN E 494 -75.22 -13.52 -15.92
CA GLN E 494 -76.60 -13.06 -15.96
C GLN E 494 -76.68 -11.55 -15.75
N ILE E 495 -77.74 -10.95 -16.25
CA ILE E 495 -78.00 -9.53 -16.07
C ILE E 495 -78.73 -9.33 -14.75
N LYS E 496 -78.33 -8.31 -14.01
CA LYS E 496 -78.88 -8.07 -12.67
C LYS E 496 -79.50 -6.68 -12.57
N ASN F 1 -62.70 -32.30 -31.24
CA ASN F 1 -62.76 -32.04 -32.67
C ASN F 1 -62.56 -30.55 -32.95
N SER F 2 -63.43 -29.72 -32.39
CA SER F 2 -63.38 -28.28 -32.58
C SER F 2 -62.44 -27.57 -31.61
N THR F 3 -61.67 -28.33 -30.83
CA THR F 3 -60.76 -27.76 -29.84
C THR F 3 -59.38 -28.38 -30.02
N ALA F 4 -58.42 -27.83 -29.26
CA ALA F 4 -57.04 -28.29 -29.29
C ALA F 4 -56.47 -28.21 -27.88
N THR F 5 -55.53 -29.10 -27.60
CA THR F 5 -54.86 -29.18 -26.30
C THR F 5 -53.40 -28.81 -26.45
N LEU F 6 -52.92 -27.92 -25.58
CA LEU F 6 -51.53 -27.49 -25.58
C LEU F 6 -50.96 -27.70 -24.18
N CYS F 7 -49.96 -28.56 -24.06
CA CYS F 7 -49.40 -28.95 -22.78
C CYS F 7 -48.00 -28.37 -22.61
N LEU F 8 -47.71 -27.90 -21.40
CA LEU F 8 -46.38 -27.42 -21.02
C LEU F 8 -45.69 -28.48 -20.18
N GLY F 9 -44.41 -28.73 -20.46
CA GLY F 9 -43.68 -29.75 -19.75
C GLY F 9 -42.19 -29.47 -19.70
N HIS F 10 -41.50 -30.31 -18.94
CA HIS F 10 -40.05 -30.23 -18.79
C HIS F 10 -39.46 -31.62 -19.01
N HIS F 11 -38.16 -31.65 -19.26
CA HIS F 11 -37.51 -32.91 -19.60
C HIS F 11 -37.28 -33.76 -18.35
N ALA F 12 -36.97 -35.03 -18.58
CA ALA F 12 -36.64 -35.96 -17.51
C ALA F 12 -35.68 -37.00 -18.06
N VAL F 13 -34.90 -37.59 -17.17
CA VAL F 13 -33.87 -38.53 -17.58
C VAL F 13 -34.07 -39.85 -16.85
N PRO F 14 -33.66 -40.97 -17.44
CA PRO F 14 -33.71 -42.25 -16.72
C PRO F 14 -32.52 -42.53 -15.83
N ASN F 15 -31.54 -41.61 -15.72
CA ASN F 15 -30.34 -41.79 -14.86
C ASN F 15 -30.16 -40.53 -14.01
N GLY F 16 -31.08 -40.31 -13.07
CA GLY F 16 -30.96 -39.17 -12.19
C GLY F 16 -29.95 -39.38 -11.09
N THR F 17 -29.63 -38.28 -10.40
CA THR F 17 -28.70 -38.30 -9.27
C THR F 17 -29.35 -37.63 -8.07
N LEU F 18 -28.92 -38.03 -6.89
CA LEU F 18 -29.46 -37.52 -5.63
C LEU F 18 -28.56 -36.43 -5.07
N VAL F 19 -29.14 -35.28 -4.75
CA VAL F 19 -28.42 -34.17 -4.13
C VAL F 19 -29.10 -33.83 -2.81
N LYS F 20 -28.53 -32.88 -2.07
CA LYS F 20 -29.03 -32.53 -0.75
C LYS F 20 -29.47 -31.07 -0.73
N THR F 21 -30.51 -30.80 0.04
CA THR F 21 -30.95 -29.44 0.31
C THR F 21 -31.02 -29.26 1.82
N ILE F 22 -31.75 -28.24 2.27
CA ILE F 22 -31.94 -28.03 3.69
C ILE F 22 -33.02 -28.95 4.22
N THR F 23 -34.13 -29.08 3.49
CA THR F 23 -35.20 -29.99 3.87
C THR F 23 -34.85 -31.43 3.53
N ASN F 24 -34.62 -31.70 2.24
CA ASN F 24 -34.38 -33.04 1.74
C ASN F 24 -32.88 -33.29 1.60
N ASP F 25 -32.42 -34.37 2.23
CA ASP F 25 -31.08 -34.89 2.03
C ASP F 25 -31.00 -35.87 0.86
N GLN F 26 -32.14 -36.15 0.21
CA GLN F 26 -32.21 -37.11 -0.89
C GLN F 26 -33.30 -36.65 -1.86
N ILE F 27 -32.94 -35.69 -2.72
CA ILE F 27 -33.79 -35.23 -3.81
C ILE F 27 -33.11 -35.57 -5.13
N GLU F 28 -33.85 -36.15 -6.06
CA GLU F 28 -33.31 -36.60 -7.33
C GLU F 28 -33.36 -35.48 -8.36
N VAL F 29 -32.23 -35.24 -9.01
CA VAL F 29 -32.12 -34.24 -10.06
C VAL F 29 -31.68 -34.93 -11.34
N THR F 30 -31.79 -34.20 -12.45
CA THR F 30 -31.42 -34.75 -13.74
C THR F 30 -29.92 -34.82 -13.95
N ASN F 31 -29.16 -34.04 -13.19
CA ASN F 31 -27.72 -33.95 -13.43
C ASN F 31 -27.07 -33.26 -12.23
N ALA F 32 -25.83 -33.64 -11.93
CA ALA F 32 -25.12 -33.08 -10.79
C ALA F 32 -23.63 -33.17 -11.05
N THR F 33 -22.87 -32.34 -10.35
CA THR F 33 -21.42 -32.32 -10.48
C THR F 33 -20.80 -32.46 -9.10
N GLU F 34 -19.58 -33.01 -9.08
CA GLU F 34 -18.85 -33.26 -7.85
C GLU F 34 -18.03 -32.03 -7.49
N LEU F 35 -18.16 -31.57 -6.24
CA LEU F 35 -17.46 -30.39 -5.78
C LEU F 35 -16.26 -30.69 -4.90
N VAL F 36 -15.98 -31.96 -4.63
CA VAL F 36 -14.85 -32.36 -3.79
C VAL F 36 -13.87 -33.15 -4.65
N GLN F 37 -12.65 -32.62 -4.78
CA GLN F 37 -11.58 -33.36 -5.44
C GLN F 37 -11.06 -34.42 -4.49
N SER F 38 -11.16 -35.69 -4.88
CA SER F 38 -10.79 -36.79 -4.03
C SER F 38 -9.63 -37.63 -4.57
N SER F 39 -9.27 -37.46 -5.83
CA SER F 39 -8.24 -38.28 -6.46
C SER F 39 -6.98 -37.46 -6.73
N SER F 40 -5.89 -38.17 -6.95
CA SER F 40 -4.61 -37.55 -7.29
C SER F 40 -3.88 -38.49 -8.24
N THR F 41 -3.18 -37.89 -9.22
CA THR F 41 -2.35 -38.68 -10.11
C THR F 41 -1.31 -39.48 -9.34
N GLY F 42 -0.88 -38.97 -8.19
CA GLY F 42 0.13 -39.61 -7.38
C GLY F 42 1.52 -39.02 -7.53
N ARG F 43 1.74 -38.15 -8.51
CA ARG F 43 3.03 -37.54 -8.74
C ARG F 43 2.95 -36.03 -8.58
N ILE F 44 4.08 -35.44 -8.23
CA ILE F 44 4.19 -34.00 -8.05
C ILE F 44 4.68 -33.36 -9.35
N CYS F 45 3.86 -32.52 -9.94
CA CYS F 45 4.24 -31.85 -11.18
C CYS F 45 5.31 -30.80 -10.93
N ASP F 46 6.32 -30.77 -11.79
CA ASP F 46 7.47 -29.88 -11.63
C ASP F 46 7.21 -28.47 -12.11
N SER F 47 6.00 -28.16 -12.57
CA SER F 47 5.59 -26.82 -12.95
C SER F 47 4.26 -26.50 -12.29
N PRO F 48 3.99 -25.22 -11.99
CA PRO F 48 4.80 -24.03 -12.21
C PRO F 48 5.78 -23.69 -11.10
N HIS F 49 5.77 -24.46 -10.02
CA HIS F 49 6.62 -24.21 -8.87
C HIS F 49 7.96 -24.94 -9.04
N ARG F 50 9.03 -24.30 -8.57
CA ARG F 50 10.35 -24.92 -8.59
C ARG F 50 10.43 -25.96 -7.49
N ILE F 51 10.43 -27.24 -7.86
CA ILE F 51 10.47 -28.34 -6.92
C ILE F 51 11.91 -28.80 -6.76
N LEU F 52 12.34 -28.97 -5.51
CA LEU F 52 13.67 -29.48 -5.19
C LEU F 52 13.50 -30.78 -4.43
N ASP F 53 13.87 -31.90 -5.05
CA ASP F 53 13.78 -33.19 -4.40
C ASP F 53 14.96 -33.36 -3.44
N GLY F 54 14.65 -33.62 -2.17
CA GLY F 54 15.71 -33.83 -1.19
C GLY F 54 16.32 -35.22 -1.21
N LYS F 55 15.60 -36.20 -1.75
CA LYS F 55 16.07 -37.58 -1.90
C LYS F 55 16.53 -38.18 -0.57
N ASN F 56 17.85 -38.32 -0.36
CA ASN F 56 18.35 -38.86 0.89
C ASN F 56 18.68 -37.77 1.90
N CYS F 57 18.30 -36.53 1.63
CA CYS F 57 18.74 -35.39 2.45
C CYS F 57 17.56 -34.62 3.00
N THR F 58 17.56 -34.42 4.32
CA THR F 58 16.69 -33.42 4.91
C THR F 58 17.24 -32.03 4.60
N LEU F 59 16.37 -31.02 4.75
CA LEU F 59 16.80 -29.65 4.51
C LEU F 59 17.90 -29.24 5.48
N ILE F 60 17.81 -29.68 6.73
CA ILE F 60 18.81 -29.31 7.73
C ILE F 60 20.16 -29.93 7.40
N ASP F 61 20.17 -31.19 6.95
CA ASP F 61 21.43 -31.82 6.59
C ASP F 61 22.07 -31.16 5.38
N ALA F 62 21.25 -30.73 4.41
CA ALA F 62 21.79 -29.98 3.29
C ALA F 62 22.27 -28.60 3.72
N LEU F 63 21.60 -28.00 4.70
CA LEU F 63 22.03 -26.71 5.24
C LEU F 63 23.40 -26.82 5.91
N LEU F 64 23.55 -27.80 6.81
CA LEU F 64 24.79 -27.93 7.56
C LEU F 64 25.95 -28.35 6.67
N GLY F 65 25.69 -29.19 5.68
CA GLY F 65 26.73 -29.64 4.78
C GLY F 65 27.13 -31.09 4.99
N ASP F 66 26.14 -31.95 5.13
CA ASP F 66 26.38 -33.39 5.17
C ASP F 66 27.03 -33.81 3.86
N PRO F 67 28.16 -34.53 3.89
CA PRO F 67 28.87 -34.86 2.65
C PRO F 67 28.01 -35.47 1.56
N HIS F 68 27.11 -36.40 1.90
CA HIS F 68 26.25 -36.94 0.85
C HIS F 68 25.18 -35.96 0.40
N CYS F 69 25.13 -34.76 1.00
CA CYS F 69 24.22 -33.70 0.59
C CYS F 69 24.96 -32.55 -0.08
N ASP F 70 26.18 -32.79 -0.57
CA ASP F 70 26.97 -31.73 -1.19
C ASP F 70 26.29 -31.18 -2.43
N GLY F 71 25.47 -31.99 -3.11
CA GLY F 71 24.79 -31.56 -4.32
C GLY F 71 23.72 -30.50 -4.10
N PHE F 72 23.46 -30.10 -2.86
CA PHE F 72 22.46 -29.11 -2.55
C PHE F 72 23.05 -27.74 -2.21
N GLN F 73 24.36 -27.57 -2.38
CA GLN F 73 24.99 -26.30 -2.07
C GLN F 73 24.42 -25.18 -2.94
N ASN F 74 23.97 -24.11 -2.28
CA ASN F 74 23.46 -22.90 -2.92
C ASN F 74 22.18 -23.12 -3.71
N GLU F 75 21.44 -24.20 -3.42
CA GLU F 75 20.23 -24.49 -4.16
C GLU F 75 19.11 -23.52 -3.79
N LYS F 76 18.14 -23.41 -4.70
CA LYS F 76 16.93 -22.63 -4.48
C LYS F 76 15.72 -23.50 -4.77
N TRP F 77 14.58 -23.12 -4.19
CA TRP F 77 13.38 -23.92 -4.35
C TRP F 77 12.16 -23.08 -4.00
N ASP F 78 11.04 -23.42 -4.62
CA ASP F 78 9.73 -23.01 -4.14
C ASP F 78 9.16 -24.02 -3.15
N LEU F 79 9.44 -25.30 -3.35
CA LEU F 79 9.00 -26.35 -2.44
C LEU F 79 10.10 -27.39 -2.31
N PHE F 80 10.60 -27.56 -1.10
CA PHE F 80 11.55 -28.63 -0.79
C PHE F 80 10.78 -29.89 -0.40
N VAL F 81 11.07 -30.99 -1.08
CA VAL F 81 10.35 -32.25 -0.87
C VAL F 81 11.25 -33.19 -0.09
N GLU F 82 10.90 -33.43 1.18
CA GLU F 82 11.66 -34.32 2.03
C GLU F 82 11.13 -35.75 1.91
N ARG F 83 12.03 -36.69 1.63
CA ARG F 83 11.66 -38.09 1.51
C ARG F 83 11.82 -38.80 2.84
N SER F 84 11.01 -39.84 3.04
CA SER F 84 11.11 -40.64 4.26
C SER F 84 12.39 -41.46 4.30
N LYS F 85 13.03 -41.70 3.16
CA LYS F 85 14.27 -42.46 3.11
C LYS F 85 15.50 -41.62 3.46
N ALA F 86 15.30 -40.35 3.82
CA ALA F 86 16.43 -39.48 4.13
C ALA F 86 17.14 -39.95 5.40
N TYR F 87 18.43 -39.64 5.48
CA TYR F 87 19.24 -40.08 6.62
C TYR F 87 20.40 -39.10 6.82
N SER F 88 20.93 -39.10 8.03
CA SER F 88 22.14 -38.36 8.36
C SER F 88 23.32 -39.31 8.37
N ASN F 89 24.46 -38.85 7.87
CA ASN F 89 25.66 -39.67 7.79
C ASN F 89 26.90 -38.85 8.10
N CYS F 90 26.78 -37.90 9.02
CA CYS F 90 27.91 -37.08 9.45
C CYS F 90 28.05 -37.15 10.96
N TYR F 91 28.52 -36.08 11.58
CA TYR F 91 28.66 -36.06 13.03
C TYR F 91 27.27 -36.06 13.67
N PRO F 92 27.02 -36.93 14.64
CA PRO F 92 25.70 -36.94 15.29
C PRO F 92 25.43 -35.62 16.00
N TYR F 93 24.20 -35.12 15.85
CA TYR F 93 23.87 -33.78 16.28
C TYR F 93 22.41 -33.71 16.69
N ASP F 94 22.06 -32.62 17.35
CA ASP F 94 20.67 -32.26 17.59
C ASP F 94 20.54 -30.75 17.46
N VAL F 95 19.32 -30.30 17.16
CA VAL F 95 19.04 -28.87 17.02
C VAL F 95 17.97 -28.48 18.02
N PRO F 96 18.30 -27.77 19.09
CA PRO F 96 17.26 -27.17 19.93
C PRO F 96 16.34 -26.29 19.09
N ASP F 97 15.04 -26.56 19.17
CA ASP F 97 14.05 -25.97 18.28
C ASP F 97 14.37 -26.30 16.81
N TYR F 98 14.52 -27.60 16.55
CA TYR F 98 14.78 -28.09 15.20
C TYR F 98 13.68 -27.65 14.24
N ALA F 99 12.43 -27.64 14.70
CA ALA F 99 11.31 -27.33 13.83
C ALA F 99 11.34 -25.87 13.36
N SER F 100 11.78 -24.95 14.23
CA SER F 100 11.78 -23.54 13.86
C SER F 100 12.89 -23.24 12.85
N LEU F 101 14.07 -23.84 13.03
CA LEU F 101 15.15 -23.64 12.07
C LEU F 101 14.78 -24.24 10.72
N ARG F 102 14.25 -25.46 10.73
CA ARG F 102 13.76 -26.08 9.50
C ARG F 102 12.70 -25.21 8.84
N SER F 103 11.88 -24.53 9.63
CA SER F 103 10.81 -23.72 9.08
C SER F 103 11.34 -22.45 8.42
N LEU F 104 12.26 -21.74 9.10
CA LEU F 104 12.73 -20.46 8.57
C LEU F 104 13.61 -20.65 7.35
N VAL F 105 14.38 -21.75 7.30
CA VAL F 105 15.16 -22.03 6.11
C VAL F 105 14.25 -22.43 4.94
N ALA F 106 13.22 -23.24 5.23
CA ALA F 106 12.27 -23.63 4.19
C ALA F 106 11.52 -22.41 3.65
N SER F 107 11.13 -21.50 4.53
CA SER F 107 10.41 -20.31 4.10
C SER F 107 11.31 -19.37 3.30
N SER F 108 12.58 -19.28 3.69
CA SER F 108 13.52 -18.42 2.94
C SER F 108 13.71 -18.94 1.52
N GLY F 109 13.77 -20.26 1.35
CA GLY F 109 13.80 -20.85 0.03
C GLY F 109 15.11 -20.78 -0.69
N THR F 110 16.23 -20.75 0.04
CA THR F 110 17.53 -20.73 -0.59
C THR F 110 18.58 -21.24 0.38
N LEU F 111 19.62 -21.85 -0.16
CA LEU F 111 20.79 -22.27 0.62
C LEU F 111 22.04 -21.52 0.19
N GLU F 112 21.86 -20.34 -0.42
CA GLU F 112 22.97 -19.53 -0.89
C GLU F 112 23.92 -19.19 0.26
N PHE F 113 25.13 -19.73 0.20
CA PHE F 113 26.11 -19.58 1.27
C PHE F 113 27.26 -18.73 0.77
N ILE F 114 27.68 -17.77 1.59
CA ILE F 114 28.76 -16.84 1.24
C ILE F 114 29.85 -16.98 2.28
N ASN F 115 31.02 -17.44 1.84
CA ASN F 115 32.14 -17.64 2.75
C ASN F 115 32.68 -16.29 3.23
N GLU F 116 32.94 -16.21 4.54
CA GLU F 116 33.55 -15.05 5.14
C GLU F 116 34.85 -15.46 5.83
N ASP F 117 35.81 -14.55 5.82
CA ASP F 117 37.16 -14.83 6.30
C ASP F 117 37.22 -14.58 7.80
N PHE F 118 36.72 -15.55 8.56
CA PHE F 118 36.95 -15.56 10.00
C PHE F 118 38.40 -15.93 10.27
N ASN F 119 39.09 -15.15 11.09
CA ASN F 119 40.48 -15.40 11.43
C ASN F 119 40.53 -15.93 12.87
N TRP F 120 40.69 -17.24 13.00
CA TRP F 120 40.78 -17.88 14.31
C TRP F 120 42.25 -17.99 14.69
N ILE F 121 42.65 -17.24 15.71
CA ILE F 121 44.06 -17.12 16.09
C ILE F 121 44.38 -18.18 17.14
N GLY F 122 45.36 -19.02 16.82
CA GLY F 122 45.91 -19.94 17.80
C GLY F 122 45.20 -21.27 17.94
N VAL F 123 44.27 -21.61 17.03
CA VAL F 123 43.54 -22.86 17.09
C VAL F 123 43.64 -23.56 15.74
N THR F 124 43.44 -24.88 15.78
CA THR F 124 43.40 -25.69 14.57
C THR F 124 41.98 -25.68 14.01
N GLN F 125 41.87 -25.53 12.70
CA GLN F 125 40.58 -25.41 12.03
C GLN F 125 40.25 -26.69 11.27
N SER F 126 39.00 -26.77 10.84
CA SER F 126 38.49 -27.86 10.01
C SER F 126 38.80 -29.22 10.63
N GLY F 127 38.31 -29.41 11.85
CA GLY F 127 38.44 -30.71 12.49
C GLY F 127 37.58 -31.74 11.79
N GLY F 128 38.10 -32.98 11.72
CA GLY F 128 37.44 -34.06 11.03
C GLY F 128 37.05 -35.19 11.97
N SER F 129 36.31 -36.14 11.42
CA SER F 129 35.84 -37.28 12.21
C SER F 129 35.60 -38.46 11.28
N CYS F 130 35.78 -39.67 11.81
CA CYS F 130 35.54 -40.87 11.04
C CYS F 130 34.06 -41.09 10.75
N ALA F 131 33.17 -40.47 11.54
CA ALA F 131 31.74 -40.59 11.35
C ALA F 131 31.20 -39.59 10.32
N CYS F 132 32.08 -38.87 9.62
CA CYS F 132 31.66 -37.91 8.61
C CYS F 132 32.72 -37.91 7.51
N LYS F 133 32.80 -39.02 6.77
CA LYS F 133 33.77 -39.15 5.69
C LYS F 133 33.27 -38.44 4.44
N ARG F 134 34.19 -37.74 3.76
CA ARG F 134 33.92 -37.10 2.48
C ARG F 134 35.00 -37.55 1.50
N GLY F 135 34.62 -38.42 0.57
CA GLY F 135 35.61 -39.02 -0.31
C GLY F 135 36.49 -40.03 0.39
N SER F 136 35.92 -40.80 1.33
CA SER F 136 36.60 -41.85 2.07
C SER F 136 37.73 -41.33 2.96
N VAL F 137 37.67 -40.06 3.34
CA VAL F 137 38.62 -39.47 4.27
C VAL F 137 37.83 -38.68 5.32
N ASN F 138 38.35 -38.66 6.55
CA ASN F 138 37.69 -37.95 7.64
C ASN F 138 37.42 -36.50 7.27
N SER F 139 36.21 -36.04 7.57
CA SER F 139 35.77 -34.71 7.22
C SER F 139 34.69 -34.28 8.21
N PHE F 140 33.93 -33.26 7.84
CA PHE F 140 32.98 -32.63 8.74
C PHE F 140 31.92 -31.91 7.90
N PHE F 141 30.93 -31.32 8.58
CA PHE F 141 29.93 -30.52 7.89
C PHE F 141 30.62 -29.41 7.09
N SER F 142 30.22 -29.28 5.82
CA SER F 142 30.91 -28.35 4.92
C SER F 142 30.78 -26.90 5.39
N ARG F 143 29.65 -26.54 5.98
CA ARG F 143 29.38 -25.16 6.36
C ARG F 143 29.82 -24.82 7.77
N LEU F 144 30.37 -25.78 8.50
CA LEU F 144 30.84 -25.55 9.87
C LEU F 144 32.35 -25.76 9.95
N ASN F 145 32.94 -25.21 11.01
CA ASN F 145 34.39 -25.18 11.19
C ASN F 145 34.69 -25.68 12.61
N TRP F 146 35.05 -26.95 12.73
CA TRP F 146 35.34 -27.55 14.03
C TRP F 146 36.72 -27.09 14.49
N LEU F 147 36.74 -26.28 15.54
CA LEU F 147 37.98 -25.72 16.08
C LEU F 147 38.40 -26.50 17.32
N HIS F 148 39.70 -26.72 17.45
CA HIS F 148 40.26 -27.35 18.65
C HIS F 148 41.66 -26.80 18.88
N GLU F 149 42.33 -27.31 19.90
CA GLU F 149 43.59 -26.75 20.36
C GLU F 149 44.69 -26.92 19.31
N SER F 150 45.70 -26.07 19.42
CA SER F 150 46.92 -26.17 18.63
C SER F 150 48.12 -25.96 19.55
N GLU F 151 49.09 -26.88 19.47
CA GLU F 151 50.25 -26.88 20.36
C GLU F 151 49.81 -26.91 21.83
N GLN F 152 48.77 -27.67 22.11
CA GLN F 152 48.22 -27.84 23.46
C GLN F 152 47.81 -26.50 24.08
N LYS F 153 47.31 -25.60 23.24
CA LYS F 153 46.83 -24.29 23.69
C LYS F 153 45.53 -23.96 22.96
N TYR F 154 44.63 -23.29 23.67
CA TYR F 154 43.37 -22.83 23.10
C TYR F 154 43.11 -21.43 23.63
N PRO F 155 43.74 -20.42 23.02
CA PRO F 155 43.51 -19.04 23.48
C PRO F 155 42.06 -18.64 23.27
N ALA F 156 41.59 -17.75 24.14
CA ALA F 156 40.20 -17.29 24.09
C ALA F 156 39.92 -16.66 22.73
N LEU F 157 38.91 -17.19 22.04
CA LEU F 157 38.53 -16.71 20.72
C LEU F 157 37.59 -15.52 20.89
N ASN F 158 37.87 -14.44 20.17
CA ASN F 158 37.06 -13.22 20.23
C ASN F 158 37.16 -12.59 18.85
N VAL F 159 36.15 -12.83 18.01
CA VAL F 159 36.16 -12.52 16.59
C VAL F 159 34.87 -11.80 16.22
N THR F 160 35.01 -10.68 15.52
CA THR F 160 33.87 -9.88 15.07
C THR F 160 33.67 -10.04 13.57
N MET F 161 32.41 -9.95 13.14
CA MET F 161 32.05 -10.01 11.73
C MET F 161 30.91 -9.04 11.48
N PRO F 162 31.23 -7.81 11.07
CA PRO F 162 30.18 -6.81 10.88
C PRO F 162 29.40 -7.03 9.59
N ASN F 163 28.11 -6.68 9.64
CA ASN F 163 27.24 -6.71 8.47
C ASN F 163 27.24 -5.32 7.86
N ASN F 164 28.15 -5.09 6.91
CA ASN F 164 28.25 -3.80 6.23
C ASN F 164 27.39 -3.71 4.98
N GLY F 165 26.53 -4.70 4.75
CA GLY F 165 25.71 -4.76 3.55
C GLY F 165 24.29 -4.29 3.77
N LYS F 166 23.42 -4.63 2.83
CA LYS F 166 22.03 -4.20 2.84
C LYS F 166 21.04 -5.35 2.99
N PHE F 167 21.53 -6.57 3.20
CA PHE F 167 20.68 -7.73 3.38
C PHE F 167 21.01 -8.41 4.70
N ASP F 168 20.05 -9.20 5.19
CA ASP F 168 20.24 -9.95 6.42
C ASP F 168 21.15 -11.15 6.18
N LYS F 169 21.90 -11.53 7.22
CA LYS F 169 22.78 -12.69 7.18
C LYS F 169 22.30 -13.73 8.18
N LEU F 170 22.27 -14.99 7.74
CA LEU F 170 21.92 -16.11 8.59
C LEU F 170 23.19 -16.91 8.92
N TYR F 171 23.56 -16.93 10.19
CA TYR F 171 24.74 -17.66 10.64
C TYR F 171 24.31 -18.94 11.35
N ILE F 172 24.89 -20.07 10.94
CA ILE F 172 24.66 -21.36 11.57
C ILE F 172 25.95 -21.77 12.26
N TRP F 173 25.86 -22.05 13.55
CA TRP F 173 27.02 -22.42 14.35
C TRP F 173 26.62 -23.54 15.31
N GLY F 174 27.60 -24.04 16.07
CA GLY F 174 27.34 -25.16 16.95
C GLY F 174 28.23 -25.16 18.17
N VAL F 175 27.94 -26.10 19.07
CA VAL F 175 28.73 -26.34 20.28
C VAL F 175 28.94 -27.84 20.40
N HIS F 176 30.18 -28.25 20.68
CA HIS F 176 30.54 -29.65 20.75
C HIS F 176 30.43 -30.16 22.18
N HIS F 177 29.75 -31.30 22.36
CA HIS F 177 29.59 -31.93 23.66
C HIS F 177 30.46 -33.19 23.72
N PRO F 178 31.61 -33.16 24.37
CA PRO F 178 32.47 -34.35 24.45
C PRO F 178 31.83 -35.45 25.31
N SER F 179 32.42 -36.63 25.23
CA SER F 179 31.95 -37.79 25.97
C SER F 179 32.63 -37.91 27.34
N THR F 180 33.95 -37.76 27.38
CA THR F 180 34.72 -37.90 28.60
C THR F 180 35.51 -36.62 28.87
N ASP F 181 36.06 -36.54 30.09
CA ASP F 181 36.83 -35.36 30.47
C ASP F 181 38.16 -35.29 29.75
N ARG F 182 38.78 -36.44 29.48
CA ARG F 182 40.02 -36.43 28.71
C ARG F 182 39.79 -35.90 27.29
N GLU F 183 38.66 -36.27 26.69
CA GLU F 183 38.29 -35.73 25.39
C GLU F 183 38.13 -34.21 25.46
N GLN F 184 37.47 -33.72 26.50
CA GLN F 184 37.27 -32.28 26.66
C GLN F 184 38.59 -31.54 26.72
N THR F 185 39.58 -32.11 27.40
CA THR F 185 40.87 -31.45 27.57
C THR F 185 41.83 -31.72 26.43
N ASN F 186 41.75 -32.88 25.78
CA ASN F 186 42.63 -33.15 24.64
C ASN F 186 42.29 -32.25 23.46
N LEU F 187 41.05 -31.77 23.38
CA LEU F 187 40.60 -30.92 22.29
C LEU F 187 40.61 -29.44 22.64
N TYR F 188 40.27 -29.08 23.88
CA TYR F 188 40.06 -27.68 24.25
C TYR F 188 40.83 -27.26 25.49
N VAL F 189 41.79 -28.07 25.95
CA VAL F 189 42.67 -27.73 27.08
C VAL F 189 41.89 -27.53 28.36
N ARG F 190 41.01 -26.53 28.39
CA ARG F 190 40.23 -26.24 29.58
C ARG F 190 39.16 -27.30 29.82
N ALA F 191 38.75 -27.43 31.09
CA ALA F 191 37.79 -28.45 31.46
C ALA F 191 36.36 -28.07 31.08
N SER F 192 36.12 -26.78 30.79
CA SER F 192 34.83 -26.33 30.28
C SER F 192 35.11 -25.37 29.14
N GLY F 193 34.06 -25.11 28.34
CA GLY F 193 34.22 -24.26 27.18
C GLY F 193 32.98 -23.51 26.79
N ARG F 194 32.70 -22.41 27.49
CA ARG F 194 31.58 -21.56 27.15
C ARG F 194 31.70 -21.01 25.73
N VAL F 195 30.54 -20.87 25.08
CA VAL F 195 30.45 -20.27 23.75
C VAL F 195 29.36 -19.21 23.78
N THR F 196 29.71 -17.98 23.41
CA THR F 196 28.77 -16.87 23.43
C THR F 196 28.79 -16.19 22.05
N VAL F 197 27.64 -16.20 21.38
CA VAL F 197 27.46 -15.51 20.10
C VAL F 197 26.40 -14.44 20.32
N SER F 198 26.76 -13.18 20.05
CA SER F 198 25.90 -12.06 20.37
C SER F 198 25.96 -11.02 19.27
N THR F 199 24.91 -10.20 19.21
CA THR F 199 24.88 -9.02 18.36
C THR F 199 24.63 -7.79 19.22
N LYS F 200 24.17 -6.69 18.62
CA LYS F 200 23.79 -5.52 19.39
C LYS F 200 22.45 -5.67 20.07
N ARG F 201 21.61 -6.60 19.62
CA ARG F 201 20.26 -6.75 20.13
C ARG F 201 19.96 -8.12 20.74
N SER F 202 20.89 -9.07 20.65
CA SER F 202 20.65 -10.40 21.19
C SER F 202 21.96 -11.01 21.66
N GLN F 203 21.84 -12.04 22.50
CA GLN F 203 22.98 -12.78 22.99
C GLN F 203 22.57 -14.22 23.26
N GLN F 204 23.45 -15.16 22.94
CA GLN F 204 23.20 -16.57 23.16
C GLN F 204 24.46 -17.20 23.73
N THR F 205 24.36 -17.75 24.93
CA THR F 205 25.48 -18.43 25.60
C THR F 205 25.12 -19.88 25.86
N VAL F 206 26.00 -20.79 25.44
CA VAL F 206 25.78 -22.22 25.59
C VAL F 206 26.95 -22.80 26.38
N ILE F 207 26.63 -23.69 27.31
CA ILE F 207 27.60 -24.42 28.11
C ILE F 207 27.62 -25.86 27.62
N PRO F 208 28.75 -26.39 27.17
CA PRO F 208 28.80 -27.80 26.77
C PRO F 208 28.52 -28.72 27.95
N ASN F 209 28.01 -29.91 27.63
CA ASN F 209 27.72 -30.93 28.63
C ASN F 209 28.53 -32.18 28.28
N ILE F 210 29.42 -32.57 29.18
CA ILE F 210 30.27 -33.73 28.98
C ILE F 210 29.59 -34.95 29.57
N GLY F 211 29.58 -36.04 28.83
CA GLY F 211 28.96 -37.26 29.32
C GLY F 211 28.75 -38.26 28.22
N SER F 212 28.64 -39.52 28.62
CA SER F 212 28.43 -40.61 27.67
C SER F 212 26.99 -40.57 27.17
N ARG F 213 26.84 -40.52 25.85
CA ARG F 213 25.56 -40.64 25.17
C ARG F 213 25.58 -41.88 24.29
N PRO F 214 24.41 -42.46 23.98
CA PRO F 214 24.39 -43.70 23.22
C PRO F 214 25.16 -43.57 21.91
N TRP F 215 25.84 -44.64 21.52
CA TRP F 215 26.63 -44.63 20.30
C TRP F 215 25.75 -44.38 19.09
N VAL F 216 26.14 -43.39 18.28
CA VAL F 216 25.51 -43.11 17.01
C VAL F 216 26.62 -42.99 15.98
N ARG F 217 26.67 -43.92 15.03
CA ARG F 217 27.72 -43.97 14.02
C ARG F 217 29.11 -43.95 14.65
N GLY F 218 29.25 -44.69 15.74
CA GLY F 218 30.54 -44.89 16.38
C GLY F 218 30.95 -43.86 17.41
N LEU F 219 30.15 -42.82 17.62
CA LEU F 219 30.52 -41.72 18.50
C LEU F 219 29.50 -41.55 19.63
N SER F 220 30.01 -41.25 20.81
CA SER F 220 29.18 -40.90 21.96
C SER F 220 29.05 -39.39 22.16
N SER F 221 29.83 -38.60 21.43
CA SER F 221 29.77 -37.15 21.52
C SER F 221 28.69 -36.60 20.57
N ARG F 222 28.30 -35.35 20.80
CA ARG F 222 27.25 -34.72 20.03
C ARG F 222 27.63 -33.28 19.71
N ILE F 223 26.77 -32.65 18.91
CA ILE F 223 26.92 -31.24 18.55
C ILE F 223 25.53 -30.62 18.56
N SER F 224 25.37 -29.50 19.26
CA SER F 224 24.11 -28.78 19.30
C SER F 224 24.18 -27.60 18.33
N ILE F 225 23.18 -27.48 17.47
CA ILE F 225 23.16 -26.49 16.40
C ILE F 225 22.36 -25.28 16.85
N TYR F 226 22.88 -24.10 16.56
CA TYR F 226 22.23 -22.83 16.89
C TYR F 226 22.31 -21.91 15.69
N TRP F 227 21.49 -20.86 15.70
CA TRP F 227 21.47 -19.91 14.59
C TRP F 227 21.33 -18.49 15.12
N THR F 228 21.78 -17.54 14.30
CA THR F 228 21.74 -16.13 14.63
C THR F 228 21.62 -15.31 13.35
N ILE F 229 20.67 -14.38 13.32
CA ILE F 229 20.46 -13.49 12.19
C ILE F 229 21.04 -12.12 12.52
N VAL F 230 21.84 -11.58 11.60
CA VAL F 230 22.49 -10.28 11.78
C VAL F 230 21.90 -9.32 10.77
N LYS F 231 21.30 -8.23 11.27
CA LYS F 231 20.69 -7.23 10.41
C LYS F 231 21.74 -6.31 9.82
N PRO F 232 21.42 -5.62 8.73
CA PRO F 232 22.35 -4.62 8.19
C PRO F 232 22.66 -3.55 9.23
N GLY F 233 23.93 -3.18 9.31
CA GLY F 233 24.40 -2.28 10.34
C GLY F 233 24.71 -2.93 11.65
N ASP F 234 24.17 -4.12 11.92
CA ASP F 234 24.48 -4.85 13.13
C ASP F 234 25.78 -5.63 12.97
N ILE F 235 26.29 -6.14 14.08
CA ILE F 235 27.60 -6.79 14.13
C ILE F 235 27.46 -8.15 14.79
N LEU F 236 28.08 -9.17 14.19
CA LEU F 236 28.17 -10.48 14.79
C LEU F 236 29.47 -10.58 15.58
N LEU F 237 29.36 -10.99 16.85
CA LEU F 237 30.52 -11.14 17.72
C LEU F 237 30.51 -12.55 18.29
N ILE F 238 31.57 -13.30 18.06
CA ILE F 238 31.69 -14.68 18.51
C ILE F 238 32.79 -14.73 19.56
N ASN F 239 32.44 -15.15 20.77
CA ASN F 239 33.36 -15.26 21.88
C ASN F 239 33.30 -16.69 22.40
N SER F 240 34.46 -17.34 22.51
CA SER F 240 34.48 -18.74 22.86
C SER F 240 35.70 -19.09 23.69
N ILE F 241 35.49 -19.90 24.74
CA ILE F 241 36.57 -20.51 25.49
C ILE F 241 36.88 -21.92 25.01
N GLY F 242 35.95 -22.58 24.35
CA GLY F 242 36.18 -23.91 23.83
C GLY F 242 34.88 -24.51 23.33
N ASN F 243 35.03 -25.61 22.60
CA ASN F 243 33.92 -26.40 22.08
C ASN F 243 33.12 -25.66 21.01
N LEU F 244 33.69 -24.62 20.42
CA LEU F 244 32.98 -23.86 19.39
C LEU F 244 33.05 -24.58 18.05
N ILE F 245 31.89 -24.77 17.44
CA ILE F 245 31.80 -25.20 16.04
C ILE F 245 31.47 -23.95 15.25
N ALA F 246 32.49 -23.40 14.61
CA ALA F 246 32.38 -22.06 14.05
C ALA F 246 31.73 -22.09 12.66
N PRO F 247 31.08 -21.00 12.27
CA PRO F 247 30.59 -20.89 10.89
C PRO F 247 31.71 -20.45 9.94
N ARG F 248 31.59 -20.90 8.70
CA ARG F 248 32.50 -20.46 7.64
C ARG F 248 31.94 -19.28 6.86
N GLY F 249 30.75 -18.81 7.22
CA GLY F 249 30.11 -17.72 6.49
C GLY F 249 28.66 -17.62 6.89
N TYR F 250 27.85 -17.11 5.97
CA TYR F 250 26.44 -16.89 6.24
C TYR F 250 25.61 -17.35 5.06
N PHE F 251 24.35 -17.67 5.34
CA PHE F 251 23.36 -17.96 4.32
C PHE F 251 22.55 -16.69 4.06
N LYS F 252 22.34 -16.37 2.79
CA LYS F 252 21.41 -15.31 2.44
C LYS F 252 19.99 -15.75 2.81
N ILE F 253 19.35 -15.00 3.69
CA ILE F 253 17.99 -15.29 4.12
C ILE F 253 17.04 -14.32 3.43
N ARG F 254 16.00 -14.85 2.79
CA ARG F 254 15.08 -14.06 2.00
C ARG F 254 13.68 -14.16 2.59
N THR F 255 12.77 -13.39 2.02
CA THR F 255 11.34 -13.48 2.33
C THR F 255 10.63 -13.86 1.04
N GLY F 256 10.14 -15.09 1.00
CA GLY F 256 9.49 -15.58 -0.22
C GLY F 256 8.30 -16.46 0.03
N LYS F 257 7.81 -17.11 -1.02
CA LYS F 257 6.67 -18.00 -0.96
C LYS F 257 7.07 -19.46 -0.83
N SER F 258 8.31 -19.73 -0.43
CA SER F 258 8.83 -21.09 -0.42
C SER F 258 8.39 -21.82 0.84
N SER F 259 8.42 -23.15 0.76
CA SER F 259 7.99 -24.00 1.86
C SER F 259 8.68 -25.36 1.73
N ILE F 260 8.29 -26.29 2.60
CA ILE F 260 8.83 -27.64 2.62
C ILE F 260 7.67 -28.60 2.84
N MET F 261 7.80 -29.81 2.29
CA MET F 261 6.74 -30.79 2.41
C MET F 261 7.33 -32.19 2.51
N ARG F 262 6.82 -32.99 3.44
CA ARG F 262 7.20 -34.39 3.55
C ARG F 262 6.32 -35.22 2.64
N SER F 263 6.93 -35.90 1.66
CA SER F 263 6.18 -36.67 0.70
C SER F 263 7.12 -37.65 0.01
N ASP F 264 6.59 -38.82 -0.33
CA ASP F 264 7.31 -39.81 -1.11
C ASP F 264 6.81 -39.89 -2.55
N ALA F 265 5.93 -38.99 -2.95
CA ALA F 265 5.41 -38.99 -4.30
C ALA F 265 6.52 -38.66 -5.30
N PRO F 266 6.54 -39.32 -6.45
CA PRO F 266 7.57 -39.00 -7.45
C PRO F 266 7.29 -37.68 -8.13
N ILE F 267 8.36 -37.04 -8.61
CA ILE F 267 8.25 -35.79 -9.35
C ILE F 267 7.96 -36.11 -10.81
N GLY F 268 7.02 -35.37 -11.39
CA GLY F 268 6.61 -35.62 -12.76
C GLY F 268 6.72 -34.37 -13.61
N THR F 269 6.81 -34.59 -14.92
CA THR F 269 6.89 -33.50 -15.88
C THR F 269 5.47 -33.14 -16.33
N CYS F 270 4.81 -32.33 -15.49
CA CYS F 270 3.49 -31.81 -15.79
C CYS F 270 3.37 -30.45 -15.13
N SER F 271 2.19 -29.84 -15.27
CA SER F 271 1.93 -28.52 -14.70
C SER F 271 0.67 -28.58 -13.85
N SER F 272 0.78 -28.18 -12.59
CA SER F 272 -0.36 -28.17 -11.67
C SER F 272 -0.08 -27.18 -10.56
N GLU F 273 -1.05 -26.30 -10.30
CA GLU F 273 -0.88 -25.24 -9.31
C GLU F 273 -0.91 -25.77 -7.87
N CYS F 274 -1.53 -26.91 -7.63
CA CYS F 274 -1.73 -27.42 -6.28
C CYS F 274 -0.92 -28.69 -6.05
N ILE F 275 -0.24 -28.74 -4.91
CA ILE F 275 0.61 -29.87 -4.54
C ILE F 275 0.20 -30.35 -3.15
N THR F 276 0.02 -31.66 -3.00
CA THR F 276 -0.21 -32.31 -1.72
C THR F 276 0.83 -33.41 -1.56
N PRO F 277 1.03 -33.90 -0.33
CA PRO F 277 1.94 -35.05 -0.15
C PRO F 277 1.55 -36.27 -0.95
N ASN F 278 0.29 -36.35 -1.43
CA ASN F 278 -0.17 -37.44 -2.27
C ASN F 278 0.17 -37.20 -3.74
N GLY F 279 0.63 -36.00 -4.07
CA GLY F 279 0.86 -35.59 -5.43
C GLY F 279 0.02 -34.38 -5.77
N SER F 280 0.29 -33.84 -6.95
CA SER F 280 -0.47 -32.69 -7.44
C SER F 280 -1.93 -33.08 -7.69
N ILE F 281 -2.84 -32.15 -7.40
CA ILE F 281 -4.26 -32.37 -7.65
C ILE F 281 -4.80 -31.20 -8.46
N PRO F 282 -5.82 -31.40 -9.28
CA PRO F 282 -6.43 -30.28 -9.99
C PRO F 282 -7.13 -29.32 -9.04
N ASN F 283 -7.27 -28.07 -9.50
CA ASN F 283 -7.97 -27.04 -8.75
C ASN F 283 -9.22 -26.57 -9.51
N ASP F 284 -9.86 -27.47 -10.24
CA ASP F 284 -11.10 -27.14 -10.92
C ASP F 284 -12.32 -27.18 -9.99
N LYS F 285 -12.20 -27.83 -8.84
CA LYS F 285 -13.26 -27.92 -7.85
C LYS F 285 -12.97 -27.04 -6.65
N PRO F 286 -14.01 -26.53 -5.98
CA PRO F 286 -13.76 -25.61 -4.85
C PRO F 286 -13.23 -26.31 -3.60
N PHE F 287 -13.44 -27.61 -3.45
CA PHE F 287 -13.03 -28.32 -2.26
C PHE F 287 -12.29 -29.60 -2.63
N GLN F 288 -11.48 -30.09 -1.70
CA GLN F 288 -10.70 -31.30 -1.91
C GLN F 288 -10.61 -32.09 -0.61
N ASN F 289 -10.43 -33.40 -0.75
CA ASN F 289 -10.37 -34.31 0.39
C ASN F 289 -9.12 -35.19 0.32
N VAL F 290 -8.11 -34.78 -0.45
CA VAL F 290 -6.92 -35.60 -0.60
C VAL F 290 -6.02 -35.46 0.62
N ASN F 291 -5.66 -34.23 0.99
CA ASN F 291 -4.76 -34.03 2.11
C ASN F 291 -4.91 -32.61 2.64
N LYS F 292 -4.87 -32.48 3.97
CA LYS F 292 -4.92 -31.16 4.58
C LYS F 292 -3.63 -30.38 4.37
N ILE F 293 -2.55 -31.06 4.01
CA ILE F 293 -1.27 -30.41 3.70
C ILE F 293 -1.27 -30.06 2.23
N THR F 294 -1.21 -28.76 1.92
CA THR F 294 -1.25 -28.30 0.54
C THR F 294 -0.22 -27.19 0.34
N TYR F 295 0.10 -26.94 -0.92
CA TYR F 295 0.97 -25.84 -1.30
C TYR F 295 0.51 -25.30 -2.66
N GLY F 296 0.40 -23.99 -2.76
CA GLY F 296 -0.02 -23.35 -3.99
C GLY F 296 -1.50 -23.09 -4.05
N ALA F 297 -1.97 -22.78 -5.25
CA ALA F 297 -3.38 -22.50 -5.48
C ALA F 297 -4.16 -23.81 -5.43
N CYS F 298 -4.89 -24.03 -4.35
CA CYS F 298 -5.51 -25.31 -4.06
C CYS F 298 -6.98 -25.15 -3.72
N PRO F 299 -7.79 -26.19 -3.92
CA PRO F 299 -9.09 -26.25 -3.28
C PRO F 299 -8.93 -26.37 -1.76
N ARG F 300 -9.99 -25.97 -1.05
CA ARG F 300 -9.96 -26.01 0.40
C ARG F 300 -10.27 -27.41 0.91
N TYR F 301 -9.52 -27.84 1.92
CA TYR F 301 -9.68 -29.19 2.45
C TYR F 301 -10.94 -29.28 3.30
N VAL F 302 -11.76 -30.30 3.04
CA VAL F 302 -12.96 -30.60 3.79
C VAL F 302 -12.92 -32.05 4.21
N LYS F 303 -13.81 -32.41 5.13
CA LYS F 303 -13.88 -33.79 5.60
C LYS F 303 -14.75 -34.67 4.71
N GLN F 304 -15.72 -34.09 4.03
CA GLN F 304 -16.60 -34.87 3.17
C GLN F 304 -15.82 -35.39 1.96
N ASN F 305 -16.10 -36.65 1.59
CA ASN F 305 -15.49 -37.24 0.41
C ASN F 305 -16.26 -36.94 -0.87
N THR F 306 -17.51 -36.49 -0.76
CA THR F 306 -18.30 -36.15 -1.93
C THR F 306 -19.31 -35.06 -1.57
N LEU F 307 -19.50 -34.13 -2.49
CA LEU F 307 -20.50 -33.07 -2.35
C LEU F 307 -21.04 -32.78 -3.74
N LYS F 308 -22.25 -33.24 -4.02
CA LYS F 308 -22.81 -33.17 -5.37
C LYS F 308 -23.63 -31.89 -5.52
N LEU F 309 -23.26 -31.07 -6.50
CA LEU F 309 -23.96 -29.83 -6.80
C LEU F 309 -24.93 -30.08 -7.95
N ALA F 310 -26.22 -29.82 -7.71
CA ALA F 310 -27.23 -30.03 -8.75
C ALA F 310 -26.98 -29.10 -9.93
N THR F 311 -26.94 -29.68 -11.13
CA THR F 311 -26.78 -28.92 -12.36
C THR F 311 -27.95 -29.09 -13.31
N GLY F 312 -29.06 -29.67 -12.85
CA GLY F 312 -30.28 -29.80 -13.62
C GLY F 312 -31.46 -29.71 -12.69
N MET F 313 -32.65 -29.74 -13.28
CA MET F 313 -33.87 -29.58 -12.51
C MET F 313 -34.19 -30.86 -11.73
N ARG F 314 -35.27 -30.80 -10.95
CA ARG F 314 -35.76 -32.00 -10.26
C ARG F 314 -36.28 -33.01 -11.27
N ASN F 315 -35.77 -34.23 -11.17
CA ASN F 315 -36.13 -35.30 -12.09
C ASN F 315 -37.44 -35.94 -11.63
N VAL F 316 -38.49 -35.79 -12.44
CA VAL F 316 -39.80 -36.37 -12.17
C VAL F 316 -40.07 -37.42 -13.24
N PRO F 317 -40.17 -38.70 -12.88
CA PRO F 317 -40.40 -39.73 -13.90
C PRO F 317 -41.77 -39.58 -14.56
N GLU F 318 -41.83 -39.93 -15.83
CA GLU F 318 -43.06 -39.75 -16.59
C GLU F 318 -44.12 -40.74 -16.13
N LYS F 319 -45.34 -40.25 -15.95
CA LYS F 319 -46.47 -41.10 -15.60
C LYS F 319 -47.17 -41.53 -16.88
N ALA F 327 -53.89 -39.76 -23.47
CA ALA F 327 -53.81 -38.35 -23.82
C ALA F 327 -52.52 -37.72 -23.28
N ILE F 328 -52.16 -36.56 -23.84
CA ILE F 328 -50.96 -35.87 -23.40
C ILE F 328 -51.19 -35.21 -22.05
N ALA F 329 -50.10 -34.99 -21.32
CA ALA F 329 -50.16 -34.39 -19.99
C ALA F 329 -49.04 -33.38 -19.84
N GLY F 330 -49.26 -32.43 -18.92
CA GLY F 330 -48.31 -31.36 -18.67
C GLY F 330 -47.30 -31.70 -17.60
N PHE F 331 -46.71 -30.65 -17.03
CA PHE F 331 -45.60 -30.80 -16.09
C PHE F 331 -46.06 -31.07 -14.65
N ILE F 332 -47.36 -31.04 -14.39
CA ILE F 332 -47.86 -31.28 -13.03
C ILE F 332 -47.60 -32.74 -12.68
N GLU F 333 -46.59 -32.98 -11.84
CA GLU F 333 -46.20 -34.33 -11.43
C GLU F 333 -45.89 -35.20 -12.63
N ASN F 334 -45.18 -34.65 -13.61
CA ASN F 334 -44.87 -35.39 -14.84
C ASN F 334 -43.69 -34.75 -15.53
N GLY F 335 -42.63 -35.51 -15.75
CA GLY F 335 -41.53 -35.07 -16.56
C GLY F 335 -41.58 -35.74 -17.92
N TRP F 336 -40.96 -35.15 -18.93
CA TRP F 336 -41.01 -35.67 -20.29
C TRP F 336 -39.66 -36.31 -20.60
N GLU F 337 -39.59 -37.63 -20.50
CA GLU F 337 -38.35 -38.34 -20.81
C GLU F 337 -38.07 -38.38 -22.31
N GLY F 338 -39.07 -38.07 -23.14
CA GLY F 338 -38.88 -38.04 -24.58
C GLY F 338 -38.34 -36.74 -25.13
N MET F 339 -38.28 -35.69 -24.33
CA MET F 339 -37.78 -34.39 -24.77
C MET F 339 -36.28 -34.32 -24.49
N VAL F 340 -35.48 -34.45 -25.55
CA VAL F 340 -34.02 -34.46 -25.42
C VAL F 340 -33.37 -33.22 -26.02
N ASP F 341 -34.11 -32.41 -26.78
CA ASP F 341 -33.57 -31.21 -27.41
C ASP F 341 -33.82 -29.94 -26.61
N GLY F 342 -34.23 -30.06 -25.35
CA GLY F 342 -34.49 -28.89 -24.53
C GLY F 342 -34.98 -29.29 -23.17
N TRP F 343 -34.90 -28.33 -22.24
CA TRP F 343 -35.34 -28.55 -20.87
C TRP F 343 -36.83 -28.29 -20.69
N TYR F 344 -37.40 -27.39 -21.47
CA TYR F 344 -38.83 -27.08 -21.40
C TYR F 344 -39.39 -27.05 -22.82
N GLY F 345 -40.67 -27.40 -22.95
CA GLY F 345 -41.23 -27.47 -24.29
C GLY F 345 -42.74 -27.57 -24.27
N PHE F 346 -43.30 -27.76 -25.47
CA PHE F 346 -44.73 -27.83 -25.71
C PHE F 346 -45.09 -29.18 -26.32
N ARG F 347 -46.17 -29.77 -25.83
CA ARG F 347 -46.82 -30.91 -26.47
C ARG F 347 -48.26 -30.52 -26.79
N HIS F 348 -48.69 -30.75 -28.02
CA HIS F 348 -49.99 -30.31 -28.47
C HIS F 348 -50.73 -31.43 -29.18
N GLN F 349 -52.04 -31.23 -29.34
CA GLN F 349 -52.88 -32.12 -30.13
C GLN F 349 -53.98 -31.29 -30.77
N ASN F 350 -54.05 -31.33 -32.10
CA ASN F 350 -55.07 -30.59 -32.83
C ASN F 350 -55.68 -31.54 -33.87
N SER F 351 -56.32 -30.95 -34.89
CA SER F 351 -56.93 -31.75 -35.94
C SER F 351 -55.90 -32.41 -36.84
N GLU F 352 -54.69 -31.86 -36.93
CA GLU F 352 -53.65 -32.38 -37.81
C GLU F 352 -52.72 -33.36 -37.11
N GLY F 353 -53.02 -33.73 -35.85
CA GLY F 353 -52.23 -34.70 -35.13
C GLY F 353 -51.63 -34.09 -33.87
N THR F 354 -50.51 -34.67 -33.44
CA THR F 354 -49.80 -34.24 -32.24
C THR F 354 -48.37 -33.85 -32.61
N GLY F 355 -47.74 -33.09 -31.72
CA GLY F 355 -46.38 -32.66 -31.95
C GLY F 355 -45.72 -32.22 -30.67
N GLN F 356 -44.39 -32.08 -30.74
CA GLN F 356 -43.58 -31.68 -29.60
C GLN F 356 -42.46 -30.76 -30.08
N ALA F 357 -42.24 -29.67 -29.35
CA ALA F 357 -41.17 -28.74 -29.66
C ALA F 357 -40.62 -28.17 -28.35
N ALA F 358 -39.31 -27.97 -28.31
CA ALA F 358 -38.66 -27.40 -27.14
C ALA F 358 -38.68 -25.87 -27.21
N ASP F 359 -38.56 -25.26 -26.03
CA ASP F 359 -38.51 -23.81 -25.90
C ASP F 359 -37.07 -23.41 -25.61
N LEU F 360 -36.44 -22.73 -26.57
CA LEU F 360 -35.00 -22.44 -26.44
C LEU F 360 -34.74 -21.37 -25.40
N LYS F 361 -35.61 -20.36 -25.30
CA LYS F 361 -35.34 -19.24 -24.40
C LYS F 361 -35.35 -19.69 -22.94
N SER F 362 -36.40 -20.41 -22.52
CA SER F 362 -36.46 -20.87 -21.13
C SER F 362 -35.39 -21.91 -20.84
N THR F 363 -35.02 -22.71 -21.84
CA THR F 363 -33.95 -23.68 -21.64
C THR F 363 -32.61 -22.99 -21.38
N GLN F 364 -32.31 -21.96 -22.17
CA GLN F 364 -31.07 -21.21 -21.95
C GLN F 364 -31.12 -20.41 -20.66
N ALA F 365 -32.29 -19.92 -20.26
CA ALA F 365 -32.39 -19.13 -19.04
C ALA F 365 -32.05 -19.97 -17.82
N ALA F 366 -32.35 -21.27 -17.85
CA ALA F 366 -32.00 -22.13 -16.72
C ALA F 366 -30.55 -22.55 -16.77
N ILE F 367 -30.02 -22.82 -17.97
CA ILE F 367 -28.63 -23.21 -18.11
C ILE F 367 -27.71 -22.05 -17.75
N ASP F 368 -28.10 -20.83 -18.15
CA ASP F 368 -27.25 -19.67 -17.88
C ASP F 368 -27.12 -19.41 -16.39
N GLN F 369 -28.21 -19.59 -15.64
CA GLN F 369 -28.17 -19.39 -14.20
C GLN F 369 -27.32 -20.47 -13.52
N ILE F 370 -27.33 -21.69 -14.05
CA ILE F 370 -26.54 -22.76 -13.47
C ILE F 370 -25.06 -22.60 -13.82
N ASN F 371 -24.76 -22.24 -15.08
CA ASN F 371 -23.37 -21.93 -15.42
C ASN F 371 -22.88 -20.70 -14.67
N GLY F 372 -23.78 -19.80 -14.30
CA GLY F 372 -23.38 -18.65 -13.51
C GLY F 372 -23.03 -19.02 -12.08
N LYS F 373 -23.83 -19.87 -11.45
CA LYS F 373 -23.49 -20.32 -10.11
C LYS F 373 -22.19 -21.12 -10.10
N LEU F 374 -21.97 -21.92 -11.15
CA LEU F 374 -20.73 -22.69 -11.24
C LEU F 374 -19.51 -21.79 -11.24
N ASN F 375 -19.46 -20.83 -12.17
CA ASN F 375 -18.27 -20.00 -12.33
CA ASN F 375 -18.27 -20.00 -12.33
C ASN F 375 -17.94 -19.22 -11.06
N ARG F 376 -18.97 -18.78 -10.31
CA ARG F 376 -18.71 -18.10 -9.04
C ARG F 376 -18.12 -19.00 -7.97
N LEU F 377 -18.09 -20.31 -8.18
CA LEU F 377 -17.60 -21.27 -7.20
C LEU F 377 -16.13 -21.65 -7.37
N ILE F 378 -15.42 -21.07 -8.34
CA ILE F 378 -14.03 -21.45 -8.62
C ILE F 378 -13.01 -20.38 -8.21
N GLU F 379 -13.40 -19.12 -8.05
CA GLU F 379 -12.49 -18.08 -7.56
C GLU F 379 -12.81 -17.61 -6.13
N LYS F 380 -12.15 -18.20 -5.13
CA LYS F 380 -12.45 -17.88 -3.72
C LYS F 380 -11.19 -17.98 -2.85
N THR F 381 -10.09 -17.38 -3.31
CA THR F 381 -8.91 -16.99 -2.51
C THR F 381 -8.22 -18.09 -1.69
N ASN F 382 -7.83 -19.20 -2.32
CA ASN F 382 -7.05 -20.15 -1.52
C ASN F 382 -5.74 -20.42 -2.28
N GLU F 383 -4.78 -19.51 -2.11
CA GLU F 383 -3.40 -19.68 -2.58
C GLU F 383 -2.50 -19.57 -1.36
N LYS F 384 -2.09 -20.70 -0.81
CA LYS F 384 -1.26 -20.70 0.40
C LYS F 384 0.13 -21.25 0.09
N PHE F 385 1.10 -20.83 0.89
CA PHE F 385 2.47 -21.26 0.71
C PHE F 385 3.00 -21.90 2.00
N HIS F 386 3.92 -21.22 2.69
CA HIS F 386 4.40 -21.76 3.95
C HIS F 386 3.34 -21.59 5.03
N GLN F 387 3.02 -22.68 5.73
CA GLN F 387 2.01 -22.66 6.77
CA GLN F 387 2.01 -22.65 6.78
C GLN F 387 2.56 -23.26 8.06
N ILE F 388 1.72 -23.99 8.79
CA ILE F 388 2.16 -24.71 9.97
C ILE F 388 2.30 -26.18 9.61
N GLU F 389 3.01 -26.92 10.45
CA GLU F 389 3.07 -28.36 10.29
C GLU F 389 1.76 -28.99 10.76
N LYS F 390 1.36 -30.07 10.09
CA LYS F 390 0.08 -30.69 10.34
C LYS F 390 0.16 -32.17 10.65
N GLU F 391 1.32 -32.80 10.49
CA GLU F 391 1.58 -34.15 10.97
C GLU F 391 2.85 -34.13 11.82
N PHE F 392 2.90 -35.03 12.80
CA PHE F 392 3.99 -35.03 13.78
C PHE F 392 4.41 -36.45 14.09
N SER F 393 5.73 -36.65 14.19
CA SER F 393 6.30 -37.97 14.43
C SER F 393 6.75 -38.18 15.88
N GLU F 394 6.68 -37.16 16.73
CA GLU F 394 7.01 -37.29 18.14
C GLU F 394 5.93 -36.61 18.97
N VAL F 395 5.85 -37.04 20.23
CA VAL F 395 4.92 -36.45 21.20
C VAL F 395 5.59 -35.24 21.82
N GLU F 396 4.90 -34.10 21.79
CA GLU F 396 5.46 -32.85 22.28
C GLU F 396 4.61 -32.17 23.35
N GLY F 397 3.28 -32.23 23.23
CA GLY F 397 2.43 -31.62 24.23
C GLY F 397 1.79 -30.32 23.81
N ARG F 398 2.05 -29.25 24.57
CA ARG F 398 1.24 -28.04 24.51
C ARG F 398 1.27 -27.41 23.12
N ILE F 399 2.47 -27.16 22.58
CA ILE F 399 2.56 -26.49 21.29
CA ILE F 399 2.57 -26.49 21.28
C ILE F 399 1.95 -27.35 20.19
N GLN F 400 2.19 -28.66 20.22
CA GLN F 400 1.60 -29.54 19.23
C GLN F 400 0.09 -29.65 19.39
N ASP F 401 -0.39 -29.68 20.65
CA ASP F 401 -1.82 -29.69 20.90
C ASP F 401 -2.50 -28.48 20.25
N LEU F 402 -1.89 -27.30 20.37
CA LEU F 402 -2.49 -26.10 19.79
C LEU F 402 -2.43 -26.14 18.26
N GLU F 403 -1.32 -26.64 17.70
CA GLU F 403 -1.21 -26.72 16.25
C GLU F 403 -2.25 -27.66 15.66
N LYS F 404 -2.46 -28.82 16.29
CA LYS F 404 -3.51 -29.73 15.83
C LYS F 404 -4.88 -29.12 16.01
N TYR F 405 -5.11 -28.45 17.14
CA TYR F 405 -6.42 -27.86 17.42
C TYR F 405 -6.76 -26.76 16.42
N VAL F 406 -5.77 -25.93 16.06
CA VAL F 406 -5.99 -24.88 15.08
C VAL F 406 -6.41 -25.48 13.74
N GLU F 407 -5.70 -26.52 13.29
CA GLU F 407 -6.01 -27.12 11.99
C GLU F 407 -7.34 -27.85 12.03
N ASP F 408 -7.63 -28.55 13.13
CA ASP F 408 -8.90 -29.26 13.23
C ASP F 408 -10.08 -28.28 13.33
N THR F 409 -9.89 -27.17 14.02
CA THR F 409 -10.92 -26.13 14.05
C THR F 409 -11.17 -25.58 12.66
N LYS F 410 -10.09 -25.33 11.90
CA LYS F 410 -10.23 -24.77 10.55
C LYS F 410 -10.98 -25.72 9.62
N ILE F 411 -10.62 -27.00 9.66
CA ILE F 411 -11.23 -27.96 8.74
C ILE F 411 -12.72 -28.11 9.02
N ASP F 412 -13.10 -28.14 10.29
CA ASP F 412 -14.52 -28.27 10.65
C ASP F 412 -15.32 -27.05 10.21
N LEU F 413 -14.71 -25.87 10.20
CA LEU F 413 -15.43 -24.67 9.80
C LEU F 413 -15.63 -24.61 8.29
N TRP F 414 -14.64 -25.07 7.52
CA TRP F 414 -14.80 -25.12 6.07
C TRP F 414 -15.64 -26.30 5.63
N SER F 415 -15.63 -27.40 6.39
CA SER F 415 -16.54 -28.50 6.11
C SER F 415 -17.99 -28.06 6.28
N TYR F 416 -18.26 -27.25 7.31
CA TYR F 416 -19.60 -26.71 7.48
C TYR F 416 -19.97 -25.74 6.36
N ASN F 417 -19.03 -24.88 5.96
CA ASN F 417 -19.28 -23.96 4.86
C ASN F 417 -19.60 -24.72 3.58
N ALA F 418 -18.80 -25.74 3.27
CA ALA F 418 -19.05 -26.52 2.06
C ALA F 418 -20.40 -27.22 2.11
N GLU F 419 -20.74 -27.79 3.27
CA GLU F 419 -22.02 -28.49 3.41
C GLU F 419 -23.19 -27.52 3.25
N LEU F 420 -23.11 -26.35 3.91
CA LEU F 420 -24.20 -25.39 3.83
C LEU F 420 -24.30 -24.78 2.44
N LEU F 421 -23.16 -24.51 1.80
CA LEU F 421 -23.18 -23.89 0.49
C LEU F 421 -23.88 -24.76 -0.54
N VAL F 422 -23.53 -26.05 -0.59
CA VAL F 422 -24.10 -26.93 -1.59
C VAL F 422 -25.60 -27.13 -1.36
N ALA F 423 -26.01 -27.27 -0.10
CA ALA F 423 -27.43 -27.41 0.18
C ALA F 423 -28.21 -26.15 -0.19
N LEU F 424 -27.62 -24.98 0.04
CA LEU F 424 -28.26 -23.73 -0.35
C LEU F 424 -28.26 -23.56 -1.87
N GLU F 425 -27.15 -23.92 -2.52
CA GLU F 425 -27.08 -23.82 -3.98
C GLU F 425 -28.08 -24.76 -4.64
N ASN F 426 -28.24 -25.97 -4.11
CA ASN F 426 -29.14 -26.95 -4.72
C ASN F 426 -30.59 -26.49 -4.60
N GLN F 427 -30.97 -25.94 -3.45
CA GLN F 427 -32.34 -25.45 -3.28
C GLN F 427 -32.64 -24.32 -4.25
N HIS F 428 -31.69 -23.43 -4.46
CA HIS F 428 -31.90 -22.33 -5.41
C HIS F 428 -31.96 -22.86 -6.85
N THR F 429 -31.12 -23.85 -7.18
CA THR F 429 -31.19 -24.45 -8.50
C THR F 429 -32.54 -25.13 -8.72
N ILE F 430 -33.07 -25.80 -7.69
CA ILE F 430 -34.39 -26.40 -7.79
C ILE F 430 -35.46 -25.33 -7.96
N ASP F 431 -35.32 -24.22 -7.23
CA ASP F 431 -36.33 -23.16 -7.29
C ASP F 431 -36.29 -22.43 -8.63
N LEU F 432 -35.11 -22.16 -9.16
CA LEU F 432 -35.02 -21.43 -10.43
C LEU F 432 -35.50 -22.27 -11.60
N THR F 433 -35.26 -23.59 -11.56
CA THR F 433 -35.74 -24.44 -12.63
C THR F 433 -37.25 -24.64 -12.58
N ASP F 434 -37.84 -24.63 -11.37
CA ASP F 434 -39.29 -24.66 -11.26
C ASP F 434 -39.90 -23.33 -11.69
N SER F 435 -39.20 -22.22 -11.48
CA SER F 435 -39.73 -20.92 -11.87
C SER F 435 -39.70 -20.73 -13.39
N GLU F 436 -38.69 -21.29 -14.06
CA GLU F 436 -38.67 -21.23 -15.52
C GLU F 436 -39.84 -22.00 -16.11
N MET F 437 -40.25 -23.09 -15.46
CA MET F 437 -41.42 -23.83 -15.93
C MET F 437 -42.70 -23.04 -15.69
N ASN F 438 -42.79 -22.35 -14.55
CA ASN F 438 -43.97 -21.56 -14.25
C ASN F 438 -44.05 -20.33 -15.14
N LYS F 439 -42.91 -19.69 -15.41
CA LYS F 439 -42.93 -18.50 -16.24
C LYS F 439 -43.36 -18.82 -17.68
N LEU F 440 -42.93 -19.97 -18.20
CA LEU F 440 -43.36 -20.37 -19.53
C LEU F 440 -44.84 -20.72 -19.55
N PHE F 441 -45.35 -21.31 -18.46
CA PHE F 441 -46.77 -21.60 -18.39
C PHE F 441 -47.60 -20.32 -18.30
N GLU F 442 -47.15 -19.36 -17.47
CA GLU F 442 -47.87 -18.09 -17.36
C GLU F 442 -47.72 -17.25 -18.62
N LYS F 443 -46.58 -17.36 -19.31
CA LYS F 443 -46.43 -16.67 -20.58
C LYS F 443 -47.44 -17.16 -21.60
N THR F 444 -47.69 -18.47 -21.63
CA THR F 444 -48.67 -19.02 -22.55
C THR F 444 -50.09 -18.64 -22.14
N ARG F 445 -50.35 -18.58 -20.83
CA ARG F 445 -51.68 -18.22 -20.34
C ARG F 445 -52.08 -16.83 -20.81
N LYS F 446 -51.15 -15.86 -20.73
CA LYS F 446 -51.47 -14.49 -21.09
C LYS F 446 -51.66 -14.32 -22.60
N GLN F 447 -51.00 -15.15 -23.41
CA GLN F 447 -51.22 -15.10 -24.84
C GLN F 447 -52.63 -15.55 -25.20
N LEU F 448 -53.12 -16.61 -24.55
CA LEU F 448 -54.39 -17.21 -24.93
C LEU F 448 -55.59 -16.39 -24.47
N ARG F 449 -55.42 -15.53 -23.46
CA ARG F 449 -56.49 -14.66 -22.96
C ARG F 449 -57.74 -15.44 -22.63
N GLU F 450 -58.83 -15.17 -23.35
CA GLU F 450 -60.10 -15.86 -23.16
C GLU F 450 -60.33 -16.97 -24.18
N ASN F 451 -59.29 -17.37 -24.91
CA ASN F 451 -59.41 -18.41 -25.93
C ASN F 451 -59.05 -19.80 -25.41
N ALA F 452 -58.67 -19.93 -24.14
CA ALA F 452 -58.31 -21.22 -23.59
C ALA F 452 -58.68 -21.26 -22.11
N GLU F 453 -58.56 -22.46 -21.53
CA GLU F 453 -58.82 -22.65 -20.11
C GLU F 453 -57.76 -23.60 -19.54
N ASP F 454 -57.34 -23.30 -18.31
CA ASP F 454 -56.36 -24.14 -17.63
C ASP F 454 -57.01 -25.46 -17.22
N MET F 455 -56.48 -26.57 -17.76
CA MET F 455 -57.03 -27.88 -17.45
C MET F 455 -56.58 -28.44 -16.11
N GLY F 456 -55.62 -27.79 -15.44
CA GLY F 456 -55.17 -28.19 -14.13
C GLY F 456 -53.93 -29.05 -14.13
N ASN F 457 -53.69 -29.81 -15.20
CA ASN F 457 -52.54 -30.69 -15.29
C ASN F 457 -51.38 -30.06 -16.07
N GLY F 458 -51.34 -28.74 -16.15
CA GLY F 458 -50.32 -28.07 -16.93
C GLY F 458 -50.61 -27.94 -18.40
N CYS F 459 -51.83 -28.30 -18.83
CA CYS F 459 -52.25 -28.17 -20.22
C CYS F 459 -53.37 -27.15 -20.33
N PHE F 460 -53.49 -26.55 -21.52
CA PHE F 460 -54.58 -25.65 -21.83
C PHE F 460 -55.51 -26.32 -22.83
N LYS F 461 -56.82 -26.13 -22.63
CA LYS F 461 -57.83 -26.53 -23.61
C LYS F 461 -58.15 -25.31 -24.46
N ILE F 462 -57.66 -25.32 -25.70
CA ILE F 462 -57.84 -24.22 -26.63
C ILE F 462 -59.18 -24.40 -27.32
N TYR F 463 -60.12 -23.49 -27.05
CA TYR F 463 -61.50 -23.63 -27.51
C TYR F 463 -61.73 -23.13 -28.93
N HIS F 464 -60.80 -23.40 -29.84
CA HIS F 464 -60.98 -23.05 -31.24
C HIS F 464 -60.07 -23.92 -32.08
N LYS F 465 -60.39 -24.01 -33.37
CA LYS F 465 -59.53 -24.75 -34.30
C LYS F 465 -58.18 -24.06 -34.40
N CYS F 466 -57.13 -24.77 -33.98
CA CYS F 466 -55.78 -24.22 -33.93
C CYS F 466 -54.86 -25.21 -34.66
N ASP F 467 -54.58 -24.93 -35.93
CA ASP F 467 -53.81 -25.85 -36.75
C ASP F 467 -52.32 -25.71 -36.43
N ASN F 468 -51.47 -26.31 -37.26
CA ASN F 468 -50.03 -26.31 -36.99
C ASN F 468 -49.46 -24.90 -37.04
N ALA F 469 -49.94 -24.08 -37.98
CA ALA F 469 -49.49 -22.69 -38.03
C ALA F 469 -49.99 -21.90 -36.84
N CYS F 470 -51.13 -22.28 -36.27
CA CYS F 470 -51.65 -21.61 -35.08
C CYS F 470 -50.88 -22.04 -33.83
N ILE F 471 -50.57 -23.33 -33.71
CA ILE F 471 -49.76 -23.80 -32.59
C ILE F 471 -48.37 -23.17 -32.63
N GLY F 472 -47.80 -23.07 -33.84
CA GLY F 472 -46.48 -22.46 -33.97
C GLY F 472 -46.44 -21.01 -33.56
N SER F 473 -47.56 -20.30 -33.72
CA SER F 473 -47.62 -18.90 -33.28
C SER F 473 -47.60 -18.80 -31.76
N ILE F 474 -48.23 -19.75 -31.07
CA ILE F 474 -48.16 -19.75 -29.61
C ILE F 474 -46.75 -20.05 -29.13
N ARG F 475 -46.08 -21.00 -29.78
CA ARG F 475 -44.71 -21.34 -29.39
C ARG F 475 -43.75 -20.19 -29.72
N ASN F 476 -43.95 -19.54 -30.88
CA ASN F 476 -43.09 -18.43 -31.26
C ASN F 476 -43.41 -17.15 -30.49
N GLY F 477 -44.60 -17.05 -29.91
CA GLY F 477 -44.99 -15.85 -29.20
C GLY F 477 -45.71 -14.81 -30.04
N THR F 478 -46.21 -15.20 -31.21
CA THR F 478 -46.90 -14.28 -32.11
C THR F 478 -48.39 -14.62 -32.26
N TYR F 479 -48.97 -15.19 -31.22
CA TYR F 479 -50.38 -15.59 -31.26
C TYR F 479 -51.28 -14.38 -31.05
N ASP F 480 -52.23 -14.20 -31.96
CA ASP F 480 -53.17 -13.08 -31.91
C ASP F 480 -54.52 -13.60 -31.41
N HIS F 481 -54.87 -13.25 -30.17
CA HIS F 481 -56.08 -13.78 -29.56
C HIS F 481 -57.35 -13.16 -30.13
N ASP F 482 -57.26 -11.96 -30.72
CA ASP F 482 -58.44 -11.34 -31.31
C ASP F 482 -58.96 -12.12 -32.51
N VAL F 483 -58.07 -12.88 -33.17
CA VAL F 483 -58.48 -13.61 -34.37
C VAL F 483 -59.44 -14.75 -34.02
N TYR F 484 -59.21 -15.41 -32.89
CA TYR F 484 -59.99 -16.59 -32.52
C TYR F 484 -60.94 -16.32 -31.35
N ARG F 485 -61.05 -15.06 -30.90
CA ARG F 485 -61.82 -14.77 -29.70
C ARG F 485 -63.30 -15.09 -29.89
N ASP F 486 -63.88 -14.63 -31.01
CA ASP F 486 -65.30 -14.85 -31.24
C ASP F 486 -65.62 -16.33 -31.36
N GLU F 487 -64.77 -17.10 -32.05
CA GLU F 487 -64.99 -18.53 -32.15
C GLU F 487 -64.81 -19.21 -30.79
N ALA F 488 -63.83 -18.76 -30.01
CA ALA F 488 -63.53 -19.42 -28.74
C ALA F 488 -64.61 -19.14 -27.69
N LEU F 489 -65.11 -17.90 -27.64
CA LEU F 489 -66.15 -17.57 -26.67
C LEU F 489 -67.41 -18.38 -26.90
N ASN F 490 -67.71 -18.72 -28.16
CA ASN F 490 -68.89 -19.54 -28.43
CA ASN F 490 -68.89 -19.54 -28.42
C ASN F 490 -68.70 -20.97 -27.97
N ASN F 491 -67.47 -21.50 -28.09
CA ASN F 491 -67.22 -22.87 -27.64
C ASN F 491 -67.16 -22.96 -26.13
N ARG F 492 -66.70 -21.90 -25.46
CA ARG F 492 -66.60 -21.93 -24.00
C ARG F 492 -67.97 -21.82 -23.34
N PHE F 493 -68.73 -20.77 -23.68
CA PHE F 493 -69.96 -20.43 -22.98
C PHE F 493 -71.20 -20.95 -23.70
N GLN F 494 -71.11 -22.12 -24.32
CA GLN F 494 -72.28 -22.76 -24.91
C GLN F 494 -72.89 -23.74 -23.90
N ILE F 495 -74.19 -23.94 -24.02
CA ILE F 495 -74.91 -24.90 -23.19
C ILE F 495 -74.86 -26.26 -23.88
N LYS F 496 -74.61 -27.30 -23.08
CA LYS F 496 -74.43 -28.65 -23.62
C LYS F 496 -75.54 -29.59 -23.16
C1 NAG G . -2.01 5.77 -58.95
C2 NAG G . -1.39 6.14 -60.32
C3 NAG G . -0.97 7.63 -60.34
C4 NAG G . -2.09 8.56 -59.90
C5 NAG G . -2.68 8.12 -58.56
C6 NAG G . -3.91 8.90 -58.15
C7 NAG G . -0.30 4.17 -61.38
C8 NAG G . 0.99 3.41 -61.54
N2 NAG G . -0.24 5.28 -60.63
O3 NAG G . -0.51 7.99 -61.64
O4 NAG G . -1.56 9.86 -59.68
O5 NAG G . -3.07 6.74 -58.59
O6 NAG G . -5.03 8.60 -58.97
O7 NAG G . -1.34 3.79 -61.94
C1 NAG G . -1.98 10.83 -60.64
C2 NAG G . -1.74 12.13 -59.90
C3 NAG G . -2.18 13.29 -60.75
C4 NAG G . -1.46 13.26 -62.09
C5 NAG G . -1.63 11.89 -62.77
C6 NAG G . -0.77 11.74 -64.02
C7 NAG G . -1.77 12.24 -57.47
C8 NAG G . -2.60 12.23 -56.23
N2 NAG G . -2.43 12.14 -58.61
O3 NAG G . -1.80 14.44 -60.02
O4 NAG G . -2.17 14.13 -62.95
O5 NAG G . -1.24 10.85 -61.87
O6 NAG G . -0.80 10.45 -64.60
O7 NAG G . -0.54 12.35 -57.44
C1 BMA G . -1.41 15.26 -63.36
C2 BMA G . -1.75 15.54 -64.84
C3 BMA G . -1.09 16.85 -65.25
C4 BMA G . -1.52 17.94 -64.29
C5 BMA G . -1.13 17.53 -62.85
C6 BMA G . -1.43 18.58 -61.80
O2 BMA G . -3.15 15.70 -65.04
O3 BMA G . -1.40 17.19 -66.59
O4 BMA G . -0.86 19.14 -64.62
O5 BMA G . -1.78 16.32 -62.53
O6 BMA G . -2.53 18.12 -61.02
C1 NAG H . 17.10 -17.59 53.91
C2 NAG H . 17.39 -18.70 54.95
C3 NAG H . 16.11 -19.49 55.26
C4 NAG H . 14.94 -18.59 55.64
C5 NAG H . 14.75 -17.48 54.61
C6 NAG H . 13.73 -16.44 55.03
C7 NAG H . 19.74 -19.49 54.78
C8 NAG H . 20.65 -20.50 54.17
N2 NAG H . 18.44 -19.60 54.47
O3 NAG H . 16.34 -20.43 56.30
O4 NAG H . 13.74 -19.35 55.63
O5 NAG H . 15.96 -16.78 54.36
O6 NAG H . 14.19 -15.72 56.15
O7 NAG H . 20.15 -18.62 55.56
C1 NAG H . 13.21 -19.57 56.93
C2 NAG H . 11.77 -19.96 56.65
C3 NAG H . 11.05 -20.16 57.97
C4 NAG H . 11.78 -21.17 58.85
C5 NAG H . 13.27 -20.83 59.01
C6 NAG H . 14.04 -21.94 59.69
C7 NAG H . 10.72 -19.24 54.56
C8 NAG H . 10.00 -18.13 53.85
N2 NAG H . 11.08 -18.99 55.82
O3 NAG H . 9.79 -20.67 57.59
O4 NAG H . 11.22 -21.01 60.14
O5 NAG H . 13.86 -20.63 57.71
O6 NAG H . 15.45 -21.80 59.70
O7 NAG H . 10.96 -20.31 54.03
C1 BMA H . 10.46 -22.16 60.47
C2 BMA H . 10.64 -22.42 61.96
C3 BMA H . 9.76 -23.57 62.35
C4 BMA H . 8.32 -23.25 61.97
C5 BMA H . 8.28 -22.98 60.47
C6 BMA H . 6.84 -22.77 59.97
O2 BMA H . 10.16 -21.31 62.70
O3 BMA H . 9.86 -23.83 63.76
O4 BMA H . 7.47 -24.31 62.28
O5 BMA H . 9.14 -21.90 60.14
O6 BMA H . 6.62 -21.37 59.83
C1 NAG I . 34.54 -3.82 -50.69
C2 NAG I . 35.15 -5.22 -50.77
C3 NAG I . 35.91 -5.58 -49.49
C4 NAG I . 36.91 -4.50 -49.11
C5 NAG I . 36.28 -3.12 -49.11
C6 NAG I . 37.31 -2.02 -49.01
C7 NAG I . 33.98 -6.79 -52.30
C8 NAG I . 32.85 -7.75 -52.43
N2 NAG I . 34.13 -6.22 -51.09
O3 NAG I . 36.62 -6.80 -49.64
O4 NAG I . 37.33 -4.70 -47.77
O5 NAG I . 35.56 -2.87 -50.32
O6 NAG I . 38.40 -2.26 -49.89
O7 NAG I . 34.75 -6.55 -53.24
C1 NAG I . 38.74 -4.84 -47.69
C2 NAG I . 39.21 -4.46 -46.30
C3 NAG I . 40.71 -4.72 -46.18
C4 NAG I . 41.04 -6.15 -46.56
C5 NAG I . 40.52 -6.45 -47.97
C6 NAG I . 40.77 -7.87 -48.42
C7 NAG I . 37.97 -2.65 -45.16
C8 NAG I . 37.83 -1.16 -45.02
N2 NAG I . 38.90 -3.06 -46.01
O3 NAG I . 41.08 -4.45 -44.84
O4 NAG I . 42.46 -6.33 -46.61
O5 NAG I . 39.11 -6.21 -47.99
O6 NAG I . 39.85 -8.80 -47.88
O7 NAG I . 37.27 -3.43 -44.51
C1 BMA I . 42.94 -6.92 -45.42
C2 BMA I . 44.04 -7.77 -45.95
C3 BMA I . 44.93 -8.26 -44.80
C4 BMA I . 45.42 -7.04 -44.05
C5 BMA I . 44.18 -6.32 -43.53
C6 BMA I . 44.52 -5.14 -42.64
O2 BMA I . 44.88 -6.98 -46.72
O3 BMA I . 46.00 -9.09 -45.22
O4 BMA I . 46.21 -7.39 -42.95
O5 BMA I . 43.39 -5.89 -44.65
O6 BMA I . 43.50 -4.94 -41.66
C1 NAG J . 5.33 -24.38 -35.46
C2 NAG J . 4.10 -24.93 -36.17
C3 NAG J . 2.81 -24.47 -35.44
C4 NAG J . 2.90 -24.74 -33.95
C5 NAG J . 4.20 -24.24 -33.36
C6 NAG J . 4.42 -24.70 -31.95
C7 NAG J . 4.75 -25.31 -38.50
C8 NAG J . 4.71 -24.80 -39.91
N2 NAG J . 4.11 -24.58 -37.58
O3 NAG J . 1.66 -25.16 -35.92
O4 NAG J . 1.95 -23.96 -33.26
O5 NAG J . 5.32 -24.74 -34.10
O6 NAG J . 4.08 -26.08 -31.89
O7 NAG J . 5.30 -26.38 -38.21
C1 NAG J . 1.11 -24.94 -32.69
C2 NAG J . 0.37 -24.29 -31.57
C3 NAG J . -0.66 -25.24 -30.99
C4 NAG J . -1.56 -25.75 -32.10
C5 NAG J . -0.74 -26.33 -33.24
C6 NAG J . -1.55 -26.75 -34.45
C7 NAG J . 1.54 -22.46 -30.40
C8 NAG J . 2.52 -22.08 -29.31
N2 NAG J . 1.28 -23.77 -30.54
O3 NAG J . -1.46 -24.52 -30.06
O4 NAG J . -2.32 -26.84 -31.62
O5 NAG J . 0.19 -25.34 -33.69
O6 NAG J . -2.30 -27.94 -34.29
O7 NAG J . 0.98 -21.63 -31.09
C1 BMA J . -3.60 -26.41 -31.20
C2 BMA J . -4.46 -27.65 -31.37
C3 BMA J . -5.85 -27.36 -30.78
C4 BMA J . -5.74 -26.85 -29.30
C5 BMA J . -4.87 -25.53 -29.31
C6 BMA J . -4.78 -24.75 -27.94
O2 BMA J . -3.90 -28.85 -30.82
O3 BMA J . -6.71 -28.49 -30.88
O4 BMA J . -7.03 -26.59 -28.78
O5 BMA J . -3.56 -25.90 -29.83
O6 BMA J . -4.70 -25.65 -26.82
C1 NAG K . 28.63 -45.58 29.68
C2 NAG K . 29.98 -45.83 29.02
C3 NAG K . 29.84 -46.05 27.50
C4 NAG K . 28.82 -47.14 27.21
C5 NAG K . 27.51 -46.93 27.97
C6 NAG K . 26.64 -48.17 27.93
C7 NAG K . 31.75 -44.84 30.41
C8 NAG K . 32.66 -43.67 30.62
N2 NAG K . 30.94 -44.77 29.33
O3 NAG K . 31.06 -46.44 26.90
O4 NAG K . 28.47 -47.12 25.84
O5 NAG K . 27.73 -46.66 29.35
O6 NAG K . 27.44 -49.33 28.10
O7 NAG K . 31.77 -45.82 31.15
C1 NAG K . 28.88 -48.31 25.21
C2 NAG K . 28.11 -48.45 23.93
C3 NAG K . 28.60 -49.67 23.16
C4 NAG K . 30.11 -49.60 22.95
C5 NAG K . 30.81 -49.39 24.29
C6 NAG K . 32.32 -49.20 24.15
C7 NAG K . 25.81 -47.55 24.00
C8 NAG K . 24.37 -47.86 24.31
N2 NAG K . 26.67 -48.55 24.18
O3 NAG K . 27.92 -49.70 21.92
O4 NAG K . 30.56 -50.85 22.44
O5 NAG K . 30.29 -48.24 24.93
O6 NAG K . 32.69 -47.85 24.39
O7 NAG K . 26.16 -46.45 23.58
C1 BMA K . 30.81 -50.84 21.03
C2 BMA K . 31.70 -52.01 20.98
C3 BMA K . 32.03 -52.39 19.53
C4 BMA K . 30.71 -52.62 18.81
C5 BMA K . 29.90 -51.31 18.89
C6 BMA K . 28.62 -51.36 18.09
O2 BMA K . 30.97 -53.10 21.51
O3 BMA K . 32.87 -53.53 19.41
O4 BMA K . 30.92 -52.97 17.47
O5 BMA K . 29.63 -51.03 20.29
O6 BMA K . 27.72 -52.24 18.77
C1 NAG L . 36.65 -8.63 21.55
C2 NAG L . 37.23 -7.55 22.48
C3 NAG L . 36.35 -6.29 22.50
C4 NAG L . 36.07 -5.79 21.09
C5 NAG L . 35.55 -6.93 20.23
C6 NAG L . 35.38 -6.58 18.77
C7 NAG L . 38.58 -8.73 24.16
C8 NAG L . 38.65 -9.30 25.54
N2 NAG L . 37.44 -8.10 23.82
O3 NAG L . 36.93 -5.21 23.22
O4 NAG L . 35.01 -4.85 21.09
O5 NAG L . 36.41 -8.06 20.27
O6 NAG L . 36.59 -6.01 18.31
O7 NAG L . 39.52 -8.80 23.38
C1 NAG L . 35.50 -3.61 20.63
C2 NAG L . 34.37 -2.81 20.02
C3 NAG L . 34.86 -1.43 19.60
C4 NAG L . 35.53 -0.74 20.79
C5 NAG L . 36.60 -1.64 21.39
C6 NAG L . 37.22 -1.05 22.66
C7 NAG L . 32.52 -4.07 19.02
C8 NAG L . 32.00 -4.81 17.81
N2 NAG L . 33.74 -3.52 18.91
O3 NAG L . 33.72 -0.69 19.18
O4 NAG L . 36.24 0.39 20.32
O5 NAG L . 36.04 -2.90 21.74
O6 NAG L . 38.56 -1.45 22.88
O7 NAG L . 31.88 -3.99 20.05
C1 BMA L . 35.57 1.60 20.59
C2 BMA L . 36.70 2.59 20.85
C3 BMA L . 36.06 3.95 21.06
C4 BMA L . 35.09 4.32 19.94
C5 BMA L . 34.04 3.22 19.75
C6 BMA L . 32.96 3.59 18.69
O2 BMA L . 37.71 2.60 19.85
O3 BMA L . 37.06 4.93 21.19
O4 BMA L . 34.44 5.48 20.38
O5 BMA L . 34.70 1.97 19.50
O6 BMA L . 33.16 2.82 17.49
C1 NAG M . -9.22 20.93 20.47
C2 NAG M . -9.28 20.77 18.92
C3 NAG M . -10.50 21.53 18.34
C4 NAG M . -11.80 21.14 19.05
C5 NAG M . -11.61 21.36 20.54
C6 NAG M . -12.84 21.09 21.38
C7 NAG M . -6.97 20.48 18.20
C8 NAG M . -5.78 21.10 17.56
N2 NAG M . -8.06 21.23 18.30
O3 NAG M . -10.64 21.44 16.93
O4 NAG M . -12.92 21.91 18.61
O5 NAG M . -10.52 20.59 21.06
O6 NAG M . -13.29 19.74 21.33
O7 NAG M . -6.96 19.29 18.57
C1 NAG N . -8.58 25.85 13.73
C2 NAG N . -9.98 26.46 14.01
C3 NAG N . -10.96 26.07 12.88
C4 NAG N . -10.44 26.52 11.52
C5 NAG N . -9.05 25.95 11.27
C6 NAG N . -8.44 26.49 9.99
C7 NAG N . -10.50 26.99 16.35
C8 NAG N . -11.12 26.52 17.62
N2 NAG N . -10.53 26.13 15.31
O3 NAG N . -12.29 26.52 13.15
O4 NAG N . -11.28 26.09 10.45
O5 NAG N . -8.13 26.23 12.34
O6 NAG N . -7.70 27.69 10.18
O7 NAG N . -9.99 28.11 16.24
C1 NAG O . -17.93 -7.40 -20.31
C2 NAG O . -18.06 -8.22 -18.99
C3 NAG O . -19.01 -9.37 -19.27
C4 NAG O . -20.36 -8.71 -19.58
C5 NAG O . -20.23 -7.81 -20.82
C6 NAG O . -21.50 -7.03 -21.11
C7 NAG O . -16.67 -8.19 -17.02
C8 NAG O . -17.74 -7.22 -16.52
N2 NAG O . -16.85 -8.64 -18.28
O3 NAG O . -18.99 -10.30 -18.20
O4 NAG O . -21.39 -9.68 -19.73
O5 NAG O . -19.22 -6.80 -20.61
O6 NAG O . -22.17 -6.63 -19.92
O7 NAG O . -15.73 -8.51 -16.33
C1 NAG P . -3.97 4.48 -4.83
C2 NAG P . -3.58 3.76 -3.53
C3 NAG P . -2.94 2.35 -3.73
C4 NAG P . -1.91 2.30 -4.85
C5 NAG P . -2.38 2.91 -6.14
C6 NAG P . -3.43 2.09 -6.87
C7 NAG P . -3.22 5.79 -2.24
C8 NAG P . -2.22 6.65 -1.49
N2 NAG P . -2.75 4.64 -2.73
O3 NAG P . -3.92 1.32 -3.91
O4 NAG P . -0.69 2.91 -4.44
O5 NAG P . -2.94 4.21 -5.92
O6 NAG P . -4.37 2.89 -7.56
O7 NAG P . -4.41 6.09 -2.33
C1 NAG Q . -28.14 8.79 -8.04
C2 NAG Q . -27.26 8.42 -6.81
C3 NAG Q . -27.65 9.24 -5.55
C4 NAG Q . -27.83 10.71 -5.84
C5 NAG Q . -28.71 10.89 -7.05
C6 NAG Q . -28.97 12.32 -7.42
C7 NAG Q . -26.83 6.02 -7.17
C8 NAG Q . -27.16 4.63 -6.71
N2 NAG Q . -27.43 7.02 -6.50
O3 NAG Q . -26.66 9.15 -4.52
O4 NAG Q . -28.57 11.29 -4.76
O5 NAG Q . -28.18 10.21 -8.19
O6 NAG Q . -27.81 13.12 -7.23
O7 NAG Q . -26.03 6.22 -8.09
C1 NAG R . -30.43 4.43 -0.83
C2 NAG R . -31.35 5.59 -0.55
C3 NAG R . -30.71 6.52 0.53
C4 NAG R . -30.30 5.73 1.79
C5 NAG R . -29.45 4.50 1.40
C6 NAG R . -29.26 3.49 2.51
C7 NAG R . -32.68 6.18 -2.59
C8 NAG R . -32.58 6.67 -4.03
N2 NAG R . -31.53 6.21 -1.86
O3 NAG R . -31.35 7.75 0.86
O4 NAG R . -29.60 6.50 2.79
O5 NAG R . -30.13 3.77 0.37
O6 NAG R . -30.10 2.36 2.33
O7 NAG R . -33.76 5.82 -2.10
C1 NAG S . 11.05 12.47 22.48
C2 NAG S . 10.96 13.50 23.61
C3 NAG S . 11.20 14.89 23.03
C4 NAG S . 12.55 14.92 22.35
C5 NAG S . 12.63 13.84 21.29
C6 NAG S . 14.04 13.71 20.77
C7 NAG S . 9.64 13.68 25.68
C8 NAG S . 8.27 13.67 26.29
N2 NAG S . 9.71 13.48 24.35
O3 NAG S . 11.15 15.87 24.05
O4 NAG S . 12.69 16.13 21.61
O5 NAG S . 12.33 12.55 21.86
O6 NAG S . 14.95 13.66 21.86
O7 NAG S . 10.64 13.88 26.36
C1 NAG T . -2.96 0.57 6.88
C2 NAG T . -2.78 1.07 5.38
C3 NAG T . -1.43 0.69 4.69
C4 NAG T . -0.36 -0.13 5.42
C5 NAG T . -0.37 -0.25 6.92
C6 NAG T . 0.69 0.60 7.59
C7 NAG T . -5.22 0.83 4.77
C8 NAG T . -6.17 0.21 3.80
N2 NAG T . -3.90 0.65 4.54
O3 NAG T . -0.83 1.86 4.11
O4 NAG T . -0.27 -1.46 4.91
O5 NAG T . -1.58 0.15 7.54
O6 NAG T . 0.81 1.83 6.88
O7 NAG T . -5.62 1.56 5.66
C1 NAG U . 4.74 58.41 -8.92
C2 NAG U . 5.61 57.50 -9.88
C3 NAG U . 7.02 58.07 -9.94
C4 NAG U . 7.02 59.54 -10.42
C5 NAG U . 6.17 60.44 -9.52
C6 NAG U . 6.07 61.87 -10.03
C7 NAG U . 4.68 55.16 -9.59
C8 NAG U . 5.08 53.70 -9.50
N2 NAG U . 5.68 56.05 -9.65
O3 NAG U . 7.87 57.17 -10.64
O4 NAG U . 8.35 60.05 -10.46
O5 NAG U . 4.84 59.91 -9.39
O6 NAG U . 6.03 61.98 -11.45
O7 NAG U . 3.51 55.50 -9.63
C1 NAG V . 11.65 53.55 -7.52
C2 NAG V . 12.89 54.45 -7.57
C3 NAG V . 13.71 54.19 -8.85
C4 NAG V . 14.02 52.68 -8.98
C5 NAG V . 12.78 51.80 -8.78
C6 NAG V . 13.22 50.40 -8.44
C7 NAG V . 12.35 56.77 -6.57
C8 NAG V . 11.12 57.63 -6.64
N2 NAG V . 12.36 55.80 -7.51
O3 NAG V . 14.90 54.95 -8.90
O4 NAG V . 14.52 52.32 -10.25
O5 NAG V . 12.04 52.21 -7.63
O6 NAG V . 14.30 50.47 -7.55
O7 NAG V . 13.38 57.18 -6.01
C1 NAG W . 13.06 34.41 -51.67
C2 NAG W . 14.17 35.09 -52.57
C3 NAG W . 13.56 36.29 -53.30
C4 NAG W . 12.30 35.90 -54.06
C5 NAG W . 11.31 35.28 -53.08
C6 NAG W . 10.04 34.83 -53.74
C7 NAG W . 16.57 35.17 -51.93
C8 NAG W . 17.56 35.79 -51.00
N2 NAG W . 15.30 35.55 -51.77
O3 NAG W . 14.50 36.84 -54.22
O4 NAG W . 11.64 37.07 -54.54
O5 NAG W . 11.90 34.10 -52.49
O6 NAG W . 10.25 33.66 -54.52
O7 NAG W . 16.92 34.35 -52.79
C1 NAG X . 5.49 36.37 -28.45
C2 NAG X . 4.10 36.81 -28.02
C3 NAG X . 3.29 35.56 -27.72
C4 NAG X . 3.17 34.71 -28.99
C5 NAG X . 4.53 34.38 -29.61
C6 NAG X . 4.40 33.90 -31.03
C7 NAG X . 4.86 38.79 -26.73
C8 NAG X . 4.53 39.64 -25.54
N2 NAG X . 4.05 37.75 -26.92
O3 NAG X . 2.02 35.89 -27.17
O4 NAG X . 2.59 33.43 -28.75
O5 NAG X . 5.38 35.53 -29.64
O6 NAG X . 5.60 34.09 -31.78
O7 NAG X . 5.84 39.01 -27.46
C1 NAG Y . 39.28 30.64 13.83
C2 NAG Y . 38.66 29.41 13.16
C3 NAG Y . 38.52 28.25 14.16
C4 NAG Y . 39.84 27.96 14.85
C5 NAG Y . 40.40 29.22 15.49
C6 NAG Y . 41.78 29.03 16.09
C7 NAG Y . 37.22 30.28 11.37
C8 NAG Y . 35.81 30.55 10.94
N2 NAG Y . 37.37 29.74 12.59
O3 NAG Y . 38.05 27.09 13.48
O4 NAG Y . 39.67 26.96 15.84
O5 NAG Y . 40.51 30.27 14.51
O6 NAG Y . 42.50 28.01 15.41
O7 NAG Y . 38.18 30.55 10.66
C1 NAG Z . 31.96 26.37 14.07
C2 NAG Z . 32.16 25.82 15.49
C3 NAG Z . 32.14 24.29 15.52
C4 NAG Z . 30.94 23.70 14.79
C5 NAG Z . 30.76 24.32 13.42
C6 NAG Z . 29.43 23.95 12.80
C7 NAG Z . 33.49 27.16 17.07
C8 NAG Z . 34.88 27.59 17.47
N2 NAG Z . 33.41 26.31 16.03
O3 NAG Z . 32.10 23.80 16.86
O4 NAG Z . 31.13 22.32 14.55
O5 NAG Z . 30.78 25.75 13.47
O6 NAG Z . 28.37 24.37 13.65
O7 NAG Z . 32.50 27.54 17.69
C1 NAG AA . 42.47 -7.46 -19.27
C2 NAG AA . 43.02 -8.48 -18.24
C3 NAG AA . 44.56 -8.29 -18.14
C4 NAG AA . 45.20 -8.46 -19.52
C5 NAG AA . 44.58 -7.42 -20.46
C6 NAG AA . 45.13 -7.48 -21.88
C7 NAG AA . 41.67 -9.28 -16.28
C8 NAG AA . 41.15 -8.91 -14.94
N2 NAG AA . 42.41 -8.33 -16.93
O3 NAG AA . 45.13 -9.21 -17.21
O4 NAG AA . 46.59 -8.17 -19.45
O5 NAG AA . 43.16 -7.66 -20.56
O6 NAG AA . 44.98 -8.71 -22.57
O7 NAG AA . 41.46 -10.39 -16.78
C1 NAG BA . 34.74 14.68 -11.33
C2 NAG BA . 35.57 15.99 -11.29
C3 NAG BA . 35.19 16.83 -12.51
C4 NAG BA . 35.50 16.06 -13.79
C5 NAG BA . 34.79 14.71 -13.81
C6 NAG BA . 35.30 13.79 -14.90
C7 NAG BA . 35.95 16.41 -8.94
C8 NAG BA . 35.74 17.32 -7.78
N2 NAG BA . 35.41 16.77 -10.08
O3 NAG BA . 35.87 18.08 -12.52
O4 NAG BA . 35.06 16.80 -14.92
O5 NAG BA . 35.00 13.98 -12.58
O6 NAG BA . 36.67 13.48 -14.65
O7 NAG BA . 36.62 15.37 -8.84
C1 NAG CA . -49.44 -23.81 23.65
C2 NAG CA . -48.30 -24.86 23.77
C3 NAG CA . -48.89 -26.27 23.65
C4 NAG CA . -49.94 -26.51 24.73
C5 NAG CA . -51.00 -25.41 24.67
C6 NAG CA . -51.99 -25.48 25.81
C7 NAG CA . -46.42 -23.54 22.83
C8 NAG CA . -45.23 -23.57 21.91
N2 NAG CA . -47.17 -24.66 22.88
O3 NAG CA . -47.92 -27.32 23.69
O4 NAG CA . -50.59 -27.75 24.47
O5 NAG CA . -50.46 -24.09 24.68
O6 NAG CA . -51.90 -26.76 26.43
O7 NAG CA . -46.72 -22.54 23.48
C1 NAG DA . -44.08 -28.12 18.51
C2 NAG DA . -44.94 -29.34 18.15
C3 NAG DA . -44.30 -30.70 18.65
C4 NAG DA . -42.84 -30.79 18.20
C5 NAG DA . -42.02 -29.53 18.50
C6 NAG DA . -40.70 -29.54 17.76
C7 NAG DA . -47.25 -28.45 19.06
C8 NAG DA . -46.65 -27.56 20.12
N2 NAG DA . -46.43 -29.25 18.29
O3 NAG DA . -44.96 -31.82 18.07
O4 NAG DA . -42.18 -31.77 19.00
O5 NAG DA . -42.69 -28.34 18.06
O6 NAG DA . -40.89 -29.83 16.38
O7 NAG DA . -48.50 -28.48 18.92
C1 NAG EA . -9.14 -37.34 50.23
C2 NAG EA . -9.38 -38.78 50.74
C3 NAG EA . -10.44 -38.72 51.86
C4 NAG EA . -9.89 -37.85 52.99
C5 NAG EA . -9.60 -36.45 52.44
C6 NAG EA . -8.92 -35.58 53.48
C7 NAG EA . -8.84 -40.70 49.29
C8 NAG EA . -9.35 -41.67 48.27
N2 NAG EA . -9.71 -39.77 49.73
O3 NAG EA . -10.80 -40.02 52.31
O4 NAG EA . -10.84 -37.71 54.05
O5 NAG EA . -8.68 -36.50 51.34
O6 NAG EA . -7.97 -36.30 54.25
O7 NAG EA . -7.69 -40.75 49.72
C1 NAG FA . -20.63 -23.64 34.24
C2 NAG FA . -21.52 -22.56 34.81
C3 NAG FA . -20.99 -21.12 34.45
C4 NAG FA . -19.46 -21.08 34.29
C5 NAG FA . -18.84 -22.43 33.89
C6 NAG FA . -17.37 -22.50 34.10
C7 NAG FA . -23.32 -22.78 33.12
C8 NAG FA . -24.75 -23.21 32.88
N2 NAG FA . -22.89 -22.80 34.39
O3 NAG FA . -21.40 -20.12 35.39
O4 NAG FA . -18.99 -20.05 33.41
O5 NAG FA . -19.40 -23.46 34.68
O6 NAG FA . -17.08 -21.76 35.26
O7 NAG FA . -22.60 -22.35 32.20
C1 NAG GA . -26.53 -39.91 -17.72
C2 NAG GA . -25.20 -39.27 -17.22
C3 NAG GA . -24.52 -38.48 -18.37
C4 NAG GA . -24.35 -39.32 -19.62
C5 NAG GA . -25.69 -39.95 -20.03
C6 NAG GA . -25.52 -40.94 -21.16
C7 NAG GA . -25.88 -38.80 -14.88
C8 NAG GA . -25.93 -37.74 -13.81
N2 NAG GA . -25.37 -38.41 -16.06
O3 NAG GA . -23.27 -37.90 -18.01
O4 NAG GA . -23.93 -38.51 -20.71
O5 NAG GA . -26.28 -40.67 -18.94
O6 NAG GA . -24.18 -41.41 -21.22
O7 NAG GA . -26.28 -39.95 -14.68
C1 NAG HA . -24.25 -32.22 -16.46
C2 NAG HA . -24.29 -31.95 -17.96
C3 NAG HA . -22.88 -31.73 -18.51
C4 NAG HA . -22.18 -30.58 -17.78
C5 NAG HA . -22.21 -30.80 -16.26
C6 NAG HA . -21.77 -29.58 -15.50
C7 NAG HA . -26.13 -32.70 -19.39
C8 NAG HA . -26.79 -33.84 -20.09
N2 NAG HA . -25.01 -32.98 -18.70
O3 NAG HA . -22.87 -31.49 -19.91
O4 NAG HA . -20.84 -30.42 -18.22
O5 NAG HA . -23.53 -31.13 -15.79
O6 NAG HA . -22.87 -28.79 -15.08
O7 NAG HA . -26.56 -31.54 -19.48
C1 NAG IA . 20.98 -41.54 -2.33
C2 NAG IA . 21.79 -41.17 -3.58
C3 NAG IA . 21.68 -42.34 -4.59
C4 NAG IA . 22.19 -43.64 -3.93
C5 NAG IA . 21.36 -43.88 -2.66
C6 NAG IA . 21.78 -45.08 -1.85
C7 NAG IA . 22.10 -38.98 -4.71
C8 NAG IA . 21.43 -37.64 -5.09
N2 NAG IA . 21.32 -39.89 -4.11
O3 NAG IA . 22.29 -42.17 -5.87
O4 NAG IA . 22.09 -44.78 -4.78
O5 NAG IA . 21.50 -42.76 -1.78
O6 NAG IA . 22.75 -44.79 -0.85
O7 NAG IA . 23.27 -39.18 -4.99
C1 NAG JA . -3.51 -39.15 0.72
C2 NAG JA . -4.66 -40.17 0.80
C3 NAG JA . -4.95 -40.49 2.25
C4 NAG JA . -3.71 -40.74 3.13
C5 NAG JA . -2.50 -39.88 2.80
C6 NAG JA . -1.18 -40.44 3.29
C7 NAG JA . -6.26 -39.95 -1.11
C8 NAG JA . -7.62 -39.48 -1.47
N2 NAG JA . -5.90 -39.75 0.16
O3 NAG JA . -5.84 -41.59 2.37
O4 NAG JA . -4.06 -40.49 4.47
O5 NAG JA . -2.35 -39.69 1.39
O6 NAG JA . -0.68 -41.43 2.41
O7 NAG JA . -5.52 -40.52 -1.95
#